data_5FTJ
#
_entry.id   5FTJ
#
_cell.length_a   1.000
_cell.length_b   1.000
_cell.length_c   1.000
_cell.angle_alpha   90.00
_cell.angle_beta   90.00
_cell.angle_gamma   90.00
#
_symmetry.space_group_name_H-M   'P 1'
#
loop_
_entity.id
_entity.type
_entity.pdbx_description
1 polymer 'TRANSITIONAL ENDOPLASMIC RETICULUM ATPASE'
2 non-polymer "ADENOSINE-5'-DIPHOSPHATE"
3 non-polymer 1-(3-(5-FLUORO-1H-INDOL-2-YL)PHENYL)PIPERIDIN-4-YL)(2-(4-ISOPROPYL-PIPERAZIN1-YL)ETHYL)-CARBAMATE
4 water water
#
_entity_poly.entity_id   1
_entity_poly.type   'polypeptide(L)'
_entity_poly.pdbx_seq_one_letter_code
;MASGADSKGDDLSTAILKQKNRPNRLIVDEAINEDNSVVSLSQPKMDELQLFRGDTVLLKGKKRREAVCIVLSDDTCSDE
KIRMNRVVRNNLRVRLGDVISIQPCPDVKYGKRIHVLPIDDTVEGITGNLFEVYLKPYFLEAYRPIRKGDIFLVRGGMRA
VEFKVVETDPSPYCIVAPDTVIHCEGEPIKREDEEESLNEVGYDDIGGCRKQLAQIKEMVELPLRHPALFKAIGVKPPRG
ILLYGPPGTGKTLIARAVANETGAFFFLINGPEIMSKLAGESESNLRKAFEEAEKNAPAIIFIDELDAIAPKREKTHGEV
ERRIVSQLLTLMDGLKQRAHVIVMAATNRPNSIDPALRRFGRFDREVDIGIPDATGRLEILQIHTKNMKLADDVDLEQVA
NETHGHVGADLAALCSEAALQAIRKKMDLIDLEDETIDAEVMNSLAVTMDDFRWALSQSNPSALRETVVEVPQVTWEDIG
GLEDVKRELQELVQYPVEHPDKFLKFGMTPSKGVLFYGPPGCGKTLLAKAIANECQANFISIKGPELLTMWFGESEANVR
EIFDKARQAAPCVLFFDELDSIAKARGGNIGDGGGAADRVINQILTEMDGMSTKKNVFIIGATNRPDIIDPAILRPGRLD
QLIYIPLPDEKSRVAILKANLRKSPVAKDVDLEFLAKMTNGFSGADLTEICQRACKLAIRESIESEIRRERERQTNPSAM
EVEEDDPVPEIRRDHFEEAMRFARRSVSDNDIRKYEMFAQTLQQSRGFGSFRFPSGNQGGAGPSQGSGGGTGGSVYTEDN
DDDLYG
;
_entity_poly.pdbx_strand_id   A,B,C,D,E,F
#
# COMPACT_ATOMS: atom_id res chain seq x y z
N ASN A 21 32.09 45.71 -45.70
CA ASN A 21 31.62 46.47 -46.86
C ASN A 21 31.19 47.89 -46.49
N ARG A 22 32.12 48.61 -45.89
CA ARG A 22 31.91 49.96 -45.45
C ARG A 22 30.86 49.96 -44.35
N PRO A 23 30.73 48.85 -43.61
CA PRO A 23 29.71 48.87 -42.56
C PRO A 23 30.04 49.84 -41.43
N ASN A 24 29.00 50.41 -40.82
CA ASN A 24 29.19 51.34 -39.72
C ASN A 24 30.19 50.78 -38.71
N ARG A 25 29.81 49.70 -38.03
CA ARG A 25 30.70 49.08 -37.05
C ARG A 25 30.15 49.03 -35.62
N LEU A 26 28.85 49.29 -35.44
CA LEU A 26 28.25 49.28 -34.11
C LEU A 26 27.22 48.17 -33.86
N ILE A 27 27.40 47.46 -32.75
CA ILE A 27 26.51 46.36 -32.32
C ILE A 27 26.17 46.67 -30.86
N VAL A 28 25.04 46.20 -30.32
CA VAL A 28 24.76 46.57 -28.94
C VAL A 28 24.80 45.34 -28.06
N ASP A 29 25.31 45.52 -26.84
CA ASP A 29 25.68 44.37 -26.04
C ASP A 29 25.42 44.71 -24.59
N GLU A 30 25.27 43.68 -23.76
CA GLU A 30 25.26 43.93 -22.32
C GLU A 30 26.65 44.36 -21.91
N ALA A 31 26.73 45.16 -20.84
CA ALA A 31 27.99 45.68 -20.32
C ALA A 31 28.11 45.23 -18.88
N ILE A 32 29.09 44.39 -18.58
CA ILE A 32 29.16 43.87 -17.21
C ILE A 32 29.79 44.90 -16.27
N ASN A 33 30.85 45.58 -16.71
CA ASN A 33 31.46 46.59 -15.87
C ASN A 33 30.43 47.68 -15.56
N GLU A 34 30.51 48.23 -14.35
CA GLU A 34 29.41 48.98 -13.75
C GLU A 34 29.64 50.47 -13.89
N ASP A 35 28.83 51.12 -14.73
CA ASP A 35 29.07 52.50 -15.12
C ASP A 35 27.78 53.20 -15.54
N ASN A 36 27.66 54.48 -15.16
CA ASN A 36 26.63 55.37 -15.69
C ASN A 36 27.25 56.07 -16.89
N SER A 37 26.78 55.73 -18.08
CA SER A 37 27.22 56.37 -19.32
C SER A 37 28.74 56.28 -19.50
N VAL A 38 29.19 55.02 -19.63
CA VAL A 38 30.52 54.73 -20.12
C VAL A 38 30.42 53.53 -21.06
N VAL A 39 31.29 53.52 -22.06
CA VAL A 39 31.24 52.56 -23.15
C VAL A 39 32.62 51.95 -23.35
N SER A 40 32.66 50.66 -23.66
CA SER A 40 33.86 49.99 -24.15
C SER A 40 33.80 49.87 -25.66
N LEU A 41 34.96 49.94 -26.31
CA LEU A 41 35.03 49.76 -27.75
C LEU A 41 36.36 49.15 -28.14
N SER A 42 36.31 48.27 -29.15
CA SER A 42 37.35 47.27 -29.39
C SER A 42 38.72 47.86 -29.70
N GLN A 43 39.75 47.32 -29.04
CA GLN A 43 41.14 47.64 -29.38
C GLN A 43 41.59 47.08 -30.74
N PRO A 44 41.19 45.87 -31.15
CA PRO A 44 41.75 45.32 -32.42
C PRO A 44 41.63 46.29 -33.58
N LYS A 45 40.62 47.16 -33.57
CA LYS A 45 40.66 48.41 -34.31
C LYS A 45 40.29 49.56 -33.38
N MET A 46 41.28 50.39 -33.04
CA MET A 46 41.03 51.75 -32.57
C MET A 46 41.23 52.80 -33.64
N ASP A 47 41.70 52.45 -34.83
CA ASP A 47 42.04 53.50 -35.76
C ASP A 47 40.89 53.84 -36.70
N GLU A 48 39.82 53.03 -36.73
CA GLU A 48 38.78 53.29 -37.71
C GLU A 48 37.90 54.46 -37.29
N LEU A 49 37.38 54.41 -36.05
CA LEU A 49 36.73 55.60 -35.49
C LEU A 49 37.75 56.55 -34.88
N GLN A 50 38.80 56.01 -34.25
CA GLN A 50 39.90 56.81 -33.71
C GLN A 50 39.43 57.84 -32.68
N LEU A 51 39.16 57.33 -31.48
CA LEU A 51 38.76 58.16 -30.36
C LEU A 51 39.78 57.85 -29.29
N PHE A 52 40.44 58.87 -28.79
CA PHE A 52 41.47 58.71 -27.77
C PHE A 52 40.85 58.15 -26.49
N ARG A 53 39.59 58.50 -26.28
CA ARG A 53 38.73 58.14 -25.15
C ARG A 53 38.42 59.37 -24.30
N GLY A 54 37.27 59.31 -23.63
CA GLY A 54 36.81 60.39 -22.79
C GLY A 54 36.27 61.48 -23.68
N ASP A 55 36.22 61.18 -24.97
CA ASP A 55 35.76 62.12 -25.99
C ASP A 55 34.28 61.89 -26.28
N THR A 56 33.51 62.96 -26.19
CA THR A 56 32.08 62.93 -26.45
C THR A 56 31.79 62.36 -27.83
N VAL A 57 30.82 61.45 -27.90
CA VAL A 57 30.57 60.72 -29.14
C VAL A 57 29.07 60.63 -29.37
N LEU A 58 28.69 60.47 -30.63
CA LEU A 58 27.30 60.30 -31.00
C LEU A 58 26.85 58.87 -30.73
N LEU A 59 25.55 58.71 -30.50
CA LEU A 59 24.91 57.40 -30.57
C LEU A 59 23.57 57.56 -31.25
N LYS A 60 23.31 56.75 -32.27
CA LYS A 60 22.08 56.92 -33.03
C LYS A 60 21.05 55.89 -32.59
N GLY A 61 19.90 56.37 -32.16
CA GLY A 61 18.82 55.55 -31.63
C GLY A 61 17.85 55.18 -32.71
N LYS A 62 16.58 55.18 -32.36
CA LYS A 62 15.52 54.98 -33.33
C LYS A 62 14.60 56.21 -33.32
N LYS A 63 13.76 56.30 -34.34
CA LYS A 63 12.58 57.16 -34.27
C LYS A 63 12.91 58.64 -34.35
N ARG A 64 14.19 58.98 -34.58
CA ARG A 64 14.85 60.23 -34.15
C ARG A 64 15.09 60.31 -32.64
N ARG A 65 16.09 59.55 -32.17
CA ARG A 65 16.75 59.79 -30.88
C ARG A 65 18.24 59.51 -30.99
N GLU A 66 19.00 60.18 -30.12
CA GLU A 66 20.45 60.04 -30.09
C GLU A 66 20.94 60.09 -28.64
N ALA A 67 22.18 59.68 -28.41
CA ALA A 67 22.75 59.73 -27.06
C ALA A 67 24.24 60.04 -27.12
N VAL A 68 24.77 60.45 -25.97
CA VAL A 68 26.17 60.83 -25.81
C VAL A 68 26.74 60.09 -24.61
N CYS A 69 27.89 59.44 -24.81
CA CYS A 69 28.54 58.67 -23.76
C CYS A 69 30.05 58.72 -23.93
N ILE A 70 30.74 58.25 -22.90
CA ILE A 70 32.18 58.29 -22.77
C ILE A 70 32.72 56.89 -23.05
N VAL A 71 33.91 56.79 -23.63
CA VAL A 71 34.43 55.53 -24.14
C VAL A 71 35.72 55.12 -23.41
N LEU A 72 35.80 53.83 -23.07
CA LEU A 72 36.98 53.24 -22.44
C LEU A 72 37.34 51.94 -23.16
N SER A 73 38.50 51.39 -22.80
CA SER A 73 39.10 50.26 -23.50
C SER A 73 39.06 49.00 -22.63
N ASP A 74 38.88 47.86 -23.28
CA ASP A 74 38.81 46.57 -22.60
C ASP A 74 39.61 45.55 -23.40
N ASP A 75 40.58 44.87 -22.76
CA ASP A 75 41.22 43.75 -23.44
C ASP A 75 40.21 42.65 -23.76
N THR A 76 39.22 42.46 -22.88
CA THR A 76 38.27 41.37 -22.96
C THR A 76 36.96 41.74 -23.65
N CYS A 77 36.85 42.96 -24.18
CA CYS A 77 35.79 43.25 -25.12
C CYS A 77 36.10 42.58 -26.45
N SER A 78 35.05 42.31 -27.23
CA SER A 78 35.23 41.72 -28.55
C SER A 78 35.55 42.78 -29.59
N ASP A 79 36.25 42.35 -30.65
CA ASP A 79 36.29 43.16 -31.87
C ASP A 79 34.89 43.31 -32.47
N GLU A 80 33.94 42.46 -32.05
CA GLU A 80 32.62 42.43 -32.66
C GLU A 80 31.69 43.52 -32.11
N LYS A 81 31.65 43.73 -30.78
CA LYS A 81 30.51 44.40 -30.14
C LYS A 81 30.95 45.33 -29.02
N ILE A 82 29.95 45.95 -28.38
CA ILE A 82 30.09 47.20 -27.63
C ILE A 82 29.37 47.10 -26.29
N ARG A 83 30.12 47.23 -25.19
CA ARG A 83 29.55 47.17 -23.85
C ARG A 83 28.90 48.50 -23.51
N MET A 84 27.58 48.49 -23.29
CA MET A 84 26.84 49.65 -22.84
C MET A 84 25.70 49.18 -21.95
N ASN A 85 25.16 50.09 -21.15
CA ASN A 85 24.29 49.70 -20.04
C ASN A 85 22.82 49.98 -20.35
N ARG A 86 21.99 49.78 -19.33
CA ARG A 86 20.54 49.80 -19.45
C ARG A 86 19.95 51.20 -19.50
N VAL A 87 20.62 52.21 -18.91
CA VAL A 87 20.08 53.56 -19.04
C VAL A 87 20.31 54.11 -20.45
N VAL A 88 21.47 53.83 -21.05
CA VAL A 88 21.67 54.30 -22.42
C VAL A 88 20.73 53.55 -23.35
N ARG A 89 20.61 52.24 -23.15
CA ARG A 89 19.80 51.41 -24.02
C ARG A 89 18.34 51.83 -24.03
N ASN A 90 17.78 52.12 -22.85
CA ASN A 90 16.38 52.51 -22.79
C ASN A 90 16.15 53.89 -23.42
N ASN A 91 17.06 54.84 -23.22
CA ASN A 91 16.96 56.13 -23.89
C ASN A 91 16.83 55.97 -25.40
N LEU A 92 17.81 55.32 -26.01
CA LEU A 92 17.82 55.08 -27.45
C LEU A 92 16.61 54.29 -27.92
N ARG A 93 16.00 53.51 -27.02
CA ARG A 93 15.06 52.45 -27.39
C ARG A 93 15.73 51.45 -28.32
N VAL A 94 17.03 51.31 -28.16
CA VAL A 94 17.75 50.13 -28.63
C VAL A 94 17.51 48.96 -27.68
N ARG A 95 17.81 47.76 -28.15
CA ARG A 95 17.75 46.53 -27.35
C ARG A 95 19.06 45.77 -27.52
N LEU A 96 19.24 44.71 -26.73
CA LEU A 96 20.42 43.87 -26.91
C LEU A 96 20.43 43.27 -28.31
N GLY A 97 21.63 42.99 -28.80
CA GLY A 97 21.81 42.38 -30.10
C GLY A 97 21.49 43.28 -31.27
N ASP A 98 20.91 44.44 -31.01
CA ASP A 98 20.55 45.44 -32.00
C ASP A 98 21.80 46.17 -32.49
N VAL A 99 21.61 46.95 -33.55
CA VAL A 99 22.71 47.73 -34.11
C VAL A 99 22.26 49.18 -34.28
N ILE A 100 23.07 50.12 -33.80
CA ILE A 100 22.75 51.54 -33.91
C ILE A 100 23.83 52.26 -34.71
N SER A 101 23.43 53.08 -35.68
CA SER A 101 24.41 53.79 -36.47
C SER A 101 25.18 54.67 -35.51
N ILE A 102 26.50 54.67 -35.64
CA ILE A 102 27.36 55.47 -34.78
C ILE A 102 28.37 56.26 -35.59
N GLN A 103 28.78 57.39 -35.04
CA GLN A 103 29.74 58.24 -35.68
C GLN A 103 30.54 58.94 -34.59
N PRO A 104 31.86 58.97 -34.68
CA PRO A 104 32.62 59.86 -33.82
C PRO A 104 32.58 61.28 -34.35
N CYS A 105 32.42 62.23 -33.44
CA CYS A 105 32.90 63.58 -33.63
C CYS A 105 33.39 63.94 -32.23
N PRO A 106 34.60 64.48 -32.10
CA PRO A 106 35.18 64.64 -30.76
C PRO A 106 34.53 65.72 -29.91
N ASP A 107 33.98 66.74 -30.56
CA ASP A 107 33.72 68.01 -29.88
C ASP A 107 32.62 67.89 -28.83
N VAL A 108 32.68 68.81 -27.85
CA VAL A 108 31.71 68.93 -26.78
C VAL A 108 31.73 70.39 -26.32
N LYS A 109 30.56 70.92 -25.95
CA LYS A 109 30.44 72.29 -25.49
C LYS A 109 29.77 72.32 -24.13
N TYR A 110 30.34 73.10 -23.21
CA TYR A 110 29.89 73.16 -21.83
C TYR A 110 28.50 73.79 -21.73
N GLY A 111 27.89 73.63 -20.57
CA GLY A 111 26.53 74.11 -20.34
C GLY A 111 26.31 74.53 -18.92
N LYS A 112 25.10 75.01 -18.65
CA LYS A 112 24.74 75.61 -17.37
C LYS A 112 23.70 74.81 -16.61
N ARG A 113 23.90 74.71 -15.29
CA ARG A 113 22.82 74.58 -14.30
C ARG A 113 21.70 73.59 -14.64
N ILE A 114 22.04 72.42 -15.21
CA ILE A 114 21.05 71.62 -15.93
C ILE A 114 19.80 71.42 -15.08
N HIS A 115 18.66 71.39 -15.75
CA HIS A 115 17.34 71.42 -15.11
C HIS A 115 16.66 70.06 -15.16
N VAL A 116 15.88 69.75 -14.11
CA VAL A 116 15.56 68.39 -13.67
C VAL A 116 14.16 68.31 -13.07
N LEU A 117 13.44 67.25 -13.42
CA LEU A 117 12.08 67.01 -12.94
C LEU A 117 11.86 65.52 -12.64
N PRO A 118 10.93 65.22 -11.66
CA PRO A 118 10.75 63.78 -11.41
C PRO A 118 10.05 63.11 -12.60
N ILE A 119 10.35 61.84 -12.84
CA ILE A 119 9.75 61.13 -13.97
C ILE A 119 8.91 59.90 -13.58
N ASP A 120 7.70 59.82 -14.12
CA ASP A 120 6.80 58.69 -13.87
C ASP A 120 6.19 58.68 -12.47
N ASP A 121 5.64 57.54 -12.06
CA ASP A 121 5.03 57.40 -10.75
C ASP A 121 6.04 57.62 -9.63
N THR A 122 7.26 57.11 -9.81
CA THR A 122 8.28 57.22 -8.78
C THR A 122 8.57 58.65 -8.33
N VAL A 123 8.60 58.82 -7.01
CA VAL A 123 8.85 60.08 -6.35
C VAL A 123 8.53 59.95 -4.86
N GLU A 124 8.71 61.04 -4.11
CA GLU A 124 8.45 61.07 -2.68
C GLU A 124 9.62 60.48 -1.91
N GLY A 125 10.62 60.02 -2.66
CA GLY A 125 11.82 59.43 -2.09
C GLY A 125 12.63 60.45 -1.31
N ILE A 126 12.67 61.66 -1.84
CA ILE A 126 13.43 62.75 -1.24
C ILE A 126 12.57 63.80 -0.56
N THR A 127 12.91 64.13 0.68
CA THR A 127 12.17 65.14 1.42
C THR A 127 13.09 66.34 1.59
N GLY A 128 12.64 67.51 1.16
CA GLY A 128 13.45 68.70 1.27
C GLY A 128 14.52 68.75 0.18
N ASN A 129 15.77 68.95 0.58
CA ASN A 129 16.84 69.01 -0.39
C ASN A 129 16.83 67.66 -1.10
N LEU A 130 16.91 67.68 -2.42
CA LEU A 130 16.91 66.44 -3.17
C LEU A 130 18.13 66.31 -4.06
N PHE A 131 18.96 67.35 -4.12
CA PHE A 131 20.22 67.31 -4.84
C PHE A 131 21.38 67.16 -3.89
N GLU A 132 21.11 67.26 -2.59
CA GLU A 132 22.08 66.85 -1.60
C GLU A 132 22.06 65.34 -1.46
N VAL A 133 20.85 64.78 -1.35
CA VAL A 133 20.71 63.34 -1.24
C VAL A 133 21.06 62.64 -2.55
N TYR A 134 21.03 63.34 -3.67
CA TYR A 134 21.18 62.67 -4.96
C TYR A 134 22.32 63.22 -5.81
N LEU A 135 22.29 64.49 -6.19
CA LEU A 135 23.12 64.92 -7.31
C LEU A 135 24.61 64.97 -6.97
N LYS A 136 24.96 65.67 -5.89
CA LYS A 136 26.35 66.07 -5.66
C LYS A 136 27.37 64.98 -5.94
N PRO A 137 27.25 63.76 -5.41
CA PRO A 137 28.31 62.76 -5.68
C PRO A 137 28.41 62.35 -7.14
N TYR A 138 27.31 62.33 -7.90
CA TYR A 138 27.39 61.79 -9.27
C TYR A 138 27.87 62.79 -10.31
N PHE A 139 27.53 64.07 -10.20
CA PHE A 139 28.10 65.04 -11.13
C PHE A 139 29.48 65.50 -10.68
N LEU A 140 30.02 64.87 -9.64
CA LEU A 140 31.28 65.26 -9.03
C LEU A 140 32.45 64.59 -9.77
N GLU A 141 33.29 65.40 -10.42
CA GLU A 141 34.47 64.96 -11.17
C GLU A 141 34.14 64.07 -12.38
N ALA A 142 32.87 63.74 -12.60
CA ALA A 142 32.53 62.78 -13.65
C ALA A 142 32.67 63.37 -15.04
N TYR A 143 32.22 64.61 -15.23
CA TYR A 143 31.97 65.16 -16.57
C TYR A 143 30.99 64.25 -17.34
N ARG A 144 29.92 63.86 -16.69
CA ARG A 144 28.91 63.04 -17.34
C ARG A 144 28.13 63.92 -18.32
N PRO A 145 28.24 63.68 -19.63
CA PRO A 145 27.45 64.46 -20.58
C PRO A 145 25.98 64.08 -20.46
N ILE A 146 25.12 65.08 -20.33
CA ILE A 146 23.72 64.85 -19.99
C ILE A 146 22.85 65.57 -20.99
N ARG A 147 21.87 64.85 -21.54
CA ARG A 147 21.10 65.26 -22.70
C ARG A 147 19.75 65.86 -22.30
N LYS A 148 19.28 66.79 -23.12
CA LYS A 148 17.85 67.08 -23.16
C LYS A 148 17.06 65.82 -23.46
N GLY A 149 15.97 65.62 -22.74
CA GLY A 149 15.00 64.62 -23.13
C GLY A 149 15.36 63.18 -22.86
N ASP A 150 16.22 62.91 -21.87
CA ASP A 150 16.56 61.53 -21.53
C ASP A 150 16.36 61.30 -20.04
N ILE A 151 16.36 60.02 -19.67
CA ILE A 151 16.21 59.60 -18.28
C ILE A 151 17.50 58.91 -17.87
N PHE A 152 17.90 59.11 -16.61
CA PHE A 152 19.08 58.47 -16.03
C PHE A 152 18.76 58.13 -14.59
N LEU A 153 19.63 57.35 -13.95
CA LEU A 153 19.32 56.75 -12.66
C LEU A 153 20.41 57.08 -11.65
N VAL A 154 20.01 57.60 -10.49
CA VAL A 154 20.91 57.84 -9.37
C VAL A 154 20.53 56.86 -8.26
N ARG A 155 21.53 56.22 -7.67
CA ARG A 155 21.30 55.27 -6.60
C ARG A 155 21.75 55.82 -5.27
N GLY A 156 20.98 55.55 -4.22
CA GLY A 156 21.42 55.80 -2.86
C GLY A 156 20.30 55.73 -1.86
N GLY A 157 20.65 55.57 -0.59
CA GLY A 157 19.66 55.60 0.48
C GLY A 157 18.53 54.60 0.31
N MET A 158 18.84 53.40 -0.18
CA MET A 158 17.89 52.30 -0.21
C MET A 158 16.72 52.58 -1.15
N ARG A 159 16.96 53.39 -2.18
CA ARG A 159 15.95 53.63 -3.19
C ARG A 159 16.62 54.16 -4.43
N ALA A 160 15.96 53.98 -5.56
CA ALA A 160 16.44 54.48 -6.83
C ALA A 160 15.32 55.25 -7.49
N VAL A 161 15.70 56.35 -8.16
CA VAL A 161 14.73 57.18 -8.85
C VAL A 161 15.48 57.88 -9.96
N GLU A 162 14.72 58.46 -10.88
CA GLU A 162 15.23 58.97 -12.14
C GLU A 162 14.73 60.39 -12.34
N PHE A 163 15.61 61.24 -12.86
CA PHE A 163 15.32 62.65 -13.08
C PHE A 163 15.39 62.96 -14.56
N LYS A 164 14.25 63.25 -15.17
CA LYS A 164 14.21 63.64 -16.57
C LYS A 164 14.87 65.00 -16.74
N VAL A 165 15.37 65.26 -17.94
CA VAL A 165 15.86 66.59 -18.29
C VAL A 165 14.93 67.15 -19.36
N VAL A 166 14.04 68.06 -18.96
CA VAL A 166 13.14 68.72 -19.89
C VAL A 166 13.77 69.93 -20.53
N GLU A 167 14.48 70.75 -19.77
CA GLU A 167 15.04 72.00 -20.27
C GLU A 167 16.53 72.05 -19.98
N THR A 168 17.33 72.15 -21.03
CA THR A 168 18.74 72.48 -20.92
C THR A 168 19.01 73.70 -21.80
N ASP A 169 19.74 74.68 -21.26
CA ASP A 169 19.96 75.92 -21.99
C ASP A 169 20.80 75.70 -23.24
N PRO A 170 22.01 75.14 -23.17
CA PRO A 170 22.72 74.83 -24.41
C PRO A 170 22.25 73.52 -25.01
N SER A 171 22.36 73.44 -26.33
CA SER A 171 21.94 72.24 -27.04
C SER A 171 22.78 72.02 -28.29
N PRO A 172 22.83 70.79 -28.82
CA PRO A 172 22.13 69.55 -28.43
C PRO A 172 22.56 68.84 -27.13
N TYR A 173 23.74 69.11 -26.58
CA TYR A 173 24.21 68.37 -25.41
C TYR A 173 25.21 69.23 -24.63
N CYS A 174 25.40 68.88 -23.35
CA CYS A 174 26.30 69.69 -22.54
C CYS A 174 27.09 68.84 -21.54
N ILE A 175 28.40 69.03 -21.53
CA ILE A 175 29.23 68.46 -20.48
C ILE A 175 29.11 69.29 -19.22
N VAL A 176 29.02 68.63 -18.06
CA VAL A 176 28.82 69.35 -16.80
C VAL A 176 29.95 69.39 -15.76
N ALA A 177 30.16 70.57 -15.19
CA ALA A 177 31.16 70.83 -14.16
C ALA A 177 30.51 71.59 -12.99
N PRO A 178 31.11 71.54 -11.81
CA PRO A 178 30.52 72.23 -10.64
C PRO A 178 30.98 73.68 -10.52
N ASP A 179 30.85 74.42 -11.60
CA ASP A 179 30.95 75.88 -11.51
C ASP A 179 29.58 76.54 -11.59
N THR A 180 28.49 75.77 -11.72
CA THR A 180 27.17 76.28 -12.04
C THR A 180 26.23 76.23 -10.85
N VAL A 181 25.24 77.12 -10.89
CA VAL A 181 24.16 77.30 -9.91
C VAL A 181 23.27 76.05 -9.92
N ILE A 182 22.41 75.92 -8.91
CA ILE A 182 21.62 74.72 -8.70
C ILE A 182 20.15 75.14 -8.58
N HIS A 183 19.35 74.78 -9.59
CA HIS A 183 17.92 75.06 -9.61
C HIS A 183 17.16 73.79 -9.21
N CYS A 184 16.04 73.96 -8.53
CA CYS A 184 15.29 72.85 -7.95
C CYS A 184 13.82 72.96 -8.30
N GLU A 185 13.18 71.82 -8.57
CA GLU A 185 11.73 71.76 -8.68
C GLU A 185 11.17 70.64 -7.81
N GLY A 186 11.36 69.39 -8.23
CA GLY A 186 10.96 68.25 -7.44
C GLY A 186 9.50 67.83 -7.51
N GLU A 187 8.75 68.25 -8.54
CA GLU A 187 7.34 67.90 -8.62
C GLU A 187 7.13 66.86 -9.72
N PRO A 188 6.47 65.75 -9.40
CA PRO A 188 6.35 64.64 -10.35
C PRO A 188 5.54 65.00 -11.58
N ILE A 189 5.70 64.17 -12.61
CA ILE A 189 4.85 64.18 -13.79
C ILE A 189 4.87 62.79 -14.42
N LYS A 190 3.73 62.41 -15.00
CA LYS A 190 3.59 61.11 -15.62
C LYS A 190 4.55 60.95 -16.80
N ARG A 191 5.31 59.87 -16.79
CA ARG A 191 6.12 59.49 -17.94
C ARG A 191 5.27 58.74 -18.96
N GLU A 192 5.63 58.88 -20.23
CA GLU A 192 4.94 58.21 -21.32
C GLU A 192 4.92 56.69 -21.12
N ASP A 193 3.74 56.09 -21.36
CA ASP A 193 3.57 54.64 -21.15
C ASP A 193 4.32 53.83 -22.18
N GLU A 194 4.46 54.35 -23.41
CA GLU A 194 5.22 53.64 -24.43
C GLU A 194 6.64 53.34 -23.95
N GLU A 195 7.15 54.12 -23.00
CA GLU A 195 8.49 53.92 -22.46
C GLU A 195 8.59 52.62 -21.67
N GLU A 196 9.79 52.05 -21.62
CA GLU A 196 10.07 50.85 -20.84
C GLU A 196 10.76 51.23 -19.54
N SER A 197 10.05 51.06 -18.42
CA SER A 197 10.55 51.45 -17.11
C SER A 197 11.88 50.76 -16.78
N LEU A 198 12.72 51.47 -16.04
CA LEU A 198 14.02 50.96 -15.63
C LEU A 198 13.97 50.10 -14.37
N ASN A 199 12.82 50.05 -13.69
CA ASN A 199 12.67 49.10 -12.58
C ASN A 199 12.24 47.71 -13.06
N GLU A 200 11.56 47.63 -14.19
CA GLU A 200 11.24 46.33 -14.79
C GLU A 200 12.52 45.55 -15.02
N VAL A 201 12.53 44.30 -14.60
CA VAL A 201 13.79 43.59 -14.42
C VAL A 201 14.37 43.18 -15.76
N GLY A 202 15.70 43.17 -15.82
CA GLY A 202 16.45 42.91 -17.04
C GLY A 202 17.73 42.22 -16.64
N TYR A 203 18.59 41.99 -17.63
CA TYR A 203 19.75 41.11 -17.44
C TYR A 203 20.56 41.47 -16.20
N ASP A 204 20.78 42.77 -15.96
CA ASP A 204 21.62 43.16 -14.82
C ASP A 204 20.94 42.86 -13.49
N ASP A 205 19.61 42.91 -13.45
CA ASP A 205 18.93 42.61 -12.20
C ASP A 205 18.96 41.11 -11.90
N ILE A 206 19.45 40.31 -12.85
CA ILE A 206 19.72 38.90 -12.59
C ILE A 206 21.18 38.73 -12.25
N GLY A 207 21.43 38.21 -11.07
CA GLY A 207 22.79 37.97 -10.65
C GLY A 207 23.14 36.51 -10.80
N GLY A 208 24.30 36.19 -10.26
CA GLY A 208 24.86 34.85 -10.17
C GLY A 208 25.96 34.49 -11.15
N CYS A 209 26.01 35.15 -12.30
CA CYS A 209 27.07 34.87 -13.25
C CYS A 209 27.15 33.38 -13.50
N ARG A 210 25.99 32.75 -13.60
CA ARG A 210 25.93 31.32 -13.85
C ARG A 210 26.48 31.03 -15.24
N LYS A 211 26.08 31.88 -16.17
CA LYS A 211 26.43 31.78 -17.57
C LYS A 211 25.44 30.86 -18.27
N GLN A 212 24.62 30.18 -17.47
CA GLN A 212 23.59 29.29 -17.99
C GLN A 212 22.57 30.16 -18.71
N LEU A 213 22.29 31.32 -18.12
CA LEU A 213 21.36 32.27 -18.72
C LEU A 213 21.75 32.59 -20.15
N ALA A 214 23.05 32.63 -20.43
CA ALA A 214 23.52 32.80 -21.79
C ALA A 214 22.96 31.72 -22.70
N GLN A 215 22.68 30.55 -22.15
CA GLN A 215 22.10 29.46 -22.93
C GLN A 215 20.67 29.76 -23.35
N ILE A 216 19.87 30.39 -22.48
CA ILE A 216 18.51 30.79 -22.83
C ILE A 216 18.52 31.89 -23.87
N LYS A 217 19.57 32.71 -23.86
CA LYS A 217 19.75 33.74 -24.89
C LYS A 217 19.81 33.12 -26.28
N GLU A 218 20.64 32.09 -26.45
CA GLU A 218 20.80 31.47 -27.76
C GLU A 218 19.52 30.85 -28.27
N MET A 219 18.62 30.48 -27.36
CA MET A 219 17.37 29.85 -27.78
C MET A 219 16.33 30.87 -28.21
N VAL A 220 16.23 31.99 -27.50
CA VAL A 220 15.15 32.94 -27.72
C VAL A 220 15.57 34.12 -28.56
N GLU A 221 16.82 34.15 -29.04
CA GLU A 221 17.26 35.22 -29.92
C GLU A 221 16.41 35.34 -31.16
N LEU A 222 16.57 34.39 -32.07
CA LEU A 222 15.88 34.48 -33.35
C LEU A 222 14.37 34.40 -33.24
N PRO A 223 13.79 33.48 -32.48
CA PRO A 223 12.33 33.34 -32.54
C PRO A 223 11.58 34.59 -32.14
N LEU A 224 11.93 35.20 -31.02
CA LEU A 224 11.17 36.34 -30.52
C LEU A 224 11.85 37.69 -30.72
N ARG A 225 13.08 37.76 -31.21
CA ARG A 225 13.59 39.06 -31.63
C ARG A 225 13.47 39.27 -33.13
N HIS A 226 13.19 38.21 -33.90
CA HIS A 226 13.16 38.26 -35.36
C HIS A 226 12.00 37.43 -35.88
N PRO A 227 10.77 37.84 -35.59
CA PRO A 227 9.62 36.99 -35.94
C PRO A 227 9.48 36.71 -37.43
N ALA A 228 9.60 37.72 -38.29
CA ALA A 228 9.26 37.54 -39.70
C ALA A 228 10.17 36.54 -40.40
N LEU A 229 11.36 36.30 -39.86
CA LEU A 229 12.31 35.41 -40.53
C LEU A 229 11.84 33.96 -40.53
N PHE A 230 11.07 33.53 -39.53
CA PHE A 230 10.70 32.12 -39.50
C PHE A 230 9.55 31.76 -40.43
N LYS A 231 8.81 32.73 -40.93
CA LYS A 231 7.89 32.45 -42.01
C LYS A 231 8.61 32.36 -43.34
N ALA A 232 9.84 32.89 -43.42
CA ALA A 232 10.59 32.83 -44.67
C ALA A 232 11.27 31.48 -44.84
N ILE A 233 11.76 30.90 -43.76
CA ILE A 233 12.61 29.73 -43.82
C ILE A 233 12.00 28.61 -43.00
N GLY A 234 11.97 27.42 -43.56
CA GLY A 234 11.65 26.24 -42.79
C GLY A 234 12.76 25.96 -41.79
N VAL A 235 12.43 26.00 -40.50
CA VAL A 235 13.20 25.48 -39.36
C VAL A 235 12.19 25.28 -38.24
N LYS A 236 12.58 24.58 -37.18
CA LYS A 236 11.68 24.48 -36.05
C LYS A 236 12.27 25.21 -34.86
N PRO A 237 11.75 26.38 -34.48
CA PRO A 237 12.13 26.98 -33.21
C PRO A 237 11.50 26.19 -32.07
N PRO A 238 12.14 26.18 -30.90
CA PRO A 238 11.56 25.45 -29.76
C PRO A 238 10.30 26.12 -29.24
N ARG A 239 9.26 25.32 -29.03
CA ARG A 239 8.04 25.87 -28.48
C ARG A 239 8.12 26.05 -26.96
N GLY A 240 8.46 24.98 -26.22
CA GLY A 240 8.57 25.05 -24.79
C GLY A 240 9.99 25.10 -24.28
N ILE A 241 10.15 25.63 -23.07
CA ILE A 241 11.42 25.61 -22.34
C ILE A 241 11.11 25.38 -20.87
N LEU A 242 11.74 24.39 -20.27
CA LEU A 242 11.62 24.19 -18.83
C LEU A 242 12.81 24.81 -18.11
N LEU A 243 12.53 25.70 -17.19
CA LEU A 243 13.50 26.08 -16.18
C LEU A 243 13.21 25.23 -14.96
N TYR A 244 14.23 24.66 -14.36
CA TYR A 244 13.98 23.99 -13.11
C TYR A 244 15.15 24.21 -12.17
N GLY A 245 14.82 24.19 -10.89
CA GLY A 245 15.73 24.50 -9.83
C GLY A 245 14.89 24.64 -8.60
N PRO A 246 15.48 24.57 -7.42
CA PRO A 246 14.71 24.72 -6.20
C PRO A 246 14.11 26.11 -6.10
N PRO A 247 13.07 26.30 -5.29
CA PRO A 247 12.41 27.61 -5.22
C PRO A 247 13.36 28.72 -4.82
N GLY A 248 13.09 29.91 -5.34
CA GLY A 248 13.89 31.06 -5.00
C GLY A 248 15.18 31.20 -5.75
N THR A 249 15.44 30.34 -6.72
CA THR A 249 16.68 30.38 -7.48
C THR A 249 16.59 31.28 -8.68
N GLY A 250 15.52 32.05 -8.82
CA GLY A 250 15.45 33.05 -9.86
C GLY A 250 14.76 32.62 -11.13
N LYS A 251 13.91 31.60 -11.08
CA LYS A 251 13.27 31.13 -12.31
C LYS A 251 12.30 32.14 -12.87
N THR A 252 11.65 32.94 -12.02
CA THR A 252 10.73 33.95 -12.53
C THR A 252 11.48 35.20 -12.98
N LEU A 253 12.64 35.49 -12.39
CA LEU A 253 13.51 36.52 -12.98
C LEU A 253 13.79 36.24 -14.44
N ILE A 254 14.31 35.04 -14.74
CA ILE A 254 14.79 34.71 -16.08
C ILE A 254 13.72 34.99 -17.11
N ALA A 255 12.50 34.55 -16.84
CA ALA A 255 11.42 34.80 -17.79
C ALA A 255 11.10 36.28 -17.89
N ARG A 256 10.90 36.95 -16.74
CA ARG A 256 10.65 38.38 -16.75
C ARG A 256 11.74 39.14 -17.48
N ALA A 257 12.99 38.76 -17.28
CA ALA A 257 14.10 39.53 -17.80
C ALA A 257 14.54 39.10 -19.19
N VAL A 258 14.02 37.98 -19.70
CA VAL A 258 14.15 37.71 -21.12
C VAL A 258 13.07 38.45 -21.89
N ALA A 259 11.84 38.42 -21.37
CA ALA A 259 10.74 39.14 -21.99
C ALA A 259 10.94 40.64 -21.93
N ASN A 260 11.59 41.15 -20.89
CA ASN A 260 11.78 42.58 -20.84
C ASN A 260 12.87 43.02 -21.79
N GLU A 261 13.96 42.27 -21.87
CA GLU A 261 15.09 42.74 -22.66
C GLU A 261 14.90 42.48 -24.15
N THR A 262 13.98 41.59 -24.53
CA THR A 262 13.69 41.34 -25.93
C THR A 262 12.43 42.04 -26.41
N GLY A 263 11.70 42.70 -25.55
CA GLY A 263 10.51 43.39 -25.99
C GLY A 263 9.29 42.52 -26.15
N ALA A 264 9.41 41.22 -25.93
CA ALA A 264 8.25 40.36 -26.05
C ALA A 264 7.29 40.59 -24.90
N PHE A 265 6.03 40.30 -25.14
CA PHE A 265 5.01 40.46 -24.12
C PHE A 265 5.03 39.27 -23.17
N PHE A 266 5.23 39.57 -21.89
CA PHE A 266 5.27 38.54 -20.86
C PHE A 266 3.87 38.24 -20.31
N PHE A 267 3.48 36.98 -20.37
CA PHE A 267 2.19 36.55 -19.85
C PHE A 267 2.50 35.76 -18.59
N LEU A 268 1.50 35.47 -17.76
CA LEU A 268 1.77 34.74 -16.54
C LEU A 268 0.66 33.81 -16.10
N ILE A 269 0.89 32.51 -16.28
CA ILE A 269 -0.08 31.51 -15.88
C ILE A 269 0.31 31.06 -14.47
N ASN A 270 -0.23 31.77 -13.48
CA ASN A 270 0.04 31.45 -12.09
C ASN A 270 -0.34 30.01 -11.80
N GLY A 271 0.67 29.17 -11.55
CA GLY A 271 0.45 27.77 -11.26
C GLY A 271 -0.75 27.48 -10.40
N PRO A 272 -0.89 28.24 -9.24
CA PRO A 272 -2.06 27.89 -8.42
C PRO A 272 -3.25 28.82 -8.68
N GLU A 273 -3.07 29.84 -9.51
CA GLU A 273 -4.17 30.75 -9.81
C GLU A 273 -5.21 30.05 -10.66
N ILE A 274 -4.77 29.22 -11.59
CA ILE A 274 -5.70 28.50 -12.45
C ILE A 274 -6.33 27.36 -11.65
N MET A 275 -5.66 26.97 -10.57
CA MET A 275 -6.13 25.90 -9.70
C MET A 275 -7.19 26.41 -8.74
N SER A 276 -7.04 27.64 -8.30
CA SER A 276 -7.98 28.27 -7.38
C SER A 276 -9.36 28.44 -7.98
N LYS A 277 -9.43 28.47 -9.31
CA LYS A 277 -10.70 28.63 -9.98
C LYS A 277 -11.48 27.32 -9.96
N LEU A 278 -12.78 27.41 -10.19
CA LEU A 278 -13.63 26.24 -10.06
C LEU A 278 -13.43 25.27 -11.23
N ALA A 279 -13.92 24.05 -11.04
CA ALA A 279 -14.00 23.06 -12.10
C ALA A 279 -14.72 23.64 -13.32
N GLY A 280 -14.13 23.40 -14.49
CA GLY A 280 -14.72 23.69 -15.78
C GLY A 280 -14.47 25.09 -16.29
N GLU A 281 -14.31 26.06 -15.38
CA GLU A 281 -13.79 27.38 -15.69
C GLU A 281 -12.30 27.49 -15.37
N SER A 282 -11.70 26.42 -14.85
CA SER A 282 -10.25 26.36 -14.72
C SER A 282 -9.58 26.20 -16.08
N GLU A 283 -10.15 25.34 -16.94
CA GLU A 283 -9.63 25.23 -18.30
C GLU A 283 -9.90 26.49 -19.09
N SER A 284 -11.07 27.09 -18.91
CA SER A 284 -11.40 28.31 -19.64
C SER A 284 -10.38 29.39 -19.40
N ASN A 285 -9.81 29.42 -18.22
CA ASN A 285 -8.88 30.44 -17.82
C ASN A 285 -7.49 30.19 -18.37
N LEU A 286 -7.10 28.92 -18.50
CA LEU A 286 -5.79 28.56 -19.06
C LEU A 286 -5.81 28.64 -20.58
N ARG A 287 -6.91 28.22 -21.21
CA ARG A 287 -7.02 28.21 -22.66
C ARG A 287 -7.06 29.63 -23.22
N LYS A 288 -7.82 30.52 -22.60
CA LYS A 288 -7.79 31.91 -23.03
C LYS A 288 -6.42 32.53 -22.83
N ALA A 289 -5.61 31.98 -21.92
CA ALA A 289 -4.24 32.46 -21.72
C ALA A 289 -3.39 32.31 -22.97
N PHE A 290 -3.51 31.17 -23.66
CA PHE A 290 -2.71 31.03 -24.86
C PHE A 290 -3.36 31.75 -26.03
N GLU A 291 -4.68 31.97 -25.98
CA GLU A 291 -5.36 32.66 -27.08
C GLU A 291 -5.06 34.15 -27.07
N GLU A 292 -5.07 34.77 -25.89
CA GLU A 292 -4.63 36.15 -25.79
C GLU A 292 -3.22 36.31 -26.29
N ALA A 293 -2.28 35.60 -25.65
CA ALA A 293 -0.86 35.67 -26.01
C ALA A 293 -0.61 35.32 -27.46
N GLU A 294 -1.51 34.61 -28.14
CA GLU A 294 -1.42 34.54 -29.60
C GLU A 294 -1.39 35.93 -30.21
N LYS A 295 -2.37 36.77 -29.85
CA LYS A 295 -2.53 38.06 -30.51
C LYS A 295 -1.35 38.97 -30.30
N ASN A 296 -0.68 38.87 -29.16
CA ASN A 296 0.55 39.57 -28.92
C ASN A 296 1.72 38.69 -29.36
N ALA A 297 2.46 39.14 -30.35
CA ALA A 297 3.62 38.37 -30.78
C ALA A 297 4.78 39.29 -31.07
N PRO A 298 5.98 38.87 -30.67
CA PRO A 298 6.29 37.67 -29.90
C PRO A 298 5.99 37.77 -28.41
N ALA A 299 5.73 36.63 -27.78
CA ALA A 299 5.32 36.62 -26.39
C ALA A 299 5.88 35.38 -25.71
N ILE A 300 6.23 35.55 -24.43
CA ILE A 300 6.56 34.44 -23.54
C ILE A 300 5.38 34.23 -22.62
N ILE A 301 4.78 33.05 -22.67
CA ILE A 301 3.91 32.59 -21.59
C ILE A 301 4.79 31.91 -20.56
N PHE A 302 4.68 32.30 -19.31
CA PHE A 302 5.48 31.69 -18.26
C PHE A 302 4.61 31.02 -17.20
N ILE A 303 4.51 29.70 -17.28
CA ILE A 303 3.76 28.93 -16.31
C ILE A 303 4.72 28.64 -15.16
N ASP A 304 4.42 29.13 -13.97
CA ASP A 304 5.21 28.78 -12.79
C ASP A 304 4.43 27.81 -11.91
N GLU A 305 5.17 26.94 -11.23
CA GLU A 305 4.61 25.75 -10.61
C GLU A 305 3.83 24.94 -11.65
N LEU A 306 4.55 24.57 -12.70
CA LEU A 306 3.98 23.63 -13.66
C LEU A 306 3.55 22.34 -12.98
N ASP A 307 4.22 21.97 -11.89
CA ASP A 307 3.83 20.79 -11.14
C ASP A 307 2.54 20.99 -10.36
N ALA A 308 2.04 22.22 -10.29
CA ALA A 308 0.68 22.41 -9.81
C ALA A 308 -0.34 22.05 -10.88
N ILE A 309 -0.12 22.54 -12.10
CA ILE A 309 -1.07 22.33 -13.19
C ILE A 309 -0.89 20.98 -13.83
N ALA A 310 0.33 20.44 -13.88
CA ALA A 310 0.58 19.16 -14.56
C ALA A 310 1.57 18.31 -13.78
N PRO A 311 1.19 17.99 -12.54
CA PRO A 311 2.04 17.18 -11.65
C PRO A 311 1.70 15.69 -11.71
N LYS A 312 0.73 15.31 -12.53
CA LYS A 312 0.35 13.90 -12.63
C LYS A 312 1.48 13.02 -13.14
N ARG A 313 1.69 11.89 -12.45
CA ARG A 313 2.70 10.92 -12.84
C ARG A 313 2.03 9.62 -13.28
N GLU A 314 0.73 9.70 -13.58
CA GLU A 314 -0.09 8.56 -13.96
C GLU A 314 -0.62 7.96 -12.67
N LYS A 315 -0.32 8.67 -11.57
CA LYS A 315 -0.74 8.30 -10.23
C LYS A 315 -2.08 8.96 -9.88
N THR A 316 -2.14 10.29 -9.89
CA THR A 316 -3.35 11.07 -10.12
C THR A 316 -4.57 10.76 -9.24
N HIS A 317 -4.58 11.21 -8.00
CA HIS A 317 -5.83 11.32 -7.24
C HIS A 317 -6.79 12.21 -8.03
N GLY A 318 -8.09 11.94 -7.87
CA GLY A 318 -9.11 12.91 -8.23
C GLY A 318 -9.73 12.72 -9.60
N GLU A 319 -10.34 13.82 -10.06
CA GLU A 319 -10.95 13.93 -11.38
C GLU A 319 -10.49 15.15 -12.18
N VAL A 320 -10.79 16.34 -11.66
CA VAL A 320 -10.56 17.57 -12.42
C VAL A 320 -9.14 17.60 -12.96
N GLU A 321 -8.17 17.17 -12.15
CA GLU A 321 -6.78 17.36 -12.55
C GLU A 321 -6.45 16.56 -13.81
N ARG A 322 -7.12 15.44 -14.05
CA ARG A 322 -6.94 14.73 -15.32
C ARG A 322 -7.15 15.67 -16.49
N ARG A 323 -8.13 16.56 -16.39
CA ARG A 323 -8.59 17.34 -17.51
C ARG A 323 -7.86 18.66 -17.67
N ILE A 324 -7.24 19.13 -16.59
CA ILE A 324 -6.45 20.35 -16.64
C ILE A 324 -5.17 20.06 -17.43
N VAL A 325 -4.57 18.91 -17.12
CA VAL A 325 -3.34 18.45 -17.75
C VAL A 325 -3.51 18.16 -19.24
N SER A 326 -4.60 17.47 -19.57
CA SER A 326 -4.89 17.13 -20.95
C SER A 326 -5.09 18.39 -21.79
N GLN A 327 -5.79 19.36 -21.24
CA GLN A 327 -6.04 20.60 -21.97
C GLN A 327 -4.72 21.29 -22.25
N LEU A 328 -3.84 21.28 -21.26
CA LEU A 328 -2.53 21.90 -21.39
C LEU A 328 -1.69 21.20 -22.44
N LEU A 329 -1.75 19.87 -22.48
CA LEU A 329 -0.99 19.11 -23.46
C LEU A 329 -1.46 19.48 -24.87
N THR A 330 -2.77 19.59 -25.04
CA THR A 330 -3.34 19.94 -26.34
C THR A 330 -2.89 21.33 -26.73
N LEU A 331 -2.88 22.22 -25.74
CA LEU A 331 -2.47 23.60 -25.94
C LEU A 331 -0.99 23.70 -26.32
N MET A 332 -0.16 22.89 -25.69
CA MET A 332 1.27 22.92 -25.95
C MET A 332 1.61 22.28 -27.29
N ASP A 333 0.91 21.21 -27.66
CA ASP A 333 1.01 20.69 -29.01
C ASP A 333 0.28 21.55 -30.03
N GLY A 334 -0.84 22.12 -29.65
CA GLY A 334 -1.67 22.88 -30.54
C GLY A 334 -1.08 24.16 -31.08
N LEU A 335 0.12 24.55 -30.64
CA LEU A 335 0.77 25.73 -31.19
C LEU A 335 0.87 25.60 -32.71
N LYS A 336 0.27 26.56 -33.41
CA LYS A 336 -0.16 26.40 -34.80
C LYS A 336 0.83 26.95 -35.82
N GLN A 337 2.03 27.34 -35.40
CA GLN A 337 3.15 27.85 -36.20
C GLN A 337 2.83 29.20 -36.85
N ARG A 338 1.61 29.72 -36.72
CA ARG A 338 1.40 31.16 -36.79
C ARG A 338 1.70 31.72 -35.41
N ALA A 339 2.22 32.94 -35.41
CA ALA A 339 2.92 33.60 -34.33
C ALA A 339 4.03 32.77 -33.69
N HIS A 340 4.51 33.27 -32.56
CA HIS A 340 5.83 32.87 -32.06
C HIS A 340 5.81 32.30 -30.66
N VAL A 341 4.63 32.14 -30.06
CA VAL A 341 4.56 32.07 -28.60
C VAL A 341 5.54 31.04 -28.08
N ILE A 342 6.45 31.49 -27.23
CA ILE A 342 7.34 30.63 -26.48
C ILE A 342 6.70 30.38 -25.14
N VAL A 343 6.69 29.14 -24.69
CA VAL A 343 6.09 28.83 -23.41
C VAL A 343 7.22 28.40 -22.48
N MET A 344 7.61 29.27 -21.56
CA MET A 344 8.56 28.91 -20.53
C MET A 344 7.80 28.45 -19.29
N ALA A 345 8.25 27.37 -18.69
CA ALA A 345 7.58 26.82 -17.53
C ALA A 345 8.61 26.41 -16.49
N ALA A 346 8.36 26.77 -15.24
CA ALA A 346 9.30 26.51 -14.17
C ALA A 346 8.73 25.49 -13.19
N THR A 347 9.62 24.67 -12.63
CA THR A 347 9.23 23.69 -11.65
C THR A 347 10.46 23.34 -10.80
N ASN A 348 10.22 22.71 -9.66
CA ASN A 348 11.29 22.48 -8.71
C ASN A 348 12.16 21.28 -9.08
N ARG A 349 11.56 20.20 -9.55
CA ARG A 349 12.32 19.05 -10.01
C ARG A 349 11.70 18.55 -11.30
N PRO A 350 12.52 18.14 -12.27
CA PRO A 350 11.96 17.70 -13.55
C PRO A 350 11.23 16.37 -13.48
N ASN A 351 11.48 15.56 -12.46
CA ASN A 351 10.68 14.36 -12.31
C ASN A 351 9.27 14.67 -11.86
N SER A 352 9.05 15.87 -11.32
CA SER A 352 7.74 16.18 -10.76
C SER A 352 6.66 16.25 -11.82
N ILE A 353 6.96 16.81 -12.98
CA ILE A 353 5.92 17.08 -13.97
C ILE A 353 5.65 15.86 -14.85
N ASP A 354 4.45 15.85 -15.42
CA ASP A 354 3.93 14.74 -16.21
C ASP A 354 4.86 14.39 -17.38
N PRO A 355 5.09 13.11 -17.65
CA PRO A 355 6.11 12.74 -18.64
C PRO A 355 5.71 13.09 -20.05
N ALA A 356 4.43 13.33 -20.31
CA ALA A 356 3.97 13.66 -21.66
C ALA A 356 4.29 15.10 -22.04
N LEU A 357 4.69 15.91 -21.07
CA LEU A 357 5.06 17.30 -21.32
C LEU A 357 6.40 17.45 -21.99
N ARG A 358 7.24 16.42 -22.01
CA ARG A 358 8.53 16.52 -22.65
C ARG A 358 8.56 16.01 -24.08
N ARG A 359 7.46 15.54 -24.64
CA ARG A 359 7.58 15.02 -25.98
C ARG A 359 7.90 16.15 -26.95
N PHE A 360 8.41 15.74 -28.11
CA PHE A 360 8.85 16.63 -29.18
C PHE A 360 7.72 17.60 -29.52
N GLY A 361 8.02 18.88 -29.43
CA GLY A 361 7.03 19.90 -29.63
C GLY A 361 6.33 20.41 -28.38
N ARG A 362 6.59 19.82 -27.21
CA ARG A 362 5.93 20.34 -26.02
C ARG A 362 6.87 21.19 -25.21
N PHE A 363 7.62 20.59 -24.28
CA PHE A 363 8.77 21.23 -23.67
C PHE A 363 9.97 20.41 -24.10
N ASP A 364 10.65 20.88 -25.13
CA ASP A 364 11.74 20.11 -25.68
C ASP A 364 13.04 20.39 -24.94
N ARG A 365 13.33 21.66 -24.70
CA ARG A 365 14.53 22.05 -23.99
C ARG A 365 14.22 22.24 -22.52
N GLU A 366 15.18 21.88 -21.67
CA GLU A 366 15.14 22.13 -20.24
C GLU A 366 16.43 22.84 -19.83
N VAL A 367 16.35 23.60 -18.74
CA VAL A 367 17.50 24.31 -18.19
C VAL A 367 17.48 24.11 -16.69
N ASP A 368 18.63 23.77 -16.11
CA ASP A 368 18.74 23.67 -14.66
C ASP A 368 19.35 24.96 -14.14
N ILE A 369 18.55 25.72 -13.40
CA ILE A 369 19.05 26.98 -12.85
C ILE A 369 19.98 26.70 -11.68
N GLY A 370 19.54 25.87 -10.75
CA GLY A 370 20.39 25.39 -9.69
C GLY A 370 20.83 26.44 -8.69
N ILE A 371 21.47 25.97 -7.63
CA ILE A 371 21.96 26.84 -6.55
C ILE A 371 23.13 27.65 -7.06
N PRO A 372 23.22 28.94 -6.75
CA PRO A 372 24.41 29.72 -7.08
C PRO A 372 25.63 29.22 -6.30
N ASP A 373 26.79 29.70 -6.71
CA ASP A 373 28.04 29.31 -6.08
C ASP A 373 28.72 30.54 -5.51
N ALA A 374 29.76 30.28 -4.71
CA ALA A 374 30.34 31.29 -3.84
C ALA A 374 30.60 32.62 -4.55
N THR A 375 31.34 32.57 -5.66
CA THR A 375 31.59 33.77 -6.43
C THR A 375 30.46 34.11 -7.38
N GLY A 376 29.43 33.27 -7.45
CA GLY A 376 28.15 33.66 -7.99
C GLY A 376 27.31 34.41 -6.98
N ARG A 377 27.32 33.97 -5.73
CA ARG A 377 26.52 34.63 -4.70
C ARG A 377 26.97 36.06 -4.43
N LEU A 378 28.22 36.42 -4.75
CA LEU A 378 28.65 37.80 -4.64
C LEU A 378 27.78 38.71 -5.49
N GLU A 379 27.53 38.34 -6.74
CA GLU A 379 26.81 39.24 -7.63
C GLU A 379 25.37 39.46 -7.14
N ILE A 380 24.72 38.42 -6.63
CA ILE A 380 23.39 38.61 -6.08
C ILE A 380 23.43 39.57 -4.92
N LEU A 381 24.46 39.45 -4.07
CA LEU A 381 24.61 40.37 -2.96
C LEU A 381 24.97 41.77 -3.43
N GLN A 382 25.53 41.89 -4.62
CA GLN A 382 25.75 43.22 -5.19
C GLN A 382 24.47 43.79 -5.78
N ILE A 383 23.60 42.95 -6.36
CA ILE A 383 22.43 43.53 -7.00
C ILE A 383 21.37 43.90 -5.97
N HIS A 384 21.30 43.18 -4.85
CA HIS A 384 20.33 43.54 -3.83
C HIS A 384 20.82 44.63 -2.90
N THR A 385 22.13 44.77 -2.70
CA THR A 385 22.61 46.01 -2.08
C THR A 385 23.42 46.74 -3.13
N LYS A 386 22.75 47.55 -3.95
CA LYS A 386 23.36 48.70 -4.60
C LYS A 386 22.74 50.05 -4.24
N ASN A 387 21.58 50.08 -3.60
CA ASN A 387 20.97 51.30 -3.10
C ASN A 387 21.21 51.53 -1.63
N MET A 388 21.85 50.58 -0.94
CA MET A 388 21.76 50.53 0.51
C MET A 388 22.71 51.50 1.21
N LYS A 389 23.68 52.07 0.50
CA LYS A 389 24.73 52.89 1.09
C LYS A 389 25.48 52.10 2.17
N LEU A 390 26.29 51.16 1.69
CA LEU A 390 27.02 50.28 2.58
C LEU A 390 28.13 51.02 3.32
N ALA A 391 28.61 50.37 4.38
CA ALA A 391 29.87 50.74 5.01
C ALA A 391 31.04 50.28 4.15
N ASP A 392 32.23 50.83 4.44
CA ASP A 392 33.40 50.45 3.67
C ASP A 392 33.87 49.04 4.02
N ASP A 393 33.96 48.69 5.32
CA ASP A 393 34.67 47.49 5.76
C ASP A 393 34.21 46.24 5.02
N VAL A 394 32.91 45.94 5.07
CA VAL A 394 32.38 44.73 4.47
C VAL A 394 32.43 44.84 2.95
N ASP A 395 33.09 43.88 2.31
CA ASP A 395 33.21 43.84 0.86
C ASP A 395 32.24 42.87 0.20
N LEU A 396 31.44 42.17 0.99
CA LEU A 396 30.42 41.20 0.59
C LEU A 396 31.04 39.89 0.15
N GLU A 397 32.33 39.83 -0.13
CA GLU A 397 32.92 38.58 -0.55
C GLU A 397 33.09 37.64 0.63
N GLN A 398 33.29 38.18 1.82
CA GLN A 398 33.42 37.32 3.00
C GLN A 398 32.09 36.65 3.32
N VAL A 399 31.01 37.41 3.27
CA VAL A 399 29.70 36.85 3.53
C VAL A 399 29.34 35.86 2.43
N ALA A 400 29.77 36.13 1.20
CA ALA A 400 29.51 35.22 0.09
C ALA A 400 29.98 33.81 0.38
N ASN A 401 31.02 33.64 1.20
CA ASN A 401 31.55 32.32 1.49
C ASN A 401 30.67 31.60 2.52
N GLU A 402 30.27 32.31 3.57
CA GLU A 402 29.47 31.77 4.66
C GLU A 402 28.11 31.28 4.18
N THR A 403 27.77 31.59 2.94
CA THR A 403 26.38 31.63 2.53
C THR A 403 25.96 30.35 1.82
N HIS A 404 26.82 29.32 1.79
CA HIS A 404 26.52 28.18 0.95
C HIS A 404 25.26 27.45 1.43
N GLY A 405 24.38 27.17 0.48
CA GLY A 405 23.03 26.73 0.76
C GLY A 405 21.98 27.80 0.55
N HIS A 406 22.37 29.07 0.60
CA HIS A 406 21.43 30.13 0.27
C HIS A 406 21.20 30.20 -1.22
N VAL A 407 20.01 30.66 -1.59
CA VAL A 407 19.63 30.87 -2.97
C VAL A 407 19.31 32.35 -3.10
N GLY A 408 19.19 32.80 -4.35
CA GLY A 408 19.00 34.23 -4.57
C GLY A 408 17.91 34.84 -3.71
N ALA A 409 16.87 34.09 -3.40
CA ALA A 409 15.80 34.64 -2.56
C ALA A 409 16.23 34.75 -1.11
N ASP A 410 16.91 33.73 -0.59
CA ASP A 410 17.57 33.84 0.71
C ASP A 410 18.46 35.06 0.81
N LEU A 411 19.16 35.38 -0.28
CA LEU A 411 20.15 36.44 -0.26
C LEU A 411 19.51 37.81 -0.36
N ALA A 412 18.47 37.94 -1.19
CA ALA A 412 17.66 39.14 -1.15
C ALA A 412 17.03 39.33 0.22
N ALA A 413 16.74 38.23 0.94
CA ALA A 413 16.24 38.32 2.29
C ALA A 413 17.34 38.61 3.29
N LEU A 414 18.54 38.05 3.08
CA LEU A 414 19.66 38.40 3.93
C LEU A 414 19.93 39.90 3.90
N CYS A 415 19.75 40.54 2.74
CA CYS A 415 20.02 41.97 2.64
C CYS A 415 18.89 42.80 3.20
N SER A 416 17.65 42.47 2.85
CA SER A 416 16.52 43.20 3.41
C SER A 416 16.48 43.07 4.92
N GLU A 417 16.90 41.92 5.45
CA GLU A 417 16.94 41.75 6.89
C GLU A 417 18.08 42.53 7.54
N ALA A 418 19.20 42.69 6.84
CA ALA A 418 20.27 43.55 7.33
C ALA A 418 19.96 45.02 7.14
N ALA A 419 19.12 45.35 6.17
CA ALA A 419 18.70 46.74 5.99
C ALA A 419 17.65 47.14 7.01
N LEU A 420 16.81 46.20 7.45
CA LEU A 420 15.82 46.50 8.46
C LEU A 420 16.42 46.56 9.86
N GLN A 421 17.59 45.97 10.07
CA GLN A 421 18.29 46.17 11.33
C GLN A 421 18.62 47.66 11.54
N ALA A 422 19.38 48.24 10.60
CA ALA A 422 19.89 49.59 10.80
C ALA A 422 18.77 50.62 10.93
N ILE A 423 17.67 50.43 10.20
CA ILE A 423 16.50 51.28 10.43
C ILE A 423 16.04 51.16 11.88
N ARG A 424 15.93 49.93 12.38
CA ARG A 424 15.52 49.75 13.77
C ARG A 424 16.45 50.50 14.72
N LYS A 425 17.75 50.49 14.45
CA LYS A 425 18.72 51.02 15.40
C LYS A 425 18.80 52.54 15.41
N LYS A 426 19.45 53.07 14.39
CA LYS A 426 19.54 54.50 14.23
C LYS A 426 18.16 54.99 13.80
N MET A 427 18.11 56.22 13.30
CA MET A 427 16.83 56.71 12.83
C MET A 427 15.83 56.72 13.98
N ASP A 428 14.84 55.81 13.92
CA ASP A 428 13.58 55.91 14.65
C ASP A 428 13.75 56.21 16.14
N LEU A 429 14.96 56.10 16.68
CA LEU A 429 15.26 56.74 17.96
C LEU A 429 14.71 58.15 17.97
N ILE A 430 14.82 58.84 16.83
CA ILE A 430 14.30 60.19 16.70
C ILE A 430 12.78 60.21 16.77
N ASP A 431 12.11 59.35 15.99
CA ASP A 431 10.65 59.30 15.77
C ASP A 431 10.19 60.42 14.83
N LEU A 432 11.08 61.28 14.33
CA LEU A 432 10.65 62.38 13.49
C LEU A 432 10.14 61.89 12.15
N GLU A 433 8.88 62.22 11.84
CA GLU A 433 8.26 61.73 10.62
C GLU A 433 7.13 62.64 10.21
N ASP A 434 6.93 62.75 8.90
CA ASP A 434 5.75 63.31 8.28
C ASP A 434 5.27 62.33 7.21
N GLU A 435 4.27 62.74 6.42
CA GLU A 435 3.67 61.86 5.43
C GLU A 435 4.72 61.12 4.60
N THR A 436 5.84 61.77 4.34
CA THR A 436 7.00 61.08 3.78
C THR A 436 8.25 61.53 4.54
N ILE A 437 8.99 60.57 5.09
CA ILE A 437 10.27 60.93 5.70
C ILE A 437 11.16 61.53 4.64
N ASP A 438 11.95 62.52 5.05
CA ASP A 438 12.88 63.17 4.17
C ASP A 438 13.84 62.16 3.55
N ALA A 439 14.25 62.45 2.32
CA ALA A 439 15.24 61.64 1.65
C ALA A 439 16.59 61.68 2.34
N GLU A 440 17.00 62.85 2.84
CA GLU A 440 18.31 63.01 3.46
C GLU A 440 18.34 62.57 4.91
N VAL A 441 17.21 62.65 5.63
CA VAL A 441 17.26 62.18 7.01
C VAL A 441 17.57 60.69 7.06
N MET A 442 17.27 59.95 6.00
CA MET A 442 17.65 58.55 5.96
C MET A 442 19.02 58.33 5.34
N ASN A 443 19.79 59.38 5.03
CA ASN A 443 21.06 59.12 4.37
C ASN A 443 22.08 58.59 5.36
N SER A 444 22.07 59.07 6.60
CA SER A 444 23.11 58.74 7.56
C SER A 444 23.13 57.26 7.94
N LEU A 445 22.14 56.48 7.54
CA LEU A 445 22.13 55.05 7.85
C LEU A 445 23.02 54.29 6.87
N ALA A 446 23.94 53.50 7.41
CA ALA A 446 24.94 52.81 6.60
C ALA A 446 25.08 51.39 7.10
N VAL A 447 24.79 50.41 6.23
CA VAL A 447 24.69 49.02 6.67
C VAL A 447 26.06 48.48 7.04
N THR A 448 26.13 47.79 8.16
CA THR A 448 27.41 47.43 8.75
C THR A 448 27.55 45.92 8.92
N MET A 449 28.80 45.48 9.12
CA MET A 449 29.09 44.06 9.24
C MET A 449 28.30 43.42 10.37
N ASP A 450 28.19 44.10 11.52
CA ASP A 450 27.35 43.61 12.61
C ASP A 450 25.92 43.36 12.15
N ASP A 451 25.42 44.22 11.26
CA ASP A 451 24.08 44.06 10.73
C ASP A 451 23.99 42.80 9.89
N PHE A 452 24.97 42.62 9.01
CA PHE A 452 25.00 41.44 8.13
C PHE A 452 25.21 40.14 8.88
N ARG A 453 26.10 40.14 9.86
CA ARG A 453 26.34 38.92 10.63
C ARG A 453 25.07 38.58 11.38
N TRP A 454 24.40 39.59 11.90
CA TRP A 454 23.16 39.32 12.62
C TRP A 454 22.22 38.70 11.60
N ALA A 455 22.21 39.25 10.39
CA ALA A 455 21.36 38.74 9.32
C ALA A 455 21.71 37.30 8.95
N LEU A 456 23.01 36.99 8.89
CA LEU A 456 23.42 35.63 8.54
C LEU A 456 22.88 34.68 9.60
N SER A 457 22.89 35.15 10.84
CA SER A 457 22.39 34.37 11.96
C SER A 457 20.91 34.02 11.82
N GLN A 458 20.11 34.89 11.20
CA GLN A 458 18.68 34.59 11.05
C GLN A 458 18.16 34.14 9.67
N SER A 459 19.04 33.77 8.75
CA SER A 459 18.61 33.39 7.39
C SER A 459 17.70 32.16 7.19
N ASN A 460 18.00 31.07 7.89
CA ASN A 460 17.22 29.83 7.81
C ASN A 460 17.33 29.05 6.50
N PRO A 461 18.49 29.23 5.75
CA PRO A 461 18.56 28.43 4.52
C PRO A 461 18.56 26.95 4.88
N SER A 462 17.98 26.03 4.08
CA SER A 462 17.29 26.23 2.80
C SER A 462 18.21 25.94 1.61
N ALA A 463 17.99 24.78 0.98
CA ALA A 463 18.79 24.34 -0.15
C ALA A 463 20.09 23.71 0.32
N LEU A 464 20.25 23.62 1.63
CA LEU A 464 21.46 23.02 2.20
C LEU A 464 21.50 21.55 1.79
N ARG A 465 20.34 20.92 1.83
CA ARG A 465 20.20 19.52 1.47
C ARG A 465 20.56 19.24 0.02
N GLU A 466 20.19 20.13 -0.88
CA GLU A 466 20.47 19.92 -2.30
C GLU A 466 21.95 19.69 -2.62
N THR A 467 22.19 18.75 -3.53
CA THR A 467 23.53 18.40 -3.98
C THR A 467 24.21 19.65 -4.52
N VAL A 468 25.54 19.67 -4.46
CA VAL A 468 26.30 20.83 -4.92
C VAL A 468 27.00 20.54 -6.25
N VAL A 469 26.80 21.45 -7.19
CA VAL A 469 27.39 21.36 -8.52
C VAL A 469 28.06 22.69 -8.81
N GLU A 470 29.35 22.70 -8.76
CA GLU A 470 30.10 23.94 -8.75
C GLU A 470 31.48 23.71 -9.34
N VAL A 471 32.01 24.73 -10.00
CA VAL A 471 33.41 24.74 -10.40
C VAL A 471 34.23 24.91 -9.13
N PRO A 472 35.07 23.95 -8.77
CA PRO A 472 35.75 24.02 -7.47
C PRO A 472 36.86 25.06 -7.46
N GLN A 473 37.10 25.62 -6.29
CA GLN A 473 37.98 26.76 -6.14
C GLN A 473 39.43 26.38 -5.87
N VAL A 474 39.69 25.10 -5.66
CA VAL A 474 41.05 24.60 -5.40
C VAL A 474 41.82 24.55 -6.72
N THR A 475 43.07 25.01 -6.71
CA THR A 475 43.89 25.02 -7.91
C THR A 475 45.07 24.05 -7.86
N TRP A 476 45.95 24.14 -8.84
CA TRP A 476 47.13 23.28 -8.92
C TRP A 476 48.11 23.62 -7.81
N GLU A 477 48.14 24.88 -7.39
CA GLU A 477 49.05 25.32 -6.35
C GLU A 477 48.69 24.68 -5.03
N ASP A 478 47.39 24.50 -4.80
CA ASP A 478 46.92 23.90 -3.57
C ASP A 478 47.36 22.44 -3.46
N ILE A 479 48.02 21.93 -4.49
CA ILE A 479 48.46 20.54 -4.45
C ILE A 479 49.97 20.53 -4.44
N GLY A 480 50.55 20.16 -3.30
CA GLY A 480 51.97 19.91 -3.26
C GLY A 480 52.31 18.57 -3.89
N GLY A 481 53.33 18.58 -4.72
CA GLY A 481 53.79 17.36 -5.32
C GLY A 481 52.92 16.95 -6.49
N LEU A 482 53.00 15.66 -6.82
CA LEU A 482 52.13 15.03 -7.80
C LEU A 482 52.17 15.74 -9.15
N GLU A 483 53.39 15.97 -9.65
CA GLU A 483 53.55 16.70 -10.91
C GLU A 483 53.21 15.81 -12.09
N ASP A 484 53.77 14.60 -12.14
CA ASP A 484 53.49 13.71 -13.26
C ASP A 484 52.00 13.37 -13.34
N VAL A 485 51.43 12.92 -12.22
CA VAL A 485 50.00 12.62 -12.18
C VAL A 485 49.19 13.82 -12.65
N LYS A 486 49.64 15.02 -12.33
CA LYS A 486 48.96 16.22 -12.81
C LYS A 486 48.96 16.30 -14.32
N ARG A 487 50.08 15.98 -14.95
CA ARG A 487 50.14 15.93 -16.41
C ARG A 487 49.19 14.87 -16.95
N GLU A 488 49.23 13.68 -16.36
CA GLU A 488 48.46 12.56 -16.89
C GLU A 488 46.97 12.82 -16.84
N LEU A 489 46.47 13.56 -15.85
CA LEU A 489 45.07 13.92 -15.86
C LEU A 489 44.74 14.81 -17.05
N GLN A 490 45.52 15.89 -17.23
CA GLN A 490 45.32 16.75 -18.38
C GLN A 490 45.33 15.97 -19.67
N GLU A 491 46.19 14.95 -19.78
CA GLU A 491 46.18 14.06 -20.93
C GLU A 491 44.81 13.41 -21.09
N LEU A 492 44.33 12.76 -20.04
CA LEU A 492 43.08 12.02 -20.11
C LEU A 492 41.90 12.96 -20.28
N VAL A 493 41.90 14.08 -19.55
CA VAL A 493 40.73 14.94 -19.56
C VAL A 493 40.71 15.85 -20.79
N GLN A 494 41.82 16.52 -21.08
CA GLN A 494 41.82 17.62 -22.04
C GLN A 494 42.01 17.20 -23.49
N TYR A 495 42.91 16.26 -23.77
CA TYR A 495 43.22 15.97 -25.17
C TYR A 495 42.06 15.43 -25.97
N PRO A 496 41.19 14.56 -25.45
CA PRO A 496 40.10 14.07 -26.31
C PRO A 496 39.12 15.14 -26.74
N VAL A 497 38.89 16.17 -25.93
CA VAL A 497 37.93 17.20 -26.30
C VAL A 497 38.59 18.26 -27.18
N GLU A 498 39.85 18.59 -26.88
CA GLU A 498 40.59 19.59 -27.63
C GLU A 498 41.12 19.08 -28.96
N HIS A 499 41.39 17.79 -29.06
CA HIS A 499 41.94 17.19 -30.27
C HIS A 499 41.14 15.97 -30.68
N PRO A 500 39.83 16.12 -30.92
CA PRO A 500 39.06 14.95 -31.35
C PRO A 500 39.44 14.49 -32.73
N ASP A 501 39.91 15.41 -33.56
CA ASP A 501 40.45 15.08 -34.87
C ASP A 501 41.57 14.07 -34.79
N LYS A 502 42.33 14.07 -33.69
CA LYS A 502 43.42 13.10 -33.57
C LYS A 502 42.93 11.74 -33.11
N PHE A 503 41.97 11.69 -32.19
CA PHE A 503 41.52 10.40 -31.68
C PHE A 503 40.70 9.67 -32.71
N LEU A 504 39.99 10.42 -33.55
CA LEU A 504 39.27 9.85 -34.67
C LEU A 504 40.21 9.18 -35.66
N LYS A 505 41.42 9.73 -35.83
CA LYS A 505 42.37 9.21 -36.82
C LYS A 505 42.65 7.74 -36.60
N PHE A 506 42.98 7.36 -35.38
CA PHE A 506 43.24 5.97 -35.03
C PHE A 506 41.98 5.24 -34.61
N GLY A 507 40.81 5.86 -34.75
CA GLY A 507 39.59 5.19 -34.37
C GLY A 507 39.48 4.89 -32.88
N MET A 508 40.36 5.48 -32.07
CA MET A 508 40.43 5.13 -30.66
C MET A 508 39.48 6.00 -29.86
N THR A 509 38.78 5.40 -28.98
CA THR A 509 37.94 6.16 -28.07
C THR A 509 38.69 6.39 -26.77
N PRO A 510 38.73 7.61 -26.25
CA PRO A 510 39.39 7.85 -24.97
C PRO A 510 38.67 7.17 -23.83
N SER A 511 39.37 7.03 -22.72
CA SER A 511 38.74 6.52 -21.52
C SER A 511 37.81 7.57 -20.93
N LYS A 512 36.67 7.13 -20.45
CA LYS A 512 35.81 8.01 -19.65
C LYS A 512 36.23 8.05 -18.19
N GLY A 513 36.79 6.96 -17.68
CA GLY A 513 37.09 6.94 -16.27
C GLY A 513 38.54 6.96 -15.81
N VAL A 514 38.72 7.27 -14.55
CA VAL A 514 39.99 7.16 -13.84
C VAL A 514 39.69 6.71 -12.44
N LEU A 515 40.45 5.76 -11.95
CA LEU A 515 40.35 5.34 -10.56
C LEU A 515 41.66 5.69 -9.85
N PHE A 516 41.57 6.61 -8.91
CA PHE A 516 42.65 6.92 -7.99
C PHE A 516 42.66 5.91 -6.86
N TYR A 517 43.83 5.40 -6.52
CA TYR A 517 43.94 4.49 -5.40
C TYR A 517 45.21 4.81 -4.64
N GLY A 518 45.13 4.72 -3.32
CA GLY A 518 46.25 5.05 -2.47
C GLY A 518 45.85 5.15 -1.03
N PRO A 519 46.80 5.49 -0.17
CA PRO A 519 46.49 5.61 1.26
C PRO A 519 45.63 6.83 1.54
N PRO A 520 45.02 6.89 2.72
CA PRO A 520 44.10 7.99 3.02
C PRO A 520 44.83 9.31 3.22
N GLY A 521 44.32 10.35 2.59
CA GLY A 521 44.81 11.69 2.83
C GLY A 521 45.89 12.17 1.91
N CYS A 522 46.20 11.46 0.84
CA CYS A 522 47.28 11.78 -0.06
C CYS A 522 46.88 12.72 -1.18
N GLY A 523 45.69 13.29 -1.12
CA GLY A 523 45.31 14.31 -2.06
C GLY A 523 44.52 13.85 -3.26
N LYS A 524 43.79 12.75 -3.15
CA LYS A 524 42.97 12.26 -4.25
C LYS A 524 41.78 13.16 -4.55
N THR A 525 41.18 13.76 -3.53
CA THR A 525 40.01 14.60 -3.73
C THR A 525 40.39 15.96 -4.30
N LEU A 526 41.47 16.55 -3.77
CA LEU A 526 41.99 17.79 -4.32
C LEU A 526 42.43 17.63 -5.76
N LEU A 527 43.04 16.49 -6.06
CA LEU A 527 43.52 16.23 -7.41
C LEU A 527 42.36 16.15 -8.38
N ALA A 528 41.21 15.64 -7.93
CA ALA A 528 40.01 15.61 -8.75
C ALA A 528 39.43 17.01 -8.93
N LYS A 529 39.36 17.77 -7.84
CA LYS A 529 38.81 19.12 -7.96
C LYS A 529 39.70 20.01 -8.79
N ALA A 530 41.02 19.85 -8.68
CA ALA A 530 41.91 20.77 -9.37
C ALA A 530 41.83 20.61 -10.88
N ILE A 531 41.56 19.42 -11.38
CA ILE A 531 41.45 19.29 -12.82
C ILE A 531 40.10 19.79 -13.32
N ALA A 532 39.06 19.70 -12.50
CA ALA A 532 37.79 20.30 -12.85
C ALA A 532 37.88 21.83 -12.79
N ASN A 533 38.59 22.34 -11.79
CA ASN A 533 38.83 23.78 -11.70
C ASN A 533 39.59 24.29 -12.91
N GLU A 534 40.59 23.55 -13.35
CA GLU A 534 41.38 24.00 -14.48
C GLU A 534 40.52 24.08 -15.75
N CYS A 535 39.76 23.03 -16.03
CA CYS A 535 38.81 23.03 -17.14
C CYS A 535 37.62 23.93 -16.87
N GLN A 536 37.52 24.52 -15.68
CA GLN A 536 36.34 25.28 -15.27
C GLN A 536 35.07 24.48 -15.53
N ALA A 537 35.18 23.18 -15.34
CA ALA A 537 34.07 22.25 -15.36
C ALA A 537 33.34 22.23 -14.03
N ASN A 538 32.07 21.88 -14.08
CA ASN A 538 31.32 21.64 -12.86
C ASN A 538 31.90 20.42 -12.14
N PHE A 539 31.83 20.43 -10.83
CA PHE A 539 32.33 19.32 -10.03
C PHE A 539 31.20 18.80 -9.18
N ILE A 540 30.97 17.50 -9.23
CA ILE A 540 29.94 16.86 -8.44
C ILE A 540 30.61 15.78 -7.63
N SER A 541 30.57 15.92 -6.32
CA SER A 541 31.22 14.97 -5.43
C SER A 541 30.16 14.09 -4.81
N ILE A 542 30.24 12.79 -5.07
CA ILE A 542 29.40 11.81 -4.43
C ILE A 542 30.26 11.15 -3.35
N LYS A 543 29.85 11.28 -2.10
CA LYS A 543 30.68 10.87 -0.98
C LYS A 543 30.20 9.55 -0.42
N GLY A 544 31.12 8.79 0.18
CA GLY A 544 30.81 7.48 0.70
C GLY A 544 29.57 7.38 1.56
N PRO A 545 29.29 8.34 2.44
CA PRO A 545 28.01 8.33 3.16
C PRO A 545 26.81 8.43 2.23
N GLU A 546 26.98 9.04 1.07
CA GLU A 546 25.89 9.08 0.11
C GLU A 546 25.72 7.77 -0.64
N LEU A 547 26.81 7.06 -0.94
CA LEU A 547 26.61 5.72 -1.49
C LEU A 547 26.09 4.76 -0.43
N LEU A 548 26.48 4.96 0.83
CA LEU A 548 25.93 4.14 1.89
C LEU A 548 24.46 4.41 2.14
N THR A 549 23.99 5.65 1.95
CA THR A 549 22.58 5.89 2.20
C THR A 549 21.71 5.19 1.15
N MET A 550 22.15 5.15 -0.10
CA MET A 550 21.42 4.37 -1.08
C MET A 550 21.47 2.89 -0.78
N TRP A 551 22.53 2.41 -0.15
CA TRP A 551 22.63 0.99 0.11
C TRP A 551 21.83 0.58 1.34
N PHE A 552 21.87 1.35 2.43
CA PHE A 552 21.04 0.99 3.58
C PHE A 552 19.57 1.16 3.26
N GLY A 553 19.22 2.22 2.57
CA GLY A 553 17.87 2.41 2.10
C GLY A 553 17.53 1.60 0.89
N GLU A 554 18.46 0.77 0.42
CA GLU A 554 18.31 -0.15 -0.71
C GLU A 554 17.53 0.54 -1.81
N SER A 555 17.80 1.83 -2.00
CA SER A 555 17.33 2.60 -3.14
C SER A 555 18.57 3.00 -3.93
N GLU A 556 18.92 2.22 -4.93
CA GLU A 556 19.96 2.60 -5.85
C GLU A 556 19.40 3.20 -7.13
N ALA A 557 18.08 3.24 -7.25
CA ALA A 557 17.45 4.00 -8.32
C ALA A 557 17.80 5.47 -8.27
N ASN A 558 18.34 5.96 -7.16
CA ASN A 558 18.84 7.32 -7.14
C ASN A 558 20.20 7.48 -7.79
N VAL A 559 20.85 6.40 -8.22
CA VAL A 559 22.07 6.60 -8.97
C VAL A 559 21.77 7.28 -10.29
N ARG A 560 20.60 7.01 -10.88
CA ARG A 560 20.27 7.58 -12.18
C ARG A 560 20.21 9.09 -12.13
N GLU A 561 19.60 9.65 -11.11
CA GLU A 561 19.50 11.11 -11.09
C GLU A 561 20.81 11.77 -10.75
N ILE A 562 21.73 11.05 -10.14
CA ILE A 562 23.04 11.63 -9.87
C ILE A 562 23.66 11.83 -11.24
N PHE A 563 23.56 10.80 -12.08
CA PHE A 563 24.07 10.85 -13.45
C PHE A 563 23.30 11.83 -14.34
N ASP A 564 21.97 11.86 -14.20
CA ASP A 564 21.16 12.77 -14.99
C ASP A 564 21.59 14.17 -14.62
N LYS A 565 21.84 14.38 -13.33
CA LYS A 565 22.27 15.67 -12.83
C LYS A 565 23.62 16.00 -13.47
N ALA A 566 24.48 15.01 -13.57
CA ALA A 566 25.80 15.20 -14.19
C ALA A 566 25.68 15.56 -15.67
N ARG A 567 24.76 14.90 -16.36
CA ARG A 567 24.54 15.13 -17.78
C ARG A 567 24.09 16.57 -18.02
N GLN A 568 23.20 17.06 -17.17
CA GLN A 568 22.69 18.42 -17.24
C GLN A 568 23.76 19.45 -16.90
N ALA A 569 24.71 19.08 -16.05
CA ALA A 569 25.76 19.98 -15.59
C ALA A 569 26.97 19.99 -16.52
N ALA A 570 26.92 19.24 -17.61
CA ALA A 570 28.06 19.02 -18.46
C ALA A 570 28.53 20.33 -19.10
N PRO A 571 29.84 20.44 -19.36
CA PRO A 571 30.92 19.55 -18.92
C PRO A 571 31.14 19.49 -17.41
N CYS A 572 31.15 18.30 -16.81
CA CYS A 572 31.51 18.21 -15.41
C CYS A 572 32.49 17.08 -15.21
N VAL A 573 33.11 17.08 -14.03
CA VAL A 573 33.82 15.94 -13.49
C VAL A 573 32.97 15.36 -12.38
N LEU A 574 32.53 14.14 -12.54
CA LEU A 574 31.71 13.46 -11.54
C LEU A 574 32.62 12.58 -10.71
N PHE A 575 32.79 12.92 -9.44
CA PHE A 575 33.77 12.27 -8.58
C PHE A 575 33.08 11.42 -7.53
N PHE A 576 33.47 10.16 -7.46
CA PHE A 576 33.04 9.26 -6.39
C PHE A 576 34.13 9.12 -5.35
N ASP A 577 33.93 9.77 -4.22
CA ASP A 577 34.68 9.49 -3.01
C ASP A 577 34.47 8.05 -2.58
N GLU A 578 35.49 7.48 -1.96
CA GLU A 578 35.33 6.40 -1.02
C GLU A 578 34.49 5.27 -1.64
N LEU A 579 34.85 4.92 -2.86
CA LEU A 579 34.02 4.05 -3.68
C LEU A 579 33.99 2.61 -3.17
N ASP A 580 34.81 2.27 -2.18
CA ASP A 580 34.74 0.98 -1.49
C ASP A 580 33.95 1.04 -0.21
N SER A 581 33.29 2.16 0.08
CA SER A 581 32.64 2.31 1.38
C SER A 581 31.58 1.24 1.61
N ILE A 582 30.96 0.73 0.55
CA ILE A 582 29.94 -0.29 0.76
C ILE A 582 30.56 -1.66 0.96
N ALA A 583 31.67 -1.94 0.29
CA ALA A 583 32.37 -3.19 0.54
C ALA A 583 32.87 -3.25 1.98
N LYS A 584 33.27 -2.11 2.54
CA LYS A 584 33.64 -2.09 3.95
C LYS A 584 32.43 -2.32 4.84
N ALA A 585 31.29 -1.74 4.49
CA ALA A 585 30.11 -1.88 5.33
C ALA A 585 29.71 -3.33 5.52
N ARG A 586 30.05 -4.18 4.57
CA ARG A 586 29.77 -5.59 4.69
C ARG A 586 30.87 -6.40 5.34
N GLY A 587 32.04 -5.84 5.52
CA GLY A 587 33.20 -6.68 5.52
C GLY A 587 34.42 -5.91 5.02
N GLY A 588 35.22 -6.59 4.23
CA GLY A 588 36.49 -6.08 3.77
C GLY A 588 37.65 -6.83 4.32
N ASN A 589 37.42 -7.68 5.32
CA ASN A 589 38.29 -8.80 5.53
C ASN A 589 37.58 -10.07 5.04
N ILE A 590 36.66 -10.62 5.83
CA ILE A 590 35.92 -11.82 5.42
C ILE A 590 34.59 -11.47 4.74
N GLY A 591 34.13 -10.24 4.87
CA GLY A 591 32.95 -9.75 4.18
C GLY A 591 31.69 -10.52 4.47
N ASP A 592 30.71 -10.27 3.62
CA ASP A 592 29.61 -11.20 3.47
C ASP A 592 30.08 -12.43 2.72
N GLY A 593 29.30 -13.50 2.82
CA GLY A 593 29.50 -14.60 1.90
C GLY A 593 29.43 -14.17 0.45
N GLY A 594 28.76 -13.06 0.16
CA GLY A 594 28.63 -12.62 -1.20
C GLY A 594 29.96 -12.20 -1.83
N GLY A 595 29.97 -12.16 -3.15
CA GLY A 595 31.09 -11.63 -3.90
C GLY A 595 31.09 -10.12 -3.91
N ALA A 596 31.96 -9.57 -4.74
CA ALA A 596 32.27 -8.15 -4.66
C ALA A 596 31.13 -7.26 -5.14
N ALA A 597 30.13 -7.81 -5.81
CA ALA A 597 29.06 -7.00 -6.36
C ALA A 597 28.06 -6.60 -5.29
N ASP A 598 27.37 -5.50 -5.51
CA ASP A 598 26.22 -5.11 -4.70
C ASP A 598 25.42 -4.05 -5.42
N ARG A 599 24.27 -3.74 -4.86
CA ARG A 599 23.26 -2.95 -5.52
C ARG A 599 23.58 -1.56 -6.04
N VAL A 600 24.43 -0.83 -5.34
CA VAL A 600 24.70 0.53 -5.75
C VAL A 600 25.80 0.57 -6.78
N ILE A 601 26.88 -0.16 -6.55
CA ILE A 601 27.96 -0.18 -7.50
C ILE A 601 27.50 -0.82 -8.79
N ASN A 602 26.48 -1.66 -8.72
CA ASN A 602 25.90 -2.22 -9.94
C ASN A 602 25.22 -1.15 -10.78
N GLN A 603 24.48 -0.24 -10.16
CA GLN A 603 23.84 0.81 -10.94
C GLN A 603 24.84 1.77 -11.53
N ILE A 604 25.92 2.05 -10.82
CA ILE A 604 26.98 2.87 -11.38
C ILE A 604 27.54 2.22 -12.64
N LEU A 605 27.70 0.90 -12.63
CA LEU A 605 28.10 0.20 -13.85
C LEU A 605 27.03 0.35 -14.93
N THR A 606 25.78 0.09 -14.60
CA THR A 606 24.69 0.25 -15.56
C THR A 606 24.68 1.67 -16.15
N GLU A 607 24.88 2.68 -15.31
CA GLU A 607 24.72 4.05 -15.80
C GLU A 607 25.99 4.59 -16.47
N MET A 608 27.13 3.95 -16.27
CA MET A 608 28.31 4.31 -17.05
C MET A 608 28.21 3.76 -18.46
N ASP A 609 27.76 2.53 -18.61
CA ASP A 609 27.65 1.92 -19.92
C ASP A 609 26.57 2.58 -20.77
N GLY A 610 25.56 3.13 -20.09
CA GLY A 610 24.43 3.78 -20.72
C GLY A 610 24.61 5.25 -21.04
N MET A 611 25.79 5.78 -20.71
CA MET A 611 26.08 7.18 -20.98
C MET A 611 26.04 7.39 -22.49
N SER A 612 25.61 8.56 -22.93
CA SER A 612 25.54 8.83 -24.36
C SER A 612 26.92 9.24 -24.86
N THR A 613 27.84 8.29 -24.79
CA THR A 613 29.22 8.50 -25.21
C THR A 613 29.88 9.43 -24.22
N LYS A 614 31.04 9.96 -24.57
CA LYS A 614 31.71 10.90 -23.71
C LYS A 614 31.23 12.26 -24.19
N LYS A 615 30.42 12.91 -23.37
CA LYS A 615 29.88 14.21 -23.70
C LYS A 615 30.03 15.23 -22.59
N ASN A 616 31.25 15.67 -22.33
CA ASN A 616 31.48 16.66 -21.29
C ASN A 616 31.45 16.08 -19.88
N VAL A 617 31.29 14.76 -19.75
CA VAL A 617 31.26 14.15 -18.42
C VAL A 617 32.41 13.17 -18.20
N PHE A 618 33.26 13.50 -17.23
CA PHE A 618 34.40 12.66 -16.89
C PHE A 618 34.24 12.07 -15.49
N ILE A 619 34.41 10.77 -15.37
CA ILE A 619 34.27 10.11 -14.08
C ILE A 619 35.59 9.81 -13.38
N ILE A 620 35.65 10.10 -12.09
CA ILE A 620 36.84 9.82 -11.30
C ILE A 620 36.40 9.07 -10.05
N GLY A 621 36.84 7.84 -9.90
CA GLY A 621 36.70 7.14 -8.65
C GLY A 621 37.95 7.26 -7.80
N ALA A 622 37.76 7.19 -6.49
CA ALA A 622 38.89 7.18 -5.57
C ALA A 622 38.59 6.19 -4.47
N THR A 623 39.60 5.42 -4.10
CA THR A 623 39.43 4.41 -3.08
C THR A 623 40.73 4.27 -2.31
N ASN A 624 40.58 3.94 -1.03
CA ASN A 624 41.70 3.47 -0.23
C ASN A 624 41.89 1.97 -0.41
N ARG A 625 40.81 1.22 -0.54
CA ARG A 625 40.97 -0.22 -0.61
C ARG A 625 40.68 -0.70 -2.03
N PRO A 626 41.71 -0.86 -2.88
CA PRO A 626 41.46 -1.44 -4.19
C PRO A 626 41.20 -2.94 -4.14
N ASP A 627 41.64 -3.60 -3.08
CA ASP A 627 41.34 -5.01 -2.87
C ASP A 627 39.86 -5.30 -3.04
N ILE A 628 39.02 -4.55 -2.32
CA ILE A 628 37.62 -4.88 -2.18
C ILE A 628 36.77 -4.23 -3.26
N ILE A 629 37.35 -3.42 -4.13
CA ILE A 629 36.64 -2.89 -5.28
C ILE A 629 36.16 -4.04 -6.15
N ASP A 630 34.91 -3.96 -6.58
CA ASP A 630 34.38 -4.90 -7.55
C ASP A 630 35.20 -4.84 -8.82
N PRO A 631 35.86 -5.93 -9.22
CA PRO A 631 36.74 -5.86 -10.39
C PRO A 631 36.04 -5.52 -11.68
N ALA A 632 34.70 -5.62 -11.73
CA ALA A 632 33.96 -5.15 -12.90
C ALA A 632 34.01 -3.64 -13.07
N ILE A 633 34.38 -2.90 -12.03
CA ILE A 633 34.57 -1.45 -12.13
C ILE A 633 35.70 -1.14 -13.10
N LEU A 634 36.71 -1.99 -13.13
CA LEU A 634 37.99 -1.71 -13.75
C LEU A 634 38.03 -2.14 -15.21
N ARG A 635 36.91 -2.55 -15.78
CA ARG A 635 36.85 -3.14 -17.10
C ARG A 635 36.92 -2.08 -18.20
N PRO A 636 37.24 -2.50 -19.43
CA PRO A 636 37.32 -1.53 -20.53
C PRO A 636 35.98 -0.91 -20.85
N GLY A 637 35.98 0.43 -20.93
CA GLY A 637 34.78 1.22 -21.17
C GLY A 637 34.26 1.81 -19.88
N ARG A 638 34.88 1.43 -18.77
CA ARG A 638 34.53 1.92 -17.44
C ARG A 638 35.71 2.76 -16.94
N LEU A 639 36.02 2.66 -15.65
CA LEU A 639 37.14 3.40 -15.08
C LEU A 639 38.44 2.64 -15.31
N ASP A 640 38.88 2.62 -16.57
CA ASP A 640 40.10 1.92 -16.99
C ASP A 640 41.47 2.40 -16.47
N GLN A 641 41.67 3.71 -16.38
CA GLN A 641 42.94 4.25 -15.94
C GLN A 641 43.03 4.18 -14.43
N LEU A 642 43.89 3.30 -13.92
CA LEU A 642 44.23 3.28 -12.51
C LEU A 642 45.48 4.12 -12.30
N ILE A 643 45.37 5.12 -11.44
CA ILE A 643 46.49 5.95 -11.07
C ILE A 643 46.72 5.78 -9.58
N TYR A 644 47.97 5.57 -9.20
CA TYR A 644 48.33 5.35 -7.80
C TYR A 644 48.85 6.65 -7.21
N ILE A 645 48.11 7.20 -6.26
CA ILE A 645 48.51 8.40 -5.53
C ILE A 645 49.22 7.94 -4.27
N PRO A 646 50.54 8.03 -4.20
CA PRO A 646 51.29 7.46 -3.07
C PRO A 646 51.52 8.49 -1.97
N LEU A 647 52.19 8.10 -0.89
CA LEU A 647 52.55 9.08 0.12
C LEU A 647 53.57 10.06 -0.46
N PRO A 648 53.52 11.31 -0.03
CA PRO A 648 54.53 12.27 -0.48
C PRO A 648 55.92 11.94 0.05
N ASP A 649 56.92 12.47 -0.65
CA ASP A 649 58.28 12.58 -0.15
C ASP A 649 58.54 14.02 0.27
N GLU A 650 59.72 14.27 0.83
CA GLU A 650 59.98 15.55 1.45
C GLU A 650 60.09 16.68 0.45
N LYS A 651 60.30 16.39 -0.83
CA LYS A 651 60.13 17.45 -1.83
C LYS A 651 58.66 17.82 -1.93
N SER A 652 57.81 16.83 -2.14
CA SER A 652 56.37 17.06 -2.14
C SER A 652 55.85 17.39 -0.75
N ARG A 653 56.59 17.10 0.31
CA ARG A 653 56.18 17.54 1.64
C ARG A 653 56.46 19.02 1.84
N VAL A 654 57.60 19.51 1.36
CA VAL A 654 57.84 20.94 1.38
C VAL A 654 56.76 21.67 0.59
N ALA A 655 56.32 21.08 -0.51
CA ALA A 655 55.32 21.72 -1.34
C ALA A 655 53.96 21.70 -0.67
N ILE A 656 53.63 20.58 -0.02
CA ILE A 656 52.36 20.47 0.71
C ILE A 656 52.32 21.46 1.87
N LEU A 657 53.39 21.52 2.66
CA LEU A 657 53.49 22.53 3.71
C LEU A 657 53.34 23.94 3.15
N LYS A 658 54.11 24.28 2.11
CA LYS A 658 53.98 25.60 1.52
C LYS A 658 52.58 25.84 1.00
N ALA A 659 51.96 24.82 0.42
CA ALA A 659 50.66 25.00 -0.17
C ALA A 659 49.58 25.21 0.87
N ASN A 660 49.71 24.56 2.03
CA ASN A 660 48.73 24.80 3.08
C ASN A 660 48.91 26.16 3.71
N LEU A 661 50.15 26.60 3.89
CA LEU A 661 50.46 27.82 4.64
C LEU A 661 50.36 29.10 3.82
N ARG A 662 49.98 29.01 2.54
CA ARG A 662 49.90 30.19 1.71
C ARG A 662 48.76 31.12 2.10
N LYS A 663 47.85 30.67 2.96
CA LYS A 663 46.76 31.54 3.36
C LYS A 663 47.07 32.21 4.70
N SER A 664 46.98 31.45 5.78
CA SER A 664 47.27 31.98 7.10
C SER A 664 48.65 32.61 7.14
N PRO A 665 48.78 33.87 7.56
CA PRO A 665 50.09 34.53 7.50
C PRO A 665 51.06 33.90 8.49
N VAL A 666 52.33 33.96 8.15
CA VAL A 666 53.37 33.20 8.81
C VAL A 666 54.57 34.10 9.08
N ALA A 667 55.12 34.00 10.29
CA ALA A 667 56.28 34.79 10.67
C ALA A 667 57.56 34.05 10.28
N LYS A 668 58.49 34.79 9.67
CA LYS A 668 59.49 34.23 8.78
C LYS A 668 60.50 33.31 9.47
N ASP A 669 60.63 33.42 10.79
CA ASP A 669 61.63 32.66 11.54
C ASP A 669 61.40 31.15 11.51
N VAL A 670 60.15 30.69 11.40
CA VAL A 670 59.87 29.25 11.36
C VAL A 670 60.38 28.66 10.06
N ASP A 671 60.94 27.44 10.14
CA ASP A 671 61.65 26.81 9.03
C ASP A 671 60.85 25.65 8.49
N LEU A 672 60.47 25.74 7.22
CA LEU A 672 59.53 24.80 6.63
C LEU A 672 60.22 23.65 5.91
N GLU A 673 61.54 23.73 5.71
CA GLU A 673 62.27 22.65 5.05
C GLU A 673 62.59 21.53 6.03
N PHE A 674 62.76 21.85 7.31
CA PHE A 674 63.16 20.87 8.30
C PHE A 674 61.98 20.02 8.75
N LEU A 675 60.85 20.65 9.06
CA LEU A 675 59.64 19.94 9.46
C LEU A 675 59.32 18.83 8.48
N ALA A 676 59.63 19.03 7.20
CA ALA A 676 59.38 18.01 6.19
C ALA A 676 60.14 16.74 6.52
N LYS A 677 61.46 16.74 6.30
CA LYS A 677 62.22 15.50 6.35
C LYS A 677 62.13 14.81 7.70
N MET A 678 61.77 15.55 8.75
CA MET A 678 61.64 14.95 10.06
C MET A 678 60.40 14.08 10.16
N THR A 679 59.33 14.43 9.45
CA THR A 679 58.13 13.60 9.45
C THR A 679 58.29 12.61 8.29
N ASN A 680 58.62 11.36 8.64
CA ASN A 680 59.20 10.46 7.65
C ASN A 680 58.14 9.87 6.74
N GLY A 681 57.06 9.38 7.34
CA GLY A 681 56.03 8.64 6.65
C GLY A 681 54.66 9.26 6.54
N PHE A 682 54.53 10.57 6.77
CA PHE A 682 53.19 11.16 6.84
C PHE A 682 52.50 11.24 5.49
N SER A 683 51.19 11.04 5.51
CA SER A 683 50.31 11.41 4.41
C SER A 683 50.13 12.92 4.35
N GLY A 684 49.62 13.40 3.23
CA GLY A 684 49.33 14.82 3.10
C GLY A 684 48.37 15.35 4.14
N ALA A 685 47.43 14.53 4.59
CA ALA A 685 46.48 14.98 5.59
C ALA A 685 47.10 15.07 6.97
N ASP A 686 48.07 14.20 7.25
CA ASP A 686 48.78 14.26 8.52
C ASP A 686 49.57 15.54 8.69
N LEU A 687 49.98 16.17 7.59
CA LEU A 687 50.68 17.45 7.66
C LEU A 687 49.70 18.60 7.84
N THR A 688 48.48 18.41 7.39
CA THR A 688 47.41 19.37 7.67
C THR A 688 47.07 19.39 9.15
N GLU A 689 47.13 18.22 9.80
CA GLU A 689 46.89 18.16 11.24
C GLU A 689 47.88 19.05 11.99
N ILE A 690 49.17 18.95 11.63
CA ILE A 690 50.19 19.74 12.30
C ILE A 690 49.99 21.22 12.01
N CYS A 691 49.83 21.58 10.74
CA CYS A 691 49.62 22.98 10.41
C CYS A 691 48.40 23.53 11.14
N GLN A 692 47.34 22.73 11.21
CA GLN A 692 46.15 23.09 11.97
C GLN A 692 46.36 22.99 13.48
N ARG A 693 47.27 22.13 13.93
CA ARG A 693 47.54 22.08 15.36
C ARG A 693 48.24 23.35 15.81
N ALA A 694 49.13 23.88 14.97
CA ALA A 694 49.88 25.09 15.31
C ALA A 694 49.06 26.35 15.10
N CYS A 695 48.29 26.45 14.01
CA CYS A 695 47.42 27.61 13.85
C CYS A 695 46.41 27.70 14.97
N LYS A 696 46.00 26.55 15.52
CA LYS A 696 45.11 26.58 16.68
C LYS A 696 45.77 27.29 17.84
N LEU A 697 47.00 26.90 18.17
CA LEU A 697 47.76 27.51 19.25
C LEU A 697 47.99 29.01 19.04
N ALA A 698 48.18 29.45 17.81
CA ALA A 698 48.34 30.88 17.57
C ALA A 698 47.07 31.63 17.94
N ILE A 699 45.91 31.12 17.52
CA ILE A 699 44.65 31.68 17.97
C ILE A 699 44.54 31.56 19.48
N ARG A 700 45.03 30.45 20.03
CA ARG A 700 45.08 30.26 21.47
C ARG A 700 45.88 31.38 22.14
N GLU A 701 47.01 31.78 21.55
CA GLU A 701 47.77 32.91 22.06
C GLU A 701 47.01 34.22 21.85
N SER A 702 46.64 34.51 20.61
CA SER A 702 46.04 35.79 20.27
C SER A 702 44.89 36.18 21.20
N ILE A 703 43.97 35.24 21.45
CA ILE A 703 42.81 35.56 22.28
C ILE A 703 43.19 35.64 23.75
N GLU A 704 44.21 34.90 24.18
CA GLU A 704 44.62 34.95 25.59
C GLU A 704 45.58 36.10 25.85
N SER A 705 46.15 36.70 24.81
CA SER A 705 47.09 37.79 25.01
C SER A 705 46.37 39.12 25.25
N GLU A 706 45.25 39.35 24.56
CA GLU A 706 44.53 40.59 24.84
C GLU A 706 43.66 40.48 26.09
N ILE A 707 43.21 39.29 26.44
CA ILE A 707 42.66 39.06 27.77
C ILE A 707 43.80 38.75 28.74
N VAL A 728 50.89 41.08 17.85
CA VAL A 728 51.38 39.84 18.47
C VAL A 728 50.57 38.56 18.19
N PRO A 729 49.38 38.65 17.56
CA PRO A 729 48.78 37.44 17.00
C PRO A 729 49.47 36.93 15.74
N GLU A 730 50.56 36.17 15.89
CA GLU A 730 51.28 35.60 14.75
C GLU A 730 51.73 34.18 15.06
N ILE A 731 52.20 33.47 14.03
CA ILE A 731 52.56 32.07 14.14
C ILE A 731 54.08 31.95 14.18
N ARG A 732 54.57 31.02 15.00
CA ARG A 732 55.93 31.05 15.49
C ARG A 732 56.60 29.71 15.21
N ARG A 733 57.93 29.67 15.33
CA ARG A 733 58.63 28.40 15.17
C ARG A 733 58.32 27.44 16.30
N ASP A 734 58.04 27.94 17.50
CA ASP A 734 57.80 27.06 18.64
C ASP A 734 56.41 26.44 18.61
N HIS A 735 55.44 27.07 17.92
CA HIS A 735 54.13 26.44 17.78
C HIS A 735 54.22 25.16 16.97
N PHE A 736 54.85 25.22 15.79
CA PHE A 736 55.10 24.00 15.05
C PHE A 736 55.95 23.01 15.83
N GLU A 737 56.59 23.45 16.91
CA GLU A 737 57.22 22.50 17.82
C GLU A 737 56.22 21.90 18.79
N GLU A 738 55.28 22.71 19.28
CA GLU A 738 54.26 22.21 20.19
C GLU A 738 53.21 21.40 19.44
N ALA A 739 52.85 21.87 18.24
CA ALA A 739 52.08 21.07 17.30
C ALA A 739 52.75 19.73 17.06
N MET A 740 54.07 19.72 16.89
CA MET A 740 54.77 18.49 16.59
C MET A 740 54.75 17.51 17.75
N ARG A 741 54.52 18.00 18.97
CA ARG A 741 54.46 17.08 20.10
C ARG A 741 53.31 16.12 19.95
N PHE A 742 52.27 16.50 19.24
CA PHE A 742 51.09 15.69 18.98
C PHE A 742 51.13 14.98 17.64
N ALA A 743 52.24 15.06 16.91
CA ALA A 743 52.27 14.60 15.52
C ALA A 743 52.10 13.10 15.42
N ARG A 744 51.15 12.69 14.62
CA ARG A 744 50.66 11.33 14.54
C ARG A 744 50.71 10.90 13.08
N ARG A 745 50.98 9.63 12.83
CA ARG A 745 51.07 9.15 11.45
C ARG A 745 49.95 8.14 11.20
N SER A 746 48.97 8.54 10.37
CA SER A 746 47.76 7.74 10.19
C SER A 746 48.08 6.42 9.51
N VAL A 747 48.82 6.46 8.42
CA VAL A 747 48.94 5.32 7.52
C VAL A 747 50.14 4.49 7.97
N SER A 748 49.86 3.29 8.50
CA SER A 748 50.89 2.40 8.98
C SER A 748 51.78 1.92 7.85
N ASP A 749 52.98 1.50 8.20
CA ASP A 749 53.93 1.13 7.17
C ASP A 749 53.71 -0.25 6.58
N ASN A 750 52.98 -1.13 7.26
CA ASN A 750 52.73 -2.42 6.63
C ASN A 750 51.79 -2.28 5.45
N ASP A 751 50.83 -1.36 5.53
CA ASP A 751 49.85 -1.26 4.46
C ASP A 751 50.40 -0.51 3.25
N ILE A 752 51.43 0.31 3.46
CA ILE A 752 51.99 1.03 2.34
C ILE A 752 52.36 -0.08 1.35
N ARG A 753 52.83 -1.20 1.88
CA ARG A 753 53.16 -2.35 1.06
C ARG A 753 51.93 -2.87 0.32
N LYS A 754 50.77 -2.87 0.97
CA LYS A 754 49.54 -3.35 0.35
C LYS A 754 49.23 -2.49 -0.88
N TYR A 755 49.38 -1.19 -0.74
CA TYR A 755 49.23 -0.27 -1.85
C TYR A 755 50.31 -0.50 -2.89
N GLU A 756 51.56 -0.56 -2.45
CA GLU A 756 52.66 -0.80 -3.37
C GLU A 756 52.45 -2.17 -3.97
N MET A 757 52.02 -3.12 -3.14
CA MET A 757 51.80 -4.48 -3.60
C MET A 757 50.72 -4.51 -4.67
N PHE A 758 49.63 -3.80 -4.42
CA PHE A 758 48.54 -3.75 -5.39
C PHE A 758 49.12 -3.04 -6.62
N ALA A 759 49.86 -1.97 -6.34
CA ALA A 759 50.51 -1.18 -7.37
C ALA A 759 51.64 -1.92 -8.10
N GLN A 760 52.45 -2.68 -7.36
CA GLN A 760 53.58 -3.40 -7.93
C GLN A 760 53.11 -4.54 -8.82
N THR A 761 51.93 -5.09 -8.54
CA THR A 761 51.30 -6.02 -9.47
C THR A 761 50.85 -5.34 -10.76
N LEU A 762 50.33 -4.13 -10.66
CA LEU A 762 49.63 -3.53 -11.80
C LEU A 762 50.52 -3.20 -12.98
N GLN A 763 51.84 -3.14 -12.80
CA GLN A 763 52.78 -2.93 -13.88
C GLN A 763 52.38 -1.73 -14.76
N ASN B 21 1.11 -12.82 -71.01
CA ASN B 21 0.09 -12.80 -72.06
C ASN B 21 0.02 -11.45 -72.77
N ARG B 22 1.15 -11.07 -73.33
CA ARG B 22 1.30 -9.83 -74.05
C ARG B 22 1.10 -8.68 -73.07
N PRO B 23 1.37 -8.89 -71.77
CA PRO B 23 1.16 -7.78 -70.85
C PRO B 23 2.13 -6.62 -71.10
N ASN B 24 1.68 -5.40 -70.83
CA ASN B 24 2.52 -4.22 -71.01
C ASN B 24 3.90 -4.45 -70.39
N ARG B 25 3.94 -4.57 -69.06
CA ARG B 25 5.21 -4.80 -68.36
C ARG B 25 5.61 -3.72 -67.35
N LEU B 26 4.67 -2.83 -66.99
CA LEU B 26 4.96 -1.76 -66.04
C LEU B 26 4.23 -1.86 -64.70
N ILE B 27 5.00 -1.73 -63.61
CA ILE B 27 4.47 -1.76 -62.24
C ILE B 27 5.08 -0.53 -61.56
N VAL B 28 4.46 0.02 -60.51
CA VAL B 28 5.06 1.21 -59.94
C VAL B 28 5.55 0.93 -58.53
N ASP B 29 6.68 1.54 -58.18
CA ASP B 29 7.40 1.10 -57.01
C ASP B 29 8.06 2.31 -56.38
N GLU B 30 8.39 2.21 -55.09
CA GLU B 30 9.22 3.24 -54.50
C GLU B 30 10.61 3.11 -55.10
N ALA B 31 11.33 4.23 -55.14
CA ALA B 31 12.69 4.28 -55.70
C ALA B 31 13.61 4.81 -54.62
N ILE B 32 14.54 3.98 -54.16
CA ILE B 32 15.37 4.44 -53.05
C ILE B 32 16.48 5.36 -53.54
N ASN B 33 17.11 5.04 -54.67
CA ASN B 33 18.15 5.92 -55.20
C ASN B 33 17.54 7.29 -55.49
N GLU B 34 18.34 8.34 -55.28
CA GLU B 34 17.83 9.70 -55.12
C GLU B 34 18.00 10.48 -56.42
N ASP B 35 16.88 10.77 -57.09
CA ASP B 35 16.90 11.33 -58.44
C ASP B 35 15.65 12.13 -58.74
N ASN B 36 15.83 13.24 -59.46
CA ASN B 36 14.73 13.99 -60.06
C ASN B 36 14.55 13.43 -61.46
N SER B 37 13.45 12.72 -61.70
CA SER B 37 13.11 12.19 -63.02
C SER B 37 14.23 11.30 -63.57
N VAL B 38 14.46 10.20 -62.85
CA VAL B 38 15.25 9.09 -63.36
C VAL B 38 14.56 7.81 -62.94
N VAL B 39 14.67 6.78 -63.77
CA VAL B 39 13.95 5.53 -63.62
C VAL B 39 14.93 4.37 -63.76
N SER B 40 14.72 3.32 -62.96
CA SER B 40 15.37 2.04 -63.14
C SER B 40 14.43 1.08 -63.86
N LEU B 41 15.00 0.19 -64.67
CA LEU B 41 14.19 -0.81 -65.35
C LEU B 41 15.01 -2.08 -65.57
N SER B 42 14.35 -3.22 -65.44
CA SER B 42 15.01 -4.50 -65.17
C SER B 42 15.96 -4.95 -66.28
N GLN B 43 17.16 -5.39 -65.88
CA GLN B 43 18.10 -6.04 -66.79
C GLN B 43 17.64 -7.43 -67.27
N PRO B 44 17.01 -8.28 -66.43
CA PRO B 44 16.70 -9.65 -66.90
C PRO B 44 15.97 -9.66 -68.23
N LYS B 45 15.20 -8.61 -68.52
CA LYS B 45 14.84 -8.27 -69.90
C LYS B 45 15.14 -6.79 -70.12
N MET B 46 16.18 -6.51 -70.92
CA MET B 46 16.31 -5.24 -71.61
C MET B 46 15.89 -5.29 -73.06
N ASP B 47 15.56 -6.45 -73.61
CA ASP B 47 15.33 -6.48 -75.04
C ASP B 47 13.87 -6.28 -75.41
N GLU B 48 12.95 -6.33 -74.43
CA GLU B 48 11.53 -6.26 -74.78
C GLU B 48 11.13 -4.83 -75.13
N LEU B 49 11.42 -3.88 -74.24
CA LEU B 49 11.28 -2.47 -74.61
C LEU B 49 12.50 -1.96 -75.36
N GLN B 50 13.70 -2.42 -74.97
CA GLN B 50 14.95 -2.10 -75.67
C GLN B 50 15.21 -0.60 -75.73
N LEU B 51 15.68 -0.08 -74.61
CA LEU B 51 16.05 1.31 -74.47
C LEU B 51 17.49 1.27 -74.01
N PHE B 52 18.36 1.93 -74.76
CA PHE B 52 19.78 1.96 -74.45
C PHE B 52 20.01 2.65 -73.11
N ARG B 53 19.13 3.59 -72.81
CA ARG B 53 19.08 4.44 -71.61
C ARG B 53 19.37 5.88 -71.96
N GLY B 54 18.84 6.79 -71.16
CA GLY B 54 19.01 8.21 -71.35
C GLY B 54 18.10 8.63 -72.48
N ASP B 55 17.28 7.69 -72.93
CA ASP B 55 16.36 7.91 -74.03
C ASP B 55 14.98 8.28 -73.51
N THR B 56 14.46 9.39 -74.00
CA THR B 56 13.15 9.89 -73.60
C THR B 56 12.08 8.83 -73.82
N VAL B 57 11.21 8.65 -72.83
CA VAL B 57 10.26 7.55 -72.85
C VAL B 57 8.90 8.06 -72.38
N LEU B 58 7.85 7.38 -72.80
CA LEU B 58 6.49 7.71 -72.38
C LEU B 58 6.23 7.15 -70.99
N LEU B 59 5.30 7.79 -70.29
CA LEU B 59 4.70 7.19 -69.10
C LEU B 59 3.21 7.52 -69.12
N LYS B 60 2.37 6.50 -68.97
CA LYS B 60 0.94 6.73 -69.07
C LYS B 60 0.33 6.82 -67.68
N GLY B 61 -0.34 7.93 -67.41
CA GLY B 61 -0.93 8.23 -66.13
C GLY B 61 -2.37 7.79 -66.08
N LYS B 62 -3.20 8.60 -65.44
CA LYS B 62 -4.63 8.39 -65.44
C LYS B 62 -5.30 9.61 -66.04
N LYS B 63 -6.58 9.46 -66.37
CA LYS B 63 -7.46 10.62 -66.57
C LYS B 63 -7.18 11.37 -67.86
N ARG B 64 -6.26 10.86 -68.69
CA ARG B 64 -5.43 11.61 -69.63
C ARG B 64 -4.33 12.45 -68.97
N ARG B 65 -3.29 11.78 -68.48
CA ARG B 65 -1.99 12.39 -68.20
C ARG B 65 -0.86 11.45 -68.57
N GLU B 66 0.30 12.04 -68.88
CA GLU B 66 1.48 11.29 -69.27
C GLU B 66 2.73 11.98 -68.68
N ALA B 67 3.85 11.25 -68.68
CA ALA B 67 5.11 11.81 -68.20
C ALA B 67 6.28 11.29 -69.00
N VAL B 68 7.41 11.99 -68.86
CA VAL B 68 8.65 11.68 -69.56
C VAL B 68 9.79 11.65 -68.56
N CYS B 69 10.57 10.57 -68.57
CA CYS B 69 11.67 10.40 -67.64
C CYS B 69 12.80 9.62 -68.31
N ILE B 70 13.94 9.61 -67.63
CA ILE B 70 15.19 9.03 -68.11
C ILE B 70 15.40 7.71 -67.38
N VAL B 71 16.01 6.73 -68.05
CA VAL B 71 16.09 5.36 -67.55
C VAL B 71 17.53 4.93 -67.30
N LEU B 72 17.74 4.26 -66.16
CA LEU B 72 19.03 3.70 -65.79
C LEU B 72 18.85 2.26 -65.32
N SER B 73 19.97 1.58 -65.11
CA SER B 73 20.00 0.15 -64.85
C SER B 73 20.42 -0.14 -63.41
N ASP B 74 19.84 -1.19 -62.83
CA ASP B 74 20.14 -1.59 -61.45
C ASP B 74 20.27 -3.10 -61.39
N ASP B 75 21.39 -3.61 -60.88
CA ASP B 75 21.47 -5.04 -60.62
C ASP B 75 20.42 -5.46 -59.61
N THR B 76 20.13 -4.60 -58.64
CA THR B 76 19.26 -4.92 -57.50
C THR B 76 17.82 -4.47 -57.71
N CYS B 77 17.47 -3.95 -58.87
CA CYS B 77 16.07 -3.82 -59.24
C CYS B 77 15.50 -5.20 -59.57
N SER B 78 14.20 -5.35 -59.41
CA SER B 78 13.54 -6.60 -59.74
C SER B 78 13.24 -6.70 -61.23
N ASP B 79 13.16 -7.93 -61.73
CA ASP B 79 12.51 -8.16 -63.02
C ASP B 79 11.03 -7.76 -62.97
N GLU B 80 10.48 -7.61 -61.76
CA GLU B 80 9.05 -7.38 -61.60
C GLU B 80 8.66 -5.91 -61.80
N LYS B 81 9.43 -4.97 -61.22
CA LYS B 81 8.91 -3.61 -60.98
C LYS B 81 9.96 -2.53 -61.24
N ILE B 82 9.55 -1.28 -60.99
CA ILE B 82 10.17 -0.08 -61.58
C ILE B 82 10.35 0.99 -60.52
N ARG B 83 11.61 1.38 -60.30
CA ARG B 83 11.95 2.41 -59.31
C ARG B 83 11.67 3.79 -59.91
N MET B 84 10.74 4.52 -59.31
CA MET B 84 10.45 5.89 -59.69
C MET B 84 10.03 6.65 -58.45
N ASN B 85 10.09 7.99 -58.51
CA ASN B 85 10.04 8.80 -57.30
C ASN B 85 8.68 9.49 -57.16
N ARG B 86 8.59 10.36 -56.16
CA ARG B 86 7.35 10.97 -55.72
C ARG B 86 6.91 12.14 -56.60
N VAL B 87 7.84 12.83 -57.28
CA VAL B 87 7.38 13.88 -58.19
C VAL B 87 6.76 13.29 -59.46
N VAL B 88 7.34 12.20 -59.99
CA VAL B 88 6.71 11.59 -61.15
C VAL B 88 5.38 10.98 -60.76
N ARG B 89 5.34 10.32 -59.61
CA ARG B 89 4.15 9.63 -59.17
C ARG B 89 2.98 10.59 -58.98
N ASN B 90 3.23 11.75 -58.36
CA ASN B 90 2.14 12.70 -58.13
C ASN B 90 1.64 13.31 -59.43
N ASN B 91 2.55 13.61 -60.37
CA ASN B 91 2.13 14.11 -61.69
C ASN B 91 1.12 13.16 -62.33
N LEU B 92 1.54 11.91 -62.51
CA LEU B 92 0.69 10.90 -63.13
C LEU B 92 -0.60 10.66 -62.36
N ARG B 93 -0.61 10.99 -61.06
CA ARG B 93 -1.62 10.51 -60.12
C ARG B 93 -1.67 8.99 -60.10
N VAL B 94 -0.52 8.38 -60.38
CA VAL B 94 -0.27 7.01 -59.99
C VAL B 94 0.03 6.93 -58.49
N ARG B 95 -0.05 5.72 -57.94
CA ARG B 95 0.31 5.44 -56.56
C ARG B 95 1.24 4.22 -56.53
N LEU B 96 1.81 3.93 -55.36
CA LEU B 96 2.61 2.72 -55.24
C LEU B 96 1.78 1.49 -55.54
N GLY B 97 2.45 0.45 -56.04
CA GLY B 97 1.81 -0.81 -56.34
C GLY B 97 0.90 -0.78 -57.54
N ASP B 98 0.63 0.40 -58.08
CA ASP B 98 -0.20 0.62 -59.25
C ASP B 98 0.56 0.23 -60.51
N VAL B 99 -0.17 0.18 -61.61
CA VAL B 99 0.42 -0.15 -62.90
C VAL B 99 0.02 0.89 -63.95
N ILE B 100 1.00 1.40 -64.68
CA ILE B 100 0.73 2.41 -65.70
C ILE B 100 1.17 1.89 -67.07
N SER B 101 0.31 2.04 -68.08
CA SER B 101 0.67 1.56 -69.40
C SER B 101 1.89 2.34 -69.82
N ILE B 102 2.89 1.64 -70.37
CA ILE B 102 4.12 2.28 -70.80
C ILE B 102 4.50 1.83 -72.19
N GLN B 103 5.20 2.70 -72.91
CA GLN B 103 5.63 2.41 -74.24
C GLN B 103 6.95 3.15 -74.45
N PRO B 104 7.97 2.49 -75.00
CA PRO B 104 9.13 3.23 -75.47
C PRO B 104 8.85 3.84 -76.82
N CYS B 105 9.28 5.09 -77.00
CA CYS B 105 9.63 5.62 -78.30
C CYS B 105 10.86 6.46 -77.98
N PRO B 106 11.93 6.33 -78.76
CA PRO B 106 13.21 6.96 -78.35
C PRO B 106 13.21 8.47 -78.48
N ASP B 107 12.43 9.02 -79.41
CA ASP B 107 12.68 10.35 -79.91
C ASP B 107 12.40 11.43 -78.85
N VAL B 108 13.06 12.57 -79.04
CA VAL B 108 12.91 13.76 -78.22
C VAL B 108 13.26 14.97 -79.07
N LYS B 109 12.56 16.08 -78.86
CA LYS B 109 12.79 17.31 -79.62
C LYS B 109 13.05 18.45 -78.65
N TYR B 110 14.08 19.23 -78.95
CA TYR B 110 14.54 20.32 -78.08
C TYR B 110 13.49 21.43 -78.01
N GLY B 111 13.68 22.32 -77.03
CA GLY B 111 12.74 23.39 -76.80
C GLY B 111 13.41 24.64 -76.26
N LYS B 112 12.60 25.67 -76.05
CA LYS B 112 13.09 26.99 -75.70
C LYS B 112 12.65 27.42 -74.29
N ARG B 113 13.58 28.06 -73.57
CA ARG B 113 13.29 29.06 -72.56
C ARG B 113 12.15 28.74 -71.59
N ILE B 114 12.03 27.49 -71.13
CA ILE B 114 10.78 27.01 -70.56
C ILE B 114 10.26 27.98 -69.50
N HIS B 115 8.94 28.10 -69.44
CA HIS B 115 8.25 29.11 -68.65
C HIS B 115 7.60 28.52 -67.40
N VAL B 116 7.59 29.31 -66.32
CA VAL B 116 7.53 28.84 -64.93
C VAL B 116 6.75 29.81 -64.05
N LEU B 117 5.91 29.24 -63.18
CA LEU B 117 5.08 30.01 -62.25
C LEU B 117 5.01 29.32 -60.88
N PRO B 118 4.83 30.17 -59.79
CA PRO B 118 4.75 29.46 -58.49
C PRO B 118 3.47 28.64 -58.39
N ILE B 119 3.51 27.54 -57.65
CA ILE B 119 2.33 26.67 -57.50
C ILE B 119 1.84 26.50 -56.07
N ASP B 120 0.53 26.71 -55.87
CA ASP B 120 -0.10 26.54 -54.57
C ASP B 120 0.24 27.66 -53.58
N ASP B 121 -0.03 27.42 -52.30
CA ASP B 121 0.24 28.42 -51.25
C ASP B 121 1.73 28.75 -51.16
N THR B 122 2.58 27.73 -51.31
CA THR B 122 4.01 27.94 -51.19
C THR B 122 4.58 29.00 -52.15
N VAL B 123 5.38 29.89 -51.55
CA VAL B 123 6.03 30.99 -52.25
C VAL B 123 6.65 31.94 -51.22
N GLU B 124 7.27 33.01 -51.71
CA GLU B 124 7.91 34.02 -50.84
C GLU B 124 9.27 33.54 -50.39
N GLY B 125 9.63 32.32 -50.81
CA GLY B 125 10.90 31.72 -50.49
C GLY B 125 12.06 32.46 -51.12
N ILE B 126 11.84 32.92 -52.35
CA ILE B 126 12.86 33.62 -53.11
C ILE B 126 12.60 35.12 -53.24
N THR B 127 13.62 35.92 -52.93
CA THR B 127 13.50 37.36 -53.03
C THR B 127 14.39 37.80 -54.19
N GLY B 128 13.82 38.53 -55.14
CA GLY B 128 14.60 38.98 -56.28
C GLY B 128 14.82 37.86 -57.29
N ASN B 129 16.07 37.64 -57.66
CA ASN B 129 16.38 36.60 -58.61
C ASN B 129 15.90 35.30 -57.98
N LEU B 130 15.18 34.48 -58.74
CA LEU B 130 14.70 33.23 -58.21
C LEU B 130 15.15 32.04 -59.02
N PHE B 131 15.83 32.30 -60.14
CA PHE B 131 16.42 31.25 -60.95
C PHE B 131 17.92 31.17 -60.73
N GLU B 132 18.46 32.15 -60.00
CA GLU B 132 19.81 32.02 -59.49
C GLU B 132 19.80 31.12 -58.26
N VAL B 133 18.88 31.39 -57.34
CA VAL B 133 18.76 30.59 -56.14
C VAL B 133 18.25 29.18 -56.45
N TYR B 134 17.59 28.99 -57.58
CA TYR B 134 16.93 27.71 -57.83
C TYR B 134 17.38 27.02 -59.11
N LEU B 135 17.19 27.63 -60.28
CA LEU B 135 17.22 26.84 -61.51
C LEU B 135 18.63 26.39 -61.88
N LYS B 136 19.58 27.33 -61.94
CA LYS B 136 20.85 27.07 -62.62
C LYS B 136 21.46 25.71 -62.30
N PRO B 137 21.63 25.29 -61.05
CA PRO B 137 22.27 23.98 -60.81
C PRO B 137 21.49 22.80 -61.34
N TYR B 138 20.15 22.85 -61.35
CA TYR B 138 19.39 21.65 -61.70
C TYR B 138 19.21 21.44 -63.20
N PHE B 139 19.04 22.49 -64.00
CA PHE B 139 19.01 22.30 -65.45
C PHE B 139 20.40 22.22 -66.04
N LEU B 140 21.42 22.18 -65.18
CA LEU B 140 22.81 22.21 -65.59
C LEU B 140 23.30 20.78 -65.90
N GLU B 141 23.64 20.53 -67.16
CA GLU B 141 24.12 19.23 -67.66
C GLU B 141 23.11 18.09 -67.53
N ALA B 142 21.95 18.33 -66.94
CA ALA B 142 21.02 17.24 -66.66
C ALA B 142 20.35 16.73 -67.93
N TYR B 143 19.91 17.64 -68.82
CA TYR B 143 18.95 17.30 -69.86
C TYR B 143 17.67 16.71 -69.25
N ARG B 144 17.16 17.36 -68.22
CA ARG B 144 15.93 16.90 -67.60
C ARG B 144 14.76 17.25 -68.52
N PRO B 145 14.08 16.27 -69.10
CA PRO B 145 12.91 16.57 -69.93
C PRO B 145 11.79 17.08 -69.05
N ILE B 146 11.21 18.21 -69.44
CA ILE B 146 10.27 18.92 -68.58
C ILE B 146 8.99 19.20 -69.36
N ARG B 147 7.86 18.87 -68.76
CA ARG B 147 6.56 18.80 -69.44
C ARG B 147 5.75 20.06 -69.20
N LYS B 148 4.91 20.39 -70.18
CA LYS B 148 3.76 21.24 -69.92
C LYS B 148 2.88 20.59 -68.84
N GLY B 149 2.42 21.41 -67.91
CA GLY B 149 1.36 20.99 -67.02
C GLY B 149 1.75 20.04 -65.91
N ASP B 150 3.01 20.06 -65.46
CA ASP B 150 3.43 19.21 -64.36
C ASP B 150 4.13 20.04 -63.30
N ILE B 151 4.28 19.44 -62.12
CA ILE B 151 4.97 20.07 -60.99
C ILE B 151 6.22 19.26 -60.70
N PHE B 152 7.29 19.95 -60.31
CA PHE B 152 8.56 19.34 -59.93
C PHE B 152 9.12 20.13 -58.76
N LEU B 153 10.17 19.60 -58.14
CA LEU B 153 10.65 20.13 -56.87
C LEU B 153 12.14 20.44 -56.96
N VAL B 154 12.52 21.65 -56.58
CA VAL B 154 13.92 22.06 -56.46
C VAL B 154 14.21 22.27 -54.98
N ARG B 155 15.35 21.74 -54.53
CA ARG B 155 15.73 21.87 -53.13
C ARG B 155 16.92 22.81 -53.00
N GLY B 156 16.88 23.63 -51.95
CA GLY B 156 18.05 24.40 -51.56
C GLY B 156 17.73 25.48 -50.55
N GLY B 157 18.75 25.97 -49.87
CA GLY B 157 18.58 27.09 -48.95
C GLY B 157 17.53 26.87 -47.88
N MET B 158 17.44 25.66 -47.35
CA MET B 158 16.60 25.36 -46.19
C MET B 158 15.13 25.54 -46.51
N ARG B 159 14.74 25.34 -47.76
CA ARG B 159 13.35 25.37 -48.13
C ARG B 159 13.18 24.65 -49.46
N ALA B 160 11.98 24.16 -49.70
CA ALA B 160 11.64 23.50 -50.95
C ALA B 160 10.39 24.13 -51.50
N VAL B 161 10.34 24.26 -52.82
CA VAL B 161 9.19 24.84 -53.49
C VAL B 161 9.18 24.29 -54.90
N GLU B 162 8.04 24.46 -55.56
CA GLU B 162 7.74 23.80 -56.82
C GLU B 162 7.29 24.84 -57.83
N PHE B 163 7.72 24.66 -59.07
CA PHE B 163 7.43 25.59 -60.16
C PHE B 163 6.63 24.87 -61.23
N LYS B 164 5.36 25.22 -61.37
CA LYS B 164 4.53 24.66 -62.42
C LYS B 164 5.03 25.13 -63.78
N VAL B 165 4.73 24.34 -64.81
CA VAL B 165 4.98 24.77 -66.18
C VAL B 165 3.63 24.92 -66.87
N VAL B 166 3.18 26.17 -67.02
CA VAL B 166 1.93 26.47 -67.70
C VAL B 166 2.12 26.57 -69.20
N GLU B 167 3.18 27.22 -69.67
CA GLU B 167 3.38 27.48 -71.08
C GLU B 167 4.76 26.98 -71.49
N THR B 168 4.80 26.04 -72.43
CA THR B 168 6.02 25.66 -73.12
C THR B 168 5.77 25.79 -74.61
N ASP B 169 6.72 26.42 -75.32
CA ASP B 169 6.52 26.68 -76.75
C ASP B 169 6.46 25.39 -77.56
N PRO B 170 7.46 24.50 -77.53
CA PRO B 170 7.31 23.22 -78.21
C PRO B 170 6.50 22.24 -77.38
N SER B 171 5.82 21.34 -78.08
CA SER B 171 5.00 20.33 -77.40
C SER B 171 4.95 19.05 -78.22
N PRO B 172 4.62 17.90 -77.58
CA PRO B 172 4.23 17.68 -76.18
C PRO B 172 5.31 17.78 -75.09
N TYR B 173 6.59 17.74 -75.42
CA TYR B 173 7.63 17.73 -74.39
C TYR B 173 8.94 18.28 -74.95
N CYS B 174 9.83 18.74 -74.07
CA CYS B 174 11.06 19.33 -74.56
C CYS B 174 12.24 19.01 -73.65
N ILE B 175 13.32 18.52 -74.25
CA ILE B 175 14.60 18.38 -73.54
C ILE B 175 15.27 19.74 -73.43
N VAL B 176 15.85 20.05 -72.28
CA VAL B 176 16.46 21.36 -72.06
C VAL B 176 17.98 21.48 -71.92
N ALA B 177 18.53 22.50 -72.58
CA ALA B 177 19.96 22.80 -72.58
C ALA B 177 20.16 24.30 -72.29
N PRO B 178 21.33 24.70 -71.81
CA PRO B 178 21.56 26.12 -71.50
C PRO B 178 22.08 26.91 -72.70
N ASP B 179 21.37 26.81 -73.81
CA ASP B 179 21.56 27.77 -74.89
C ASP B 179 20.44 28.79 -74.96
N THR B 180 19.45 28.72 -74.05
CA THR B 180 18.21 29.49 -74.15
C THR B 180 18.15 30.61 -73.12
N VAL B 181 17.37 31.63 -73.48
CA VAL B 181 17.07 32.82 -72.70
C VAL B 181 16.29 32.44 -71.44
N ILE B 182 16.20 33.36 -70.49
CA ILE B 182 15.61 33.09 -69.18
C ILE B 182 14.51 34.10 -68.91
N HIS B 183 13.26 33.65 -68.90
CA HIS B 183 12.10 34.49 -68.61
C HIS B 183 11.67 34.26 -67.17
N CYS B 184 11.17 35.31 -66.53
CA CYS B 184 10.86 35.29 -65.10
C CYS B 184 9.46 35.83 -64.86
N GLU B 185 8.74 35.24 -63.91
CA GLU B 185 7.50 35.81 -63.41
C GLU B 185 7.51 35.87 -61.89
N GLY B 186 7.36 34.72 -61.23
CA GLY B 186 7.45 34.64 -59.79
C GLY B 186 6.21 35.01 -58.99
N GLU B 187 5.03 35.02 -59.61
CA GLU B 187 3.82 35.40 -58.90
C GLU B 187 2.95 34.17 -58.63
N PRO B 188 2.56 33.95 -57.37
CA PRO B 188 1.86 32.72 -57.01
C PRO B 188 0.49 32.60 -57.66
N ILE B 189 -0.01 31.37 -57.65
CA ILE B 189 -1.39 31.07 -58.00
C ILE B 189 -1.80 29.79 -57.30
N LYS B 190 -3.09 29.72 -56.92
CA LYS B 190 -3.62 28.57 -56.21
C LYS B 190 -3.55 27.31 -57.07
N ARG B 191 -2.96 26.26 -56.52
CA ARG B 191 -3.00 24.94 -57.15
C ARG B 191 -4.31 24.25 -56.83
N GLU B 192 -4.77 23.40 -57.76
CA GLU B 192 -5.99 22.64 -57.59
C GLU B 192 -5.96 21.78 -56.32
N ASP B 193 -7.07 21.80 -55.58
CA ASP B 193 -7.16 21.07 -54.32
C ASP B 193 -7.18 19.57 -54.52
N GLU B 194 -7.77 19.11 -55.63
CA GLU B 194 -7.79 17.69 -55.93
C GLU B 194 -6.38 17.11 -55.93
N GLU B 195 -5.37 17.95 -56.18
CA GLU B 195 -3.98 17.51 -56.22
C GLU B 195 -3.49 17.10 -54.84
N GLU B 196 -2.51 16.18 -54.81
CA GLU B 196 -1.89 15.75 -53.56
C GLU B 196 -0.54 16.44 -53.38
N SER B 197 -0.47 17.34 -52.40
CA SER B 197 0.72 18.15 -52.16
C SER B 197 1.95 17.26 -51.91
N LEU B 198 3.09 17.78 -52.35
CA LEU B 198 4.37 17.08 -52.21
C LEU B 198 5.03 17.31 -50.85
N ASN B 199 4.50 18.21 -50.02
CA ASN B 199 4.97 18.33 -48.65
C ASN B 199 4.30 17.35 -47.71
N GLU B 200 3.07 16.94 -48.02
CA GLU B 200 2.41 15.90 -47.24
C GLU B 200 3.28 14.65 -47.24
N VAL B 201 3.48 14.08 -46.05
CA VAL B 201 4.58 13.13 -45.86
C VAL B 201 4.23 11.79 -46.49
N GLY B 202 5.26 11.12 -46.99
CA GLY B 202 5.15 9.88 -47.72
C GLY B 202 6.40 9.07 -47.44
N TYR B 203 6.50 7.92 -48.10
CA TYR B 203 7.51 6.92 -47.74
C TYR B 203 8.90 7.51 -47.63
N ASP B 204 9.28 8.40 -48.55
CA ASP B 204 10.65 8.94 -48.53
C ASP B 204 10.86 9.86 -47.34
N ASP B 205 9.81 10.54 -46.88
CA ASP B 205 9.99 11.41 -45.72
C ASP B 205 10.12 10.60 -44.44
N ILE B 206 9.93 9.28 -44.53
CA ILE B 206 10.24 8.41 -43.41
C ILE B 206 11.61 7.80 -43.61
N GLY B 207 12.49 8.05 -42.66
CA GLY B 207 13.82 7.52 -42.73
C GLY B 207 13.95 6.32 -41.83
N GLY B 208 15.20 5.89 -41.70
CA GLY B 208 15.64 4.81 -40.84
C GLY B 208 15.93 3.47 -41.48
N CYS B 209 15.32 3.19 -42.63
CA CYS B 209 15.62 1.95 -43.31
C CYS B 209 15.46 0.79 -42.34
N ARG B 210 14.44 0.87 -41.51
CA ARG B 210 14.19 -0.18 -40.54
C ARG B 210 13.80 -1.46 -41.26
N LYS B 211 12.98 -1.28 -42.28
CA LYS B 211 12.43 -2.35 -43.09
C LYS B 211 11.19 -2.91 -42.41
N GLN B 212 10.96 -2.47 -41.18
CA GLN B 212 9.78 -2.88 -40.42
C GLN B 212 8.57 -2.27 -41.11
N LEU B 213 8.74 -1.03 -41.57
CA LEU B 213 7.68 -0.34 -42.29
C LEU B 213 7.17 -1.17 -43.44
N ALA B 214 8.07 -1.93 -44.10
CA ALA B 214 7.65 -2.85 -45.14
C ALA B 214 6.61 -3.84 -44.62
N GLN B 215 6.66 -4.13 -43.32
CA GLN B 215 5.68 -5.03 -42.72
C GLN B 215 4.29 -4.41 -42.66
N ILE B 216 4.20 -3.11 -42.38
CA ILE B 216 2.90 -2.44 -42.40
C ILE B 216 2.35 -2.34 -43.80
N LYS B 217 3.23 -2.30 -44.80
CA LYS B 217 2.83 -2.33 -46.20
C LYS B 217 2.03 -3.59 -46.52
N GLU B 218 2.56 -4.74 -46.13
CA GLU B 218 1.90 -6.01 -46.42
C GLU B 218 0.53 -6.11 -45.76
N MET B 219 0.31 -5.40 -44.67
CA MET B 219 -0.97 -5.47 -43.98
C MET B 219 -2.01 -4.57 -44.62
N VAL B 220 -1.63 -3.36 -45.04
CA VAL B 220 -2.59 -2.39 -45.50
C VAL B 220 -2.70 -2.32 -47.01
N GLU B 221 -1.97 -3.17 -47.73
CA GLU B 221 -2.07 -3.21 -49.19
C GLU B 221 -3.49 -3.48 -49.64
N LEU B 222 -3.93 -4.71 -49.47
CA LEU B 222 -5.24 -5.10 -50.01
C LEU B 222 -6.40 -4.38 -49.35
N PRO B 223 -6.46 -4.24 -48.03
CA PRO B 223 -7.69 -3.69 -47.44
C PRO B 223 -8.00 -2.28 -47.91
N LEU B 224 -7.03 -1.38 -47.87
CA LEU B 224 -7.31 0.01 -48.21
C LEU B 224 -6.82 0.45 -49.58
N ARG B 225 -6.11 -0.37 -50.33
CA ARG B 225 -5.88 -0.02 -51.74
C ARG B 225 -6.85 -0.73 -52.67
N HIS B 226 -7.57 -1.75 -52.19
CA HIS B 226 -8.45 -2.57 -53.01
C HIS B 226 -9.73 -2.88 -52.25
N PRO B 227 -10.53 -1.86 -51.96
CA PRO B 227 -11.71 -2.08 -51.10
C PRO B 227 -12.71 -3.09 -51.65
N ALA B 228 -13.08 -3.01 -52.93
CA ALA B 228 -14.18 -3.82 -53.44
C ALA B 228 -13.91 -5.30 -53.39
N LEU B 229 -12.63 -5.70 -53.34
CA LEU B 229 -12.30 -7.11 -53.36
C LEU B 229 -12.74 -7.84 -52.08
N PHE B 230 -12.80 -7.16 -50.95
CA PHE B 230 -13.14 -7.88 -49.73
C PHE B 230 -14.62 -8.13 -49.55
N LYS B 231 -15.48 -7.45 -50.29
CA LYS B 231 -16.87 -7.85 -50.35
C LYS B 231 -17.07 -9.05 -51.26
N ALA B 232 -16.11 -9.32 -52.15
CA ALA B 232 -16.23 -10.47 -53.04
C ALA B 232 -15.84 -11.76 -52.35
N ILE B 233 -14.84 -11.72 -51.49
CA ILE B 233 -14.23 -12.91 -50.94
C ILE B 233 -14.29 -12.86 -49.43
N GLY B 234 -14.70 -13.97 -48.81
CA GLY B 234 -14.55 -14.11 -47.39
C GLY B 234 -13.08 -14.22 -47.02
N VAL B 235 -12.58 -13.27 -46.23
CA VAL B 235 -11.32 -13.27 -45.49
C VAL B 235 -11.49 -12.27 -44.38
N LYS B 236 -10.59 -12.27 -43.40
CA LYS B 236 -10.66 -11.23 -42.39
C LYS B 236 -9.45 -10.31 -42.50
N PRO B 237 -9.60 -9.09 -43.00
CA PRO B 237 -8.52 -8.11 -42.89
C PRO B 237 -8.39 -7.65 -41.46
N PRO B 238 -7.19 -7.26 -41.04
CA PRO B 238 -7.01 -6.78 -39.66
C PRO B 238 -7.70 -5.44 -39.43
N ARG B 239 -8.46 -5.35 -38.34
CA ARG B 239 -9.09 -4.08 -38.03
C ARG B 239 -8.13 -3.10 -37.36
N GLY B 240 -7.48 -3.51 -36.27
CA GLY B 240 -6.54 -2.65 -35.58
C GLY B 240 -5.09 -2.98 -35.85
N ILE B 241 -4.23 -1.99 -35.63
CA ILE B 241 -2.78 -2.16 -35.68
C ILE B 241 -2.18 -1.29 -34.59
N LEU B 242 -1.35 -1.87 -33.74
CA LEU B 242 -0.61 -1.07 -32.77
C LEU B 242 0.80 -0.80 -33.27
N LEU B 243 1.15 0.46 -33.34
CA LEU B 243 2.54 0.86 -33.42
C LEU B 243 2.98 1.16 -32.00
N TYR B 244 4.15 0.69 -31.61
CA TYR B 244 4.64 1.11 -30.33
C TYR B 244 6.15 1.27 -30.39
N GLY B 245 6.63 2.18 -29.57
CA GLY B 245 8.01 2.59 -29.55
C GLY B 245 8.05 3.81 -28.68
N PRO B 246 9.23 4.20 -28.20
CA PRO B 246 9.31 5.39 -27.37
C PRO B 246 8.96 6.63 -28.17
N PRO B 247 8.60 7.73 -27.50
CA PRO B 247 8.15 8.92 -28.22
C PRO B 247 9.21 9.44 -29.18
N GLY B 248 8.74 10.03 -30.27
CA GLY B 248 9.63 10.60 -31.25
C GLY B 248 10.24 9.64 -32.22
N THR B 249 9.85 8.37 -32.19
CA THR B 249 10.41 7.37 -33.06
C THR B 249 9.68 7.28 -34.39
N GLY B 250 8.76 8.19 -34.66
CA GLY B 250 8.13 8.24 -35.96
C GLY B 250 6.81 7.53 -36.08
N LYS B 251 6.10 7.29 -34.98
CA LYS B 251 4.86 6.56 -35.06
C LYS B 251 3.78 7.34 -35.80
N THR B 252 3.79 8.67 -35.70
CA THR B 252 2.79 9.45 -36.42
C THR B 252 3.18 9.64 -37.89
N LEU B 253 4.48 9.63 -38.20
CA LEU B 253 4.87 9.54 -39.60
C LEU B 253 4.24 8.35 -40.29
N ILE B 254 4.44 7.15 -39.73
CA ILE B 254 4.02 5.90 -40.38
C ILE B 254 2.56 5.97 -40.77
N ALA B 255 1.71 6.43 -39.86
CA ALA B 255 0.30 6.52 -40.18
C ALA B 255 0.04 7.58 -41.25
N ARG B 256 0.57 8.79 -41.05
CA ARG B 256 0.43 9.84 -42.06
C ARG B 256 0.92 9.39 -43.42
N ALA B 257 2.04 8.66 -43.46
CA ALA B 257 2.67 8.33 -44.74
C ALA B 257 2.18 7.01 -45.32
N VAL B 258 1.42 6.23 -44.57
CA VAL B 258 0.67 5.14 -45.18
C VAL B 258 -0.62 5.65 -45.78
N ALA B 259 -1.31 6.53 -45.04
CA ALA B 259 -2.53 7.14 -45.53
C ALA B 259 -2.27 8.06 -46.71
N ASN B 260 -1.10 8.70 -46.76
CA ASN B 260 -0.87 9.58 -47.89
C ASN B 260 -0.52 8.79 -49.12
N GLU B 261 0.28 7.74 -48.98
CA GLU B 261 0.75 7.04 -50.17
C GLU B 261 -0.29 6.06 -50.71
N THR B 262 -1.29 5.69 -49.93
CA THR B 262 -2.36 4.83 -50.40
C THR B 262 -3.63 5.58 -50.74
N GLY B 263 -3.68 6.88 -50.51
CA GLY B 263 -4.88 7.62 -50.85
C GLY B 263 -5.99 7.53 -49.85
N ALA B 264 -5.84 6.76 -48.79
CA ALA B 264 -6.86 6.66 -47.78
C ALA B 264 -6.95 7.96 -46.99
N PHE B 265 -8.13 8.21 -46.45
CA PHE B 265 -8.36 9.41 -45.67
C PHE B 265 -7.83 9.20 -44.25
N PHE B 266 -6.90 10.06 -43.84
CA PHE B 266 -6.31 10.00 -42.52
C PHE B 266 -7.13 10.79 -41.50
N PHE B 267 -7.54 10.12 -40.43
CA PHE B 267 -8.30 10.76 -39.37
C PHE B 267 -7.34 10.86 -38.18
N LEU B 268 -7.68 11.63 -37.16
CA LEU B 268 -6.77 11.77 -36.04
C LEU B 268 -7.45 11.94 -34.70
N ILE B 269 -7.43 10.89 -33.90
CA ILE B 269 -8.02 10.93 -32.57
C ILE B 269 -6.91 11.30 -31.61
N ASN B 270 -6.73 12.61 -31.40
CA ASN B 270 -5.71 13.10 -30.51
C ASN B 270 -5.90 12.52 -29.11
N GLY B 271 -4.98 11.66 -28.70
CA GLY B 271 -5.05 11.03 -27.40
C GLY B 271 -5.53 11.91 -26.27
N PRO B 272 -4.93 13.16 -26.18
CA PRO B 272 -5.41 13.98 -25.07
C PRO B 272 -6.48 14.99 -25.48
N GLU B 273 -6.78 15.07 -26.76
CA GLU B 273 -7.80 16.00 -27.23
C GLU B 273 -9.18 15.53 -26.79
N ILE B 274 -9.40 14.22 -26.83
CA ILE B 274 -10.69 13.68 -26.41
C ILE B 274 -10.78 13.70 -24.89
N MET B 275 -9.62 13.79 -24.25
CA MET B 275 -9.53 13.84 -22.80
C MET B 275 -9.81 15.23 -22.28
N SER B 276 -9.38 16.23 -23.04
CA SER B 276 -9.56 17.63 -22.67
C SER B 276 -11.03 18.03 -22.65
N LYS B 277 -11.87 17.29 -23.36
CA LYS B 277 -13.27 17.59 -23.40
C LYS B 277 -13.95 17.11 -22.12
N LEU B 278 -15.13 17.64 -21.85
CA LEU B 278 -15.80 17.35 -20.59
C LEU B 278 -16.37 15.95 -20.57
N ALA B 279 -16.69 15.50 -19.36
CA ALA B 279 -17.44 14.25 -19.16
C ALA B 279 -18.71 14.22 -20.00
N GLY B 280 -18.93 13.10 -20.67
CA GLY B 280 -20.15 12.80 -21.38
C GLY B 280 -20.19 13.29 -22.82
N GLU B 281 -19.48 14.38 -23.11
CA GLU B 281 -19.19 14.80 -24.46
C GLU B 281 -17.79 14.37 -24.90
N SER B 282 -17.04 13.70 -24.02
CA SER B 282 -15.80 13.07 -24.42
C SER B 282 -16.05 11.83 -25.28
N GLU B 283 -17.05 11.03 -24.89
CA GLU B 283 -17.45 9.90 -25.73
C GLU B 283 -18.08 10.36 -27.02
N SER B 284 -18.88 11.42 -26.97
CA SER B 284 -19.53 11.92 -28.17
C SER B 284 -18.51 12.28 -29.22
N ASN B 285 -17.36 12.74 -28.79
CA ASN B 285 -16.33 13.21 -29.70
C ASN B 285 -15.53 12.06 -30.29
N LEU B 286 -15.34 10.98 -29.53
CA LEU B 286 -14.64 9.80 -30.04
C LEU B 286 -15.55 8.95 -30.92
N ARG B 287 -16.82 8.82 -30.55
CA ARG B 287 -17.76 7.99 -31.31
C ARG B 287 -18.06 8.59 -32.67
N LYS B 288 -18.26 9.90 -32.73
CA LYS B 288 -18.43 10.53 -34.03
C LYS B 288 -17.18 10.41 -34.89
N ALA B 289 -16.02 10.22 -34.25
CA ALA B 289 -14.78 10.01 -34.99
C ALA B 289 -14.83 8.76 -35.86
N PHE B 290 -15.38 7.67 -35.33
CA PHE B 290 -15.44 6.48 -36.15
C PHE B 290 -16.63 6.55 -37.11
N GLU B 291 -17.65 7.34 -36.79
CA GLU B 291 -18.81 7.44 -37.67
C GLU B 291 -18.50 8.28 -38.91
N GLU B 292 -17.80 9.40 -38.73
CA GLU B 292 -17.32 10.16 -39.89
C GLU B 292 -16.46 9.28 -40.77
N ALA B 293 -15.36 8.76 -40.22
CA ALA B 293 -14.43 7.93 -40.97
C ALA B 293 -15.08 6.71 -41.59
N GLU B 294 -16.24 6.27 -41.10
CA GLU B 294 -17.02 5.31 -41.87
C GLU B 294 -17.30 5.83 -43.28
N LYS B 295 -17.84 7.05 -43.37
CA LYS B 295 -18.31 7.56 -44.66
C LYS B 295 -17.18 7.73 -45.65
N ASN B 296 -15.99 8.03 -45.18
CA ASN B 296 -14.81 8.05 -46.02
C ASN B 296 -14.17 6.68 -46.00
N ALA B 297 -14.13 6.02 -47.16
CA ALA B 297 -13.48 4.72 -47.21
C ALA B 297 -12.67 4.60 -48.48
N PRO B 298 -11.48 4.01 -48.38
CA PRO B 298 -10.83 3.54 -47.16
C PRO B 298 -10.19 4.64 -46.31
N ALA B 299 -10.08 4.40 -45.01
CA ALA B 299 -9.60 5.41 -44.09
C ALA B 299 -8.80 4.76 -42.98
N ILE B 300 -7.77 5.46 -42.53
CA ILE B 300 -7.03 5.12 -41.33
C ILE B 300 -7.45 6.10 -40.25
N ILE B 301 -8.00 5.58 -39.16
CA ILE B 301 -8.10 6.34 -37.92
C ILE B 301 -6.82 6.09 -37.15
N PHE B 302 -6.16 7.17 -36.73
CA PHE B 302 -4.93 7.02 -35.97
C PHE B 302 -5.02 7.62 -34.58
N ILE B 303 -5.21 6.77 -33.59
CA ILE B 303 -5.28 7.19 -32.20
C ILE B 303 -3.85 7.25 -31.70
N ASP B 304 -3.37 8.42 -31.31
CA ASP B 304 -2.06 8.53 -30.68
C ASP B 304 -2.20 8.80 -29.20
N GLU B 305 -1.25 8.30 -28.42
CA GLU B 305 -1.40 8.16 -26.98
C GLU B 305 -2.65 7.36 -26.66
N LEU B 306 -2.72 6.16 -27.21
CA LEU B 306 -3.77 5.24 -26.81
C LEU B 306 -3.78 5.02 -25.30
N ASP B 307 -2.62 5.12 -24.67
CA ASP B 307 -2.55 4.99 -23.22
C ASP B 307 -3.13 6.19 -22.50
N ALA B 308 -3.44 7.26 -23.22
CA ALA B 308 -4.24 8.31 -22.60
C ALA B 308 -5.72 7.91 -22.57
N ILE B 309 -6.24 7.40 -23.68
CA ILE B 309 -7.65 7.06 -23.77
C ILE B 309 -7.94 5.70 -23.16
N ALA B 310 -7.01 4.76 -23.21
CA ALA B 310 -7.26 3.40 -22.70
C ALA B 310 -6.04 2.86 -21.97
N PRO B 311 -5.63 3.57 -20.92
CA PRO B 311 -4.46 3.18 -20.13
C PRO B 311 -4.82 2.33 -18.91
N LYS B 312 -6.11 2.05 -18.72
CA LYS B 312 -6.53 1.26 -17.57
C LYS B 312 -5.96 -0.15 -17.57
N ARG B 313 -5.45 -0.57 -16.42
CA ARG B 313 -4.90 -1.92 -16.25
C ARG B 313 -5.75 -2.71 -15.26
N GLU B 314 -6.97 -2.21 -15.03
CA GLU B 314 -7.91 -2.80 -14.07
C GLU B 314 -7.60 -2.16 -12.73
N LYS B 315 -6.69 -1.19 -12.78
CA LYS B 315 -6.25 -0.43 -11.61
C LYS B 315 -7.11 0.84 -11.44
N THR B 316 -7.09 1.73 -12.45
CA THR B 316 -8.18 2.66 -12.74
C THR B 316 -8.67 3.56 -11.60
N HIS B 317 -7.92 4.60 -11.25
CA HIS B 317 -8.49 5.71 -10.47
C HIS B 317 -9.69 6.27 -11.24
N GLY B 318 -10.66 6.80 -10.50
CA GLY B 318 -11.65 7.69 -11.07
C GLY B 318 -12.97 7.04 -11.44
N GLU B 319 -13.68 7.75 -12.32
CA GLU B 319 -14.94 7.32 -12.90
C GLU B 319 -14.99 7.42 -14.42
N VAL B 320 -14.87 8.64 -14.94
CA VAL B 320 -15.07 8.89 -16.37
C VAL B 320 -14.25 7.92 -17.20
N GLU B 321 -13.01 7.66 -16.77
CA GLU B 321 -12.11 6.90 -17.63
C GLU B 321 -12.61 5.47 -17.82
N ARG B 322 -13.35 4.91 -16.86
CA ARG B 322 -13.98 3.61 -17.08
C ARG B 322 -14.79 3.62 -18.36
N ARG B 323 -15.49 4.71 -18.63
CA ARG B 323 -16.49 4.75 -19.67
C ARG B 323 -15.93 5.18 -21.02
N ILE B 324 -14.78 5.84 -21.01
CA ILE B 324 -14.11 6.22 -22.25
C ILE B 324 -13.55 4.96 -22.90
N VAL B 325 -12.94 4.13 -22.07
CA VAL B 325 -12.33 2.87 -22.50
C VAL B 325 -13.35 1.87 -23.03
N SER B 326 -14.46 1.75 -22.31
CA SER B 326 -15.52 0.83 -22.71
C SER B 326 -16.12 1.23 -24.04
N GLN B 327 -16.32 2.53 -24.24
CA GLN B 327 -16.90 3.00 -25.49
C GLN B 327 -15.96 2.67 -26.63
N LEU B 328 -14.67 2.84 -26.40
CA LEU B 328 -13.65 2.55 -27.40
C LEU B 328 -13.63 1.07 -27.74
N LEU B 329 -13.76 0.22 -26.73
CA LEU B 329 -13.75 -1.22 -26.96
C LEU B 329 -14.93 -1.61 -27.82
N THR B 330 -16.09 -1.03 -27.55
CA THR B 330 -17.30 -1.31 -28.32
C THR B 330 -17.10 -0.84 -29.74
N LEU B 331 -16.48 0.32 -29.89
CA LEU B 331 -16.20 0.90 -31.19
C LEU B 331 -15.23 0.04 -32.00
N MET B 332 -14.23 -0.50 -31.33
CA MET B 332 -13.22 -1.31 -32.01
C MET B 332 -13.75 -2.68 -32.37
N ASP B 333 -14.58 -3.27 -31.52
CA ASP B 333 -15.32 -4.46 -31.89
C ASP B 333 -16.47 -4.17 -32.83
N GLY B 334 -17.13 -3.05 -32.67
CA GLY B 334 -18.29 -2.70 -33.44
C GLY B 334 -18.07 -2.47 -34.92
N LEU B 335 -16.82 -2.52 -35.39
CA LEU B 335 -16.57 -2.39 -36.81
C LEU B 335 -17.38 -3.43 -37.58
N LYS B 336 -18.23 -2.95 -38.48
CA LYS B 336 -19.41 -3.66 -38.98
C LYS B 336 -19.18 -4.39 -40.29
N GLN B 337 -17.95 -4.44 -40.79
CA GLN B 337 -17.49 -5.14 -42.01
C GLN B 337 -18.07 -4.49 -43.27
N ARG B 338 -18.95 -3.51 -43.17
CA ARG B 338 -19.11 -2.51 -44.22
C ARG B 338 -18.03 -1.46 -44.01
N ALA B 339 -17.56 -0.92 -45.11
CA ALA B 339 -16.32 -0.18 -45.28
C ALA B 339 -15.09 -0.85 -44.69
N HIS B 340 -14.02 -0.07 -44.62
CA HIS B 340 -12.68 -0.64 -44.52
C HIS B 340 -11.90 -0.18 -43.31
N VAL B 341 -12.50 0.64 -42.44
CA VAL B 341 -11.71 1.50 -41.57
C VAL B 341 -10.65 0.68 -40.85
N ILE B 342 -9.41 1.06 -41.05
CA ILE B 342 -8.28 0.53 -40.31
C ILE B 342 -8.03 1.48 -39.16
N VAL B 343 -7.83 0.94 -37.97
CA VAL B 343 -7.56 1.79 -36.82
C VAL B 343 -6.14 1.53 -36.39
N MET B 344 -5.24 2.46 -36.69
CA MET B 344 -3.87 2.41 -36.19
C MET B 344 -3.79 3.21 -34.90
N ALA B 345 -3.12 2.65 -33.90
CA ALA B 345 -3.01 3.31 -32.61
C ALA B 345 -1.59 3.18 -32.10
N ALA B 346 -1.03 4.28 -31.61
CA ALA B 346 0.35 4.32 -31.16
C ALA B 346 0.42 4.51 -29.65
N THR B 347 1.42 3.89 -29.04
CA THR B 347 1.66 4.02 -27.61
C THR B 347 3.12 3.73 -27.33
N ASN B 348 3.56 4.12 -26.15
CA ASN B 348 4.98 4.04 -25.82
C ASN B 348 5.41 2.63 -25.43
N ARG B 349 4.60 1.93 -24.65
CA ARG B 349 4.91 0.55 -24.30
C ARG B 349 3.63 -0.27 -24.40
N PRO B 350 3.70 -1.49 -24.91
CA PRO B 350 2.47 -2.29 -25.08
C PRO B 350 1.87 -2.76 -23.77
N ASN B 351 2.63 -2.79 -22.69
CA ASN B 351 2.03 -3.11 -21.40
C ASN B 351 1.16 -1.97 -20.90
N SER B 352 1.36 -0.76 -21.42
CA SER B 352 0.64 0.38 -20.90
C SER B 352 -0.86 0.30 -21.14
N ILE B 353 -1.28 -0.16 -22.31
CA ILE B 353 -2.68 -0.10 -22.69
C ILE B 353 -3.47 -1.29 -22.14
N ASP B 354 -4.78 -1.07 -22.03
CA ASP B 354 -5.71 -2.02 -21.43
C ASP B 354 -5.65 -3.38 -22.12
N PRO B 355 -5.69 -4.50 -21.38
CA PRO B 355 -5.46 -5.80 -22.00
C PRO B 355 -6.59 -6.23 -22.90
N ALA B 356 -7.78 -5.63 -22.77
CA ALA B 356 -8.92 -6.01 -23.59
C ALA B 356 -8.82 -5.45 -25.00
N LEU B 357 -7.90 -4.54 -25.24
CA LEU B 357 -7.69 -3.95 -26.55
C LEU B 357 -6.98 -4.89 -27.51
N ARG B 358 -6.36 -5.97 -27.03
CA ARG B 358 -5.69 -6.89 -27.92
C ARG B 358 -6.52 -8.09 -28.32
N ARG B 359 -7.76 -8.21 -27.87
CA ARG B 359 -8.47 -9.41 -28.26
C ARG B 359 -8.74 -9.42 -29.76
N PHE B 360 -9.02 -10.61 -30.26
CA PHE B 360 -9.26 -10.87 -31.67
C PHE B 360 -10.32 -9.93 -32.19
N GLY B 361 -9.98 -9.17 -33.22
CA GLY B 361 -10.86 -8.17 -33.77
C GLY B 361 -10.66 -6.77 -33.22
N ARG B 362 -9.78 -6.57 -32.23
CA ARG B 362 -9.60 -5.21 -31.73
C ARG B 362 -8.32 -4.61 -32.27
N PHE B 363 -7.20 -4.80 -31.57
CA PHE B 363 -5.88 -4.55 -32.15
C PHE B 363 -5.21 -5.91 -32.18
N ASP B 364 -5.23 -6.54 -33.34
CA ASP B 364 -4.71 -7.88 -33.44
C ASP B 364 -3.22 -7.87 -33.71
N ARG B 365 -2.79 -7.03 -34.65
CA ARG B 365 -1.38 -6.92 -34.97
C ARG B 365 -0.76 -5.77 -34.21
N GLU B 366 0.50 -5.95 -33.82
CA GLU B 366 1.32 -4.91 -33.22
C GLU B 366 2.62 -4.80 -33.98
N VAL B 367 3.23 -3.62 -33.95
CA VAL B 367 4.52 -3.37 -34.60
C VAL B 367 5.38 -2.59 -33.61
N ASP B 368 6.63 -3.00 -33.45
CA ASP B 368 7.57 -2.26 -32.61
C ASP B 368 8.42 -1.39 -33.53
N ILE B 369 8.24 -0.08 -33.42
CA ILE B 369 9.02 0.83 -34.25
C ILE B 369 10.45 0.92 -33.75
N GLY B 370 10.61 1.14 -32.45
CA GLY B 370 11.90 1.06 -31.79
C GLY B 370 12.87 2.14 -32.20
N ILE B 371 13.99 2.17 -31.51
CA ILE B 371 15.06 3.15 -31.74
C ILE B 371 15.75 2.82 -33.06
N PRO B 372 16.06 3.80 -33.89
CA PRO B 372 16.87 3.55 -35.09
C PRO B 372 18.28 3.12 -34.72
N ASP B 373 19.01 2.65 -35.72
CA ASP B 373 20.37 2.17 -35.52
C ASP B 373 21.31 3.00 -36.39
N ALA B 374 22.61 2.82 -36.13
CA ALA B 374 23.63 3.72 -36.62
C ALA B 374 23.47 4.02 -38.11
N THR B 375 23.42 3.00 -38.93
CA THR B 375 23.23 3.20 -40.36
C THR B 375 21.76 3.38 -40.74
N GLY B 376 20.87 3.28 -39.77
CA GLY B 376 19.53 3.80 -39.90
C GLY B 376 19.46 5.29 -39.63
N ARG B 377 20.19 5.76 -38.62
CA ARG B 377 20.18 7.16 -38.27
C ARG B 377 20.77 8.04 -39.38
N LEU B 378 21.59 7.50 -40.26
CA LEU B 378 22.07 8.27 -41.40
C LEU B 378 20.91 8.76 -42.25
N GLU B 379 19.96 7.88 -42.56
CA GLU B 379 18.89 8.28 -43.47
C GLU B 379 18.02 9.37 -42.87
N ILE B 380 17.76 9.31 -41.57
CA ILE B 380 17.00 10.38 -40.94
C ILE B 380 17.77 11.69 -41.05
N LEU B 381 19.08 11.64 -40.86
CA LEU B 381 19.91 12.82 -41.01
C LEU B 381 19.98 13.28 -42.46
N GLN B 382 19.74 12.39 -43.41
CA GLN B 382 19.63 12.81 -44.80
C GLN B 382 18.28 13.43 -45.09
N ILE B 383 17.21 12.94 -44.46
CA ILE B 383 15.91 13.48 -44.85
C ILE B 383 15.68 14.84 -44.18
N HIS B 384 16.25 15.07 -43.00
CA HIS B 384 16.08 16.38 -42.38
C HIS B 384 17.06 17.41 -42.87
N THR B 385 18.24 17.02 -43.33
CA THR B 385 19.05 17.95 -44.10
C THR B 385 19.11 17.42 -45.52
N LYS B 386 18.13 17.78 -46.34
CA LYS B 386 18.29 17.85 -47.79
C LYS B 386 18.06 19.22 -48.40
N ASN B 387 17.50 20.16 -47.66
CA ASN B 387 17.35 21.54 -48.11
C ASN B 387 18.43 22.47 -47.55
N MET B 388 19.30 21.97 -46.69
CA MET B 388 20.08 22.84 -45.83
C MET B 388 21.29 23.44 -46.52
N LYS B 389 21.68 22.93 -47.69
CA LYS B 389 22.93 23.32 -48.36
C LYS B 389 24.13 23.11 -47.44
N LEU B 390 24.46 21.83 -47.27
CA LEU B 390 25.53 21.45 -46.38
C LEU B 390 26.90 21.84 -46.93
N ALA B 391 27.88 21.83 -46.04
CA ALA B 391 29.29 21.85 -46.41
C ALA B 391 29.71 20.49 -46.94
N ASP B 392 30.86 20.48 -47.62
CA ASP B 392 31.35 19.21 -48.17
C ASP B 392 31.87 18.28 -47.06
N ASP B 393 32.68 18.81 -46.14
CA ASP B 393 33.46 17.95 -45.24
C ASP B 393 32.60 16.91 -44.52
N VAL B 394 31.57 17.36 -43.80
CA VAL B 394 30.73 16.46 -43.02
C VAL B 394 29.89 15.61 -43.96
N ASP B 395 30.00 14.28 -43.81
CA ASP B 395 29.26 13.32 -44.61
C ASP B 395 28.04 12.76 -43.90
N LEU B 396 27.81 13.16 -42.64
CA LEU B 396 26.72 12.78 -41.77
C LEU B 396 26.91 11.37 -41.22
N GLU B 397 27.78 10.55 -41.80
CA GLU B 397 27.95 9.21 -41.28
C GLU B 397 28.75 9.23 -39.99
N GLN B 398 29.64 10.20 -39.81
CA GLN B 398 30.39 10.29 -38.57
C GLN B 398 29.49 10.67 -37.41
N VAL B 399 28.61 11.65 -37.63
CA VAL B 399 27.67 12.04 -36.59
C VAL B 399 26.70 10.91 -36.31
N ALA B 400 26.34 10.15 -37.34
CA ALA B 400 25.44 9.02 -37.18
C ALA B 400 25.92 8.05 -36.10
N ASN B 401 27.24 7.95 -35.90
CA ASN B 401 27.78 7.02 -34.92
C ASN B 401 27.64 7.57 -33.51
N GLU B 402 27.97 8.85 -33.34
CA GLU B 402 27.93 9.53 -32.04
C GLU B 402 26.52 9.57 -31.47
N THR B 403 25.54 9.18 -32.25
CA THR B 403 24.17 9.62 -32.01
C THR B 403 23.37 8.56 -31.27
N HIS B 404 24.00 7.48 -30.81
CA HIS B 404 23.21 6.37 -30.29
C HIS B 404 22.45 6.77 -29.04
N GLY B 405 21.16 6.43 -29.02
CA GLY B 405 20.21 6.95 -28.06
C GLY B 405 19.29 8.02 -28.61
N HIS B 406 19.69 8.68 -29.69
CA HIS B 406 18.78 9.62 -30.35
C HIS B 406 17.73 8.88 -31.13
N VAL B 407 16.57 9.51 -31.26
CA VAL B 407 15.46 9.00 -32.03
C VAL B 407 15.18 10.03 -33.11
N GLY B 408 14.38 9.65 -34.10
CA GLY B 408 14.16 10.51 -35.23
C GLY B 408 13.81 11.94 -34.85
N ALA B 409 13.12 12.13 -33.73
CA ALA B 409 12.76 13.48 -33.32
C ALA B 409 13.97 14.23 -32.77
N ASP B 410 14.78 13.56 -31.95
CA ASP B 410 16.08 14.10 -31.55
C ASP B 410 16.91 14.52 -32.74
N LEU B 411 16.85 13.76 -33.83
CA LEU B 411 17.72 14.00 -34.97
C LEU B 411 17.19 15.13 -35.84
N ALA B 412 15.87 15.19 -36.02
CA ALA B 412 15.29 16.38 -36.62
C ALA B 412 15.59 17.62 -35.80
N ALA B 413 15.73 17.47 -34.47
CA ALA B 413 16.12 18.58 -33.61
C ALA B 413 17.62 18.83 -33.68
N LEU B 414 18.43 17.79 -33.80
CA LEU B 414 19.85 18.00 -34.00
C LEU B 414 20.13 18.84 -35.25
N CYS B 415 19.33 18.64 -36.30
CA CYS B 415 19.54 19.37 -37.55
C CYS B 415 19.00 20.78 -37.47
N SER B 416 17.77 20.94 -36.96
CA SER B 416 17.22 22.28 -36.82
C SER B 416 18.07 23.12 -35.89
N GLU B 417 18.67 22.50 -34.88
CA GLU B 417 19.55 23.24 -33.97
C GLU B 417 20.88 23.59 -34.62
N ALA B 418 21.38 22.75 -35.51
CA ALA B 418 22.57 23.10 -36.28
C ALA B 418 22.27 24.07 -37.40
N ALA B 419 21.04 24.11 -37.87
CA ALA B 419 20.65 25.09 -38.87
C ALA B 419 20.42 26.46 -38.25
N LEU B 420 19.96 26.51 -37.00
CA LEU B 420 19.77 27.78 -36.32
C LEU B 420 21.07 28.37 -35.82
N GLN B 421 22.12 27.56 -35.67
CA GLN B 421 23.43 28.13 -35.39
C GLN B 421 23.88 29.05 -36.52
N ALA B 422 23.97 28.52 -37.75
CA ALA B 422 24.57 29.28 -38.84
C ALA B 422 23.78 30.54 -39.16
N ILE B 423 22.45 30.50 -39.02
CA ILE B 423 21.68 31.73 -39.13
C ILE B 423 22.15 32.74 -38.09
N ARG B 424 22.29 32.30 -36.83
CA ARG B 424 22.77 33.20 -35.80
C ARG B 424 24.12 33.82 -36.18
N LYS B 425 25.01 33.05 -36.79
CA LYS B 425 26.38 33.51 -37.01
C LYS B 425 26.51 34.45 -38.19
N LYS B 426 26.47 33.88 -39.38
CA LYS B 426 26.50 34.68 -40.57
C LYS B 426 25.16 35.38 -40.70
N MET B 427 24.88 35.90 -41.89
CA MET B 427 23.58 36.55 -42.06
C MET B 427 23.45 37.71 -41.09
N ASP B 428 22.58 37.55 -40.07
CA ASP B 428 22.00 38.64 -39.30
C ASP B 428 23.01 39.64 -38.79
N LEU B 429 24.31 39.32 -38.83
CA LEU B 429 25.32 40.36 -38.73
C LEU B 429 24.96 41.55 -39.61
N ILE B 430 24.40 41.26 -40.79
CA ILE B 430 23.97 42.31 -41.71
C ILE B 430 22.78 43.07 -41.13
N ASP B 431 21.74 42.36 -40.67
CA ASP B 431 20.43 42.89 -40.24
C ASP B 431 19.55 43.27 -41.44
N LEU B 432 20.02 43.10 -42.68
CA LEU B 432 19.23 43.52 -43.83
C LEU B 432 18.00 42.63 -43.99
N GLU B 433 16.82 43.25 -43.96
CA GLU B 433 15.58 42.49 -44.04
C GLU B 433 14.46 43.37 -44.56
N ASP B 434 13.54 42.74 -45.28
CA ASP B 434 12.24 43.29 -45.63
C ASP B 434 11.19 42.25 -45.29
N GLU B 435 9.94 42.52 -45.69
CA GLU B 435 8.84 41.63 -45.33
C GLU B 435 9.16 40.16 -45.60
N THR B 436 9.94 39.89 -46.64
CA THR B 436 10.52 38.57 -46.82
C THR B 436 11.99 38.72 -47.20
N ILE B 437 12.88 38.09 -46.43
CA ILE B 437 14.28 38.09 -46.82
C ILE B 437 14.41 37.43 -48.17
N ASP B 438 15.34 37.94 -48.99
CA ASP B 438 15.60 37.40 -50.30
C ASP B 438 15.97 35.92 -50.21
N ALA B 439 15.60 35.18 -51.23
CA ALA B 439 15.96 33.79 -51.33
C ALA B 439 17.47 33.60 -51.47
N GLU B 440 18.12 34.46 -52.23
CA GLU B 440 19.56 34.32 -52.48
C GLU B 440 20.42 34.89 -51.36
N VAL B 441 19.94 35.90 -50.63
CA VAL B 441 20.76 36.41 -49.54
C VAL B 441 20.98 35.32 -48.49
N MET B 442 20.08 34.34 -48.39
CA MET B 442 20.29 33.23 -47.49
C MET B 442 21.04 32.07 -48.15
N ASN B 443 21.52 32.21 -49.39
CA ASN B 443 22.15 31.05 -50.00
C ASN B 443 23.54 30.81 -49.42
N SER B 444 24.27 31.88 -49.11
CA SER B 444 25.66 31.75 -48.70
C SER B 444 25.84 31.01 -47.37
N LEU B 445 24.76 30.72 -46.65
CA LEU B 445 24.88 29.99 -45.39
C LEU B 445 24.99 28.50 -45.67
N ALA B 446 26.02 27.87 -45.10
CA ALA B 446 26.33 26.47 -45.36
C ALA B 446 26.67 25.78 -44.06
N VAL B 447 25.88 24.76 -43.69
CA VAL B 447 25.99 24.18 -42.36
C VAL B 447 27.29 23.41 -42.24
N THR B 448 27.98 23.60 -41.12
CA THR B 448 29.35 23.11 -40.98
C THR B 448 29.49 22.17 -39.79
N MET B 449 30.60 21.43 -39.80
CA MET B 449 30.84 20.43 -38.75
C MET B 449 30.84 21.06 -37.36
N ASP B 450 31.46 22.25 -37.23
CA ASP B 450 31.39 22.98 -35.96
C ASP B 450 29.96 23.21 -35.51
N ASP B 451 29.07 23.46 -36.47
CA ASP B 451 27.66 23.67 -36.16
C ASP B 451 27.05 22.39 -35.64
N PHE B 452 27.31 21.28 -36.31
CA PHE B 452 26.78 19.99 -35.92
C PHE B 452 27.32 19.49 -34.59
N ARG B 453 28.62 19.66 -34.38
CA ARG B 453 29.22 19.22 -33.12
C ARG B 453 28.61 20.04 -31.99
N TRP B 454 28.41 21.32 -32.23
CA TRP B 454 27.83 22.16 -31.21
C TRP B 454 26.44 21.60 -30.95
N ALA B 455 25.75 21.23 -32.03
CA ALA B 455 24.41 20.65 -31.92
C ALA B 455 24.42 19.34 -31.16
N LEU B 456 25.41 18.49 -31.41
CA LEU B 456 25.48 17.20 -30.72
C LEU B 456 25.62 17.48 -29.24
N SER B 457 26.38 18.52 -28.91
CA SER B 457 26.60 18.92 -27.53
C SER B 457 25.30 19.30 -26.82
N GLN B 458 24.34 19.88 -27.53
CA GLN B 458 23.08 20.26 -26.88
C GLN B 458 21.83 19.38 -27.10
N SER B 459 21.98 18.17 -27.64
CA SER B 459 20.83 17.31 -27.93
C SER B 459 19.91 16.83 -26.79
N ASN B 460 20.52 16.40 -25.69
CA ASN B 460 19.78 15.91 -24.52
C ASN B 460 19.08 14.56 -24.67
N PRO B 461 19.59 13.69 -25.62
CA PRO B 461 18.87 12.40 -25.71
C PRO B 461 19.03 11.65 -24.40
N SER B 462 18.05 10.86 -23.93
CA SER B 462 16.75 10.54 -24.54
C SER B 462 16.78 9.21 -25.29
N ALA B 463 16.19 8.19 -24.67
CA ALA B 463 16.14 6.84 -25.24
C ALA B 463 17.45 6.11 -24.97
N LEU B 464 18.35 6.75 -24.23
CA LEU B 464 19.63 6.15 -23.90
C LEU B 464 19.36 4.93 -23.02
N ARG B 465 18.41 5.09 -22.11
CA ARG B 465 18.03 4.04 -21.18
C ARG B 465 17.46 2.80 -21.88
N GLU B 466 16.67 3.02 -22.94
CA GLU B 466 16.05 1.90 -23.64
C GLU B 466 17.04 0.86 -24.16
N THR B 467 16.67 -0.41 -24.03
CA THR B 467 17.48 -1.52 -24.49
C THR B 467 17.76 -1.36 -25.98
N VAL B 468 18.88 -1.93 -26.43
CA VAL B 468 19.27 -1.82 -27.83
C VAL B 468 19.05 -3.12 -28.58
N VAL B 469 18.36 -3.01 -29.72
CA VAL B 469 18.07 -4.13 -30.58
C VAL B 469 18.50 -3.77 -31.99
N GLU B 470 19.57 -4.33 -32.43
CA GLU B 470 20.23 -3.87 -33.63
C GLU B 470 21.00 -5.02 -34.26
N VAL B 471 21.07 -5.00 -35.58
CA VAL B 471 21.97 -5.90 -36.30
C VAL B 471 23.39 -5.42 -36.04
N PRO B 472 24.25 -6.21 -35.41
CA PRO B 472 25.55 -5.70 -34.99
C PRO B 472 26.50 -5.55 -36.17
N GLN B 473 27.41 -4.59 -36.04
CA GLN B 473 28.26 -4.18 -37.14
C GLN B 473 29.58 -4.94 -37.22
N VAL B 474 29.86 -5.78 -36.22
CA VAL B 474 31.08 -6.58 -36.20
C VAL B 474 30.93 -7.77 -37.14
N THR B 475 31.97 -8.04 -37.93
CA THR B 475 31.92 -9.14 -38.88
C THR B 475 32.88 -10.29 -38.53
N TRP B 476 33.00 -11.24 -39.45
CA TRP B 476 33.88 -12.39 -39.26
C TRP B 476 35.35 -11.98 -39.25
N GLU B 477 35.66 -10.92 -40.00
CA GLU B 477 37.02 -10.43 -40.08
C GLU B 477 37.48 -9.89 -38.75
N ASP B 478 36.56 -9.27 -38.03
CA ASP B 478 36.87 -8.70 -36.73
C ASP B 478 37.23 -9.77 -35.72
N ILE B 479 37.15 -11.04 -36.14
CA ILE B 479 37.46 -12.11 -35.21
C ILE B 479 38.69 -12.83 -35.73
N GLY B 480 39.81 -12.67 -35.03
CA GLY B 480 40.97 -13.47 -35.32
C GLY B 480 40.81 -14.87 -34.78
N GLY B 481 41.15 -15.85 -35.61
CA GLY B 481 41.12 -17.21 -35.15
C GLY B 481 39.71 -17.77 -35.18
N LEU B 482 39.53 -18.84 -34.40
CA LEU B 482 38.22 -19.43 -34.14
C LEU B 482 37.50 -19.79 -35.44
N GLU B 483 38.19 -20.51 -36.32
CA GLU B 483 37.61 -20.87 -37.61
C GLU B 483 36.61 -21.99 -37.47
N ASP B 484 36.98 -23.08 -36.77
CA ASP B 484 36.05 -24.20 -36.60
C ASP B 484 34.79 -23.76 -35.86
N VAL B 485 34.97 -23.11 -34.70
CA VAL B 485 33.81 -22.62 -33.95
C VAL B 485 32.95 -21.73 -34.82
N LYS B 486 33.55 -20.98 -35.73
CA LYS B 486 32.76 -20.16 -36.65
C LYS B 486 31.88 -21.02 -37.54
N ARG B 487 32.41 -22.13 -38.05
CA ARG B 487 31.60 -23.06 -38.81
C ARG B 487 30.47 -23.63 -37.97
N GLU B 488 30.79 -24.07 -36.77
CA GLU B 488 29.81 -24.75 -35.92
C GLU B 488 28.64 -23.86 -35.57
N LEU B 489 28.86 -22.55 -35.42
CA LEU B 489 27.73 -21.66 -35.20
C LEU B 489 26.81 -21.64 -36.41
N GLN B 490 27.37 -21.42 -37.60
CA GLN B 490 26.58 -21.44 -38.81
C GLN B 490 25.79 -22.74 -38.93
N GLU B 491 26.38 -23.87 -38.50
CA GLU B 491 25.66 -25.13 -38.46
C GLU B 491 24.43 -25.01 -37.58
N LEU B 492 24.63 -24.57 -36.34
CA LEU B 492 23.55 -24.50 -35.37
C LEU B 492 22.54 -23.44 -35.74
N VAL B 493 23.00 -22.28 -36.20
CA VAL B 493 22.09 -21.18 -36.46
C VAL B 493 21.39 -21.31 -37.80
N GLN B 494 22.16 -21.57 -38.86
CA GLN B 494 21.63 -21.43 -40.22
C GLN B 494 20.92 -22.67 -40.75
N TYR B 495 21.45 -23.87 -40.53
CA TYR B 495 20.87 -25.03 -41.18
C TYR B 495 19.43 -25.33 -40.79
N PRO B 496 19.00 -25.17 -39.54
CA PRO B 496 17.59 -25.49 -39.25
C PRO B 496 16.59 -24.59 -39.94
N VAL B 497 16.93 -23.33 -40.21
CA VAL B 497 15.98 -22.44 -40.85
C VAL B 497 16.04 -22.59 -42.37
N GLU B 498 17.25 -22.79 -42.90
CA GLU B 498 17.45 -22.93 -44.33
C GLU B 498 17.08 -24.31 -44.86
N HIS B 499 17.19 -25.33 -44.02
CA HIS B 499 16.89 -26.70 -44.43
C HIS B 499 15.95 -27.36 -43.44
N PRO B 500 14.76 -26.80 -43.21
CA PRO B 500 13.84 -27.44 -42.29
C PRO B 500 13.31 -28.75 -42.83
N ASP B 501 13.24 -28.88 -44.15
CA ASP B 501 12.89 -30.12 -44.80
C ASP B 501 13.81 -31.26 -44.37
N LYS B 502 15.06 -30.96 -44.05
CA LYS B 502 15.97 -32.02 -43.64
C LYS B 502 15.79 -32.40 -42.18
N PHE B 503 15.55 -31.43 -41.30
CA PHE B 503 15.42 -31.75 -39.88
C PHE B 503 14.12 -32.47 -39.61
N LEU B 504 13.10 -32.14 -40.37
CA LEU B 504 11.83 -32.85 -40.30
C LEU B 504 11.98 -34.32 -40.66
N LYS B 505 12.89 -34.62 -41.60
CA LYS B 505 13.05 -35.99 -42.08
C LYS B 505 13.33 -36.96 -40.95
N PHE B 506 14.30 -36.64 -40.11
CA PHE B 506 14.66 -37.44 -38.95
C PHE B 506 13.85 -37.07 -37.72
N GLY B 507 12.85 -36.21 -37.86
CA GLY B 507 12.06 -35.83 -36.70
C GLY B 507 12.83 -35.10 -35.64
N MET B 508 14.05 -34.63 -35.95
CA MET B 508 14.91 -34.05 -34.95
C MET B 508 14.65 -32.55 -34.82
N THR B 509 14.57 -32.09 -33.64
CA THR B 509 14.47 -30.66 -33.43
C THR B 509 15.85 -30.08 -33.16
N PRO B 510 16.23 -29.00 -33.82
CA PRO B 510 17.53 -28.39 -33.53
C PRO B 510 17.58 -27.81 -32.14
N SER B 511 18.80 -27.56 -31.68
CA SER B 511 18.97 -26.88 -30.40
C SER B 511 18.61 -25.41 -30.57
N LYS B 512 17.94 -24.86 -29.56
CA LYS B 512 17.76 -23.42 -29.49
C LYS B 512 18.97 -22.72 -28.87
N GLY B 513 19.66 -23.37 -27.96
CA GLY B 513 20.74 -22.69 -27.29
C GLY B 513 22.17 -23.08 -27.57
N VAL B 514 23.07 -22.21 -27.17
CA VAL B 514 24.52 -22.45 -27.16
C VAL B 514 25.07 -21.75 -25.95
N LEU B 515 25.94 -22.44 -25.22
CA LEU B 515 26.65 -21.84 -24.11
C LEU B 515 28.14 -21.80 -24.45
N PHE B 516 28.66 -20.60 -24.62
CA PHE B 516 30.09 -20.34 -24.73
C PHE B 516 30.72 -20.33 -23.35
N TYR B 517 31.83 -21.01 -23.19
CA TYR B 517 32.54 -20.99 -21.93
C TYR B 517 34.03 -20.91 -22.20
N GLY B 518 34.74 -20.14 -21.39
CA GLY B 518 36.16 -19.95 -21.58
C GLY B 518 36.69 -18.83 -20.73
N PRO B 519 37.97 -18.54 -20.85
CA PRO B 519 38.56 -17.47 -20.06
C PRO B 519 38.08 -16.10 -20.52
N PRO B 520 38.28 -15.07 -19.70
CA PRO B 520 37.77 -13.74 -20.05
C PRO B 520 38.53 -13.11 -21.20
N GLY B 521 37.79 -12.57 -22.17
CA GLY B 521 38.38 -11.80 -23.22
C GLY B 521 38.74 -12.54 -24.48
N CYS B 522 38.33 -13.78 -24.62
CA CYS B 522 38.70 -14.62 -25.74
C CYS B 522 37.76 -14.50 -26.92
N GLY B 523 36.86 -13.53 -26.90
CA GLY B 523 36.03 -13.25 -28.05
C GLY B 523 34.68 -13.90 -28.08
N LYS B 524 34.10 -14.21 -26.92
CA LYS B 524 32.76 -14.80 -26.86
C LYS B 524 31.67 -13.84 -27.29
N THR B 525 31.81 -12.55 -26.97
CA THR B 525 30.78 -11.58 -27.31
C THR B 525 30.83 -11.22 -28.79
N LEU B 526 32.03 -11.03 -29.32
CA LEU B 526 32.18 -10.78 -30.76
C LEU B 526 31.69 -11.97 -31.57
N LEU B 527 31.95 -13.17 -31.10
CA LEU B 527 31.54 -14.37 -31.80
C LEU B 527 30.02 -14.46 -31.86
N ALA B 528 29.34 -13.99 -30.81
CA ALA B 528 27.88 -13.93 -30.81
C ALA B 528 27.38 -12.86 -31.76
N LYS B 529 27.98 -11.67 -31.73
CA LYS B 529 27.53 -10.61 -32.62
C LYS B 529 27.81 -10.95 -34.07
N ALA B 530 28.93 -11.60 -34.35
CA ALA B 530 29.28 -11.84 -35.75
C ALA B 530 28.32 -12.82 -36.42
N ILE B 531 27.76 -13.76 -35.68
CA ILE B 531 26.82 -14.66 -36.33
C ILE B 531 25.46 -14.00 -36.52
N ALA B 532 25.09 -13.08 -35.62
CA ALA B 532 23.88 -12.31 -35.83
C ALA B 532 24.06 -11.32 -36.98
N ASN B 533 25.24 -10.72 -37.09
CA ASN B 533 25.54 -9.84 -38.21
C ASN B 533 25.49 -10.58 -39.53
N GLU B 534 26.00 -11.81 -39.56
CA GLU B 534 25.99 -12.56 -40.80
C GLU B 534 24.56 -12.86 -41.23
N CYS B 535 23.73 -13.36 -40.32
CA CYS B 535 22.32 -13.58 -40.60
C CYS B 535 21.55 -12.27 -40.71
N GLN B 536 22.19 -11.13 -40.48
CA GLN B 536 21.51 -9.83 -40.40
C GLN B 536 20.30 -9.92 -39.49
N ALA B 537 20.44 -10.71 -38.44
CA ALA B 537 19.48 -10.79 -37.35
C ALA B 537 19.68 -9.67 -36.36
N ASN B 538 18.61 -9.33 -35.67
CA ASN B 538 18.72 -8.40 -34.56
C ASN B 538 19.54 -9.03 -33.45
N PHE B 539 20.26 -8.21 -32.70
CA PHE B 539 21.09 -8.69 -31.61
C PHE B 539 20.64 -7.98 -30.35
N ILE B 540 20.37 -8.75 -29.30
CA ILE B 540 19.98 -8.20 -28.02
C ILE B 540 20.95 -8.73 -26.99
N SER B 541 21.70 -7.84 -26.38
CA SER B 541 22.70 -8.23 -25.40
C SER B 541 22.17 -7.93 -24.01
N ILE B 542 22.02 -8.97 -23.21
CA ILE B 542 21.68 -8.82 -21.80
C ILE B 542 22.97 -9.01 -21.03
N LYS B 543 23.38 -7.98 -20.31
CA LYS B 543 24.70 -7.98 -19.68
C LYS B 543 24.57 -8.26 -18.19
N GLY B 544 25.64 -8.83 -17.62
CA GLY B 544 25.63 -9.21 -16.22
C GLY B 544 25.13 -8.19 -15.24
N PRO B 545 25.47 -6.90 -15.39
CA PRO B 545 24.85 -5.89 -14.54
C PRO B 545 23.35 -5.82 -14.69
N GLU B 546 22.82 -6.19 -15.85
CA GLU B 546 21.37 -6.23 -16.02
C GLU B 546 20.75 -7.45 -15.37
N LEU B 547 21.41 -8.60 -15.38
CA LEU B 547 20.87 -9.70 -14.59
C LEU B 547 21.04 -9.45 -13.11
N LEU B 548 22.10 -8.75 -12.70
CA LEU B 548 22.24 -8.39 -11.30
C LEU B 548 21.21 -7.36 -10.86
N THR B 549 20.77 -6.47 -11.73
CA THR B 549 19.78 -5.49 -11.28
C THR B 549 18.44 -6.16 -11.01
N MET B 550 18.06 -7.15 -11.83
CA MET B 550 16.86 -7.90 -11.51
C MET B 550 17.01 -8.71 -10.23
N TRP B 551 18.21 -9.13 -9.90
CA TRP B 551 18.39 -9.94 -8.72
C TRP B 551 18.44 -9.10 -7.45
N PHE B 552 19.15 -7.96 -7.46
CA PHE B 552 19.13 -7.12 -6.26
C PHE B 552 17.77 -6.52 -6.03
N GLY B 553 17.13 -6.08 -7.10
CA GLY B 553 15.77 -5.60 -7.03
C GLY B 553 14.75 -6.69 -6.94
N GLU B 554 15.19 -7.95 -6.89
CA GLU B 554 14.37 -9.14 -6.76
C GLU B 554 13.13 -8.99 -7.61
N SER B 555 13.29 -8.39 -8.79
CA SER B 555 12.27 -8.36 -9.83
C SER B 555 12.83 -9.16 -11.00
N GLU B 556 12.48 -10.43 -11.09
CA GLU B 556 12.80 -11.23 -12.24
C GLU B 556 11.64 -11.34 -13.18
N ALA B 557 10.49 -10.76 -12.81
CA ALA B 557 9.39 -10.62 -13.75
C ALA B 557 9.76 -9.79 -14.96
N ASN B 558 10.86 -9.07 -14.94
CA ASN B 558 11.34 -8.40 -16.13
C ASN B 558 12.07 -9.33 -17.09
N VAL B 559 12.30 -10.58 -16.74
CA VAL B 559 12.86 -11.49 -17.73
C VAL B 559 11.86 -11.69 -18.86
N ARG B 560 10.56 -11.68 -18.55
CA ARG B 560 9.56 -11.93 -19.59
C ARG B 560 9.61 -10.89 -20.68
N GLU B 561 9.74 -9.62 -20.34
CA GLU B 561 9.73 -8.63 -21.38
C GLU B 561 11.01 -8.61 -22.18
N ILE B 562 12.09 -9.13 -21.62
CA ILE B 562 13.33 -9.21 -22.38
C ILE B 562 13.03 -10.19 -23.51
N PHE B 563 12.42 -11.32 -23.14
CA PHE B 563 12.02 -12.34 -24.11
C PHE B 563 10.92 -11.89 -25.06
N ASP B 564 9.94 -11.16 -24.55
CA ASP B 564 8.85 -10.66 -25.38
C ASP B 564 9.48 -9.73 -26.39
N LYS B 565 10.45 -8.94 -25.93
CA LYS B 565 11.15 -8.01 -26.80
C LYS B 565 11.88 -8.80 -27.87
N ALA B 566 12.47 -9.92 -27.48
CA ALA B 566 13.19 -10.79 -28.42
C ALA B 566 12.24 -11.37 -29.46
N ARG B 567 11.06 -11.78 -29.02
CA ARG B 567 10.06 -12.38 -29.89
C ARG B 567 9.61 -11.39 -30.96
N GLN B 568 9.41 -10.14 -30.54
CA GLN B 568 9.02 -9.06 -31.44
C GLN B 568 10.13 -8.69 -32.41
N ALA B 569 11.38 -8.87 -32.00
CA ALA B 569 12.54 -8.51 -32.82
C ALA B 569 12.97 -9.62 -33.75
N ALA B 570 12.25 -10.74 -33.76
CA ALA B 570 12.68 -11.92 -34.46
C ALA B 570 12.74 -11.69 -35.96
N PRO B 571 13.64 -12.38 -36.66
CA PRO B 571 14.74 -13.19 -36.13
C PRO B 571 15.80 -12.44 -35.33
N CYS B 572 16.11 -12.85 -34.11
CA CYS B 572 17.21 -12.23 -33.40
C CYS B 572 18.07 -13.31 -32.77
N VAL B 573 19.26 -12.89 -32.36
CA VAL B 573 20.11 -13.66 -31.45
C VAL B 573 20.06 -12.95 -30.11
N LEU B 574 19.55 -13.65 -29.11
CA LEU B 574 19.44 -13.10 -27.77
C LEU B 574 20.63 -13.60 -26.96
N PHE B 575 21.53 -12.69 -26.59
CA PHE B 575 22.78 -13.07 -25.97
C PHE B 575 22.81 -12.67 -24.51
N PHE B 576 23.12 -13.62 -23.65
CA PHE B 576 23.35 -13.36 -22.22
C PHE B 576 24.84 -13.34 -21.95
N ASP B 577 25.37 -12.15 -21.74
CA ASP B 577 26.68 -11.96 -21.14
C ASP B 577 26.69 -12.53 -19.74
N GLU B 578 27.86 -13.02 -19.34
CA GLU B 578 28.23 -13.08 -17.93
C GLU B 578 27.15 -13.79 -17.12
N LEU B 579 26.70 -14.92 -17.65
CA LEU B 579 25.51 -15.58 -17.14
C LEU B 579 25.72 -16.19 -15.75
N ASP B 580 26.96 -16.21 -15.25
CA ASP B 580 27.24 -16.60 -13.88
C ASP B 580 27.35 -15.42 -12.93
N SER B 581 27.04 -14.21 -13.39
CA SER B 581 27.28 -13.03 -12.57
C SER B 581 26.52 -13.10 -11.25
N ILE B 582 25.37 -13.77 -11.22
CA ILE B 582 24.62 -13.82 -9.98
C ILE B 582 25.19 -14.88 -9.05
N ALA B 583 25.68 -15.98 -9.59
CA ALA B 583 26.35 -16.97 -8.76
C ALA B 583 27.58 -16.38 -8.11
N LYS B 584 28.29 -15.50 -8.80
CA LYS B 584 29.42 -14.81 -8.18
C LYS B 584 28.95 -13.86 -7.09
N ALA B 585 27.84 -13.17 -7.32
CA ALA B 585 27.37 -12.19 -6.34
C ALA B 585 27.10 -12.83 -5.00
N ARG B 586 26.78 -14.12 -4.99
CA ARG B 586 26.56 -14.82 -3.75
C ARG B 586 27.79 -15.48 -3.17
N GLY B 587 28.88 -15.55 -3.92
CA GLY B 587 29.78 -16.65 -3.68
C GLY B 587 30.50 -17.02 -4.97
N GLY B 588 30.66 -18.31 -5.17
CA GLY B 588 31.43 -18.84 -6.26
C GLY B 588 32.68 -19.55 -5.80
N ASN B 589 33.04 -19.39 -4.53
CA ASN B 589 33.81 -20.42 -3.87
C ASN B 589 32.90 -21.18 -2.93
N ILE B 590 32.59 -20.64 -1.75
CA ILE B 590 31.69 -21.31 -0.80
C ILE B 590 30.24 -20.87 -0.96
N GLY B 591 29.99 -19.77 -1.67
CA GLY B 591 28.66 -19.33 -1.99
C GLY B 591 27.78 -19.05 -0.80
N ASP B 592 26.49 -18.94 -1.11
CA ASP B 592 25.48 -19.12 -0.09
C ASP B 592 25.36 -20.59 0.27
N GLY B 593 24.75 -20.85 1.41
CA GLY B 593 24.31 -22.21 1.68
C GLY B 593 23.43 -22.77 0.59
N GLY B 594 22.77 -21.91 -0.18
CA GLY B 594 21.89 -22.38 -1.22
C GLY B 594 22.61 -23.10 -2.34
N GLY B 595 21.84 -23.87 -3.10
CA GLY B 595 22.33 -24.51 -4.30
C GLY B 595 22.40 -23.53 -5.46
N ALA B 596 22.64 -24.09 -6.64
CA ALA B 596 22.98 -23.26 -7.78
C ALA B 596 21.82 -22.43 -8.33
N ALA B 597 20.60 -22.73 -7.91
CA ALA B 597 19.44 -22.02 -8.45
C ALA B 597 19.29 -20.65 -7.80
N ASP B 598 18.64 -19.75 -8.53
CA ASP B 598 18.22 -18.47 -7.97
C ASP B 598 17.18 -17.85 -8.88
N ARG B 599 16.59 -16.77 -8.41
CA ARG B 599 15.42 -16.17 -9.01
C ARG B 599 15.44 -15.73 -10.46
N VAL B 600 16.57 -15.24 -10.94
CA VAL B 600 16.62 -14.73 -12.30
C VAL B 600 16.89 -15.84 -13.28
N ILE B 601 17.88 -16.68 -12.97
CA ILE B 601 18.19 -17.78 -13.85
C ILE B 601 17.03 -18.74 -13.92
N ASN B 602 16.20 -18.76 -12.88
CA ASN B 602 15.01 -19.59 -12.91
C ASN B 602 14.00 -19.08 -13.94
N GLN B 603 13.81 -17.77 -14.03
CA GLN B 603 12.87 -17.25 -15.02
C GLN B 603 13.38 -17.44 -16.42
N ILE B 604 14.69 -17.35 -16.64
CA ILE B 604 15.25 -17.66 -17.95
C ILE B 604 14.94 -19.09 -18.34
N LEU B 605 15.01 -20.02 -17.38
CA LEU B 605 14.58 -21.39 -17.66
C LEU B 605 13.09 -21.44 -17.99
N THR B 606 12.27 -20.82 -17.16
CA THR B 606 10.83 -20.78 -17.43
C THR B 606 10.54 -20.21 -18.82
N GLU B 607 11.24 -19.14 -19.21
CA GLU B 607 10.89 -18.47 -20.46
C GLU B 607 11.54 -19.13 -21.67
N MET B 608 12.55 -19.95 -21.48
CA MET B 608 13.06 -20.74 -22.60
C MET B 608 12.13 -21.90 -22.93
N ASP B 609 11.63 -22.57 -21.91
CA ASP B 609 10.75 -23.70 -22.12
C ASP B 609 9.40 -23.27 -22.70
N GLY B 610 9.01 -22.03 -22.39
CA GLY B 610 7.75 -21.46 -22.82
C GLY B 610 7.77 -20.79 -24.17
N MET B 611 8.94 -20.80 -24.82
CA MET B 611 9.08 -20.19 -26.13
C MET B 611 8.17 -20.94 -27.09
N SER B 612 7.62 -20.24 -28.09
CA SER B 612 6.73 -20.90 -29.04
C SER B 612 7.56 -21.57 -30.11
N THR B 613 8.32 -22.58 -29.68
CA THR B 613 9.19 -23.34 -30.55
C THR B 613 10.35 -22.44 -30.95
N LYS B 614 11.10 -22.87 -31.95
CA LYS B 614 12.19 -22.06 -32.45
C LYS B 614 11.58 -21.24 -33.56
N LYS B 615 11.44 -19.94 -33.32
CA LYS B 615 10.86 -19.04 -34.31
C LYS B 615 11.68 -17.78 -34.53
N ASN B 616 12.83 -17.92 -35.16
CA ASN B 616 13.67 -16.76 -35.41
C ASN B 616 14.45 -16.26 -34.20
N VAL B 617 14.34 -16.97 -33.07
CA VAL B 617 15.07 -16.57 -31.87
C VAL B 617 16.09 -17.60 -31.41
N PHE B 618 17.35 -17.21 -31.42
CA PHE B 618 18.45 -18.08 -31.02
C PHE B 618 19.12 -17.55 -29.75
N ILE B 619 19.27 -18.41 -28.75
CA ILE B 619 19.87 -18.00 -27.49
C ILE B 619 21.33 -18.40 -27.36
N ILE B 620 22.15 -17.46 -26.90
CA ILE B 620 23.57 -17.73 -26.67
C ILE B 620 23.92 -17.26 -25.26
N GLY B 621 24.31 -18.18 -24.41
CA GLY B 621 24.90 -17.81 -23.15
C GLY B 621 26.41 -17.82 -23.21
N ALA B 622 27.03 -16.99 -22.39
CA ALA B 622 28.47 -16.96 -22.27
C ALA B 622 28.84 -16.81 -20.82
N THR B 623 29.83 -17.56 -20.39
CA THR B 623 30.25 -17.53 -19.00
C THR B 623 31.75 -17.76 -18.93
N ASN B 624 32.36 -17.14 -17.94
CA ASN B 624 33.72 -17.49 -17.54
C ASN B 624 33.71 -18.66 -16.57
N ARG B 625 32.72 -18.72 -15.69
CA ARG B 625 32.75 -19.78 -14.70
C ARG B 625 31.66 -20.79 -15.00
N PRO B 626 31.99 -21.88 -15.69
CA PRO B 626 30.98 -22.94 -15.88
C PRO B 626 30.75 -23.76 -14.63
N ASP B 627 31.69 -23.76 -13.70
CA ASP B 627 31.50 -24.41 -12.40
C ASP B 627 30.19 -24.00 -11.76
N ILE B 628 29.98 -22.69 -11.63
CA ILE B 628 28.91 -22.17 -10.82
C ILE B 628 27.62 -21.98 -11.59
N ILE B 629 27.62 -22.25 -12.89
CA ILE B 629 26.39 -22.28 -13.67
C ILE B 629 25.44 -23.31 -13.10
N ASP B 630 24.18 -22.93 -12.95
CA ASP B 630 23.15 -23.87 -12.58
C ASP B 630 23.06 -24.98 -13.61
N PRO B 631 23.31 -26.23 -13.23
CA PRO B 631 23.36 -27.31 -14.24
C PRO B 631 22.03 -27.53 -14.94
N ALA B 632 20.93 -27.00 -14.42
CA ALA B 632 19.65 -27.05 -15.15
C ALA B 632 19.66 -26.18 -16.41
N ILE B 633 20.60 -25.26 -16.54
CA ILE B 633 20.76 -24.47 -17.77
C ILE B 633 21.12 -25.37 -18.93
N LEU B 634 21.89 -26.41 -18.66
CA LEU B 634 22.57 -27.21 -19.66
C LEU B 634 21.72 -28.39 -20.15
N ARG B 635 20.46 -28.46 -19.74
CA ARG B 635 19.62 -29.62 -20.00
C ARG B 635 19.07 -29.62 -21.43
N PRO B 636 18.59 -30.77 -21.89
CA PRO B 636 18.05 -30.84 -23.25
C PRO B 636 16.81 -29.99 -23.42
N GLY B 637 16.82 -29.19 -24.48
CA GLY B 637 15.75 -28.26 -24.80
C GLY B 637 16.10 -26.85 -24.35
N ARG B 638 17.24 -26.72 -23.68
CA ARG B 638 17.76 -25.44 -23.20
C ARG B 638 19.04 -25.15 -23.98
N LEU B 639 20.04 -24.59 -23.31
CA LEU B 639 21.32 -24.29 -23.97
C LEU B 639 22.20 -25.53 -23.98
N ASP B 640 21.82 -26.51 -24.80
CA ASP B 640 22.52 -27.79 -24.94
C ASP B 640 23.96 -27.81 -25.50
N GLN B 641 24.23 -27.00 -26.51
CA GLN B 641 25.55 -26.99 -27.14
C GLN B 641 26.50 -26.16 -26.29
N LEU B 642 27.44 -26.83 -25.64
CA LEU B 642 28.56 -26.16 -24.99
C LEU B 642 29.71 -26.08 -25.96
N ILE B 643 30.18 -24.87 -26.21
CA ILE B 643 31.34 -24.63 -27.04
C ILE B 643 32.39 -23.96 -26.17
N TYR B 644 33.63 -24.44 -26.24
CA TYR B 644 34.73 -23.93 -25.44
C TYR B 644 35.55 -22.97 -26.29
N ILE B 645 35.53 -21.69 -25.93
CA ILE B 645 36.34 -20.68 -26.58
C ILE B 645 37.62 -20.54 -25.80
N PRO B 646 38.74 -21.06 -26.30
CA PRO B 646 39.98 -21.10 -25.52
C PRO B 646 40.85 -19.90 -25.79
N LEU B 647 42.01 -19.81 -25.14
CA LEU B 647 42.95 -18.75 -25.46
C LEU B 647 43.47 -18.92 -26.88
N PRO B 648 43.73 -17.83 -27.58
CA PRO B 648 44.34 -17.96 -28.90
C PRO B 648 45.75 -18.51 -28.87
N ASP B 649 46.17 -19.05 -30.01
CA ASP B 649 47.57 -19.32 -30.29
C ASP B 649 48.09 -18.25 -31.25
N GLU B 650 49.39 -18.33 -31.55
CA GLU B 650 50.02 -17.23 -32.28
C GLU B 650 49.55 -17.16 -33.73
N LYS B 651 48.98 -18.21 -34.28
CA LYS B 651 48.29 -18.04 -35.56
C LYS B 651 47.07 -17.16 -35.38
N SER B 652 46.20 -17.53 -34.44
CA SER B 652 45.06 -16.70 -34.11
C SER B 652 45.47 -15.41 -33.42
N ARG B 653 46.68 -15.32 -32.88
CA ARG B 653 47.14 -14.04 -32.35
C ARG B 653 47.55 -13.09 -33.47
N VAL B 654 48.20 -13.60 -34.50
CA VAL B 654 48.48 -12.78 -35.67
C VAL B 654 47.18 -12.27 -36.26
N ALA B 655 46.15 -13.10 -36.26
CA ALA B 655 44.88 -12.71 -36.85
C ALA B 655 44.16 -11.69 -35.97
N ILE B 656 44.23 -11.87 -34.66
CA ILE B 656 43.64 -10.91 -33.73
C ILE B 656 44.32 -9.56 -33.83
N LEU B 657 45.66 -9.55 -33.81
CA LEU B 657 46.40 -8.31 -34.05
C LEU B 657 46.01 -7.66 -35.38
N LYS B 658 46.04 -8.42 -36.47
CA LYS B 658 45.64 -7.85 -37.75
C LYS B 658 44.21 -7.35 -37.73
N ALA B 659 43.33 -8.07 -37.04
CA ALA B 659 41.93 -7.70 -37.05
C ALA B 659 41.69 -6.43 -36.25
N ASN B 660 42.44 -6.22 -35.18
CA ASN B 660 42.28 -4.98 -34.44
C ASN B 660 42.85 -3.79 -35.20
N LEU B 661 43.99 -3.99 -35.87
CA LEU B 661 44.72 -2.89 -36.49
C LEU B 661 44.22 -2.51 -37.88
N ARG B 662 43.16 -3.15 -38.37
CA ARG B 662 42.64 -2.85 -39.69
C ARG B 662 42.00 -1.47 -39.78
N LYS B 663 41.75 -0.83 -38.66
CA LYS B 663 41.14 0.50 -38.71
C LYS B 663 42.21 1.58 -38.60
N SER B 664 42.74 1.77 -37.40
CA SER B 664 43.77 2.78 -37.18
C SER B 664 44.94 2.56 -38.13
N PRO B 665 45.33 3.56 -38.91
CA PRO B 665 46.39 3.35 -39.91
C PRO B 665 47.73 3.08 -39.23
N VAL B 666 48.56 2.31 -39.91
CA VAL B 666 49.76 1.72 -39.33
C VAL B 666 50.92 1.91 -40.31
N ALA B 667 52.07 2.31 -39.77
CA ALA B 667 53.28 2.50 -40.55
C ALA B 667 54.04 1.19 -40.67
N LYS B 668 54.47 0.88 -41.89
CA LYS B 668 54.74 -0.49 -42.31
C LYS B 668 55.91 -1.15 -41.59
N ASP B 669 56.80 -0.35 -41.00
CA ASP B 669 58.01 -0.87 -40.37
C ASP B 669 57.74 -1.76 -39.16
N VAL B 670 56.65 -1.54 -38.42
CA VAL B 670 56.34 -2.35 -37.26
C VAL B 670 55.96 -3.76 -37.70
N ASP B 671 56.41 -4.76 -36.93
CA ASP B 671 56.30 -6.17 -37.31
C ASP B 671 55.29 -6.88 -36.43
N LEU B 672 54.24 -7.39 -37.05
CA LEU B 672 53.09 -7.92 -36.34
C LEU B 672 53.19 -9.42 -36.10
N GLU B 673 54.12 -10.11 -36.73
CA GLU B 673 54.29 -11.54 -36.53
C GLU B 673 55.08 -11.84 -35.26
N PHE B 674 55.96 -10.94 -34.87
CA PHE B 674 56.83 -11.18 -33.72
C PHE B 674 56.12 -10.90 -32.40
N LEU B 675 55.40 -9.78 -32.33
CA LEU B 675 54.63 -9.44 -31.14
C LEU B 675 53.76 -10.59 -30.71
N ALA B 676 53.25 -11.37 -31.67
CA ALA B 676 52.43 -12.52 -31.36
C ALA B 676 53.17 -13.50 -30.47
N LYS B 677 54.10 -14.24 -31.06
CA LYS B 677 54.70 -15.38 -30.37
C LYS B 677 55.38 -14.98 -29.08
N MET B 678 55.74 -13.69 -28.94
CA MET B 678 56.38 -13.24 -27.72
C MET B 678 55.40 -13.17 -26.57
N THR B 679 54.13 -12.87 -26.84
CA THR B 679 53.13 -12.84 -25.79
C THR B 679 52.54 -14.25 -25.72
N ASN B 680 52.95 -15.01 -24.71
CA ASN B 680 52.80 -16.46 -24.77
C ASN B 680 51.39 -16.88 -24.43
N GLY B 681 50.84 -16.33 -23.35
CA GLY B 681 49.57 -16.76 -22.80
C GLY B 681 48.43 -15.77 -22.84
N PHE B 682 48.51 -14.72 -23.66
CA PHE B 682 47.50 -13.66 -23.60
C PHE B 682 46.14 -14.10 -24.16
N SER B 683 45.09 -13.61 -23.53
CA SER B 683 43.75 -13.61 -24.10
C SER B 683 43.64 -12.57 -25.21
N GLY B 684 42.58 -12.70 -26.01
CA GLY B 684 42.33 -11.72 -27.06
C GLY B 684 42.21 -10.30 -26.55
N ALA B 685 41.67 -10.12 -25.35
CA ALA B 685 41.50 -8.77 -24.81
C ALA B 685 42.82 -8.19 -24.35
N ASP B 686 43.73 -9.05 -23.88
CA ASP B 686 45.05 -8.57 -23.47
C ASP B 686 45.85 -8.01 -24.65
N LEU B 687 45.56 -8.46 -25.87
CA LEU B 687 46.22 -7.92 -27.05
C LEU B 687 45.59 -6.60 -27.47
N THR B 688 44.31 -6.42 -27.15
CA THR B 688 43.67 -5.14 -27.35
C THR B 688 44.26 -4.08 -26.43
N GLU B 689 44.64 -4.46 -25.21
CA GLU B 689 45.29 -3.54 -24.29
C GLU B 689 46.56 -2.98 -24.91
N ILE B 690 47.39 -3.86 -25.48
CA ILE B 690 48.64 -3.43 -26.09
C ILE B 690 48.37 -2.54 -27.29
N CYS B 691 47.52 -3.00 -28.20
CA CYS B 691 47.22 -2.18 -29.37
C CYS B 691 46.68 -0.82 -28.96
N GLN B 692 45.83 -0.79 -27.94
CA GLN B 692 45.33 0.45 -27.37
C GLN B 692 46.39 1.19 -26.56
N ARG B 693 47.34 0.47 -25.98
CA ARG B 693 48.40 1.17 -25.25
C ARG B 693 49.29 1.94 -26.22
N ALA B 694 49.53 1.37 -27.40
CA ALA B 694 50.39 2.00 -28.39
C ALA B 694 49.66 3.08 -29.19
N CYS B 695 48.41 2.85 -29.58
CA CYS B 695 47.66 3.91 -30.24
C CYS B 695 47.50 5.11 -29.33
N LYS B 696 47.44 4.90 -28.01
CA LYS B 696 47.40 6.02 -27.10
C LYS B 696 48.65 6.88 -27.24
N LEU B 697 49.82 6.23 -27.20
CA LEU B 697 51.10 6.93 -27.34
C LEU B 697 51.22 7.67 -28.68
N ALA B 698 50.68 7.12 -29.75
CA ALA B 698 50.73 7.83 -31.02
C ALA B 698 49.95 9.14 -30.94
N ILE B 699 48.74 9.10 -30.37
CA ILE B 699 48.00 10.33 -30.11
C ILE B 699 48.80 11.20 -29.14
N ARG B 700 49.47 10.58 -28.18
CA ARG B 700 50.35 11.30 -27.27
C ARG B 700 51.44 12.05 -28.03
N GLU B 701 52.01 11.42 -29.06
CA GLU B 701 52.98 12.11 -29.91
C GLU B 701 52.31 13.18 -30.76
N SER B 702 51.29 12.81 -31.52
CA SER B 702 50.67 13.72 -32.47
C SER B 702 50.30 15.07 -31.84
N ILE B 703 49.66 15.04 -30.67
CA ILE B 703 49.22 16.28 -30.05
C ILE B 703 50.40 17.04 -29.45
N GLU B 704 51.44 16.34 -29.01
CA GLU B 704 52.60 17.02 -28.43
C GLU B 704 53.58 17.47 -29.50
N SER B 705 53.45 16.97 -30.72
CA SER B 705 54.39 17.36 -31.78
C SER B 705 53.99 18.69 -32.40
N GLU B 706 52.69 18.96 -32.55
CA GLU B 706 52.34 20.28 -33.08
C GLU B 706 52.36 21.36 -32.01
N ILE B 707 52.15 21.01 -30.76
CA ILE B 707 52.47 21.91 -29.67
C ILE B 707 53.95 21.76 -29.30
N VAL B 728 53.39 13.42 -39.52
CA VAL B 728 54.10 12.75 -38.42
C VAL B 728 53.22 12.14 -37.30
N PRO B 729 51.91 12.38 -37.30
CA PRO B 729 51.03 11.53 -36.48
C PRO B 729 50.84 10.13 -37.01
N GLU B 730 51.77 9.21 -36.73
CA GLU B 730 51.64 7.83 -37.18
C GLU B 730 52.14 6.88 -36.10
N ILE B 731 51.88 5.59 -36.29
CA ILE B 731 52.18 4.58 -35.29
C ILE B 731 53.43 3.79 -35.71
N ARG B 732 54.26 3.45 -34.74
CA ARG B 732 55.65 3.13 -34.97
C ARG B 732 55.96 1.78 -34.35
N ARG B 733 57.11 1.21 -34.72
CA ARG B 733 57.53 -0.05 -34.09
C ARG B 733 57.91 0.16 -32.63
N ASP B 734 58.40 1.34 -32.27
CA ASP B 734 58.84 1.55 -30.89
C ASP B 734 57.66 1.79 -29.94
N HIS B 735 56.51 2.24 -30.45
CA HIS B 735 55.35 2.37 -29.58
C HIS B 735 54.89 1.00 -29.08
N PHE B 736 54.71 0.04 -30.00
CA PHE B 736 54.41 -1.32 -29.56
C PHE B 736 55.52 -1.88 -28.68
N GLU B 737 56.68 -1.25 -28.65
CA GLU B 737 57.69 -1.63 -27.67
C GLU B 737 57.43 -0.96 -26.33
N GLU B 738 56.98 0.30 -26.34
CA GLU B 738 56.67 1.00 -25.10
C GLU B 738 55.35 0.51 -24.53
N ALA B 739 54.37 0.27 -25.42
CA ALA B 739 53.17 -0.45 -25.04
C ALA B 739 53.51 -1.78 -24.39
N MET B 740 54.48 -2.50 -24.95
CA MET B 740 54.81 -3.82 -24.42
C MET B 740 55.44 -3.74 -23.04
N ARG B 741 55.99 -2.59 -22.67
CA ARG B 741 56.56 -2.47 -21.33
C ARG B 741 55.50 -2.65 -20.26
N PHE B 742 54.25 -2.34 -20.58
CA PHE B 742 53.11 -2.47 -19.68
C PHE B 742 52.32 -3.76 -19.89
N ALA B 743 52.80 -4.66 -20.74
CA ALA B 743 51.99 -5.80 -21.16
C ALA B 743 51.74 -6.75 -20.02
N ARG B 744 50.47 -7.05 -19.80
CA ARG B 744 49.97 -7.75 -18.64
C ARG B 744 49.14 -8.93 -19.13
N ARG B 745 49.15 -10.04 -18.40
CA ARG B 745 48.39 -11.21 -18.81
C ARG B 745 47.30 -11.49 -17.79
N SER B 746 46.05 -11.27 -18.19
CA SER B 746 44.92 -11.33 -17.26
C SER B 746 44.72 -12.74 -16.74
N VAL B 747 44.68 -13.72 -17.62
CA VAL B 747 44.21 -15.06 -17.29
C VAL B 747 45.40 -15.88 -16.83
N SER B 748 45.43 -16.21 -15.54
CA SER B 748 46.51 -16.98 -14.97
C SER B 748 46.54 -18.39 -15.54
N ASP B 749 47.70 -19.02 -15.45
CA ASP B 749 47.86 -20.33 -16.07
C ASP B 749 47.27 -21.47 -15.27
N ASN B 750 47.04 -21.29 -13.97
CA ASN B 750 46.41 -22.39 -13.24
C ASN B 750 44.96 -22.57 -13.66
N ASP B 751 44.27 -21.46 -13.97
CA ASP B 751 42.86 -21.58 -14.28
C ASP B 751 42.63 -22.08 -15.70
N ILE B 752 43.62 -21.90 -16.58
CA ILE B 752 43.44 -22.38 -17.94
C ILE B 752 43.12 -23.86 -17.76
N ARG B 753 43.75 -24.48 -16.78
CA ARG B 753 43.50 -25.88 -16.48
C ARG B 753 42.04 -26.08 -16.05
N LYS B 754 41.49 -25.14 -15.28
CA LYS B 754 40.10 -25.26 -14.82
C LYS B 754 39.17 -25.30 -16.04
N TYR B 755 39.43 -24.42 -17.00
CA TYR B 755 38.70 -24.42 -18.26
C TYR B 755 38.95 -25.71 -19.03
N GLU B 756 40.22 -26.06 -19.19
CA GLU B 756 40.55 -27.28 -19.90
C GLU B 756 39.97 -28.45 -19.10
N MET B 757 40.08 -28.36 -17.78
CA MET B 757 39.57 -29.41 -16.92
C MET B 757 38.07 -29.56 -17.10
N PHE B 758 37.35 -28.43 -17.11
CA PHE B 758 35.91 -28.48 -17.30
C PHE B 758 35.69 -29.03 -18.70
N ALA B 759 36.50 -28.52 -19.63
CA ALA B 759 36.46 -28.93 -21.02
C ALA B 759 36.90 -30.38 -21.25
N GLN B 760 37.97 -30.79 -20.56
CA GLN B 760 38.51 -32.14 -20.74
C GLN B 760 37.57 -33.20 -20.18
N THR B 761 36.74 -32.82 -19.20
CA THR B 761 35.65 -33.70 -18.77
C THR B 761 34.56 -33.81 -19.82
N LEU B 762 34.25 -32.72 -20.52
CA LEU B 762 33.04 -32.70 -21.34
C LEU B 762 33.08 -33.60 -22.56
N GLN B 763 34.26 -34.07 -22.96
CA GLN B 763 34.40 -35.03 -24.05
C GLN B 763 33.60 -34.58 -25.30
N ASN C 21 -41.35 -51.39 -29.27
CA ASN C 21 -42.79 -51.53 -29.49
C ASN C 21 -43.21 -51.05 -30.88
N ARG C 22 -42.60 -51.68 -31.88
CA ARG C 22 -42.84 -51.37 -33.26
C ARG C 22 -42.39 -49.94 -33.53
N PRO C 23 -41.42 -49.44 -32.77
CA PRO C 23 -41.00 -48.06 -33.04
C PRO C 23 -40.30 -47.92 -34.39
N ASN C 24 -40.46 -46.76 -35.02
CA ASN C 24 -39.83 -46.50 -36.31
C ASN C 24 -38.37 -46.92 -36.28
N ARG C 25 -37.55 -46.21 -35.49
CA ARG C 25 -36.13 -46.54 -35.39
C ARG C 25 -35.17 -45.42 -35.80
N LEU C 26 -35.68 -44.20 -35.94
CA LEU C 26 -34.83 -43.07 -36.35
C LEU C 26 -34.64 -41.98 -35.28
N ILE C 27 -33.38 -41.60 -35.06
CA ILE C 27 -33.00 -40.56 -34.10
C ILE C 27 -32.07 -39.64 -34.88
N VAL C 28 -31.91 -38.36 -34.51
CA VAL C 28 -31.04 -37.52 -35.33
C VAL C 28 -29.83 -37.10 -34.52
N ASP C 29 -28.69 -37.03 -35.19
CA ASP C 29 -27.43 -36.95 -34.46
C ASP C 29 -26.47 -36.10 -35.29
N GLU C 30 -25.47 -35.54 -34.62
CA GLU C 30 -24.40 -34.92 -35.37
C GLU C 30 -23.63 -36.02 -36.09
N ALA C 31 -23.03 -35.66 -37.23
CA ALA C 31 -22.25 -36.59 -38.05
C ALA C 31 -20.85 -36.03 -38.19
N ILE C 32 -19.86 -36.73 -37.64
CA ILE C 32 -18.53 -36.16 -37.67
C ILE C 32 -17.88 -36.38 -39.04
N ASN C 33 -18.04 -37.56 -39.63
CA ASN C 33 -17.48 -37.79 -40.96
C ASN C 33 -18.08 -36.80 -41.95
N GLU C 34 -17.27 -36.37 -42.90
CA GLU C 34 -17.53 -35.16 -43.67
C GLU C 34 -18.12 -35.51 -45.04
N ASP C 35 -19.40 -35.20 -45.23
CA ASP C 35 -20.15 -35.65 -46.39
C ASP C 35 -21.30 -34.71 -46.72
N ASN C 36 -21.53 -34.52 -48.02
CA ASN C 36 -22.74 -33.88 -48.53
C ASN C 36 -23.72 -34.99 -48.81
N SER C 37 -24.79 -35.08 -48.00
CA SER C 37 -25.86 -36.05 -48.19
C SER C 37 -25.32 -37.49 -48.21
N VAL C 38 -24.76 -37.88 -47.08
CA VAL C 38 -24.48 -39.27 -46.79
C VAL C 38 -24.83 -39.53 -45.34
N VAL C 39 -25.28 -40.75 -45.05
CA VAL C 39 -25.83 -41.13 -43.75
C VAL C 39 -25.18 -42.42 -43.29
N SER C 40 -24.92 -42.51 -41.99
CA SER C 40 -24.55 -43.77 -41.34
C SER C 40 -25.78 -44.38 -40.67
N LEU C 41 -25.84 -45.70 -40.64
CA LEU C 41 -26.93 -46.38 -39.95
C LEU C 41 -26.45 -47.71 -39.41
N SER C 42 -26.95 -48.08 -38.23
CA SER C 42 -26.33 -49.04 -37.34
C SER C 42 -26.23 -50.45 -37.94
N GLN C 43 -25.05 -51.05 -37.81
CA GLN C 43 -24.85 -52.47 -38.14
C GLN C 43 -25.55 -53.44 -37.18
N PRO C 44 -25.62 -53.19 -35.86
CA PRO C 44 -26.20 -54.21 -34.96
C PRO C 44 -27.57 -54.67 -35.43
N LYS C 45 -28.32 -53.81 -36.11
CA LYS C 45 -29.40 -54.24 -36.99
C LYS C 45 -29.22 -53.57 -38.35
N MET C 46 -28.84 -54.35 -39.36
CA MET C 46 -29.08 -53.99 -40.75
C MET C 46 -30.28 -54.71 -41.35
N ASP C 47 -30.91 -55.63 -40.64
CA ASP C 47 -31.94 -56.40 -41.32
C ASP C 47 -33.33 -55.80 -41.15
N GLU C 48 -33.50 -54.82 -40.26
CA GLU C 48 -34.85 -54.32 -40.01
C GLU C 48 -35.32 -53.41 -41.14
N LEU C 49 -34.52 -52.39 -41.48
CA LEU C 49 -34.79 -51.63 -42.70
C LEU C 49 -34.21 -52.33 -43.93
N GLN C 50 -33.04 -52.96 -43.80
CA GLN C 50 -32.44 -53.75 -44.86
C GLN C 50 -32.19 -52.94 -46.13
N LEU C 51 -31.12 -52.16 -46.07
CA LEU C 51 -30.69 -51.35 -47.19
C LEU C 51 -29.25 -51.78 -47.42
N PHE C 52 -28.96 -52.20 -48.63
CA PHE C 52 -27.63 -52.66 -49.00
C PHE C 52 -26.62 -51.52 -48.87
N ARG C 53 -27.13 -50.31 -49.11
CA ARG C 53 -26.43 -49.03 -49.09
C ARG C 53 -26.33 -48.45 -50.48
N GLY C 54 -26.25 -47.12 -50.55
CA GLY C 54 -26.16 -46.40 -51.79
C GLY C 54 -27.55 -46.37 -52.41
N ASP C 55 -28.51 -46.87 -51.65
CA ASP C 55 -29.90 -46.96 -52.09
C ASP C 55 -30.68 -45.76 -51.58
N THR C 56 -31.34 -45.09 -52.52
CA THR C 56 -32.15 -43.90 -52.22
C THR C 56 -33.18 -44.22 -51.15
N VAL C 57 -33.31 -43.33 -50.17
CA VAL C 57 -34.15 -43.61 -49.01
C VAL C 57 -34.94 -42.36 -48.66
N LEU C 58 -36.08 -42.57 -48.00
CA LEU C 58 -36.90 -41.46 -47.53
C LEU C 58 -36.33 -40.86 -46.27
N LEU C 59 -36.63 -39.59 -46.04
CA LEU C 59 -36.46 -38.98 -44.73
C LEU C 59 -37.65 -38.09 -44.46
N LYS C 60 -38.29 -38.25 -43.31
CA LYS C 60 -39.50 -37.49 -43.04
C LYS C 60 -39.18 -36.31 -42.12
N GLY C 61 -39.50 -35.12 -42.58
CA GLY C 61 -39.21 -33.88 -41.90
C GLY C 61 -40.37 -33.46 -41.03
N LYS C 62 -40.63 -32.17 -41.00
CA LYS C 62 -41.79 -31.62 -40.33
C LYS C 62 -42.63 -30.87 -41.36
N LYS C 63 -43.87 -30.57 -40.98
CA LYS C 63 -44.65 -29.52 -41.64
C LYS C 63 -45.14 -29.94 -43.02
N ARG C 64 -44.92 -31.20 -43.41
CA ARG C 64 -44.77 -31.67 -44.80
C ARG C 64 -43.46 -31.25 -45.46
N ARG C 65 -42.35 -31.89 -45.05
CA ARG C 65 -41.10 -31.93 -45.82
C ARG C 65 -40.45 -33.29 -45.71
N GLU C 66 -39.66 -33.64 -46.74
CA GLU C 66 -38.97 -34.91 -46.80
C GLU C 66 -37.59 -34.71 -47.44
N ALA C 67 -36.72 -35.71 -47.29
CA ALA C 67 -35.40 -35.63 -47.89
C ALA C 67 -34.93 -37.01 -48.35
N VAL C 68 -33.91 -37.00 -49.21
CA VAL C 68 -33.33 -38.21 -49.79
C VAL C 68 -31.83 -38.16 -49.62
N CYS C 69 -31.25 -39.23 -49.08
CA CYS C 69 -29.81 -39.31 -48.84
C CYS C 69 -29.33 -40.74 -49.01
N ILE C 70 -28.01 -40.88 -49.04
CA ILE C 70 -27.31 -42.12 -49.30
C ILE C 70 -26.78 -42.64 -47.96
N VAL C 71 -26.70 -43.97 -47.82
CA VAL C 71 -26.42 -44.59 -46.52
C VAL C 71 -25.12 -45.40 -46.57
N LEU C 72 -24.31 -45.26 -45.52
CA LEU C 72 -23.07 -46.00 -45.34
C LEU C 72 -23.01 -46.56 -43.92
N SER C 73 -22.01 -47.41 -43.69
CA SER C 73 -21.89 -48.19 -42.47
C SER C 73 -20.72 -47.71 -41.62
N ASP C 74 -20.89 -47.77 -40.30
CA ASP C 74 -19.87 -47.34 -39.35
C ASP C 74 -19.79 -48.34 -38.22
N ASP C 75 -18.60 -48.90 -37.95
CA ASP C 75 -18.46 -49.71 -36.74
C ASP C 75 -18.72 -48.88 -35.50
N THR C 76 -18.35 -47.60 -35.52
CA THR C 76 -18.41 -46.72 -34.37
C THR C 76 -19.67 -45.88 -34.30
N CYS C 77 -20.61 -46.06 -35.21
CA CYS C 77 -21.95 -45.55 -35.00
C CYS C 77 -22.66 -46.38 -33.94
N SER C 78 -23.64 -45.76 -33.28
CA SER C 78 -24.41 -46.47 -32.27
C SER C 78 -25.54 -47.27 -32.90
N ASP C 79 -25.95 -48.34 -32.21
CA ASP C 79 -27.25 -48.95 -32.50
C ASP C 79 -28.38 -47.96 -32.25
N GLU C 80 -28.11 -46.88 -31.51
CA GLU C 80 -29.17 -45.96 -31.10
C GLU C 80 -29.53 -44.96 -32.20
N LYS C 81 -28.54 -44.35 -32.87
CA LYS C 81 -28.76 -43.09 -33.58
C LYS C 81 -28.00 -43.04 -34.91
N ILE C 82 -28.14 -41.89 -35.58
CA ILE C 82 -27.95 -41.76 -37.04
C ILE C 82 -27.11 -40.52 -37.34
N ARG C 83 -25.95 -40.72 -37.96
CA ARG C 83 -25.06 -39.62 -38.33
C ARG C 83 -25.57 -38.95 -39.60
N MET C 84 -25.95 -37.68 -39.50
CA MET C 84 -26.34 -36.89 -40.66
C MET C 84 -25.91 -35.45 -40.40
N ASN C 85 -25.84 -34.65 -41.47
CA ASN C 85 -25.15 -33.37 -41.42
C ASN C 85 -26.12 -32.20 -41.38
N ARG C 86 -25.57 -31.01 -41.47
CA ARG C 86 -26.28 -29.76 -41.26
C ARG C 86 -27.11 -29.33 -42.48
N VAL C 87 -26.74 -29.72 -43.70
CA VAL C 87 -27.59 -29.36 -44.83
C VAL C 87 -28.86 -30.22 -44.84
N VAL C 88 -28.76 -31.51 -44.51
CA VAL C 88 -29.97 -32.31 -44.46
C VAL C 88 -30.85 -31.84 -43.32
N ARG C 89 -30.23 -31.57 -42.17
CA ARG C 89 -30.96 -31.19 -40.98
C ARG C 89 -31.75 -29.91 -41.20
N ASN C 90 -31.14 -28.91 -41.83
CA ASN C 90 -31.83 -27.64 -42.04
C ASN C 90 -32.99 -27.79 -43.04
N ASN C 91 -32.79 -28.57 -44.10
CA ASN C 91 -33.88 -28.84 -45.05
C ASN C 91 -35.11 -29.38 -44.33
N LEU C 92 -34.94 -30.49 -43.61
CA LEU C 92 -36.03 -31.12 -42.87
C LEU C 92 -36.62 -30.20 -41.81
N ARG C 93 -35.85 -29.21 -41.36
CA ARG C 93 -36.14 -28.48 -40.13
C ARG C 93 -36.25 -29.42 -38.95
N VAL C 94 -35.50 -30.52 -39.03
CA VAL C 94 -35.13 -31.30 -37.87
C VAL C 94 -34.00 -30.60 -37.10
N ARG C 95 -33.81 -31.01 -35.84
CA ARG C 95 -32.71 -30.53 -35.02
C ARG C 95 -32.00 -31.74 -34.40
N LEU C 96 -30.88 -31.50 -33.75
CA LEU C 96 -30.20 -32.59 -33.04
C LEU C 96 -31.11 -33.17 -31.98
N GLY C 97 -30.89 -34.46 -31.70
CA GLY C 97 -31.64 -35.15 -30.68
C GLY C 97 -33.09 -35.42 -31.03
N ASP C 98 -33.57 -34.85 -32.12
CA ASP C 98 -34.92 -35.02 -32.63
C ASP C 98 -35.06 -36.39 -33.29
N VAL C 99 -36.31 -36.75 -33.60
CA VAL C 99 -36.60 -38.02 -34.24
C VAL C 99 -37.49 -37.76 -35.47
N ILE C 100 -37.10 -38.34 -36.61
CA ILE C 100 -37.88 -38.18 -37.84
C ILE C 100 -38.35 -39.54 -38.34
N SER C 101 -39.62 -39.64 -38.68
CA SER C 101 -40.14 -40.91 -39.17
C SER C 101 -39.35 -41.23 -40.44
N ILE C 102 -38.91 -42.48 -40.55
CA ILE C 102 -38.13 -42.91 -41.70
C ILE C 102 -38.67 -44.22 -42.25
N GLN C 103 -38.48 -44.40 -43.56
CA GLN C 103 -38.92 -45.59 -44.22
C GLN C 103 -37.95 -45.87 -45.35
N PRO C 104 -37.48 -47.10 -45.51
CA PRO C 104 -36.79 -47.45 -46.74
C PRO C 104 -37.79 -47.73 -47.85
N CYS C 105 -37.47 -47.23 -49.05
CA CYS C 105 -37.93 -47.83 -50.27
C CYS C 105 -36.72 -47.67 -51.18
N PRO C 106 -36.31 -48.73 -51.88
CA PRO C 106 -35.02 -48.67 -52.60
C PRO C 106 -35.02 -47.78 -53.81
N ASP C 107 -36.17 -47.62 -54.46
CA ASP C 107 -36.21 -47.16 -55.84
C ASP C 107 -35.77 -45.70 -55.99
N VAL C 108 -35.29 -45.39 -57.18
CA VAL C 108 -34.87 -44.05 -57.59
C VAL C 108 -35.05 -43.95 -59.10
N LYS C 109 -35.44 -42.77 -59.58
CA LYS C 109 -35.65 -42.54 -61.00
C LYS C 109 -34.82 -41.34 -61.44
N TYR C 110 -34.12 -41.50 -62.56
CA TYR C 110 -33.20 -40.49 -63.08
C TYR C 110 -33.96 -39.23 -63.53
N GLY C 111 -33.19 -38.16 -63.73
CA GLY C 111 -33.77 -36.88 -64.08
C GLY C 111 -32.86 -36.08 -64.98
N LYS C 112 -33.34 -34.90 -65.37
CA LYS C 112 -32.68 -34.06 -66.34
C LYS C 112 -32.19 -32.74 -65.76
N ARG C 113 -30.98 -32.33 -66.17
CA ARG C 113 -30.58 -30.92 -66.28
C ARG C 113 -30.94 -30.02 -65.11
N ILE C 114 -30.83 -30.50 -63.87
CA ILE C 114 -31.53 -29.88 -62.75
C ILE C 114 -31.29 -28.38 -62.72
N HIS C 115 -32.32 -27.64 -62.31
CA HIS C 115 -32.36 -26.19 -62.41
C HIS C 115 -32.18 -25.51 -61.05
N VAL C 116 -31.52 -24.35 -61.06
CA VAL C 116 -30.78 -23.80 -59.93
C VAL C 116 -30.85 -22.27 -59.90
N LEU C 117 -31.04 -21.72 -58.70
CA LEU C 117 -31.14 -20.27 -58.49
C LEU C 117 -30.41 -19.87 -57.20
N PRO C 118 -29.88 -18.58 -57.18
CA PRO C 118 -29.21 -18.22 -55.91
C PRO C 118 -30.22 -18.09 -54.78
N ILE C 119 -29.80 -18.38 -53.55
CA ILE C 119 -30.71 -18.30 -52.40
C ILE C 119 -30.28 -17.32 -51.31
N ASP C 120 -31.20 -16.45 -50.90
CA ASP C 120 -30.96 -15.48 -49.84
C ASP C 120 -30.05 -14.32 -50.27
N ASP C 121 -29.53 -13.58 -49.30
CA ASP C 121 -28.65 -12.43 -49.58
C ASP C 121 -27.38 -12.87 -50.31
N THR C 122 -26.83 -14.01 -49.92
CA THR C 122 -25.58 -14.49 -50.53
C THR C 122 -25.64 -14.63 -52.06
N VAL C 123 -24.61 -14.08 -52.69
CA VAL C 123 -24.44 -14.09 -54.13
C VAL C 123 -23.30 -13.15 -54.51
N GLU C 124 -23.03 -13.04 -55.81
CA GLU C 124 -21.98 -12.17 -56.34
C GLU C 124 -20.63 -12.86 -56.21
N GLY C 125 -20.64 -14.06 -55.64
CA GLY C 125 -19.45 -14.85 -55.46
C GLY C 125 -18.84 -15.30 -56.77
N ILE C 126 -19.72 -15.63 -57.71
CA ILE C 126 -19.33 -16.12 -59.02
C ILE C 126 -19.54 -15.10 -60.13
N THR C 127 -18.50 -14.88 -60.94
CA THR C 127 -18.59 -13.94 -62.05
C THR C 127 -18.53 -14.77 -63.32
N GLY C 128 -19.51 -14.61 -64.20
CA GLY C 128 -19.54 -15.37 -65.43
C GLY C 128 -19.99 -16.80 -65.21
N ASN C 129 -19.21 -17.75 -65.69
CA ASN C 129 -19.57 -19.15 -65.52
C ASN C 129 -19.64 -19.38 -64.02
N LEU C 130 -20.71 -20.03 -63.56
CA LEU C 130 -20.84 -20.29 -62.15
C LEU C 130 -21.00 -21.77 -61.84
N PHE C 131 -21.10 -22.59 -62.89
CA PHE C 131 -21.13 -24.03 -62.74
C PHE C 131 -19.81 -24.65 -63.09
N GLU C 132 -18.89 -23.84 -63.62
CA GLU C 132 -17.51 -24.25 -63.73
C GLU C 132 -16.84 -24.09 -62.38
N VAL C 133 -17.03 -22.93 -61.76
CA VAL C 133 -16.46 -22.67 -60.45
C VAL C 133 -17.11 -23.53 -59.38
N TYR C 134 -18.32 -24.03 -59.60
CA TYR C 134 -19.05 -24.69 -58.52
C TYR C 134 -19.46 -26.12 -58.86
N LEU C 135 -20.29 -26.33 -59.90
CA LEU C 135 -21.02 -27.59 -59.97
C LEU C 135 -20.12 -28.77 -60.33
N LYS C 136 -19.35 -28.66 -61.42
CA LYS C 136 -18.73 -29.82 -62.04
C LYS C 136 -18.11 -30.80 -61.05
N PRO C 137 -17.26 -30.39 -60.10
CA PRO C 137 -16.65 -31.40 -59.22
C PRO C 137 -17.64 -32.12 -58.32
N TYR C 138 -18.73 -31.46 -57.88
CA TYR C 138 -19.61 -32.09 -56.89
C TYR C 138 -20.64 -33.04 -57.49
N PHE C 139 -21.18 -32.76 -58.67
CA PHE C 139 -22.08 -33.73 -59.30
C PHE C 139 -21.30 -34.80 -60.05
N LEU C 140 -19.98 -34.78 -59.92
CA LEU C 140 -19.10 -35.67 -60.65
C LEU C 140 -18.94 -37.01 -59.91
N GLU C 141 -19.42 -38.10 -60.52
CA GLU C 141 -19.38 -39.46 -59.98
C GLU C 141 -20.17 -39.65 -58.69
N ALA C 142 -20.76 -38.59 -58.13
CA ALA C 142 -21.40 -38.69 -56.82
C ALA C 142 -22.71 -39.46 -56.88
N TYR C 143 -23.53 -39.20 -57.90
CA TYR C 143 -24.94 -39.60 -57.87
C TYR C 143 -25.64 -39.01 -56.65
N ARG C 144 -25.42 -37.73 -56.39
CA ARG C 144 -26.07 -37.08 -55.28
C ARG C 144 -27.53 -36.84 -55.62
N PRO C 145 -28.47 -37.51 -54.94
CA PRO C 145 -29.89 -37.26 -55.21
C PRO C 145 -30.26 -35.88 -54.73
N ILE C 146 -30.91 -35.11 -55.60
CA ILE C 146 -31.14 -33.68 -55.34
C ILE C 146 -32.61 -33.38 -55.53
N ARG C 147 -33.20 -32.70 -54.54
CA ARG C 147 -34.64 -32.55 -54.40
C ARG C 147 -35.10 -31.21 -54.94
N LYS C 148 -36.34 -31.18 -55.43
CA LYS C 148 -37.08 -29.93 -55.52
C LYS C 148 -37.18 -29.29 -54.14
N GLY C 149 -36.98 -27.98 -54.09
CA GLY C 149 -37.33 -27.23 -52.90
C GLY C 149 -36.40 -27.36 -51.71
N ASP C 150 -35.12 -27.67 -51.93
CA ASP C 150 -34.17 -27.76 -50.84
C ASP C 150 -32.96 -26.90 -51.14
N ILE C 151 -32.16 -26.67 -50.11
CA ILE C 151 -30.92 -25.90 -50.21
C ILE C 151 -29.77 -26.85 -49.88
N PHE C 152 -28.64 -26.67 -50.57
CA PHE C 152 -27.42 -27.43 -50.34
C PHE C 152 -26.25 -26.49 -50.51
N LEU C 153 -25.05 -26.95 -50.13
CA LEU C 153 -23.89 -26.07 -50.02
C LEU C 153 -22.73 -26.62 -50.83
N VAL C 154 -22.15 -25.79 -51.68
CA VAL C 154 -20.93 -26.11 -52.42
C VAL C 154 -19.82 -25.23 -51.88
N ARG C 155 -18.66 -25.83 -51.63
CA ARG C 155 -17.52 -25.10 -51.11
C ARG C 155 -16.44 -24.96 -52.17
N GLY C 156 -15.81 -23.79 -52.21
CA GLY C 156 -14.61 -23.59 -52.99
C GLY C 156 -14.23 -22.14 -53.16
N GLY C 157 -12.97 -21.90 -53.52
CA GLY C 157 -12.54 -20.54 -53.80
C GLY C 157 -12.77 -19.55 -52.69
N MET C 158 -12.58 -19.98 -51.45
CA MET C 158 -12.59 -19.07 -50.30
C MET C 158 -13.96 -18.46 -50.09
N ARG C 159 -15.01 -19.17 -50.48
CA ARG C 159 -16.36 -18.71 -50.20
C ARG C 159 -17.31 -19.89 -50.33
N ALA C 160 -18.44 -19.79 -49.65
CA ALA C 160 -19.47 -20.81 -49.71
C ALA C 160 -20.78 -20.14 -50.04
N VAL C 161 -21.58 -20.82 -50.86
CA VAL C 161 -22.89 -20.30 -51.24
C VAL C 161 -23.76 -21.50 -51.59
N GLU C 162 -25.04 -21.25 -51.69
CA GLU C 162 -26.06 -22.29 -51.76
C GLU C 162 -26.98 -22.02 -52.93
N PHE C 163 -27.36 -23.08 -53.63
CA PHE C 163 -28.20 -22.99 -54.82
C PHE C 163 -29.50 -23.73 -54.57
N LYS C 164 -30.59 -22.98 -54.47
CA LYS C 164 -31.91 -23.59 -54.31
C LYS C 164 -32.29 -24.33 -55.58
N VAL C 165 -33.16 -25.32 -55.45
CA VAL C 165 -33.75 -25.98 -56.61
C VAL C 165 -35.24 -25.66 -56.61
N VAL C 166 -35.63 -24.74 -57.50
CA VAL C 166 -37.03 -24.36 -57.66
C VAL C 166 -37.76 -25.29 -58.61
N GLU C 167 -37.14 -25.64 -59.74
CA GLU C 167 -37.80 -26.42 -60.76
C GLU C 167 -36.94 -27.62 -61.10
N THR C 168 -37.51 -28.82 -60.92
CA THR C 168 -36.94 -30.05 -61.43
C THR C 168 -38.01 -30.74 -62.26
N ASP C 169 -37.63 -31.22 -63.45
CA ASP C 169 -38.62 -31.81 -64.36
C ASP C 169 -39.20 -33.09 -63.80
N PRO C 170 -38.41 -34.12 -63.45
CA PRO C 170 -39.01 -35.29 -62.80
C PRO C 170 -39.20 -35.06 -61.32
N SER C 171 -40.20 -35.73 -60.76
CA SER C 171 -40.51 -35.59 -59.34
C SER C 171 -41.09 -36.89 -58.79
N PRO C 172 -41.03 -37.09 -57.47
CA PRO C 172 -40.53 -36.22 -56.38
C PRO C 172 -39.01 -36.00 -56.26
N TYR C 173 -38.16 -36.83 -56.85
CA TYR C 173 -36.72 -36.70 -56.66
C TYR C 173 -35.99 -37.30 -57.85
N CYS C 174 -34.73 -36.90 -58.02
CA CYS C 174 -33.98 -37.39 -59.18
C CYS C 174 -32.51 -37.60 -58.85
N ILE C 175 -32.01 -38.78 -59.20
CA ILE C 175 -30.58 -39.05 -59.16
C ILE C 175 -29.91 -38.43 -60.37
N VAL C 176 -28.74 -37.80 -60.18
CA VAL C 176 -28.07 -37.11 -61.28
C VAL C 176 -26.76 -37.67 -61.83
N ALA C 177 -26.64 -37.66 -63.16
CA ALA C 177 -25.47 -38.14 -63.90
C ALA C 177 -25.08 -37.08 -64.95
N PRO C 178 -23.83 -37.09 -65.41
CA PRO C 178 -23.40 -36.09 -66.40
C PRO C 178 -23.66 -36.54 -67.84
N ASP C 179 -24.89 -36.94 -68.11
CA ASP C 179 -25.32 -37.06 -69.49
C ASP C 179 -26.22 -35.90 -69.92
N THR C 180 -26.50 -34.94 -69.02
CA THR C 180 -27.52 -33.92 -69.22
C THR C 180 -26.92 -32.56 -69.49
N VAL C 181 -27.71 -31.74 -70.18
CA VAL C 181 -27.45 -30.36 -70.56
C VAL C 181 -27.36 -29.49 -69.31
N ILE C 182 -26.84 -28.27 -69.45
CA ILE C 182 -26.54 -27.40 -68.33
C ILE C 182 -27.24 -26.05 -68.57
N HIS C 183 -28.26 -25.75 -67.77
CA HIS C 183 -28.99 -24.50 -67.85
C HIS C 183 -28.51 -23.57 -66.74
N CYS C 184 -28.49 -22.27 -67.00
CA CYS C 184 -27.90 -21.28 -66.11
C CYS C 184 -28.86 -20.13 -65.90
N GLU C 185 -28.92 -19.61 -64.67
CA GLU C 185 -29.60 -18.35 -64.40
C GLU C 185 -28.70 -17.40 -63.61
N GLY C 186 -28.48 -17.69 -62.34
CA GLY C 186 -27.57 -16.92 -61.52
C GLY C 186 -28.09 -15.62 -60.92
N GLU C 187 -29.40 -15.42 -60.85
CA GLU C 187 -29.94 -14.17 -60.31
C GLU C 187 -30.53 -14.41 -58.92
N PRO C 188 -30.12 -13.62 -57.94
CA PRO C 188 -30.53 -13.87 -56.56
C PRO C 188 -32.02 -13.69 -56.34
N ILE C 189 -32.48 -14.25 -55.22
CA ILE C 189 -33.82 -14.00 -54.69
C ILE C 189 -33.79 -14.21 -53.18
N LYS C 190 -34.61 -13.42 -52.48
CA LYS C 190 -34.68 -13.50 -51.03
C LYS C 190 -35.19 -14.87 -50.57
N ARG C 191 -34.43 -15.49 -49.67
CA ARG C 191 -34.89 -16.70 -49.00
C ARG C 191 -35.79 -16.34 -47.82
N GLU C 192 -36.74 -17.23 -47.54
CA GLU C 192 -37.67 -17.05 -46.43
C GLU C 192 -36.93 -16.86 -45.10
N ASP C 193 -37.39 -15.88 -44.31
CA ASP C 193 -36.75 -15.55 -43.04
C ASP C 193 -36.96 -16.64 -42.00
N GLU C 194 -38.11 -17.32 -42.04
CA GLU C 194 -38.35 -18.41 -41.12
C GLU C 194 -37.25 -19.46 -41.18
N GLU C 195 -36.54 -19.53 -42.31
CA GLU C 195 -35.46 -20.50 -42.50
C GLU C 195 -34.26 -20.16 -41.60
N GLU C 196 -33.50 -21.20 -41.23
CA GLU C 196 -32.28 -21.03 -40.45
C GLU C 196 -31.07 -21.10 -41.36
N SER C 197 -30.39 -19.97 -41.53
CA SER C 197 -29.25 -19.86 -42.43
C SER C 197 -28.14 -20.86 -42.07
N LEU C 198 -27.45 -21.33 -43.10
CA LEU C 198 -26.37 -22.29 -42.94
C LEU C 198 -25.03 -21.65 -42.61
N ASN C 199 -24.93 -20.32 -42.66
CA ASN C 199 -23.74 -19.64 -42.18
C ASN C 199 -23.78 -19.39 -40.67
N GLU C 200 -24.97 -19.27 -40.09
CA GLU C 200 -25.09 -19.16 -38.64
C GLU C 200 -24.44 -20.37 -37.99
N VAL C 201 -23.61 -20.13 -36.99
CA VAL C 201 -22.65 -21.15 -36.56
C VAL C 201 -23.36 -22.23 -35.76
N GLY C 202 -22.84 -23.44 -35.89
CA GLY C 202 -23.41 -24.63 -35.30
C GLY C 202 -22.28 -25.57 -34.97
N TYR C 203 -22.64 -26.77 -34.49
CA TYR C 203 -21.65 -27.67 -33.89
C TYR C 203 -20.43 -27.88 -34.78
N ASP C 204 -20.63 -28.04 -36.09
CA ASP C 204 -19.50 -28.32 -36.97
C ASP C 204 -18.58 -27.11 -37.09
N ASP C 205 -19.13 -25.90 -37.00
CA ASP C 205 -18.27 -24.73 -37.09
C ASP C 205 -17.45 -24.54 -35.83
N ILE C 206 -17.71 -25.34 -34.80
CA ILE C 206 -16.84 -25.40 -33.63
C ILE C 206 -15.88 -26.56 -33.76
N GLY C 207 -14.60 -26.23 -33.76
CA GLY C 207 -13.58 -27.25 -33.86
C GLY C 207 -13.00 -27.55 -32.51
N GLY C 208 -11.94 -28.34 -32.55
CA GLY C 208 -11.12 -28.72 -31.41
C GLY C 208 -11.33 -30.11 -30.85
N CYS C 209 -12.50 -30.70 -31.05
CA CYS C 209 -12.71 -32.06 -30.57
C CYS C 209 -12.32 -32.15 -29.11
N ARG C 210 -12.66 -31.11 -28.35
CA ARG C 210 -12.34 -31.10 -26.93
C ARG C 210 -13.13 -32.18 -26.22
N LYS C 211 -14.39 -32.28 -26.62
CA LYS C 211 -15.35 -33.20 -26.06
C LYS C 211 -15.98 -32.58 -24.82
N GLN C 212 -15.43 -31.45 -24.39
CA GLN C 212 -15.95 -30.70 -23.26
C GLN C 212 -17.31 -30.15 -23.67
N LEU C 213 -17.39 -29.71 -24.92
CA LEU C 213 -18.64 -29.19 -25.47
C LEU C 213 -19.77 -30.19 -25.28
N ALA C 214 -19.46 -31.48 -25.38
CA ALA C 214 -20.44 -32.51 -25.09
C ALA C 214 -21.01 -32.35 -23.69
N GLN C 215 -20.23 -31.78 -22.78
CA GLN C 215 -20.70 -31.54 -21.42
C GLN C 215 -21.77 -30.46 -21.36
N ILE C 216 -21.63 -29.39 -22.18
CA ILE C 216 -22.65 -28.35 -22.24
C ILE C 216 -23.92 -28.88 -22.89
N LYS C 217 -23.79 -29.87 -23.77
CA LYS C 217 -24.94 -30.53 -24.36
C LYS C 217 -25.82 -31.17 -23.29
N GLU C 218 -25.21 -31.93 -22.38
CA GLU C 218 -25.98 -32.62 -21.35
C GLU C 218 -26.70 -31.65 -20.43
N MET C 219 -26.20 -30.42 -20.31
CA MET C 219 -26.84 -29.45 -19.42
C MET C 219 -28.02 -28.76 -20.08
N VAL C 220 -27.91 -28.42 -21.36
CA VAL C 220 -28.91 -27.60 -22.01
C VAL C 220 -29.88 -28.42 -22.85
N GLU C 221 -29.76 -29.74 -22.86
CA GLU C 221 -30.69 -30.60 -23.59
C GLU C 221 -32.12 -30.38 -23.13
N LEU C 222 -32.44 -30.86 -21.94
CA LEU C 222 -33.82 -30.82 -21.47
C LEU C 222 -34.33 -29.41 -21.25
N PRO C 223 -33.61 -28.50 -20.61
CA PRO C 223 -34.22 -27.22 -20.29
C PRO C 223 -34.69 -26.44 -21.49
N LEU C 224 -33.85 -26.29 -22.50
CA LEU C 224 -34.20 -25.46 -23.65
C LEU C 224 -34.60 -26.22 -24.90
N ARG C 225 -34.50 -27.55 -24.94
CA ARG C 225 -35.12 -28.26 -26.04
C ARG C 225 -36.49 -28.84 -25.67
N HIS C 226 -36.83 -28.86 -24.39
CA HIS C 226 -38.07 -29.47 -23.90
C HIS C 226 -38.67 -28.61 -22.79
N PRO C 227 -39.11 -27.40 -23.13
CA PRO C 227 -39.56 -26.48 -22.08
C PRO C 227 -40.73 -26.99 -21.25
N ALA C 228 -41.78 -27.53 -21.88
CA ALA C 228 -43.01 -27.84 -21.15
C ALA C 228 -42.81 -28.91 -20.08
N LEU C 229 -41.77 -29.72 -20.20
CA LEU C 229 -41.58 -30.82 -19.26
C LEU C 229 -41.22 -30.31 -17.86
N PHE C 230 -40.57 -29.16 -17.74
CA PHE C 230 -40.16 -28.74 -16.41
C PHE C 230 -41.27 -28.09 -15.60
N LYS C 231 -42.36 -27.70 -16.22
CA LYS C 231 -43.53 -27.33 -15.44
C LYS C 231 -44.29 -28.57 -14.96
N ALA C 232 -44.04 -29.73 -15.57
CA ALA C 232 -44.72 -30.94 -15.15
C ALA C 232 -44.06 -31.56 -13.92
N ILE C 233 -42.73 -31.48 -13.85
CA ILE C 233 -41.98 -32.22 -12.86
C ILE C 233 -41.13 -31.25 -12.05
N GLY C 234 -41.16 -31.40 -10.72
CA GLY C 234 -40.20 -30.71 -9.89
C GLY C 234 -38.79 -31.25 -10.12
N VAL C 235 -37.90 -30.39 -10.60
CA VAL C 235 -36.44 -30.55 -10.65
C VAL C 235 -35.88 -29.14 -10.75
N LYS C 236 -34.58 -28.99 -10.53
CA LYS C 236 -33.99 -27.68 -10.75
C LYS C 236 -33.04 -27.73 -11.93
N PRO C 237 -33.40 -27.17 -13.08
CA PRO C 237 -32.42 -26.96 -14.15
C PRO C 237 -31.46 -25.85 -13.77
N PRO C 238 -30.22 -25.92 -14.25
CA PRO C 238 -29.25 -24.87 -13.94
C PRO C 238 -29.62 -23.54 -14.58
N ARG C 239 -29.58 -22.48 -13.79
CA ARG C 239 -29.86 -21.16 -14.36
C ARG C 239 -28.64 -20.57 -15.09
N GLY C 240 -27.49 -20.51 -14.41
CA GLY C 240 -26.30 -19.98 -15.02
C GLY C 240 -25.29 -21.03 -15.43
N ILE C 241 -24.43 -20.67 -16.38
CA ILE C 241 -23.28 -21.48 -16.78
C ILE C 241 -22.12 -20.55 -17.07
N LEU C 242 -20.98 -20.79 -16.45
CA LEU C 242 -19.78 -20.06 -16.79
C LEU C 242 -18.92 -20.84 -17.76
N LEU C 243 -18.62 -20.24 -18.90
CA LEU C 243 -17.53 -20.67 -19.73
C LEU C 243 -16.33 -19.84 -19.35
N TYR C 244 -15.18 -20.47 -19.19
CA TYR C 244 -14.01 -19.65 -18.98
C TYR C 244 -12.81 -20.30 -19.68
N GLY C 245 -11.90 -19.44 -20.09
CA GLY C 245 -10.76 -19.80 -20.88
C GLY C 245 -10.16 -18.52 -21.35
N PRO C 246 -8.92 -18.53 -21.80
CA PRO C 246 -8.31 -17.30 -22.28
C PRO C 246 -9.01 -16.81 -23.54
N PRO C 247 -8.86 -15.53 -23.88
CA PRO C 247 -9.59 -14.98 -25.02
C PRO C 247 -9.28 -15.71 -26.31
N GLY C 248 -10.27 -15.77 -27.19
CA GLY C 248 -10.09 -16.39 -28.47
C GLY C 248 -10.22 -17.89 -28.48
N THR C 249 -10.57 -18.50 -27.36
CA THR C 249 -10.68 -19.95 -27.27
C THR C 249 -12.05 -20.46 -27.66
N GLY C 250 -12.91 -19.60 -28.19
CA GLY C 250 -14.18 -20.04 -28.71
C GLY C 250 -15.35 -19.96 -27.76
N LYS C 251 -15.28 -19.13 -26.75
CA LYS C 251 -16.37 -19.06 -25.78
C LYS C 251 -17.64 -18.50 -26.39
N THR C 252 -17.52 -17.58 -27.35
CA THR C 252 -18.72 -17.03 -27.98
C THR C 252 -19.25 -17.97 -29.06
N LEU C 253 -18.38 -18.78 -29.69
CA LEU C 253 -18.89 -19.85 -30.53
C LEU C 253 -19.86 -20.75 -29.77
N ILE C 254 -19.42 -21.28 -28.62
CA ILE C 254 -20.20 -22.28 -27.89
C ILE C 254 -21.61 -21.78 -27.64
N ALA C 255 -21.74 -20.54 -27.18
CA ALA C 255 -23.07 -20.00 -26.93
C ALA C 255 -23.86 -19.85 -28.22
N ARG C 256 -23.25 -19.19 -29.23
CA ARG C 256 -23.91 -19.05 -30.52
C ARG C 256 -24.34 -20.40 -31.09
N ALA C 257 -23.49 -21.41 -30.95
CA ALA C 257 -23.75 -22.68 -31.61
C ALA C 257 -24.54 -23.65 -30.76
N VAL C 258 -24.75 -23.35 -29.49
CA VAL C 258 -25.75 -24.07 -28.72
C VAL C 258 -27.12 -23.50 -28.98
N ALA C 259 -27.21 -22.16 -29.01
CA ALA C 259 -28.46 -21.48 -29.31
C ALA C 259 -28.90 -21.72 -30.73
N ASN C 260 -27.97 -21.87 -31.66
CA ASN C 260 -28.40 -22.10 -33.03
C ASN C 260 -28.88 -23.52 -33.22
N GLU C 261 -28.19 -24.49 -32.63
CA GLU C 261 -28.54 -25.87 -32.90
C GLU C 261 -29.74 -26.34 -32.10
N THR C 262 -30.10 -25.64 -31.03
CA THR C 262 -31.28 -25.98 -30.25
C THR C 262 -32.48 -25.11 -30.56
N GLY C 263 -32.34 -24.09 -31.41
CA GLY C 263 -33.46 -23.26 -31.74
C GLY C 263 -33.78 -22.20 -30.73
N ALA C 264 -33.06 -22.13 -29.62
CA ALA C 264 -33.31 -21.10 -28.63
C ALA C 264 -32.87 -19.74 -29.15
N PHE C 265 -33.49 -18.71 -28.64
CA PHE C 265 -33.16 -17.36 -29.04
C PHE C 265 -31.91 -16.88 -28.30
N PHE C 266 -30.88 -16.52 -29.05
CA PHE C 266 -29.63 -16.05 -28.50
C PHE C 266 -29.66 -14.54 -28.26
N PHE C 267 -29.40 -14.14 -27.03
CA PHE C 267 -29.35 -12.73 -26.67
C PHE C 267 -27.88 -12.42 -26.43
N LEU C 268 -27.52 -11.14 -26.35
CA LEU C 268 -26.12 -10.80 -26.16
C LEU C 268 -25.87 -9.56 -25.32
N ILE C 269 -25.43 -9.78 -24.09
CA ILE C 269 -25.13 -8.67 -23.19
C ILE C 269 -23.64 -8.38 -23.35
N ASN C 270 -23.33 -7.50 -24.29
CA ASN C 270 -21.95 -7.12 -24.54
C ASN C 270 -21.31 -6.57 -23.27
N GLY C 271 -20.37 -7.32 -22.72
CA GLY C 271 -19.69 -6.91 -21.50
C GLY C 271 -19.37 -5.44 -21.39
N PRO C 272 -18.77 -4.85 -22.51
CA PRO C 272 -18.48 -3.43 -22.36
C PRO C 272 -19.54 -2.51 -22.96
N GLU C 273 -20.54 -3.10 -23.62
CA GLU C 273 -21.59 -2.30 -24.22
C GLU C 273 -22.47 -1.68 -23.13
N ILE C 274 -22.74 -2.46 -22.08
CA ILE C 274 -23.55 -1.95 -20.98
C ILE C 274 -22.72 -0.97 -20.15
N MET C 275 -21.41 -1.08 -20.28
CA MET C 275 -20.48 -0.23 -19.55
C MET C 275 -20.35 1.12 -20.24
N SER C 276 -20.39 1.11 -21.55
CA SER C 276 -20.27 2.32 -22.36
C SER C 276 -21.42 3.29 -22.13
N LYS C 277 -22.55 2.77 -21.66
CA LYS C 277 -23.71 3.60 -21.40
C LYS C 277 -23.52 4.38 -20.10
N LEU C 278 -24.29 5.44 -19.95
CA LEU C 278 -24.10 6.32 -18.81
C LEU C 278 -24.61 5.70 -17.52
N ALA C 279 -24.18 6.28 -16.41
CA ALA C 279 -24.72 5.94 -15.10
C ALA C 279 -26.24 6.02 -15.08
N GLY C 280 -26.86 4.99 -14.50
CA GLY C 280 -28.29 4.94 -14.23
C GLY C 280 -29.13 4.42 -15.37
N GLU C 281 -28.68 4.62 -16.61
CA GLU C 281 -29.23 3.94 -17.78
C GLU C 281 -28.37 2.74 -18.18
N SER C 282 -27.28 2.49 -17.46
CA SER C 282 -26.54 1.25 -17.63
C SER C 282 -27.30 0.06 -17.06
N GLU C 283 -27.92 0.23 -15.88
CA GLU C 283 -28.78 -0.81 -15.34
C GLU C 283 -30.03 -0.99 -16.18
N SER C 284 -30.60 0.11 -16.67
CA SER C 284 -31.81 0.01 -17.47
C SER C 284 -31.59 -0.87 -18.69
N ASN C 285 -30.38 -0.85 -19.22
CA ASN C 285 -30.06 -1.57 -20.42
C ASN C 285 -29.81 -3.05 -20.15
N LEU C 286 -29.27 -3.37 -18.99
CA LEU C 286 -29.04 -4.77 -18.60
C LEU C 286 -30.33 -5.43 -18.13
N ARG C 287 -31.14 -4.69 -17.37
CA ARG C 287 -32.38 -5.24 -16.82
C ARG C 287 -33.40 -5.53 -17.91
N LYS C 288 -33.56 -4.62 -18.88
CA LYS C 288 -34.43 -4.91 -20.00
C LYS C 288 -33.92 -6.09 -20.81
N ALA C 289 -32.61 -6.39 -20.73
CA ALA C 289 -32.06 -7.54 -21.42
C ALA C 289 -32.66 -8.85 -20.92
N PHE C 290 -32.84 -8.99 -19.61
CA PHE C 290 -33.43 -10.22 -19.13
C PHE C 290 -34.94 -10.19 -19.28
N GLU C 291 -35.55 -9.00 -19.35
CA GLU C 291 -37.00 -8.91 -19.49
C GLU C 291 -37.43 -9.26 -20.90
N GLU C 292 -36.72 -8.77 -21.91
CA GLU C 292 -36.98 -9.19 -23.29
C GLU C 292 -36.83 -10.70 -23.42
N ALA C 293 -35.65 -11.22 -23.11
CA ALA C 293 -35.36 -12.64 -23.22
C ALA C 293 -36.32 -13.50 -22.39
N GLU C 294 -36.99 -12.94 -21.39
CA GLU C 294 -38.12 -13.66 -20.79
C GLU C 294 -39.13 -14.03 -21.86
N LYS C 295 -39.58 -13.04 -22.64
CA LYS C 295 -40.68 -13.26 -23.56
C LYS C 295 -40.36 -14.28 -24.63
N ASN C 296 -39.09 -14.36 -25.02
CA ASN C 296 -38.63 -15.41 -25.92
C ASN C 296 -38.17 -16.59 -25.08
N ALA C 297 -38.84 -17.73 -25.23
CA ALA C 297 -38.40 -18.91 -24.50
C ALA C 297 -38.50 -20.13 -25.39
N PRO C 298 -37.50 -21.01 -25.30
CA PRO C 298 -36.28 -20.89 -24.51
C PRO C 298 -35.22 -19.97 -25.11
N ALA C 299 -34.38 -19.39 -24.26
CA ALA C 299 -33.41 -18.42 -24.70
C ALA C 299 -32.14 -18.55 -23.89
N ILE C 300 -31.00 -18.31 -24.55
CA ILE C 300 -29.72 -18.15 -23.89
C ILE C 300 -29.38 -16.67 -23.89
N ILE C 301 -29.22 -16.09 -22.71
CA ILE C 301 -28.54 -14.82 -22.58
C ILE C 301 -27.05 -15.12 -22.43
N PHE C 302 -26.23 -14.49 -23.25
CA PHE C 302 -24.79 -14.70 -23.16
C PHE C 302 -24.03 -13.44 -22.83
N ILE C 303 -23.64 -13.31 -21.57
CA ILE C 303 -22.86 -12.16 -21.12
C ILE C 303 -21.40 -12.50 -21.39
N ASP C 304 -20.74 -11.73 -22.25
CA ASP C 304 -19.30 -11.90 -22.45
C ASP C 304 -18.54 -10.77 -21.80
N GLU C 305 -17.34 -11.08 -21.33
CA GLU C 305 -16.62 -10.24 -20.39
C GLU C 305 -17.47 -9.96 -19.16
N LEU C 306 -17.90 -11.05 -18.52
CA LEU C 306 -18.57 -10.90 -17.23
C LEU C 306 -17.70 -10.14 -16.25
N ASP C 307 -16.38 -10.24 -16.39
CA ASP C 307 -15.48 -9.50 -15.52
C ASP C 307 -15.47 -8.02 -15.84
N ALA C 308 -16.10 -7.60 -16.93
CA ALA C 308 -16.34 -6.18 -17.11
C ALA C 308 -17.53 -5.72 -16.27
N ILE C 309 -18.62 -6.47 -16.30
CA ILE C 309 -19.84 -6.08 -15.60
C ILE C 309 -19.76 -6.46 -14.12
N ALA C 310 -19.08 -7.54 -13.76
CA ALA C 310 -19.05 -8.00 -12.37
C ALA C 310 -17.65 -8.49 -12.00
N PRO C 311 -16.69 -7.59 -12.11
CA PRO C 311 -15.29 -7.91 -11.78
C PRO C 311 -14.90 -7.56 -10.35
N LYS C 312 -15.84 -7.03 -9.57
CA LYS C 312 -15.54 -6.64 -8.21
C LYS C 312 -15.15 -7.84 -7.33
N ARG C 313 -14.08 -7.66 -6.57
CA ARG C 313 -13.58 -8.68 -5.65
C ARG C 313 -13.73 -8.19 -4.21
N GLU C 314 -14.56 -7.17 -4.02
CA GLU C 314 -14.78 -6.54 -2.73
C GLU C 314 -13.71 -5.46 -2.59
N LYS C 315 -12.96 -5.29 -3.67
CA LYS C 315 -11.89 -4.30 -3.77
C LYS C 315 -12.43 -2.98 -4.35
N THR C 316 -12.97 -3.01 -5.57
CA THR C 316 -13.98 -2.07 -6.06
C THR C 316 -13.66 -0.57 -5.94
N HIS C 317 -12.81 -0.03 -6.81
CA HIS C 317 -12.76 1.40 -7.03
C HIS C 317 -14.16 1.88 -7.45
N GLY C 318 -14.49 3.12 -7.11
CA GLY C 318 -15.58 3.82 -7.75
C GLY C 318 -16.89 3.79 -6.99
N GLU C 319 -17.95 4.08 -7.75
CA GLU C 319 -19.34 4.03 -7.29
C GLU C 319 -20.26 3.21 -8.18
N VAL C 320 -20.42 3.64 -9.44
CA VAL C 320 -21.41 3.03 -10.33
C VAL C 320 -21.27 1.51 -10.33
N GLU C 321 -20.03 1.02 -10.34
CA GLU C 321 -19.84 -0.41 -10.55
C GLU C 321 -20.42 -1.22 -9.39
N ARG C 322 -20.48 -0.66 -8.18
CA ARG C 322 -21.17 -1.32 -7.09
C ARG C 322 -22.59 -1.72 -7.50
N ARG C 323 -23.25 -0.84 -8.24
CA ARG C 323 -24.67 -0.96 -8.48
C ARG C 323 -24.99 -1.76 -9.74
N ILE C 324 -24.03 -1.87 -10.65
CA ILE C 324 -24.19 -2.67 -11.84
C ILE C 324 -24.19 -4.14 -11.44
N VAL C 325 -23.24 -4.47 -10.57
CA VAL C 325 -23.06 -5.84 -10.06
C VAL C 325 -24.24 -6.31 -9.23
N SER C 326 -24.71 -5.44 -8.34
CA SER C 326 -25.84 -5.78 -7.49
C SER C 326 -27.09 -6.03 -8.30
N GLN C 327 -27.31 -5.22 -9.33
CA GLN C 327 -28.49 -5.39 -10.17
C GLN C 327 -28.42 -6.74 -10.86
N LEU C 328 -27.23 -7.09 -11.33
CA LEU C 328 -27.02 -8.35 -12.02
C LEU C 328 -27.26 -9.54 -11.08
N LEU C 329 -26.80 -9.42 -9.84
CA LEU C 329 -26.99 -10.48 -8.87
C LEU C 329 -28.48 -10.71 -8.63
N THR C 330 -29.23 -9.61 -8.50
CA THR C 330 -30.66 -9.69 -8.28
C THR C 330 -31.33 -10.35 -9.48
N LEU C 331 -30.86 -9.97 -10.67
CA LEU C 331 -31.37 -10.51 -11.91
C LEU C 331 -31.10 -12.00 -12.05
N MET C 332 -29.91 -12.42 -11.62
CA MET C 332 -29.53 -13.83 -11.74
C MET C 332 -30.24 -14.67 -10.70
N ASP C 333 -30.43 -14.16 -9.50
CA ASP C 333 -31.29 -14.80 -8.53
C ASP C 333 -32.77 -14.65 -8.85
N GLY C 334 -33.16 -13.51 -9.39
CA GLY C 334 -34.54 -13.20 -9.66
C GLY C 334 -35.22 -14.04 -10.71
N LEU C 335 -34.49 -14.93 -11.38
CA LEU C 335 -35.12 -15.83 -12.34
C LEU C 335 -36.26 -16.58 -11.68
N LYS C 336 -37.47 -16.40 -12.24
CA LYS C 336 -38.73 -16.60 -11.54
C LYS C 336 -39.35 -17.98 -11.79
N GLN C 337 -38.65 -18.89 -12.45
CA GLN C 337 -39.03 -20.29 -12.75
C GLN C 337 -40.21 -20.35 -13.72
N ARG C 338 -40.82 -19.23 -14.11
CA ARG C 338 -41.52 -19.16 -15.38
C ARG C 338 -40.48 -18.84 -16.45
N ALA C 339 -40.72 -19.38 -17.63
CA ALA C 339 -39.79 -19.58 -18.72
C ALA C 339 -38.48 -20.25 -18.33
N HIS C 340 -37.54 -20.21 -19.26
CA HIS C 340 -36.42 -21.14 -19.24
C HIS C 340 -35.05 -20.48 -19.21
N VAL C 341 -35.00 -19.15 -19.15
CA VAL C 341 -33.81 -18.45 -19.61
C VAL C 341 -32.56 -19.04 -18.97
N ILE C 342 -31.65 -19.50 -19.81
CA ILE C 342 -30.34 -19.93 -19.40
C ILE C 342 -29.42 -18.75 -19.58
N VAL C 343 -28.57 -18.47 -18.60
CA VAL C 343 -27.66 -17.35 -18.71
C VAL C 343 -26.25 -17.94 -18.79
N MET C 344 -25.67 -17.94 -19.98
CA MET C 344 -24.28 -18.32 -20.15
C MET C 344 -23.41 -17.06 -20.08
N ALA C 345 -22.31 -17.15 -19.35
CA ALA C 345 -21.43 -16.00 -19.20
C ALA C 345 -20.00 -16.44 -19.32
N ALA C 346 -19.21 -15.69 -20.08
CA ALA C 346 -17.83 -16.05 -20.36
C ALA C 346 -16.87 -15.06 -19.71
N THR C 347 -15.73 -15.57 -19.26
CA THR C 347 -14.70 -14.73 -18.67
C THR C 347 -13.36 -15.44 -18.80
N ASN C 348 -12.29 -14.69 -18.62
CA ASN C 348 -10.96 -15.21 -18.88
C ASN C 348 -10.44 -16.09 -17.75
N ARG C 349 -10.67 -15.70 -16.49
CA ARG C 349 -10.28 -16.52 -15.37
C ARG C 349 -11.41 -16.50 -14.36
N PRO C 350 -11.70 -17.64 -13.72
CA PRO C 350 -12.83 -17.68 -12.78
C PRO C 350 -12.56 -16.91 -11.49
N ASN C 351 -11.31 -16.65 -11.15
CA ASN C 351 -11.07 -15.80 -9.99
C ASN C 351 -11.41 -14.36 -10.28
N SER C 352 -11.51 -13.98 -11.55
CA SER C 352 -11.73 -12.58 -11.88
C SER C 352 -13.10 -12.08 -11.43
N ILE C 353 -14.14 -12.89 -11.56
CA ILE C 353 -15.50 -12.41 -11.31
C ILE C 353 -15.86 -12.48 -9.83
N ASP C 354 -16.84 -11.66 -9.47
CA ASP C 354 -17.28 -11.47 -8.10
C ASP C 354 -17.70 -12.81 -7.47
N PRO C 355 -17.35 -13.05 -6.20
CA PRO C 355 -17.59 -14.38 -5.62
C PRO C 355 -19.04 -14.67 -5.37
N ALA C 356 -19.90 -13.64 -5.35
CA ALA C 356 -21.32 -13.85 -5.10
C ALA C 356 -22.05 -14.37 -6.32
N LEU C 357 -21.40 -14.35 -7.48
CA LEU C 357 -21.97 -14.87 -8.72
C LEU C 357 -22.01 -16.38 -8.77
N ARG C 358 -21.28 -17.07 -7.92
CA ARG C 358 -21.29 -18.53 -7.93
C ARG C 358 -22.25 -19.16 -6.94
N ARG C 359 -23.00 -18.39 -6.17
CA ARG C 359 -23.85 -19.05 -5.21
C ARG C 359 -24.95 -19.83 -5.93
N PHE C 360 -25.52 -20.77 -5.20
CA PHE C 360 -26.55 -21.67 -5.68
C PHE C 360 -27.68 -20.88 -6.31
N GLY C 361 -27.97 -21.17 -7.56
CA GLY C 361 -28.95 -20.43 -8.31
C GLY C 361 -28.42 -19.29 -9.14
N ARG C 362 -27.12 -18.97 -9.07
CA ARG C 362 -26.63 -17.88 -9.89
C ARG C 362 -25.87 -18.42 -11.10
N PHE C 363 -24.56 -18.65 -10.97
CA PHE C 363 -23.82 -19.46 -11.94
C PHE C 363 -23.36 -20.68 -11.16
N ASP C 364 -24.09 -21.76 -11.30
CA ASP C 364 -23.78 -22.95 -10.53
C ASP C 364 -22.73 -23.79 -11.21
N ARG C 365 -22.90 -24.02 -12.50
CA ARG C 365 -21.96 -24.80 -13.27
C ARG C 365 -20.95 -23.89 -13.95
N GLU C 366 -19.71 -24.36 -14.04
CA GLU C 366 -18.65 -23.71 -14.80
C GLU C 366 -18.04 -24.72 -15.76
N VAL C 367 -17.47 -24.22 -16.86
CA VAL C 367 -16.80 -25.05 -17.86
C VAL C 367 -15.50 -24.37 -18.21
N ASP C 368 -14.41 -25.11 -18.25
CA ASP C 368 -13.13 -24.58 -18.70
C ASP C 368 -12.93 -24.96 -20.15
N ILE C 369 -12.96 -23.97 -21.04
CA ILE C 369 -12.78 -24.25 -22.46
C ILE C 369 -11.33 -24.55 -22.75
N GLY C 370 -10.42 -23.71 -22.27
CA GLY C 370 -9.01 -23.97 -22.32
C GLY C 370 -8.41 -23.98 -23.71
N ILE C 371 -7.09 -24.07 -23.75
CA ILE C 371 -6.32 -24.08 -24.99
C ILE C 371 -6.56 -25.40 -25.70
N PRO C 372 -6.75 -25.42 -27.02
CA PRO C 372 -6.81 -26.68 -27.75
C PRO C 372 -5.47 -27.39 -27.73
N ASP C 373 -5.49 -28.64 -28.17
CA ASP C 373 -4.30 -29.47 -28.18
C ASP C 373 -4.00 -29.89 -29.62
N ALA C 374 -2.81 -30.46 -29.79
CA ALA C 374 -2.23 -30.66 -31.13
C ALA C 374 -3.22 -31.28 -32.10
N THR C 375 -3.80 -32.42 -31.75
CA THR C 375 -4.78 -33.06 -32.61
C THR C 375 -6.18 -32.48 -32.43
N GLY C 376 -6.33 -31.54 -31.51
CA GLY C 376 -7.47 -30.64 -31.50
C GLY C 376 -7.30 -29.49 -32.48
N ARG C 377 -6.10 -28.93 -32.53
CA ARG C 377 -5.84 -27.80 -33.42
C ARG C 377 -5.97 -28.17 -34.88
N LEU C 378 -5.85 -29.45 -35.25
CA LEU C 378 -6.10 -29.85 -36.63
C LEU C 378 -7.52 -29.50 -37.05
N GLU C 379 -8.51 -29.81 -36.21
CA GLU C 379 -9.89 -29.59 -36.63
C GLU C 379 -10.19 -28.11 -36.84
N ILE C 380 -9.64 -27.25 -35.99
CA ILE C 380 -9.84 -25.82 -36.19
C ILE C 380 -9.23 -25.40 -37.51
N LEU C 381 -8.05 -25.93 -37.83
CA LEU C 381 -7.42 -25.65 -39.11
C LEU C 381 -8.19 -26.25 -40.28
N GLN C 382 -8.98 -27.29 -40.02
CA GLN C 382 -9.87 -27.79 -41.06
C GLN C 382 -11.11 -26.93 -41.22
N ILE C 383 -11.62 -26.37 -40.13
CA ILE C 383 -12.88 -25.64 -40.29
C ILE C 383 -12.62 -24.25 -40.87
N HIS C 384 -11.45 -23.66 -40.61
CA HIS C 384 -11.17 -22.36 -41.19
C HIS C 384 -10.62 -22.46 -42.61
N THR C 385 -9.95 -23.54 -42.97
CA THR C 385 -9.71 -23.78 -44.39
C THR C 385 -10.51 -25.01 -44.79
N LYS C 386 -11.78 -24.81 -45.15
CA LYS C 386 -12.49 -25.69 -46.05
C LYS C 386 -12.97 -25.07 -47.34
N ASN C 387 -12.95 -23.75 -47.46
CA ASN C 387 -13.27 -23.05 -48.70
C ASN C 387 -12.04 -22.63 -49.48
N MET C 388 -10.85 -22.84 -48.94
CA MET C 388 -9.68 -22.13 -49.41
C MET C 388 -9.07 -22.73 -50.67
N LYS C 389 -9.46 -23.94 -51.06
CA LYS C 389 -8.84 -24.68 -52.16
C LYS C 389 -7.33 -24.83 -51.92
N LEU C 390 -7.03 -25.70 -50.97
CA LEU C 390 -5.66 -25.93 -50.57
C LEU C 390 -4.85 -26.64 -51.66
N ALA C 391 -3.53 -26.57 -51.51
CA ALA C 391 -2.62 -27.45 -52.24
C ALA C 391 -2.65 -28.84 -51.65
N ASP C 392 -2.12 -29.81 -52.41
CA ASP C 392 -2.09 -31.18 -51.92
C ASP C 392 -1.07 -31.36 -50.79
N ASP C 393 0.15 -30.86 -50.97
CA ASP C 393 1.27 -31.24 -50.10
C ASP C 393 0.95 -31.07 -48.63
N VAL C 394 0.56 -29.88 -48.21
CA VAL C 394 0.29 -29.59 -46.80
C VAL C 394 -0.97 -30.31 -46.36
N ASP C 395 -0.84 -31.12 -45.32
CA ASP C 395 -1.96 -31.88 -44.76
C ASP C 395 -2.55 -31.24 -43.51
N LEU C 396 -1.98 -30.13 -43.05
CA LEU C 396 -2.35 -29.33 -41.89
C LEU C 396 -1.95 -30.01 -40.59
N GLU C 397 -1.63 -31.30 -40.60
CA GLU C 397 -1.24 -31.94 -39.36
C GLU C 397 0.17 -31.52 -38.95
N GLN C 398 1.03 -31.20 -39.91
CA GLN C 398 2.38 -30.76 -39.56
C GLN C 398 2.34 -29.39 -38.90
N VAL C 399 1.54 -28.48 -39.46
CA VAL C 399 1.41 -27.16 -38.86
C VAL C 399 0.73 -27.26 -37.50
N ALA C 400 -0.19 -28.21 -37.35
CA ALA C 400 -0.87 -28.42 -36.08
C ALA C 400 0.11 -28.62 -34.94
N ASN C 401 1.29 -29.19 -35.22
CA ASN C 401 2.26 -29.46 -34.17
C ASN C 401 3.00 -28.19 -33.77
N GLU C 402 3.43 -27.40 -34.77
CA GLU C 402 4.19 -26.18 -34.56
C GLU C 402 3.40 -25.14 -33.78
N THR C 403 2.11 -25.40 -33.56
CA THR C 403 1.17 -24.33 -33.28
C THR C 403 0.90 -24.20 -31.79
N HIS C 404 1.64 -24.91 -30.94
CA HIS C 404 1.27 -24.96 -29.54
C HIS C 404 1.40 -23.59 -28.89
N GLY C 405 0.35 -23.19 -28.17
CA GLY C 405 0.17 -21.83 -27.70
C GLY C 405 -0.86 -21.04 -28.49
N HIS C 406 -1.14 -21.44 -29.73
CA HIS C 406 -2.20 -20.80 -30.47
C HIS C 406 -3.56 -21.25 -29.95
N VAL C 407 -4.54 -20.38 -30.11
CA VAL C 407 -5.92 -20.65 -29.74
C VAL C 407 -6.73 -20.50 -31.01
N GLY C 408 -7.97 -20.95 -30.97
CA GLY C 408 -8.78 -20.97 -32.17
C GLY C 408 -8.77 -19.66 -32.93
N ALA C 409 -8.67 -18.54 -32.22
CA ALA C 409 -8.66 -17.26 -32.90
C ALA C 409 -7.33 -17.00 -33.59
N ASP C 410 -6.21 -17.33 -32.93
CA ASP C 410 -4.91 -17.34 -33.57
C ASP C 410 -4.92 -18.18 -34.84
N LEU C 411 -5.64 -19.30 -34.83
CA LEU C 411 -5.60 -20.24 -35.94
C LEU C 411 -6.48 -19.78 -37.08
N ALA C 412 -7.65 -19.23 -36.78
CA ALA C 412 -8.42 -18.54 -37.80
C ALA C 412 -7.64 -17.38 -38.40
N ALA C 413 -6.76 -16.75 -37.61
CA ALA C 413 -5.89 -15.70 -38.13
C ALA C 413 -4.71 -16.29 -38.89
N LEU C 414 -4.17 -17.42 -38.44
CA LEU C 414 -3.12 -18.07 -39.22
C LEU C 414 -3.61 -18.40 -40.63
N CYS C 415 -4.87 -18.78 -40.77
CA CYS C 415 -5.40 -19.16 -42.08
C CYS C 415 -5.73 -17.93 -42.92
N SER C 416 -6.43 -16.97 -42.33
CA SER C 416 -6.72 -15.75 -43.07
C SER C 416 -5.45 -15.05 -43.51
N GLU C 417 -4.40 -15.12 -42.70
CA GLU C 417 -3.13 -14.52 -43.08
C GLU C 417 -2.41 -15.30 -44.16
N ALA C 418 -2.58 -16.62 -44.20
CA ALA C 418 -2.04 -17.41 -45.28
C ALA C 418 -2.90 -17.31 -46.53
N ALA C 419 -4.18 -16.98 -46.39
CA ALA C 419 -5.03 -16.77 -47.55
C ALA C 419 -4.80 -15.40 -48.17
N LEU C 420 -4.44 -14.40 -47.36
CA LEU C 420 -4.13 -13.09 -47.89
C LEU C 420 -2.76 -13.02 -48.52
N GLN C 421 -1.86 -13.94 -48.20
CA GLN C 421 -0.61 -14.03 -48.94
C GLN C 421 -0.86 -14.31 -50.42
N ALA C 422 -1.53 -15.43 -50.71
CA ALA C 422 -1.66 -15.88 -52.09
C ALA C 422 -2.44 -14.88 -52.94
N ILE C 423 -3.43 -14.20 -52.37
CA ILE C 423 -4.06 -13.11 -53.10
C ILE C 423 -3.03 -12.05 -53.46
N ARG C 424 -2.19 -11.65 -52.50
CA ARG C 424 -1.15 -10.68 -52.79
C ARG C 424 -0.27 -11.12 -53.95
N LYS C 425 0.07 -12.42 -54.00
CA LYS C 425 1.06 -12.90 -54.97
C LYS C 425 0.52 -13.06 -56.36
N LYS C 426 -0.25 -14.11 -56.56
CA LYS C 426 -0.89 -14.33 -57.83
C LYS C 426 -2.01 -13.33 -57.96
N MET C 427 -2.91 -13.57 -58.91
CA MET C 427 -4.03 -12.65 -59.03
C MET C 427 -3.51 -11.24 -59.34
N ASP C 428 -3.63 -10.34 -58.35
CA ASP C 428 -3.60 -8.88 -58.56
C ASP C 428 -2.44 -8.41 -59.41
N LEU C 429 -1.44 -9.25 -59.65
CA LEU C 429 -0.50 -8.99 -60.73
C LEU C 429 -1.26 -8.58 -61.99
N ILE C 430 -2.42 -9.21 -62.21
CA ILE C 430 -3.26 -8.88 -63.35
C ILE C 430 -3.86 -7.48 -63.21
N ASP C 431 -4.45 -7.17 -62.05
CA ASP C 431 -5.24 -5.96 -61.74
C ASP C 431 -6.63 -6.02 -62.38
N LEU C 432 -6.99 -7.09 -63.09
CA LEU C 432 -8.29 -7.13 -63.75
C LEU C 432 -9.42 -7.23 -62.73
N GLU C 433 -10.32 -6.26 -62.77
CA GLU C 433 -11.40 -6.22 -61.80
C GLU C 433 -12.58 -5.42 -62.35
N ASP C 434 -13.77 -5.83 -61.93
CA ASP C 434 -15.00 -5.08 -62.09
C ASP C 434 -15.70 -5.06 -60.74
N GLU C 435 -16.93 -4.53 -60.72
CA GLU C 435 -17.66 -4.38 -59.46
C GLU C 435 -17.62 -5.64 -58.60
N THR C 436 -17.60 -6.81 -59.24
CA THR C 436 -17.30 -8.05 -58.54
C THR C 436 -16.33 -8.86 -59.38
N ILE C 437 -15.19 -9.23 -58.80
CA ILE C 437 -14.28 -10.13 -59.51
C ILE C 437 -14.99 -11.43 -59.78
N ASP C 438 -14.70 -12.01 -60.94
CA ASP C 438 -15.29 -13.28 -61.33
C ASP C 438 -14.99 -14.34 -60.29
N ALA C 439 -15.94 -15.27 -60.16
CA ALA C 439 -15.76 -16.40 -59.28
C ALA C 439 -14.64 -17.32 -59.74
N GLU C 440 -14.51 -17.52 -61.06
CA GLU C 440 -13.50 -18.43 -61.59
C GLU C 440 -12.13 -17.80 -61.71
N VAL C 441 -12.04 -16.48 -61.90
CA VAL C 441 -10.71 -15.90 -62.00
C VAL C 441 -9.97 -16.07 -60.67
N MET C 442 -10.68 -16.21 -59.56
CA MET C 442 -10.02 -16.50 -58.30
C MET C 442 -9.86 -17.99 -58.04
N ASN C 443 -10.19 -18.87 -58.98
CA ASN C 443 -10.09 -20.28 -58.66
C ASN C 443 -8.65 -20.75 -58.65
N SER C 444 -7.82 -20.21 -59.55
CA SER C 444 -6.46 -20.71 -59.72
C SER C 444 -5.57 -20.48 -58.52
N LEU C 445 -6.03 -19.73 -57.52
CA LEU C 445 -5.23 -19.50 -56.32
C LEU C 445 -5.36 -20.68 -55.37
N ALA C 446 -4.23 -21.22 -54.95
CA ALA C 446 -4.20 -22.43 -54.13
C ALA C 446 -3.19 -22.26 -53.02
N VAL C 447 -3.64 -22.32 -51.77
CA VAL C 447 -2.80 -21.96 -50.63
C VAL C 447 -1.71 -23.00 -50.45
N THR C 448 -0.49 -22.54 -50.22
CA THR C 448 0.67 -23.41 -50.26
C THR C 448 1.44 -23.37 -48.95
N MET C 449 2.31 -24.38 -48.77
CA MET C 449 3.07 -24.51 -47.53
C MET C 449 3.92 -23.27 -47.27
N ASP C 450 4.54 -22.71 -48.32
CA ASP C 450 5.27 -21.45 -48.15
C ASP C 450 4.39 -20.35 -47.58
N ASP C 451 3.12 -20.35 -47.98
CA ASP C 451 2.17 -19.37 -47.47
C ASP C 451 1.92 -19.58 -45.99
N PHE C 452 1.69 -20.84 -45.62
CA PHE C 452 1.43 -21.18 -44.23
C PHE C 452 2.63 -20.97 -43.31
N ARG C 453 3.82 -21.34 -43.78
CA ARG C 453 5.01 -21.15 -42.98
C ARG C 453 5.22 -19.66 -42.77
N TRP C 454 4.98 -18.88 -43.81
CA TRP C 454 5.13 -17.45 -43.68
C TRP C 454 4.14 -17.00 -42.63
N ALA C 455 2.94 -17.57 -42.69
CA ALA C 455 1.89 -17.25 -41.72
C ALA C 455 2.30 -17.64 -40.30
N LEU C 456 2.91 -18.81 -40.14
CA LEU C 456 3.32 -19.26 -38.81
C LEU C 456 4.31 -18.26 -38.27
N SER C 457 5.15 -17.75 -39.15
CA SER C 457 6.17 -16.77 -38.78
C SER C 457 5.55 -15.49 -38.22
N GLN C 458 4.38 -15.09 -38.71
CA GLN C 458 3.76 -13.86 -38.21
C GLN C 458 2.58 -13.97 -37.21
N SER C 459 2.33 -15.14 -36.64
CA SER C 459 1.19 -15.33 -35.74
C SER C 459 1.11 -14.53 -34.42
N ASN C 460 2.23 -14.44 -33.71
CA ASN C 460 2.29 -13.70 -32.45
C ASN C 460 1.58 -14.33 -31.25
N PRO C 461 1.39 -15.71 -31.29
CA PRO C 461 0.71 -16.26 -30.10
C PRO C 461 1.57 -16.03 -28.87
N SER C 462 1.03 -15.80 -27.67
CA SER C 462 -0.41 -15.76 -27.29
C SER C 462 -0.88 -17.09 -26.70
N ALA C 463 -1.04 -17.11 -25.38
CA ALA C 463 -1.47 -18.29 -24.64
C ALA C 463 -0.28 -19.22 -24.40
N LEU C 464 0.90 -18.79 -24.82
CA LEU C 464 2.10 -19.58 -24.62
C LEU C 464 2.35 -19.71 -23.13
N ARG C 465 2.13 -18.61 -22.42
CA ARG C 465 2.31 -18.57 -20.97
C ARG C 465 1.39 -19.52 -20.22
N GLU C 466 0.15 -19.63 -20.68
CA GLU C 466 -0.82 -20.49 -19.98
C GLU C 466 -0.37 -21.94 -19.83
N THR C 467 -0.65 -22.51 -18.67
CA THR C 467 -0.32 -23.89 -18.35
C THR C 467 -0.95 -24.81 -19.38
N VAL C 468 -0.34 -25.97 -19.59
CA VAL C 468 -0.84 -26.92 -20.57
C VAL C 468 -1.52 -28.12 -19.91
N VAL C 469 -2.73 -28.40 -20.38
CA VAL C 469 -3.53 -29.51 -19.89
C VAL C 469 -3.99 -30.32 -21.08
N GLU C 470 -3.41 -31.45 -21.27
CA GLU C 470 -3.56 -32.19 -22.51
C GLU C 470 -3.36 -33.67 -22.24
N VAL C 471 -4.08 -34.49 -23.01
CA VAL C 471 -3.81 -35.93 -23.04
C VAL C 471 -2.48 -36.12 -23.76
N PRO C 472 -1.46 -36.66 -23.12
CA PRO C 472 -0.14 -36.69 -23.74
C PRO C 472 -0.06 -37.74 -24.83
N GLN C 473 0.80 -37.47 -25.82
CA GLN C 473 0.85 -38.27 -27.03
C GLN C 473 1.84 -39.43 -26.96
N VAL C 474 2.62 -39.51 -25.87
CA VAL C 474 3.59 -40.58 -25.69
C VAL C 474 2.85 -41.84 -25.25
N THR C 475 3.23 -42.98 -25.82
CA THR C 475 2.58 -44.25 -25.50
C THR C 475 3.50 -45.22 -24.77
N TRP C 476 3.03 -46.46 -24.59
CA TRP C 476 3.80 -47.50 -23.92
C TRP C 476 5.00 -47.91 -24.75
N GLU C 477 4.87 -47.83 -26.07
CA GLU C 477 5.94 -48.20 -26.97
C GLU C 477 7.12 -47.27 -26.82
N ASP C 478 6.82 -46.00 -26.58
CA ASP C 478 7.86 -45.00 -26.42
C ASP C 478 8.70 -45.26 -25.17
N ILE C 479 8.33 -46.29 -24.40
CA ILE C 479 9.08 -46.57 -23.20
C ILE C 479 9.74 -47.93 -23.37
N GLY C 480 11.06 -47.94 -23.51
CA GLY C 480 11.79 -49.17 -23.47
C GLY C 480 11.92 -49.68 -22.05
N GLY C 481 11.67 -50.96 -21.88
CA GLY C 481 11.85 -51.56 -20.58
C GLY C 481 10.68 -51.27 -19.67
N LEU C 482 10.94 -51.42 -18.38
CA LEU C 482 9.99 -51.03 -17.32
C LEU C 482 8.64 -51.70 -17.49
N GLU C 483 8.66 -53.03 -17.67
CA GLU C 483 7.41 -53.76 -17.89
C GLU C 483 6.64 -53.92 -16.60
N ASP C 484 7.29 -54.38 -15.54
CA ASP C 484 6.60 -54.57 -14.26
C ASP C 484 6.04 -53.25 -13.75
N VAL C 485 6.87 -52.22 -13.67
CA VAL C 485 6.41 -50.91 -13.23
C VAL C 485 5.24 -50.46 -14.07
N LYS C 486 5.22 -50.79 -15.35
CA LYS C 486 4.09 -50.44 -16.19
C LYS C 486 2.82 -51.12 -15.71
N ARG C 487 2.90 -52.39 -15.33
CA ARG C 487 1.75 -53.07 -14.75
C ARG C 487 1.31 -52.41 -13.46
N GLU C 488 2.26 -52.11 -12.58
CA GLU C 488 1.94 -51.59 -11.27
C GLU C 488 1.23 -50.24 -11.34
N LEU C 489 1.55 -49.41 -12.33
CA LEU C 489 0.80 -48.17 -12.49
C LEU C 489 -0.64 -48.45 -12.83
N GLN C 490 -0.87 -49.29 -13.85
CA GLN C 490 -2.23 -49.66 -14.21
C GLN C 490 -2.99 -50.20 -13.01
N GLU C 491 -2.33 -50.95 -12.14
CA GLU C 491 -2.93 -51.40 -10.89
C GLU C 491 -3.41 -50.21 -10.07
N LEU C 492 -2.49 -49.28 -9.79
CA LEU C 492 -2.80 -48.15 -8.93
C LEU C 492 -3.79 -47.21 -9.59
N VAL C 493 -3.64 -46.96 -10.89
CA VAL C 493 -4.47 -45.96 -11.55
C VAL C 493 -5.83 -46.53 -11.93
N GLN C 494 -5.85 -47.69 -12.58
CA GLN C 494 -7.06 -48.18 -13.23
C GLN C 494 -8.00 -48.97 -12.33
N TYR C 495 -7.49 -49.85 -11.48
CA TYR C 495 -8.40 -50.72 -10.74
C TYR C 495 -9.35 -49.99 -9.80
N PRO C 496 -8.96 -48.93 -9.09
CA PRO C 496 -9.94 -48.31 -8.19
C PRO C 496 -11.11 -47.67 -8.90
N VAL C 497 -10.94 -47.17 -10.11
CA VAL C 497 -12.05 -46.53 -10.81
C VAL C 497 -12.88 -47.57 -11.54
N GLU C 498 -12.23 -48.59 -12.11
CA GLU C 498 -12.92 -49.63 -12.85
C GLU C 498 -13.59 -50.66 -11.95
N HIS C 499 -13.06 -50.88 -10.76
CA HIS C 499 -13.60 -51.88 -9.83
C HIS C 499 -13.80 -51.27 -8.46
N PRO C 500 -14.60 -50.21 -8.35
CA PRO C 500 -14.84 -49.64 -7.01
C PRO C 500 -15.63 -50.56 -6.14
N ASP C 501 -16.47 -51.40 -6.74
CA ASP C 501 -17.19 -52.43 -6.02
C ASP C 501 -16.26 -53.35 -5.25
N LYS C 502 -15.04 -53.54 -5.74
CA LYS C 502 -14.10 -54.42 -5.04
C LYS C 502 -13.42 -53.70 -3.88
N PHE C 503 -13.04 -52.43 -4.06
CA PHE C 503 -12.33 -51.73 -3.01
C PHE C 503 -13.26 -51.42 -1.85
N LEU C 504 -14.52 -51.18 -2.15
CA LEU C 504 -15.53 -50.99 -1.12
C LEU C 504 -15.69 -52.24 -0.25
N LYS C 505 -15.52 -53.42 -0.85
CA LYS C 505 -15.73 -54.68 -0.14
C LYS C 505 -14.88 -54.76 1.12
N PHE C 506 -13.58 -54.50 0.99
CA PHE C 506 -12.65 -54.49 2.10
C PHE C 506 -12.57 -53.14 2.78
N GLY C 507 -13.42 -52.19 2.41
CA GLY C 507 -13.36 -50.89 3.03
C GLY C 507 -12.08 -50.14 2.77
N MET C 508 -11.27 -50.59 1.82
CA MET C 508 -9.95 -50.01 1.62
C MET C 508 -10.03 -48.85 0.64
N THR C 509 -9.36 -47.81 0.96
CA THR C 509 -9.27 -46.70 0.01
C THR C 509 -7.97 -46.82 -0.76
N PRO C 510 -8.00 -46.69 -2.08
CA PRO C 510 -6.75 -46.74 -2.85
C PRO C 510 -5.87 -45.55 -2.55
N SER C 511 -4.60 -45.68 -2.93
CA SER C 511 -3.69 -44.56 -2.80
C SER C 511 -4.00 -43.53 -3.88
N LYS C 512 -3.92 -42.27 -3.52
CA LYS C 512 -3.98 -41.21 -4.51
C LYS C 512 -2.62 -40.94 -5.13
N GLY C 513 -1.54 -41.15 -4.39
CA GLY C 513 -0.24 -40.81 -4.92
C GLY C 513 0.73 -41.91 -5.29
N VAL C 514 1.73 -41.53 -6.06
CA VAL C 514 2.88 -42.35 -6.37
C VAL C 514 4.09 -41.44 -6.43
N LEU C 515 5.18 -41.86 -5.82
CA LEU C 515 6.44 -41.14 -5.93
C LEU C 515 7.44 -42.01 -6.68
N PHE C 516 7.82 -41.58 -7.87
CA PHE C 516 8.91 -42.15 -8.62
C PHE C 516 10.24 -41.62 -8.10
N TYR C 517 11.20 -42.49 -7.90
CA TYR C 517 12.52 -42.05 -7.49
C TYR C 517 13.57 -42.86 -8.22
N GLY C 518 14.65 -42.21 -8.61
CA GLY C 518 15.69 -42.87 -9.35
C GLY C 518 16.67 -41.88 -9.94
N PRO C 519 17.64 -42.36 -10.68
CA PRO C 519 18.63 -41.48 -11.28
C PRO C 519 18.03 -40.64 -12.40
N PRO C 520 18.72 -39.58 -12.80
CA PRO C 520 18.16 -38.68 -13.82
C PRO C 520 18.12 -39.33 -15.20
N GLY C 521 16.99 -39.20 -15.87
CA GLY C 521 16.88 -39.62 -17.25
C GLY C 521 16.40 -41.02 -17.49
N CYS C 522 15.92 -41.72 -16.47
CA CYS C 522 15.54 -43.10 -16.58
C CYS C 522 14.09 -43.29 -16.98
N GLY C 523 13.41 -42.23 -17.39
CA GLY C 523 12.08 -42.35 -17.93
C GLY C 523 10.94 -42.14 -16.98
N LYS C 524 11.13 -41.37 -15.91
CA LYS C 524 10.07 -41.10 -14.95
C LYS C 524 8.97 -40.22 -15.53
N THR C 525 9.34 -39.27 -16.38
CA THR C 525 8.35 -38.35 -16.94
C THR C 525 7.54 -39.01 -18.04
N LEU C 526 8.18 -39.79 -18.90
CA LEU C 526 7.48 -40.56 -19.92
C LEU C 526 6.56 -41.58 -19.28
N LEU C 527 7.00 -42.20 -18.20
CA LEU C 527 6.19 -43.20 -17.54
C LEU C 527 4.93 -42.59 -16.95
N ALA C 528 5.02 -41.33 -16.50
CA ALA C 528 3.84 -40.61 -16.04
C ALA C 528 2.93 -40.24 -17.18
N LYS C 529 3.48 -39.74 -18.28
CA LYS C 529 2.64 -39.37 -19.41
C LYS C 529 1.99 -40.60 -20.05
N ALA C 530 2.72 -41.72 -20.10
CA ALA C 530 2.17 -42.87 -20.79
C ALA C 530 0.96 -43.45 -20.09
N ILE C 531 0.89 -43.37 -18.77
CA ILE C 531 -0.30 -43.90 -18.11
C ILE C 531 -1.47 -42.93 -18.23
N ALA C 532 -1.20 -41.64 -18.32
CA ALA C 532 -2.26 -40.69 -18.59
C ALA C 532 -2.75 -40.81 -20.02
N ASN C 533 -1.83 -41.05 -20.96
CA ASN C 533 -2.22 -41.30 -22.33
C ASN C 533 -3.06 -42.54 -22.47
N GLU C 534 -2.72 -43.60 -21.73
CA GLU C 534 -3.50 -44.81 -21.83
C GLU C 534 -4.91 -44.61 -21.34
N CYS C 535 -5.07 -43.99 -20.17
CA CYS C 535 -6.39 -43.63 -19.65
C CYS C 535 -7.02 -42.49 -20.43
N GLN C 536 -6.31 -41.92 -21.41
CA GLN C 536 -6.76 -40.72 -22.12
C GLN C 536 -7.21 -39.65 -21.12
N ALA C 537 -6.50 -39.60 -20.00
CA ALA C 537 -6.65 -38.55 -19.01
C ALA C 537 -5.86 -37.32 -19.39
N ASN C 538 -6.31 -36.17 -18.90
CA ASN C 538 -5.52 -34.96 -19.04
C ASN C 538 -4.23 -35.10 -18.25
N PHE C 539 -3.18 -34.46 -18.72
CA PHE C 539 -1.90 -34.49 -18.04
C PHE C 539 -1.48 -33.07 -17.74
N ILE C 540 -1.12 -32.81 -16.50
CA ILE C 540 -0.66 -31.50 -16.07
C ILE C 540 0.70 -31.69 -15.45
N SER C 541 1.71 -31.10 -16.07
CA SER C 541 3.08 -31.24 -15.58
C SER C 541 3.48 -29.96 -14.87
N ILE C 542 3.79 -30.08 -13.60
CA ILE C 542 4.33 -28.98 -12.83
C ILE C 542 5.83 -29.24 -12.71
N LYS C 543 6.63 -28.34 -13.25
CA LYS C 543 8.06 -28.58 -13.38
C LYS C 543 8.82 -27.81 -12.31
N GLY C 544 9.99 -28.34 -11.94
CA GLY C 544 10.80 -27.75 -10.89
C GLY C 544 11.01 -26.26 -10.95
N PRO C 545 11.25 -25.68 -12.14
CA PRO C 545 11.30 -24.22 -12.22
C PRO C 545 9.99 -23.56 -11.83
N GLU C 546 8.87 -24.25 -11.98
CA GLU C 546 7.60 -23.69 -11.55
C GLU C 546 7.42 -23.80 -10.03
N LEU C 547 7.90 -24.86 -9.40
CA LEU C 547 7.88 -24.85 -7.94
C LEU C 547 8.90 -23.87 -7.38
N LEU C 548 10.02 -23.67 -8.08
CA LEU C 548 10.98 -22.67 -7.63
C LEU C 548 10.45 -21.25 -7.81
N THR C 549 9.62 -20.99 -8.81
CA THR C 549 9.13 -19.62 -8.95
C THR C 549 8.17 -19.27 -7.83
N MET C 550 7.34 -20.21 -7.39
CA MET C 550 6.52 -19.94 -6.21
C MET C 550 7.37 -19.78 -4.96
N TRP C 551 8.51 -20.42 -4.89
CA TRP C 551 9.31 -20.32 -3.68
C TRP C 551 10.14 -19.03 -3.65
N PHE C 552 10.76 -18.64 -4.77
CA PHE C 552 11.48 -17.37 -4.75
C PHE C 552 10.54 -16.20 -4.61
N GLY C 553 9.41 -16.25 -5.29
CA GLY C 553 8.38 -15.26 -5.15
C GLY C 553 7.55 -15.43 -3.91
N GLU C 554 7.88 -16.43 -3.08
CA GLU C 554 7.24 -16.74 -1.80
C GLU C 554 5.75 -16.57 -1.94
N SER C 555 5.21 -16.95 -3.09
CA SER C 555 3.79 -17.08 -3.33
C SER C 555 3.51 -18.56 -3.56
N GLU C 556 3.13 -19.27 -2.51
CA GLU C 556 2.68 -20.63 -2.65
C GLU C 556 1.16 -20.71 -2.66
N ALA C 557 0.49 -19.59 -2.49
CA ALA C 557 -0.95 -19.54 -2.72
C ALA C 557 -1.33 -19.91 -4.14
N ASN C 558 -0.39 -19.94 -5.07
CA ASN C 558 -0.67 -20.45 -6.40
C ASN C 558 -0.68 -21.96 -6.48
N VAL C 559 -0.34 -22.67 -5.40
CA VAL C 559 -0.52 -24.11 -5.46
C VAL C 559 -1.99 -24.46 -5.56
N ARG C 560 -2.87 -23.65 -4.95
CA ARG C 560 -4.29 -23.97 -4.96
C ARG C 560 -4.85 -23.98 -6.37
N GLU C 561 -4.48 -23.00 -7.18
CA GLU C 561 -5.07 -22.98 -8.51
C GLU C 561 -4.49 -24.06 -9.42
N ILE C 562 -3.32 -24.57 -9.09
CA ILE C 562 -2.76 -25.65 -9.88
C ILE C 562 -3.71 -26.83 -9.65
N PHE C 563 -4.05 -27.05 -8.38
CA PHE C 563 -4.98 -28.11 -7.98
C PHE C 563 -6.40 -27.86 -8.45
N ASP C 564 -6.86 -26.62 -8.38
CA ASP C 564 -8.21 -26.28 -8.83
C ASP C 564 -8.26 -26.58 -10.31
N LYS C 565 -7.17 -26.25 -11.00
CA LYS C 565 -7.07 -26.50 -12.43
C LYS C 565 -7.14 -28.00 -12.67
N ALA C 566 -6.48 -28.77 -11.82
CA ALA C 566 -6.50 -30.22 -11.93
C ALA C 566 -7.90 -30.78 -11.70
N ARG C 567 -8.60 -30.23 -10.73
CA ARG C 567 -9.96 -30.67 -10.40
C ARG C 567 -10.90 -30.45 -11.58
N GLN C 568 -10.77 -29.30 -12.23
CA GLN C 568 -11.56 -28.96 -13.40
C GLN C 568 -11.22 -29.83 -14.60
N ALA C 569 -9.97 -30.29 -14.69
CA ALA C 569 -9.51 -31.08 -15.81
C ALA C 569 -9.75 -32.56 -15.63
N ALA C 570 -10.38 -32.96 -14.53
CA ALA C 570 -10.51 -34.34 -14.16
C ALA C 570 -11.33 -35.12 -15.18
N PRO C 571 -11.03 -36.41 -15.36
CA PRO C 571 -9.87 -37.14 -14.83
C PRO C 571 -8.51 -36.67 -15.35
N CYS C 572 -7.57 -36.35 -14.48
CA CYS C 572 -6.23 -36.04 -14.95
C CYS C 572 -5.21 -36.78 -14.10
N VAL C 573 -3.98 -36.81 -14.61
CA VAL C 573 -2.81 -37.16 -13.85
C VAL C 573 -2.03 -35.88 -13.62
N LEU C 574 -1.89 -35.48 -12.37
CA LEU C 574 -1.16 -34.27 -12.02
C LEU C 574 0.26 -34.68 -11.62
N PHE C 575 1.23 -34.29 -12.43
CA PHE C 575 2.60 -34.76 -12.26
C PHE C 575 3.50 -33.62 -11.77
N PHE C 576 4.22 -33.87 -10.69
CA PHE C 576 5.23 -32.96 -10.19
C PHE C 576 6.61 -33.48 -10.58
N ASP C 577 7.22 -32.84 -11.56
CA ASP C 577 8.63 -32.97 -11.85
C ASP C 577 9.44 -32.51 -10.66
N GLU C 578 10.60 -33.13 -10.48
CA GLU C 578 11.72 -32.50 -9.80
C GLU C 578 11.29 -31.97 -8.43
N LEU C 579 10.57 -32.80 -7.70
CA LEU C 579 9.88 -32.36 -6.49
C LEU C 579 10.84 -32.04 -5.36
N ASP C 580 12.14 -32.32 -5.51
CA ASP C 580 13.15 -31.88 -4.56
C ASP C 580 13.85 -30.61 -4.99
N SER C 581 13.37 -29.96 -6.05
CA SER C 581 14.10 -28.81 -6.58
C SER C 581 14.25 -27.70 -5.55
N ILE C 582 13.32 -27.58 -4.61
CA ILE C 582 13.45 -26.51 -3.63
C ILE C 582 14.41 -26.91 -2.52
N ALA C 583 14.43 -28.19 -2.15
CA ALA C 583 15.42 -28.64 -1.17
C ALA C 583 16.82 -28.44 -1.71
N LYS C 584 17.03 -28.62 -3.01
CA LYS C 584 18.33 -28.34 -3.59
C LYS C 584 18.63 -26.85 -3.55
N ALA C 585 17.63 -26.01 -3.82
CA ALA C 585 17.87 -24.57 -3.87
C ALA C 585 18.40 -24.06 -2.55
N ARG C 586 18.11 -24.73 -1.45
CA ARG C 586 18.62 -24.34 -0.16
C ARG C 586 19.93 -25.00 0.21
N GLY C 587 20.36 -26.01 -0.52
CA GLY C 587 21.18 -26.99 0.12
C GLY C 587 21.00 -28.34 -0.56
N GLY C 588 20.95 -29.38 0.27
CA GLY C 588 20.91 -30.74 -0.19
C GLY C 588 22.16 -31.51 0.16
N ASN C 589 23.20 -30.81 0.60
CA ASN C 589 24.17 -31.44 1.46
C ASN C 589 23.95 -30.95 2.88
N ILE C 590 24.41 -29.74 3.22
CA ILE C 590 24.21 -29.19 4.55
C ILE C 590 22.97 -28.32 4.65
N GLY C 591 22.40 -27.91 3.52
CA GLY C 591 21.15 -27.19 3.47
C GLY C 591 21.15 -25.88 4.23
N ASP C 592 19.94 -25.39 4.43
CA ASP C 592 19.71 -24.41 5.48
C ASP C 592 19.76 -25.10 6.83
N GLY C 593 19.91 -24.30 7.88
CA GLY C 593 19.67 -24.81 9.21
C GLY C 593 18.29 -25.42 9.36
N GLY C 594 17.34 -25.02 8.51
CA GLY C 594 15.99 -25.51 8.61
C GLY C 594 15.89 -27.00 8.31
N GLY C 595 14.79 -27.59 8.75
CA GLY C 595 14.44 -28.95 8.40
C GLY C 595 13.87 -29.05 7.01
N ALA C 596 13.35 -30.23 6.70
CA ALA C 596 12.99 -30.54 5.33
C ALA C 596 11.77 -29.79 4.82
N ALA C 597 11.00 -29.15 5.69
CA ALA C 597 9.79 -28.47 5.28
C ALA C 597 10.11 -27.13 4.65
N ASP C 598 9.20 -26.67 3.79
CA ASP C 598 9.24 -25.31 3.27
C ASP C 598 7.88 -24.97 2.67
N ARG C 599 7.75 -23.70 2.31
CA ARG C 599 6.46 -23.13 1.94
C ARG C 599 5.65 -23.72 0.82
N VAL C 600 6.31 -24.22 -0.21
CA VAL C 600 5.56 -24.72 -1.36
C VAL C 600 5.16 -26.16 -1.16
N ILE C 601 6.10 -26.98 -0.70
CA ILE C 601 5.79 -28.37 -0.45
C ILE C 601 4.78 -28.50 0.66
N ASN C 602 4.71 -27.50 1.54
CA ASN C 602 3.68 -27.49 2.56
C ASN C 602 2.30 -27.31 1.97
N GLN C 603 2.15 -26.42 1.00
CA GLN C 603 0.83 -26.24 0.40
C GLN C 603 0.41 -27.45 -0.40
N ILE C 604 1.35 -28.13 -1.05
CA ILE C 604 1.01 -29.37 -1.73
C ILE C 604 0.48 -30.38 -0.73
N LEU C 605 1.06 -30.45 0.46
CA LEU C 605 0.48 -31.30 1.50
C LEU C 605 -0.91 -30.83 1.89
N THR C 606 -1.07 -29.54 2.16
CA THR C 606 -2.39 -29.01 2.50
C THR C 606 -3.41 -29.32 1.41
N GLU C 607 -3.04 -29.20 0.14
CA GLU C 607 -4.01 -29.35 -0.93
C GLU C 607 -4.24 -30.81 -1.33
N MET C 608 -3.34 -31.71 -0.95
CA MET C 608 -3.62 -33.13 -1.15
C MET C 608 -4.61 -33.63 -0.11
N ASP C 609 -4.44 -33.22 1.14
CA ASP C 609 -5.34 -33.66 2.19
C ASP C 609 -6.74 -33.09 2.03
N GLY C 610 -6.82 -31.93 1.39
CA GLY C 610 -8.07 -31.23 1.17
C GLY C 610 -8.81 -31.61 -0.08
N MET C 611 -8.26 -32.55 -0.84
CA MET C 611 -8.89 -33.00 -2.07
C MET C 611 -10.22 -33.64 -1.70
N SER C 612 -11.21 -33.53 -2.57
CA SER C 612 -12.52 -34.11 -2.29
C SER C 612 -12.50 -35.58 -2.65
N THR C 613 -11.69 -36.32 -1.92
CA THR C 613 -11.53 -37.76 -2.11
C THR C 613 -10.79 -37.96 -3.43
N LYS C 614 -10.79 -39.19 -3.91
CA LYS C 614 -10.16 -39.47 -5.18
C LYS C 614 -11.28 -39.32 -6.20
N LYS C 615 -11.19 -38.27 -7.02
CA LYS C 615 -12.20 -38.00 -8.02
C LYS C 615 -11.60 -37.70 -9.39
N ASN C 616 -11.04 -38.72 -10.04
CA ASN C 616 -10.47 -38.52 -11.36
C ASN C 616 -9.10 -37.84 -11.34
N VAL C 617 -8.56 -37.57 -10.16
CA VAL C 617 -7.25 -36.92 -10.07
C VAL C 617 -6.21 -37.80 -9.39
N PHE C 618 -5.17 -38.15 -10.15
CA PHE C 618 -4.09 -38.98 -9.65
C PHE C 618 -2.78 -38.19 -9.60
N ILE C 619 -2.10 -38.22 -8.46
CA ILE C 619 -0.87 -37.49 -8.30
C ILE C 619 0.38 -38.36 -8.44
N ILE C 620 1.35 -37.86 -9.19
CA ILE C 620 2.62 -38.55 -9.37
C ILE C 620 3.74 -37.57 -9.08
N GLY C 621 4.53 -37.84 -8.05
CA GLY C 621 5.76 -37.13 -7.85
C GLY C 621 6.95 -37.87 -8.42
N ALA C 622 7.97 -37.14 -8.82
CA ALA C 622 9.20 -37.73 -9.30
C ALA C 622 10.36 -36.93 -8.75
N THR C 623 11.38 -37.63 -8.29
CA THR C 623 12.53 -36.97 -7.71
C THR C 623 13.77 -37.78 -8.03
N ASN C 624 14.88 -37.08 -8.17
CA ASN C 624 16.20 -37.70 -8.16
C ASN C 624 16.71 -37.87 -6.75
N ARG C 625 16.42 -36.92 -5.87
CA ARG C 625 16.98 -37.02 -4.53
C ARG C 625 15.88 -37.36 -3.54
N PRO C 626 15.69 -38.63 -3.21
CA PRO C 626 14.72 -38.95 -2.15
C PRO C 626 15.23 -38.62 -0.77
N ASP C 627 16.54 -38.51 -0.59
CA ASP C 627 17.12 -38.07 0.66
C ASP C 627 16.46 -36.80 1.17
N ILE C 628 16.41 -35.77 0.33
CA ILE C 628 16.05 -34.43 0.75
C ILE C 628 14.56 -34.18 0.64
N ILE C 629 13.79 -35.13 0.14
CA ILE C 629 12.33 -35.03 0.17
C ILE C 629 11.85 -34.92 1.60
N ASP C 630 10.94 -33.99 1.85
CA ASP C 630 10.28 -33.89 3.13
C ASP C 630 9.56 -35.19 3.44
N PRO C 631 9.93 -35.89 4.50
CA PRO C 631 9.32 -37.21 4.77
C PRO C 631 7.83 -37.15 5.01
N ALA C 632 7.27 -35.97 5.29
CA ALA C 632 5.81 -35.84 5.38
C ALA C 632 5.11 -36.05 4.04
N ILE C 633 5.84 -35.96 2.92
CA ILE C 633 5.29 -36.26 1.61
C ILE C 633 4.85 -37.72 1.54
N LEU C 634 5.59 -38.59 2.20
CA LEU C 634 5.51 -40.03 2.03
C LEU C 634 4.48 -40.68 2.95
N ARG C 635 3.70 -39.89 3.67
CA ARG C 635 2.83 -40.40 4.71
C ARG C 635 1.55 -41.00 4.13
N PRO C 636 0.83 -41.79 4.92
CA PRO C 636 -0.41 -42.41 4.43
C PRO C 636 -1.47 -41.38 4.13
N GLY C 637 -2.05 -41.49 2.93
CA GLY C 637 -3.06 -40.58 2.44
C GLY C 637 -2.45 -39.56 1.49
N ARG C 638 -1.14 -39.61 1.34
CA ARG C 638 -0.38 -38.75 0.45
C ARG C 638 0.22 -39.63 -0.65
N LEU C 639 1.44 -39.33 -1.07
CA LEU C 639 2.10 -40.13 -2.11
C LEU C 639 2.75 -41.36 -1.47
N ASP C 640 1.92 -42.30 -1.05
CA ASP C 640 2.35 -43.55 -0.40
C ASP C 640 3.18 -44.57 -1.19
N GLN C 641 2.85 -44.78 -2.46
CA GLN C 641 3.54 -45.75 -3.28
C GLN C 641 4.85 -45.17 -3.78
N LEU C 642 5.96 -45.66 -3.25
CA LEU C 642 7.27 -45.35 -3.79
C LEU C 642 7.64 -46.43 -4.79
N ILE C 643 7.92 -46.01 -6.02
CA ILE C 643 8.40 -46.90 -7.07
C ILE C 643 9.78 -46.45 -7.47
N TYR C 644 10.71 -47.37 -7.59
CA TYR C 644 12.08 -47.08 -7.94
C TYR C 644 12.30 -47.36 -9.42
N ILE C 645 12.55 -46.31 -10.17
CA ILE C 645 12.86 -46.42 -11.59
C ILE C 645 14.37 -46.47 -11.73
N PRO C 646 14.95 -47.63 -12.00
CA PRO C 646 16.41 -47.78 -11.98
C PRO C 646 17.02 -47.56 -13.36
N LEU C 647 18.34 -47.66 -13.47
CA LEU C 647 18.96 -47.60 -14.79
C LEU C 647 18.53 -48.82 -15.61
N PRO C 648 18.38 -48.66 -16.91
CA PRO C 648 18.08 -49.81 -17.76
C PRO C 648 19.23 -50.81 -17.82
N ASP C 649 18.88 -52.05 -18.17
CA ASP C 649 19.82 -53.05 -18.62
C ASP C 649 19.73 -53.18 -20.14
N GLU C 650 20.59 -54.01 -20.71
CA GLU C 650 20.73 -54.04 -22.16
C GLU C 650 19.51 -54.64 -22.84
N LYS C 651 18.67 -55.38 -22.13
CA LYS C 651 17.37 -55.72 -22.72
C LYS C 651 16.53 -54.47 -22.85
N SER C 652 16.36 -53.74 -21.76
CA SER C 652 15.67 -52.46 -21.80
C SER C 652 16.46 -51.40 -22.55
N ARG C 653 17.76 -51.59 -22.76
CA ARG C 653 18.50 -50.66 -23.60
C ARG C 653 18.22 -50.90 -25.08
N VAL C 654 18.12 -52.16 -25.48
CA VAL C 654 17.69 -52.46 -26.84
C VAL C 654 16.32 -51.88 -27.09
N ALA C 655 15.44 -51.93 -26.09
CA ALA C 655 14.09 -51.44 -26.26
C ALA C 655 14.07 -49.91 -26.31
N ILE C 656 14.89 -49.27 -25.48
CA ILE C 656 15.00 -47.82 -25.49
C ILE C 656 15.55 -47.32 -26.82
N LEU C 657 16.64 -47.94 -27.30
CA LEU C 657 17.15 -47.62 -28.62
C LEU C 657 16.09 -47.81 -29.70
N LYS C 658 15.44 -48.97 -29.73
CA LYS C 658 14.39 -49.19 -30.72
C LYS C 658 13.27 -48.17 -30.58
N ALA C 659 12.93 -47.81 -29.35
CA ALA C 659 11.81 -46.92 -29.13
C ALA C 659 12.14 -45.51 -29.59
N ASN C 660 13.38 -45.08 -29.43
CA ASN C 660 13.75 -43.75 -29.91
C ASN C 660 13.81 -43.72 -31.43
N LEU C 661 14.33 -44.78 -32.05
CA LEU C 661 14.60 -44.78 -33.48
C LEU C 661 13.39 -45.14 -34.35
N ARG C 662 12.22 -45.34 -33.75
CA ARG C 662 11.04 -45.71 -34.52
C ARG C 662 10.53 -44.56 -35.39
N LYS C 663 11.03 -43.34 -35.18
CA LYS C 663 10.55 -42.23 -36.00
C LYS C 663 11.53 -41.97 -37.13
N SER C 664 12.67 -41.37 -36.83
CA SER C 664 13.67 -41.08 -37.83
C SER C 664 14.06 -42.34 -38.60
N PRO C 665 13.96 -42.34 -39.92
CA PRO C 665 14.22 -43.58 -40.67
C PRO C 665 15.68 -43.98 -40.58
N VAL C 666 15.92 -45.27 -40.66
CA VAL C 666 17.21 -45.87 -40.32
C VAL C 666 17.58 -46.87 -41.40
N ALA C 667 18.85 -46.84 -41.83
CA ALA C 667 19.37 -47.76 -42.83
C ALA C 667 19.86 -49.03 -42.16
N LYS C 668 19.47 -50.17 -42.74
CA LYS C 668 19.38 -51.43 -42.02
C LYS C 668 20.73 -51.97 -41.54
N ASP C 669 21.83 -51.52 -42.14
CA ASP C 669 23.15 -52.05 -41.83
C ASP C 669 23.61 -51.76 -40.41
N VAL C 670 23.17 -50.67 -39.79
CA VAL C 670 23.56 -50.36 -38.42
C VAL C 670 22.95 -51.37 -37.45
N ASP C 671 23.71 -51.75 -36.43
CA ASP C 671 23.35 -52.85 -35.53
C ASP C 671 23.01 -52.30 -34.15
N LEU C 672 21.77 -52.51 -33.73
CA LEU C 672 21.24 -51.88 -32.53
C LEU C 672 21.39 -52.76 -31.30
N GLU C 673 21.75 -54.02 -31.45
CA GLU C 673 21.94 -54.91 -30.31
C GLU C 673 23.31 -54.71 -29.66
N PHE C 674 24.29 -54.31 -30.45
CA PHE C 674 25.66 -54.19 -29.96
C PHE C 674 25.86 -52.89 -29.19
N LEU C 675 25.38 -51.77 -29.76
CA LEU C 675 25.47 -50.47 -29.10
C LEU C 675 24.96 -50.56 -27.68
N ALA C 676 23.96 -51.39 -27.43
CA ALA C 676 23.42 -51.57 -26.09
C ALA C 676 24.50 -52.02 -25.13
N LYS C 677 24.87 -53.30 -25.21
CA LYS C 677 25.72 -53.89 -24.18
C LYS C 677 27.04 -53.18 -24.03
N MET C 678 27.47 -52.45 -25.06
CA MET C 678 28.72 -51.71 -24.97
C MET C 678 28.61 -50.52 -24.04
N THR C 679 27.44 -49.88 -23.97
CA THR C 679 27.25 -48.77 -23.06
C THR C 679 26.75 -49.36 -21.76
N ASN C 680 27.65 -49.44 -20.76
CA ASN C 680 27.42 -50.34 -19.64
C ASN C 680 26.46 -49.75 -18.63
N GLY C 681 26.67 -48.49 -18.27
CA GLY C 681 25.96 -47.83 -17.21
C GLY C 681 25.04 -46.69 -17.57
N PHE C 682 24.68 -46.54 -18.85
CA PHE C 682 23.94 -45.34 -19.26
C PHE C 682 22.50 -45.32 -18.75
N SER C 683 22.04 -44.13 -18.42
CA SER C 683 20.62 -43.84 -18.25
C SER C 683 19.92 -43.79 -19.60
N GLY C 684 18.59 -43.85 -19.57
CA GLY C 684 17.82 -43.73 -20.80
C GLY C 684 18.08 -42.44 -21.55
N ALA C 685 18.36 -41.35 -20.84
CA ALA C 685 18.59 -40.08 -21.51
C ALA C 685 19.97 -40.04 -22.16
N ASP C 686 20.94 -40.74 -21.59
CA ASP C 686 22.26 -40.82 -22.19
C ASP C 686 22.24 -41.53 -23.54
N LEU C 687 21.27 -42.42 -23.77
CA LEU C 687 21.14 -43.08 -25.05
C LEU C 687 20.44 -42.19 -26.06
N THR C 688 19.60 -41.27 -25.57
CA THR C 688 19.02 -40.26 -26.43
C THR C 688 20.09 -39.31 -26.94
N GLU C 689 21.09 -38.99 -26.11
CA GLU C 689 22.19 -38.15 -26.55
C GLU C 689 22.88 -38.77 -27.77
N ILE C 690 23.18 -40.06 -27.70
CA ILE C 690 23.86 -40.73 -28.81
C ILE C 690 22.97 -40.76 -30.04
N CYS C 691 21.73 -41.20 -29.88
CA CYS C 691 20.83 -41.23 -31.03
C CYS C 691 20.69 -39.85 -31.65
N GLN C 692 20.60 -38.82 -30.81
CA GLN C 692 20.59 -37.44 -31.28
C GLN C 692 21.95 -36.97 -31.76
N ARG C 693 23.04 -37.53 -31.25
CA ARG C 693 24.35 -37.14 -31.76
C ARG C 693 24.53 -37.64 -33.19
N ALA C 694 24.02 -38.84 -33.49
CA ALA C 694 24.15 -39.43 -34.80
C ALA C 694 23.15 -38.86 -35.80
N CYS C 695 21.90 -38.66 -35.39
CA CYS C 695 20.94 -38.01 -36.29
C CYS C 695 21.40 -36.61 -36.66
N LYS C 696 22.11 -35.93 -35.76
CA LYS C 696 22.67 -34.63 -36.11
C LYS C 696 23.65 -34.77 -37.27
N LEU C 697 24.58 -35.70 -37.17
CA LEU C 697 25.56 -35.94 -38.23
C LEU C 697 24.91 -36.32 -39.55
N ALA C 698 23.81 -37.06 -39.54
CA ALA C 698 23.13 -37.39 -40.79
C ALA C 698 22.61 -36.12 -41.46
N ILE C 699 21.97 -35.25 -40.69
CA ILE C 699 21.58 -33.95 -41.23
C ILE C 699 22.82 -33.17 -41.65
N ARG C 700 23.91 -33.31 -40.88
CA ARG C 700 25.19 -32.72 -41.25
C ARG C 700 25.65 -33.20 -42.62
N GLU C 701 25.49 -34.49 -42.90
CA GLU C 701 25.80 -35.02 -44.24
C GLU C 701 24.81 -34.51 -45.28
N SER C 702 23.52 -34.73 -45.04
CA SER C 702 22.49 -34.41 -46.03
C SER C 702 22.63 -32.99 -46.58
N ILE C 703 22.79 -32.01 -45.71
CA ILE C 703 22.86 -30.62 -46.15
C ILE C 703 24.19 -30.32 -46.82
N GLU C 704 25.27 -31.00 -46.41
CA GLU C 704 26.57 -30.76 -47.04
C GLU C 704 26.76 -31.57 -48.31
N SER C 705 25.92 -32.57 -48.54
CA SER C 705 26.06 -33.39 -49.74
C SER C 705 25.44 -32.72 -50.96
N GLU C 706 24.32 -32.02 -50.79
CA GLU C 706 23.77 -31.32 -51.94
C GLU C 706 24.47 -29.98 -52.20
N ILE C 707 25.02 -29.36 -51.17
CA ILE C 707 25.96 -28.28 -51.38
C ILE C 707 27.36 -28.85 -51.59
N VAL C 728 20.55 -40.11 -50.61
CA VAL C 728 21.73 -40.22 -49.76
C VAL C 728 21.65 -39.54 -48.37
N PRO C 729 20.59 -38.77 -48.08
CA PRO C 729 20.34 -38.40 -46.68
C PRO C 729 19.80 -39.54 -45.83
N GLU C 730 20.68 -40.41 -45.32
CA GLU C 730 20.26 -41.52 -44.46
C GLU C 730 21.26 -41.71 -43.33
N ILE C 731 20.88 -42.54 -42.35
CA ILE C 731 21.67 -42.74 -41.15
C ILE C 731 22.39 -44.08 -41.23
N ARG C 732 23.62 -44.11 -40.73
CA ARG C 732 24.59 -45.12 -41.11
C ARG C 732 25.15 -45.77 -39.84
N ARG C 733 25.84 -46.90 -40.02
CA ARG C 733 26.49 -47.53 -38.88
C ARG C 733 27.66 -46.70 -38.37
N ASP C 734 28.32 -45.95 -39.24
CA ASP C 734 29.49 -45.19 -38.81
C ASP C 734 29.12 -43.92 -38.05
N HIS C 735 27.90 -43.38 -38.27
CA HIS C 735 27.47 -42.23 -37.48
C HIS C 735 27.33 -42.60 -36.01
N PHE C 736 26.61 -43.69 -35.72
CA PHE C 736 26.58 -44.17 -34.34
C PHE C 736 27.95 -44.53 -33.82
N GLU C 737 28.95 -44.65 -34.70
CA GLU C 737 30.31 -44.78 -34.23
C GLU C 737 30.92 -43.42 -33.91
N GLU C 738 30.61 -42.40 -34.73
CA GLU C 738 31.12 -41.06 -34.47
C GLU C 738 30.36 -40.41 -33.33
N ALA C 739 29.04 -40.63 -33.28
CA ALA C 739 28.26 -40.31 -32.10
C ALA C 739 28.86 -40.94 -30.84
N MET C 740 29.28 -42.20 -30.95
CA MET C 740 29.81 -42.90 -29.78
C MET C 740 31.12 -42.31 -29.30
N ARG C 741 31.85 -41.60 -30.18
CA ARG C 741 33.09 -41.00 -29.75
C ARG C 741 32.85 -39.97 -28.64
N PHE C 742 31.67 -39.38 -28.62
CA PHE C 742 31.28 -38.39 -27.62
C PHE C 742 30.46 -38.96 -26.48
N ALA C 743 30.30 -40.28 -26.42
CA ALA C 743 29.35 -40.90 -25.50
C ALA C 743 29.78 -40.71 -24.06
N ARG C 744 28.86 -40.18 -23.27
CA ARG C 744 29.10 -39.70 -21.92
C ARG C 744 28.10 -40.36 -21.01
N ARG C 745 28.49 -40.65 -19.77
CA ARG C 745 27.58 -41.30 -18.83
C ARG C 745 27.29 -40.35 -17.67
N SER C 746 26.05 -39.86 -17.62
CA SER C 746 25.69 -38.82 -16.67
C SER C 746 25.78 -39.32 -15.24
N VAL C 747 25.17 -40.47 -14.97
CA VAL C 747 24.93 -40.92 -13.60
C VAL C 747 26.13 -41.73 -13.14
N SER C 748 26.89 -41.19 -12.20
CA SER C 748 28.07 -41.85 -11.69
C SER C 748 27.70 -43.12 -10.94
N ASP C 749 28.66 -44.02 -10.82
CA ASP C 749 28.37 -45.31 -10.22
C ASP C 749 28.31 -45.29 -8.70
N ASN C 750 28.89 -44.29 -8.05
CA ASN C 750 28.77 -44.26 -6.60
C ASN C 750 27.34 -43.95 -6.18
N ASP C 751 26.65 -43.10 -6.94
CA ASP C 751 25.32 -42.69 -6.52
C ASP C 751 24.28 -43.76 -6.84
N ILE C 752 24.57 -44.64 -7.79
CA ILE C 752 23.61 -45.68 -8.11
C ILE C 752 23.38 -46.38 -6.78
N ARG C 753 24.44 -46.50 -5.99
CA ARG C 753 24.36 -47.10 -4.67
C ARG C 753 23.42 -46.29 -3.77
N LYS C 754 23.47 -44.96 -3.88
CA LYS C 754 22.60 -44.10 -3.05
C LYS C 754 21.14 -44.42 -3.34
N TYR C 755 20.83 -44.56 -4.62
CA TYR C 755 19.50 -44.96 -5.05
C TYR C 755 19.19 -46.38 -4.58
N GLU C 756 20.11 -47.30 -4.84
CA GLU C 756 19.91 -48.67 -4.42
C GLU C 756 19.86 -48.68 -2.90
N MET C 757 20.72 -47.88 -2.29
CA MET C 757 20.76 -47.80 -0.83
C MET C 757 19.44 -47.30 -0.28
N PHE C 758 18.90 -46.25 -0.89
CA PHE C 758 17.63 -45.71 -0.45
C PHE C 758 16.60 -46.80 -0.73
N ALA C 759 16.73 -47.40 -1.90
CA ALA C 759 15.86 -48.49 -2.32
C ALA C 759 16.03 -49.77 -1.51
N GLN C 760 17.27 -50.13 -1.19
CA GLN C 760 17.55 -51.36 -0.46
C GLN C 760 17.06 -51.27 0.98
N THR C 761 17.00 -50.06 1.52
CA THR C 761 16.33 -49.85 2.81
C THR C 761 14.83 -50.04 2.72
N LEU C 762 14.21 -49.60 1.61
CA LEU C 762 12.76 -49.51 1.57
C LEU C 762 12.04 -50.84 1.58
N GLN C 763 12.72 -51.95 1.30
CA GLN C 763 12.15 -53.29 1.39
C GLN C 763 10.80 -53.37 0.66
N ASN D 21 -52.85 -31.40 37.83
CA ASN D 21 -54.14 -30.95 38.32
C ASN D 21 -55.28 -31.27 37.34
N ARG D 22 -55.40 -32.57 37.07
CA ARG D 22 -56.40 -33.07 36.16
C ARG D 22 -56.12 -32.53 34.77
N PRO D 23 -54.86 -32.20 34.47
CA PRO D 23 -54.62 -31.67 33.11
C PRO D 23 -54.86 -32.71 32.02
N ASN D 24 -55.30 -32.27 30.85
CA ASN D 24 -55.53 -33.16 29.73
C ASN D 24 -54.35 -34.11 29.55
N ARG D 25 -53.20 -33.56 29.16
CA ARG D 25 -52.01 -34.37 28.96
C ARG D 25 -51.42 -34.35 27.54
N LEU D 26 -51.86 -33.41 26.71
CA LEU D 26 -51.37 -33.31 25.34
C LEU D 26 -50.55 -32.06 25.02
N ILE D 27 -49.38 -32.27 24.40
CA ILE D 27 -48.46 -31.20 24.00
C ILE D 27 -48.12 -31.52 22.54
N VAL D 28 -47.73 -30.53 21.72
CA VAL D 28 -47.47 -30.89 20.33
C VAL D 28 -45.99 -30.70 20.02
N ASP D 29 -45.46 -31.60 19.20
CA ASP D 29 -44.02 -31.69 19.08
C ASP D 29 -43.69 -32.09 17.65
N GLU D 30 -42.46 -31.81 17.23
CA GLU D 30 -42.02 -32.36 15.97
C GLU D 30 -41.86 -33.86 16.14
N ALA D 31 -42.03 -34.59 15.04
CA ALA D 31 -41.92 -36.05 15.02
C ALA D 31 -40.84 -36.43 14.03
N ILE D 32 -39.75 -37.02 14.51
CA ILE D 32 -38.66 -37.30 13.58
C ILE D 32 -38.96 -38.57 12.78
N ASN D 33 -39.48 -39.61 13.41
CA ASN D 33 -39.82 -40.81 12.67
C ASN D 33 -40.84 -40.49 11.59
N GLU D 34 -40.72 -41.16 10.45
CA GLU D 34 -41.35 -40.72 9.20
C GLU D 34 -42.63 -41.48 8.93
N ASP D 35 -43.76 -40.79 9.05
CA ASP D 35 -45.08 -41.43 9.03
C ASP D 35 -46.16 -40.48 8.55
N ASN D 36 -47.10 -41.03 7.77
CA ASN D 36 -48.34 -40.34 7.44
C ASN D 36 -49.36 -40.77 8.49
N SER D 37 -49.74 -39.85 9.36
CA SER D 37 -50.77 -40.09 10.38
C SER D 37 -50.40 -41.28 11.26
N VAL D 38 -49.30 -41.12 11.98
CA VAL D 38 -48.97 -41.98 13.10
C VAL D 38 -48.41 -41.11 14.21
N VAL D 39 -48.65 -41.52 15.45
CA VAL D 39 -48.35 -40.73 16.64
C VAL D 39 -47.61 -41.60 17.64
N SER D 40 -46.64 -41.00 18.32
CA SER D 40 -46.02 -41.60 19.50
C SER D 40 -46.64 -41.00 20.77
N LEU D 41 -46.73 -41.82 21.82
CA LEU D 41 -47.24 -41.34 23.10
C LEU D 41 -46.59 -42.11 24.24
N SER D 42 -46.32 -41.39 25.32
CA SER D 42 -45.34 -41.78 26.32
C SER D 42 -45.66 -43.10 27.03
N GLN D 43 -44.66 -43.96 27.14
CA GLN D 43 -44.77 -45.17 27.97
C GLN D 43 -44.81 -44.89 29.48
N PRO D 44 -44.07 -43.91 30.03
CA PRO D 44 -44.06 -43.76 31.50
C PRO D 44 -45.45 -43.69 32.09
N LYS D 45 -46.42 -43.19 31.33
CA LYS D 45 -47.84 -43.49 31.55
C LYS D 45 -48.46 -43.95 30.25
N MET D 46 -48.78 -45.24 30.15
CA MET D 46 -49.78 -45.72 29.21
C MET D 46 -51.13 -45.99 29.85
N ASP D 47 -51.27 -45.87 31.16
CA ASP D 47 -52.53 -46.29 31.75
C ASP D 47 -53.53 -45.14 31.87
N GLU D 48 -53.10 -43.89 31.68
CA GLU D 48 -54.02 -42.78 31.90
C GLU D 48 -55.02 -42.66 30.77
N LEU D 49 -54.54 -42.58 29.53
CA LEU D 49 -55.43 -42.69 28.37
C LEU D 49 -55.72 -44.15 28.04
N GLN D 50 -54.72 -45.03 28.18
CA GLN D 50 -54.89 -46.47 27.99
C GLN D 50 -55.40 -46.81 26.59
N LEU D 51 -54.48 -46.78 25.64
CA LEU D 51 -54.74 -47.13 24.27
C LEU D 51 -53.74 -48.22 23.95
N PHE D 52 -54.23 -49.36 23.52
CA PHE D 52 -53.39 -50.49 23.20
C PHE D 52 -52.45 -50.16 22.05
N ARG D 53 -52.95 -49.28 21.17
CA ARG D 53 -52.31 -48.77 19.96
C ARG D 53 -53.03 -49.27 18.72
N GLY D 54 -52.94 -48.48 17.65
CA GLY D 54 -53.57 -48.81 16.40
C GLY D 54 -55.05 -48.50 16.53
N ASP D 55 -55.40 -47.92 17.67
CA ASP D 55 -56.79 -47.59 17.98
C ASP D 55 -57.07 -46.14 17.61
N THR D 56 -58.13 -45.95 16.83
CA THR D 56 -58.56 -44.63 16.38
C THR D 56 -58.77 -43.71 17.57
N VAL D 57 -58.26 -42.49 17.48
CA VAL D 57 -58.28 -41.57 18.62
C VAL D 57 -58.65 -40.19 18.14
N LEU D 58 -59.20 -39.38 19.06
CA LEU D 58 -59.55 -38.01 18.76
C LEU D 58 -58.31 -37.12 18.79
N LEU D 59 -58.36 -36.02 18.06
CA LEU D 59 -57.43 -34.92 18.24
C LEU D 59 -58.20 -33.62 18.13
N LYS D 60 -58.05 -32.74 19.11
CA LYS D 60 -58.82 -31.51 19.10
C LYS D 60 -57.98 -30.36 18.59
N GLY D 61 -58.46 -29.71 17.55
CA GLY D 61 -57.77 -28.63 16.88
C GLY D 61 -58.18 -27.29 17.44
N LYS D 62 -58.32 -26.31 16.56
CA LYS D 62 -58.84 -25.02 16.92
C LYS D 62 -60.09 -24.75 16.09
N LYS D 63 -60.86 -23.74 16.50
CA LYS D 63 -61.83 -23.10 15.63
C LYS D 63 -63.05 -23.96 15.37
N ARG D 64 -63.15 -25.13 16.04
CA ARG D 64 -63.86 -26.34 15.59
C ARG D 64 -63.17 -27.07 14.44
N ARG D 65 -62.07 -27.76 14.75
CA ARG D 65 -61.52 -28.83 13.93
C ARG D 65 -60.98 -29.95 14.79
N GLU D 66 -60.96 -31.16 14.23
CA GLU D 66 -60.49 -32.35 14.90
C GLU D 66 -59.75 -33.25 13.92
N ALA D 67 -59.00 -34.22 14.44
CA ALA D 67 -58.28 -35.16 13.60
C ALA D 67 -58.23 -36.54 14.23
N VAL D 68 -57.91 -37.52 13.39
CA VAL D 68 -57.84 -38.92 13.80
C VAL D 68 -56.53 -39.51 13.31
N CYS D 69 -55.79 -40.15 14.22
CA CYS D 69 -54.49 -40.72 13.90
C CYS D 69 -54.25 -41.99 14.72
N ILE D 70 -53.21 -42.71 14.35
CA ILE D 70 -52.85 -44.00 14.91
C ILE D 70 -51.65 -43.80 15.84
N VAL D 71 -51.57 -44.59 16.90
CA VAL D 71 -50.61 -44.35 17.98
C VAL D 71 -49.62 -45.51 18.11
N LEU D 72 -48.34 -45.18 18.28
CA LEU D 72 -47.27 -46.13 18.50
C LEU D 72 -46.41 -45.68 19.68
N SER D 73 -45.51 -46.56 20.10
CA SER D 73 -44.73 -46.39 21.32
C SER D 73 -43.26 -46.12 21.00
N ASP D 74 -42.63 -45.29 21.82
CA ASP D 74 -41.23 -44.92 21.65
C ASP D 74 -40.53 -44.93 23.01
N ASP D 75 -39.44 -45.68 23.15
CA ASP D 75 -38.65 -45.56 24.37
C ASP D 75 -38.10 -44.14 24.51
N THR D 76 -37.76 -43.51 23.39
CA THR D 76 -37.08 -42.22 23.37
C THR D 76 -38.03 -41.03 23.21
N CYS D 77 -39.34 -41.26 23.19
CA CYS D 77 -40.28 -40.17 23.38
C CYS D 77 -40.26 -39.73 24.85
N SER D 78 -40.63 -38.48 25.08
CA SER D 78 -40.70 -37.96 26.45
C SER D 78 -42.02 -38.35 27.11
N ASP D 79 -41.98 -38.42 28.45
CA ASP D 79 -43.23 -38.39 29.22
C ASP D 79 -43.96 -37.06 29.00
N GLU D 80 -43.27 -36.04 28.49
CA GLU D 80 -43.84 -34.71 28.39
C GLU D 80 -44.73 -34.54 27.15
N LYS D 81 -44.29 -35.01 25.97
CA LYS D 81 -44.84 -34.52 24.70
C LYS D 81 -45.01 -35.64 23.67
N ILE D 82 -45.46 -35.24 22.49
CA ILE D 82 -46.14 -36.12 21.52
C ILE D 82 -45.60 -35.89 20.11
N ARG D 83 -45.03 -36.94 19.52
CA ARG D 83 -44.48 -36.87 18.18
C ARG D 83 -45.62 -36.96 17.15
N MET D 84 -45.80 -35.89 16.37
CA MET D 84 -46.77 -35.89 15.27
C MET D 84 -46.21 -35.00 14.17
N ASN D 85 -46.74 -35.17 12.95
CA ASN D 85 -46.10 -34.62 11.77
C ASN D 85 -46.82 -33.39 11.25
N ARG D 86 -46.37 -32.93 10.09
CA ARG D 86 -46.77 -31.65 9.50
C ARG D 86 -48.13 -31.72 8.82
N VAL D 87 -48.56 -32.87 8.32
CA VAL D 87 -49.91 -32.92 7.74
C VAL D 87 -50.98 -32.90 8.83
N VAL D 88 -50.75 -33.58 9.95
CA VAL D 88 -51.73 -33.49 11.02
C VAL D 88 -51.75 -32.10 11.59
N ARG D 89 -50.57 -31.53 11.78
CA ARG D 89 -50.45 -30.22 12.41
C ARG D 89 -51.15 -29.14 11.60
N ASN D 90 -50.98 -29.16 10.26
CA ASN D 90 -51.62 -28.14 9.44
C ASN D 90 -53.14 -28.29 9.41
N ASN D 91 -53.64 -29.53 9.37
CA ASN D 91 -55.09 -29.76 9.44
C ASN D 91 -55.68 -29.10 10.68
N LEU D 92 -55.17 -29.47 11.86
CA LEU D 92 -55.65 -28.92 13.12
C LEU D 92 -55.47 -27.42 13.20
N ARG D 93 -54.53 -26.86 12.42
CA ARG D 93 -54.01 -25.51 12.64
C ARG D 93 -53.44 -25.37 14.05
N VAL D 94 -52.94 -26.48 14.57
CA VAL D 94 -51.99 -26.46 15.66
C VAL D 94 -50.60 -26.08 15.15
N ARG D 95 -49.73 -25.69 16.07
CA ARG D 95 -48.33 -25.39 15.77
C ARG D 95 -47.45 -26.14 16.77
N LEU D 96 -46.13 -26.12 16.55
CA LEU D 96 -45.23 -26.72 17.51
C LEU D 96 -45.36 -26.04 18.86
N GLY D 97 -45.08 -26.80 19.92
CA GLY D 97 -45.12 -26.28 21.27
C GLY D 97 -46.50 -26.00 21.80
N ASP D 98 -47.51 -26.06 20.94
CA ASP D 98 -48.90 -25.83 21.27
C ASP D 98 -49.47 -27.05 22.01
N VAL D 99 -50.66 -26.88 22.55
CA VAL D 99 -51.34 -27.95 23.25
C VAL D 99 -52.76 -28.10 22.72
N ILE D 100 -53.15 -29.33 22.41
CA ILE D 100 -54.49 -29.61 21.89
C ILE D 100 -55.23 -30.57 22.81
N SER D 101 -56.47 -30.24 23.15
CA SER D 101 -57.21 -31.12 24.03
C SER D 101 -57.35 -32.45 23.32
N ILE D 102 -57.10 -33.54 24.05
CA ILE D 102 -57.17 -34.86 23.47
C ILE D 102 -57.99 -35.80 24.35
N GLN D 103 -58.61 -36.78 23.72
CA GLN D 103 -59.40 -37.75 24.43
C GLN D 103 -59.30 -39.06 23.68
N PRO D 104 -59.07 -40.17 24.35
CA PRO D 104 -59.24 -41.47 23.71
C PRO D 104 -60.72 -41.84 23.67
N CYS D 105 -61.14 -42.38 22.53
CA CYS D 105 -62.26 -43.29 22.48
C CYS D 105 -61.80 -44.30 21.43
N PRO D 106 -61.93 -45.60 21.71
CA PRO D 106 -61.30 -46.59 20.82
C PRO D 106 -61.98 -46.74 19.49
N ASP D 107 -63.28 -46.49 19.42
CA ASP D 107 -64.10 -47.00 18.33
C ASP D 107 -63.77 -46.35 16.99
N VAL D 108 -64.07 -47.10 15.92
CA VAL D 108 -63.91 -46.66 14.54
C VAL D 108 -64.94 -47.43 13.71
N LYS D 109 -65.48 -46.76 12.68
CA LYS D 109 -66.48 -47.37 11.81
C LYS D 109 -66.01 -47.24 10.36
N TYR D 110 -66.11 -48.35 9.63
CA TYR D 110 -65.63 -48.43 8.25
C TYR D 110 -66.45 -47.53 7.33
N GLY D 111 -65.91 -47.33 6.13
CA GLY D 111 -66.53 -46.43 5.16
C GLY D 111 -66.28 -46.88 3.75
N LYS D 112 -66.85 -46.11 2.81
CA LYS D 112 -66.84 -46.48 1.39
C LYS D 112 -66.05 -45.50 0.54
N ARG D 113 -65.30 -46.05 -0.42
CA ARG D 113 -64.98 -45.40 -1.69
C ARG D 113 -64.56 -43.93 -1.61
N ILE D 114 -63.75 -43.55 -0.61
CA ILE D 114 -63.62 -42.15 -0.23
C ILE D 114 -63.35 -41.28 -1.44
N HIS D 115 -63.91 -40.07 -1.42
CA HIS D 115 -63.94 -39.17 -2.56
C HIS D 115 -62.96 -38.00 -2.40
N VAL D 116 -62.39 -37.55 -3.52
CA VAL D 116 -61.10 -36.87 -3.58
C VAL D 116 -61.07 -35.84 -4.71
N LEU D 117 -60.50 -34.67 -4.42
CA LEU D 117 -60.39 -33.56 -5.36
C LEU D 117 -59.03 -32.87 -5.23
N PRO D 118 -58.54 -32.27 -6.38
CA PRO D 118 -57.24 -31.60 -6.20
C PRO D 118 -57.37 -30.35 -5.33
N ILE D 119 -56.33 -30.00 -4.58
CA ILE D 119 -56.38 -28.83 -3.70
C ILE D 119 -55.35 -27.75 -4.00
N ASP D 120 -55.82 -26.50 -4.11
CA ASP D 120 -54.96 -25.36 -4.37
C ASP D 120 -54.44 -25.28 -5.80
N ASP D 121 -53.41 -24.47 -6.02
CA ASP D 121 -52.82 -24.31 -7.35
C ASP D 121 -52.24 -25.63 -7.86
N THR D 122 -51.61 -26.40 -6.99
CA THR D 122 -50.99 -27.65 -7.39
C THR D 122 -51.92 -28.63 -8.10
N VAL D 123 -51.44 -29.14 -9.23
CA VAL D 123 -52.16 -30.08 -10.06
C VAL D 123 -51.41 -30.25 -11.40
N GLU D 124 -51.96 -31.08 -12.28
CA GLU D 124 -51.38 -31.33 -13.59
C GLU D 124 -50.23 -32.33 -13.49
N GLY D 125 -49.97 -32.76 -12.26
CA GLY D 125 -48.93 -33.73 -11.98
C GLY D 125 -49.23 -35.08 -12.57
N ILE D 126 -50.50 -35.45 -12.51
CA ILE D 126 -50.97 -36.74 -12.99
C ILE D 126 -51.75 -36.65 -14.31
N THR D 127 -51.37 -37.48 -15.27
CA THR D 127 -52.07 -37.49 -16.55
C THR D 127 -52.79 -38.83 -16.64
N GLY D 128 -54.10 -38.77 -16.89
CA GLY D 128 -54.88 -40.00 -16.98
C GLY D 128 -55.18 -40.57 -15.61
N ASN D 129 -54.88 -41.85 -15.42
CA ASN D 129 -55.13 -42.49 -14.14
C ASN D 129 -54.31 -41.70 -13.12
N LEU D 130 -54.93 -41.35 -12.00
CA LEU D 130 -54.23 -40.61 -10.98
C LEU D 130 -54.24 -41.31 -9.65
N PHE D 131 -54.97 -42.42 -9.55
CA PHE D 131 -54.97 -43.25 -8.36
C PHE D 131 -54.12 -44.48 -8.55
N GLU D 132 -53.67 -44.70 -9.77
CA GLU D 132 -52.63 -45.69 -10.02
C GLU D 132 -51.28 -45.09 -9.64
N VAL D 133 -51.03 -43.86 -10.11
CA VAL D 133 -49.78 -43.18 -9.80
C VAL D 133 -49.72 -42.79 -8.33
N TYR D 134 -50.85 -42.68 -7.65
CA TYR D 134 -50.85 -42.13 -6.30
C TYR D 134 -51.44 -43.05 -5.25
N LEU D 135 -52.71 -43.43 -5.36
CA LEU D 135 -53.40 -43.95 -4.18
C LEU D 135 -52.94 -45.35 -3.80
N LYS D 136 -52.94 -46.28 -4.75
CA LYS D 136 -52.86 -47.71 -4.42
C LYS D 136 -51.82 -48.04 -3.36
N PRO D 137 -50.56 -47.61 -3.46
CA PRO D 137 -49.58 -48.01 -2.42
C PRO D 137 -49.90 -47.48 -1.03
N TYR D 138 -50.50 -46.27 -0.92
CA TYR D 138 -50.64 -45.68 0.41
C TYR D 138 -51.87 -46.17 1.18
N PHE D 139 -53.00 -46.43 0.53
CA PHE D 139 -54.12 -47.02 1.24
C PHE D 139 -53.99 -48.53 1.35
N LEU D 140 -52.84 -49.06 0.95
CA LEU D 140 -52.59 -50.49 0.91
C LEU D 140 -52.09 -50.99 2.28
N GLU D 141 -52.88 -51.83 2.94
CA GLU D 141 -52.60 -52.40 4.26
C GLU D 141 -52.48 -51.38 5.38
N ALA D 142 -52.59 -50.08 5.08
CA ALA D 142 -52.34 -49.07 6.11
C ALA D 142 -53.47 -48.99 7.13
N TYR D 143 -54.72 -49.04 6.67
CA TYR D 143 -55.86 -48.61 7.47
C TYR D 143 -55.68 -47.18 7.95
N ARG D 144 -55.29 -46.30 7.03
CA ARG D 144 -55.14 -44.90 7.38
C ARG D 144 -56.51 -44.26 7.53
N PRO D 145 -56.90 -43.85 8.74
CA PRO D 145 -58.20 -43.19 8.91
C PRO D 145 -58.16 -41.82 8.24
N ILE D 146 -59.16 -41.54 7.42
CA ILE D 146 -59.12 -40.36 6.56
C ILE D 146 -60.41 -39.58 6.74
N ARG D 147 -60.28 -38.28 6.97
CA ARG D 147 -61.36 -37.42 7.44
C ARG D 147 -61.98 -36.65 6.29
N LYS D 148 -63.27 -36.35 6.45
CA LYS D 148 -63.87 -35.24 5.72
C LYS D 148 -63.12 -33.95 6.01
N GLY D 149 -62.87 -33.17 4.97
CA GLY D 149 -62.42 -31.81 5.16
C GLY D 149 -60.98 -31.61 5.58
N ASP D 150 -60.09 -32.55 5.25
CA ASP D 150 -58.68 -32.39 5.58
C ASP D 150 -57.84 -32.60 4.33
N ILE D 151 -56.57 -32.20 4.43
CA ILE D 151 -55.61 -32.35 3.36
C ILE D 151 -54.51 -33.29 3.84
N PHE D 152 -54.00 -34.13 2.93
CA PHE D 152 -52.92 -35.06 3.20
C PHE D 152 -52.02 -35.09 1.97
N LEU D 153 -50.87 -35.73 2.11
CA LEU D 153 -49.82 -35.65 1.10
C LEU D 153 -49.38 -37.04 0.66
N VAL D 154 -49.37 -37.27 -0.65
CA VAL D 154 -48.84 -38.50 -1.23
C VAL D 154 -47.58 -38.14 -2.00
N ARG D 155 -46.52 -38.91 -1.82
CA ARG D 155 -45.26 -38.67 -2.51
C ARG D 155 -45.01 -39.72 -3.56
N GLY D 156 -44.47 -39.28 -4.70
CA GLY D 156 -43.95 -40.19 -5.69
C GLY D 156 -43.68 -39.52 -7.02
N GLY D 157 -42.87 -40.17 -7.85
CA GLY D 157 -42.62 -39.67 -9.19
C GLY D 157 -42.11 -38.26 -9.26
N MET D 158 -41.24 -37.88 -8.34
CA MET D 158 -40.54 -36.59 -8.39
C MET D 158 -41.49 -35.42 -8.26
N ARG D 159 -42.61 -35.62 -7.55
CA ARG D 159 -43.51 -34.53 -7.27
C ARG D 159 -44.40 -34.92 -6.11
N ALA D 160 -44.92 -33.92 -5.42
CA ALA D 160 -45.84 -34.13 -4.31
C ALA D 160 -47.06 -33.28 -4.54
N VAL D 161 -48.21 -33.83 -4.18
CA VAL D 161 -49.47 -33.11 -4.32
C VAL D 161 -50.43 -33.69 -3.28
N GLU D 162 -51.52 -32.98 -3.07
CA GLU D 162 -52.42 -33.22 -1.96
C GLU D 162 -53.84 -33.31 -2.49
N PHE D 163 -54.61 -34.24 -1.92
CA PHE D 163 -55.99 -34.49 -2.34
C PHE D 163 -56.92 -34.21 -1.18
N LYS D 164 -57.71 -33.16 -1.30
CA LYS D 164 -58.71 -32.84 -0.30
C LYS D 164 -59.80 -33.91 -0.29
N VAL D 165 -60.46 -34.05 0.85
CA VAL D 165 -61.65 -34.90 0.93
C VAL D 165 -62.84 -34.00 1.21
N VAL D 166 -63.63 -33.74 0.17
CA VAL D 166 -64.84 -32.94 0.29
C VAL D 166 -66.04 -33.76 0.74
N GLU D 167 -66.20 -34.96 0.17
CA GLU D 167 -67.38 -35.78 0.43
C GLU D 167 -66.94 -37.16 0.87
N THR D 168 -67.33 -37.55 2.08
CA THR D 168 -67.24 -38.93 2.54
C THR D 168 -68.61 -39.37 2.99
N ASP D 169 -69.03 -40.57 2.57
CA ASP D 169 -70.39 -41.03 2.87
C ASP D 169 -70.58 -41.26 4.37
N PRO D 170 -69.79 -42.08 5.05
CA PRO D 170 -69.93 -42.17 6.50
C PRO D 170 -69.21 -41.03 7.21
N SER D 171 -69.72 -40.66 8.36
CA SER D 171 -69.13 -39.59 9.15
C SER D 171 -69.33 -39.82 10.64
N PRO D 172 -68.52 -39.18 11.50
CA PRO D 172 -67.44 -38.21 11.24
C PRO D 172 -66.13 -38.71 10.60
N TYR D 173 -65.83 -40.00 10.61
CA TYR D 173 -64.55 -40.48 10.11
C TYR D 173 -64.67 -41.92 9.66
N CYS D 174 -63.74 -42.36 8.81
CA CYS D 174 -63.84 -43.73 8.30
C CYS D 174 -62.47 -44.36 8.11
N ILE D 175 -62.32 -45.57 8.64
CA ILE D 175 -61.14 -46.38 8.36
C ILE D 175 -61.29 -47.02 6.99
N VAL D 176 -60.21 -47.05 6.21
CA VAL D 176 -60.29 -47.58 4.84
C VAL D 176 -59.56 -48.89 4.50
N ALA D 177 -60.25 -49.73 3.74
CA ALA D 177 -59.76 -51.04 3.27
C ALA D 177 -60.03 -51.16 1.77
N PRO D 178 -59.29 -52.03 1.08
CA PRO D 178 -59.47 -52.18 -0.37
C PRO D 178 -60.53 -53.21 -0.72
N ASP D 179 -61.72 -53.06 -0.14
CA ASP D 179 -62.88 -53.77 -0.64
C ASP D 179 -63.81 -52.84 -1.43
N THR D 180 -63.47 -51.56 -1.58
CA THR D 180 -64.36 -50.53 -2.10
C THR D 180 -63.97 -50.10 -3.50
N VAL D 181 -64.99 -49.60 -4.21
CA VAL D 181 -64.93 -49.07 -5.56
C VAL D 181 -64.09 -47.79 -5.57
N ILE D 182 -63.70 -47.33 -6.76
CA ILE D 182 -62.76 -46.22 -6.92
C ILE D 182 -63.41 -45.19 -7.83
N HIS D 183 -63.75 -44.03 -7.26
CA HIS D 183 -64.33 -42.91 -7.99
C HIS D 183 -63.25 -41.88 -8.27
N CYS D 184 -63.34 -41.21 -9.41
CA CYS D 184 -62.29 -40.30 -9.88
C CYS D 184 -62.90 -38.97 -10.30
N GLU D 185 -62.19 -37.88 -10.01
CA GLU D 185 -62.53 -36.58 -10.58
C GLU D 185 -61.31 -35.92 -11.19
N GLY D 186 -60.39 -35.44 -10.36
CA GLY D 186 -59.14 -34.88 -10.83
C GLY D 186 -59.16 -33.44 -11.30
N GLU D 187 -60.17 -32.64 -10.95
CA GLU D 187 -60.24 -31.27 -11.41
C GLU D 187 -59.91 -30.31 -10.27
N PRO D 188 -58.97 -29.39 -10.49
CA PRO D 188 -58.49 -28.54 -9.40
C PRO D 188 -59.56 -27.59 -8.88
N ILE D 189 -59.30 -27.06 -7.68
CA ILE D 189 -60.05 -25.96 -7.11
C ILE D 189 -59.16 -25.20 -6.14
N LYS D 190 -59.38 -23.89 -6.07
CA LYS D 190 -58.58 -23.04 -5.20
C LYS D 190 -58.78 -23.41 -3.73
N ARG D 191 -57.67 -23.62 -3.03
CA ARG D 191 -57.69 -23.80 -1.59
C ARG D 191 -57.73 -22.43 -0.90
N GLU D 192 -58.36 -22.39 0.27
CA GLU D 192 -58.45 -21.17 1.07
C GLU D 192 -57.07 -20.59 1.39
N ASP D 193 -56.94 -19.27 1.23
CA ASP D 193 -55.66 -18.60 1.44
C ASP D 193 -55.27 -18.58 2.90
N GLU D 194 -56.25 -18.51 3.81
CA GLU D 194 -55.95 -18.55 5.24
C GLU D 194 -55.13 -19.79 5.59
N GLU D 195 -55.23 -20.85 4.79
CA GLU D 195 -54.50 -22.08 5.04
C GLU D 195 -53.00 -21.89 4.86
N GLU D 196 -52.21 -22.70 5.57
CA GLU D 196 -50.76 -22.69 5.43
C GLU D 196 -50.31 -23.85 4.57
N SER D 197 -49.81 -23.54 3.37
CA SER D 197 -49.41 -24.55 2.39
C SER D 197 -48.37 -25.50 2.97
N LEU D 198 -48.42 -26.75 2.51
CA LEU D 198 -47.50 -27.79 2.95
C LEU D 198 -46.20 -27.81 2.16
N ASN D 199 -46.09 -27.02 1.08
CA ASN D 199 -44.81 -26.85 0.41
C ASN D 199 -43.95 -25.77 1.06
N GLU D 200 -44.57 -24.78 1.70
CA GLU D 200 -43.81 -23.79 2.45
C GLU D 200 -42.95 -24.49 3.50
N VAL D 201 -41.68 -24.12 3.56
CA VAL D 201 -40.70 -24.96 4.23
C VAL D 201 -40.85 -24.86 5.74
N GLY D 202 -40.55 -25.96 6.41
CA GLY D 202 -40.73 -26.12 7.84
C GLY D 202 -39.65 -27.06 8.33
N TYR D 203 -39.71 -27.37 9.62
CA TYR D 203 -38.61 -28.07 10.29
C TYR D 203 -38.14 -29.30 9.53
N ASP D 204 -39.09 -30.10 9.01
CA ASP D 204 -38.70 -31.34 8.35
C ASP D 204 -37.98 -31.07 7.03
N ASP D 205 -38.31 -29.97 6.35
CA ASP D 205 -37.63 -29.66 5.11
C ASP D 205 -36.20 -29.17 5.36
N ILE D 206 -35.86 -28.95 6.64
CA ILE D 206 -34.46 -28.70 6.99
C ILE D 206 -33.81 -29.98 7.47
N GLY D 207 -32.76 -30.37 6.77
CA GLY D 207 -32.05 -31.56 7.12
C GLY D 207 -30.80 -31.21 7.89
N GLY D 208 -29.99 -32.26 8.09
CA GLY D 208 -28.68 -32.21 8.71
C GLY D 208 -28.58 -32.68 10.14
N CYS D 209 -29.66 -32.62 10.90
CA CYS D 209 -29.62 -33.12 12.27
C CYS D 209 -28.45 -32.49 12.99
N ARG D 210 -28.23 -31.21 12.73
CA ARG D 210 -27.14 -30.49 13.38
C ARG D 210 -27.41 -30.39 14.87
N LYS D 211 -28.66 -30.10 15.17
CA LYS D 211 -29.15 -29.91 16.53
C LYS D 211 -28.91 -28.47 16.94
N GLN D 212 -28.16 -27.74 16.12
CA GLN D 212 -27.88 -26.33 16.36
C GLN D 212 -29.20 -25.58 16.20
N LEU D 213 -29.98 -26.01 15.21
CA LEU D 213 -31.28 -25.41 14.96
C LEU D 213 -32.14 -25.42 16.21
N ALA D 214 -32.00 -26.46 17.03
CA ALA D 214 -32.67 -26.49 18.33
C ALA D 214 -32.30 -25.28 19.17
N GLN D 215 -31.11 -24.74 18.95
CA GLN D 215 -30.69 -23.55 19.68
C GLN D 215 -31.47 -22.31 19.26
N ILE D 216 -31.78 -22.18 17.97
CA ILE D 216 -32.60 -21.05 17.51
C ILE D 216 -34.03 -21.18 18.00
N LYS D 217 -34.48 -22.41 18.22
CA LYS D 217 -35.79 -22.65 18.81
C LYS D 217 -35.91 -22.01 20.20
N GLU D 218 -34.92 -22.25 21.05
CA GLU D 218 -34.96 -21.71 22.40
C GLU D 218 -34.96 -20.20 22.43
N MET D 219 -34.43 -19.56 21.38
CA MET D 219 -34.38 -18.11 21.35
C MET D 219 -35.70 -17.50 20.89
N VAL D 220 -36.34 -18.09 19.89
CA VAL D 220 -37.50 -17.48 19.27
C VAL D 220 -38.81 -18.06 19.78
N GLU D 221 -38.77 -18.99 20.74
CA GLU D 221 -39.99 -19.53 21.32
C GLU D 221 -40.86 -18.44 21.91
N LEU D 222 -40.44 -17.89 23.04
CA LEU D 222 -41.28 -16.94 23.75
C LEU D 222 -41.51 -15.65 22.98
N PRO D 223 -40.50 -15.02 22.38
CA PRO D 223 -40.76 -13.70 21.80
C PRO D 223 -41.81 -13.70 20.72
N LEU D 224 -41.72 -14.61 19.75
CA LEU D 224 -42.64 -14.59 18.63
C LEU D 224 -43.73 -15.65 18.66
N ARG D 225 -43.73 -16.58 19.62
CA ARG D 225 -44.91 -17.41 19.78
C ARG D 225 -45.82 -16.91 20.90
N HIS D 226 -45.34 -16.00 21.75
CA HIS D 226 -46.08 -15.52 22.91
C HIS D 226 -45.89 -14.02 23.08
N PRO D 227 -46.38 -13.24 22.12
CA PRO D 227 -46.10 -11.79 22.15
C PRO D 227 -46.58 -11.07 23.41
N ALA D 228 -47.81 -11.31 23.84
CA ALA D 228 -48.40 -10.50 24.91
C ALA D 228 -47.66 -10.64 26.23
N LEU D 229 -46.92 -11.73 26.43
CA LEU D 229 -46.26 -11.96 27.69
C LEU D 229 -45.12 -10.96 27.95
N PHE D 230 -44.48 -10.45 26.90
CA PHE D 230 -43.34 -9.58 27.17
C PHE D 230 -43.73 -8.15 27.52
N LYS D 231 -44.97 -7.74 27.26
CA LYS D 231 -45.46 -6.49 27.82
C LYS D 231 -45.82 -6.65 29.29
N ALA D 232 -46.04 -7.88 29.75
CA ALA D 232 -46.38 -8.10 31.15
C ALA D 232 -45.16 -8.07 32.04
N ILE D 233 -44.05 -8.60 31.57
CA ILE D 233 -42.87 -8.84 32.39
C ILE D 233 -41.69 -8.12 31.79
N GLY D 234 -40.93 -7.42 32.64
CA GLY D 234 -39.64 -6.93 32.23
C GLY D 234 -38.67 -8.07 32.01
N VAL D 235 -38.18 -8.22 30.78
CA VAL D 235 -37.04 -9.04 30.36
C VAL D 235 -36.57 -8.45 29.04
N LYS D 236 -35.39 -8.84 28.57
CA LYS D 236 -34.99 -8.39 27.25
C LYS D 236 -34.92 -9.58 26.31
N PRO D 237 -35.86 -9.73 25.38
CA PRO D 237 -35.69 -10.70 24.31
C PRO D 237 -34.63 -10.21 23.33
N PRO D 238 -33.93 -11.13 22.68
CA PRO D 238 -32.91 -10.71 21.70
C PRO D 238 -33.53 -10.07 20.48
N ARG D 239 -32.98 -8.92 20.08
CA ARG D 239 -33.49 -8.28 18.87
C ARG D 239 -32.91 -8.91 17.60
N GLY D 240 -31.58 -9.00 17.50
CA GLY D 240 -30.94 -9.59 16.34
C GLY D 240 -30.42 -10.98 16.57
N ILE D 241 -30.25 -11.72 15.48
CA ILE D 241 -29.61 -13.03 15.46
C ILE D 241 -28.80 -13.15 14.19
N LEU D 242 -27.53 -13.47 14.31
CA LEU D 242 -26.72 -13.76 13.13
C LEU D 242 -26.63 -15.26 12.89
N LEU D 243 -27.03 -15.69 11.71
CA LEU D 243 -26.65 -16.98 11.21
C LEU D 243 -25.42 -16.78 10.35
N TYR D 244 -24.43 -17.62 10.52
CA TYR D 244 -23.32 -17.53 9.59
C TYR D 244 -22.79 -18.92 9.27
N GLY D 245 -22.26 -19.04 8.08
CA GLY D 245 -21.82 -20.29 7.53
C GLY D 245 -21.56 -20.01 6.07
N PRO D 246 -20.82 -20.88 5.40
CA PRO D 246 -20.55 -20.67 3.99
C PRO D 246 -21.83 -20.76 3.19
N PRO D 247 -21.86 -20.21 1.97
CA PRO D 247 -23.10 -20.20 1.19
C PRO D 247 -23.63 -21.60 0.93
N GLY D 248 -24.95 -21.69 0.84
CA GLY D 248 -25.59 -22.95 0.56
C GLY D 248 -25.77 -23.86 1.74
N THR D 249 -25.41 -23.42 2.94
CA THR D 249 -25.51 -24.25 4.13
C THR D 249 -26.87 -24.17 4.78
N GLY D 250 -27.84 -23.52 4.15
CA GLY D 250 -29.19 -23.53 4.66
C GLY D 250 -29.59 -22.36 5.52
N LYS D 251 -28.88 -21.23 5.42
CA LYS D 251 -29.20 -20.10 6.28
C LYS D 251 -30.56 -19.51 5.96
N THR D 252 -30.99 -19.55 4.70
CA THR D 252 -32.30 -19.01 4.37
C THR D 252 -33.40 -20.01 4.69
N LEU D 253 -33.11 -21.32 4.65
CA LEU D 253 -34.06 -22.28 5.20
C LEU D 253 -34.43 -21.95 6.62
N ILE D 254 -33.43 -21.80 7.50
CA ILE D 254 -33.67 -21.65 8.94
C ILE D 254 -34.64 -20.52 9.20
N ALA D 255 -34.42 -19.38 8.54
CA ALA D 255 -35.33 -18.26 8.75
C ALA D 255 -36.72 -18.56 8.20
N ARG D 256 -36.79 -19.02 6.94
CA ARG D 256 -38.08 -19.40 6.36
C ARG D 256 -38.81 -20.41 7.23
N ALA D 257 -38.09 -21.38 7.78
CA ALA D 257 -38.74 -22.48 8.47
C ALA D 257 -38.93 -22.23 9.96
N VAL D 258 -38.34 -21.17 10.50
CA VAL D 258 -38.73 -20.71 11.82
C VAL D 258 -39.97 -19.84 11.72
N ALA D 259 -39.99 -18.95 10.73
CA ALA D 259 -41.15 -18.10 10.49
C ALA D 259 -42.35 -18.91 10.05
N ASN D 260 -42.15 -20.01 9.33
CA ASN D 260 -43.31 -20.77 8.91
C ASN D 260 -43.87 -21.58 10.05
N GLU D 261 -43.01 -22.17 10.87
CA GLU D 261 -43.51 -23.07 11.89
C GLU D 261 -44.03 -22.33 13.12
N THR D 262 -43.67 -21.06 13.29
CA THR D 262 -44.18 -20.26 14.39
C THR D 262 -45.29 -19.31 13.99
N GLY D 263 -45.63 -19.24 12.70
CA GLY D 263 -46.70 -18.37 12.29
C GLY D 263 -46.31 -16.91 12.14
N ALA D 264 -45.08 -16.55 12.44
CA ALA D 264 -44.65 -15.18 12.28
C ALA D 264 -44.54 -14.83 10.81
N PHE D 265 -44.70 -13.54 10.52
CA PHE D 265 -44.61 -13.07 9.15
C PHE D 265 -43.15 -12.90 8.76
N PHE D 266 -42.75 -13.61 7.71
CA PHE D 266 -41.39 -13.55 7.21
C PHE D 266 -41.20 -12.42 6.20
N PHE D 267 -40.25 -11.53 6.48
CA PHE D 267 -39.94 -10.43 5.59
C PHE D 267 -38.60 -10.78 4.94
N LEU D 268 -38.21 -10.07 3.90
CA LEU D 268 -36.94 -10.40 3.25
C LEU D 268 -36.20 -9.21 2.67
N ILE D 269 -35.13 -8.82 3.35
CA ILE D 269 -34.31 -7.71 2.89
C ILE D 269 -33.18 -8.30 2.05
N ASN D 270 -33.45 -8.45 0.77
CA ASN D 270 -32.47 -9.00 -0.15
C ASN D 270 -31.18 -8.19 -0.10
N GLY D 271 -30.13 -8.78 0.43
CA GLY D 271 -28.84 -8.12 0.55
C GLY D 271 -28.46 -7.25 -0.64
N PRO D 272 -28.61 -7.82 -1.90
CA PRO D 272 -28.22 -6.94 -3.00
C PRO D 272 -29.39 -6.21 -3.64
N GLU D 273 -30.61 -6.52 -3.21
CA GLU D 273 -31.79 -5.85 -3.77
C GLU D 273 -31.83 -4.40 -3.33
N ILE D 274 -31.45 -4.14 -2.09
CA ILE D 274 -31.45 -2.77 -1.58
C ILE D 274 -30.24 -2.03 -2.16
N MET D 275 -29.26 -2.79 -2.61
CA MET D 275 -28.05 -2.24 -3.20
C MET D 275 -28.28 -1.83 -4.64
N SER D 276 -29.11 -2.62 -5.34
CA SER D 276 -29.42 -2.38 -6.74
C SER D 276 -30.18 -1.07 -6.94
N LYS D 277 -30.83 -0.59 -5.89
CA LYS D 277 -31.57 0.64 -5.98
C LYS D 277 -30.63 1.84 -5.93
N LEU D 278 -31.12 2.98 -6.38
CA LEU D 278 -30.25 4.15 -6.50
C LEU D 278 -29.94 4.75 -5.14
N ALA D 279 -28.91 5.60 -5.13
CA ALA D 279 -28.59 6.42 -3.97
C ALA D 279 -29.81 7.20 -3.48
N GLY D 280 -30.02 7.16 -2.17
CA GLY D 280 -31.01 7.96 -1.48
C GLY D 280 -32.39 7.34 -1.40
N GLU D 281 -32.75 6.52 -2.37
CA GLU D 281 -33.90 5.63 -2.31
C GLU D 281 -33.49 4.21 -1.91
N SER D 282 -32.20 3.97 -1.72
CA SER D 282 -31.75 2.72 -1.14
C SER D 282 -32.08 2.64 0.35
N GLU D 283 -31.89 3.75 1.08
CA GLU D 283 -32.31 3.80 2.47
C GLU D 283 -33.82 3.77 2.60
N SER D 284 -34.52 4.46 1.70
CA SER D 284 -35.97 4.49 1.76
C SER D 284 -36.55 3.09 1.69
N ASN D 285 -35.87 2.22 0.96
CA ASN D 285 -36.37 0.87 0.75
C ASN D 285 -36.07 -0.04 1.92
N LEU D 286 -34.96 0.19 2.62
CA LEU D 286 -34.61 -0.60 3.81
C LEU D 286 -35.39 -0.12 5.02
N ARG D 287 -35.58 1.19 5.16
CA ARG D 287 -36.28 1.74 6.31
C ARG D 287 -37.76 1.39 6.30
N LYS D 288 -38.41 1.47 5.14
CA LYS D 288 -39.79 1.01 5.06
C LYS D 288 -39.91 -0.48 5.34
N ALA D 289 -38.82 -1.24 5.14
CA ALA D 289 -38.83 -2.66 5.45
C ALA D 289 -39.07 -2.93 6.93
N PHE D 290 -38.45 -2.14 7.80
CA PHE D 290 -38.71 -2.37 9.21
C PHE D 290 -40.02 -1.74 9.65
N GLU D 291 -40.50 -0.72 8.92
CA GLU D 291 -41.75 -0.06 9.28
C GLU D 291 -42.94 -0.94 8.95
N GLU D 292 -42.93 -1.56 7.76
CA GLU D 292 -43.96 -2.53 7.43
C GLU D 292 -43.99 -3.65 8.45
N ALA D 293 -42.88 -4.37 8.59
CA ALA D 293 -42.77 -5.48 9.51
C ALA D 293 -43.10 -5.09 10.95
N GLU D 294 -43.01 -3.82 11.32
CA GLU D 294 -43.61 -3.40 12.59
C GLU D 294 -45.08 -3.80 12.66
N LYS D 295 -45.85 -3.42 11.64
CA LYS D 295 -47.30 -3.59 11.69
C LYS D 295 -47.70 -5.05 11.77
N ASN D 296 -46.93 -5.93 11.16
CA ASN D 296 -47.12 -7.36 11.31
C ASN D 296 -46.31 -7.84 12.51
N ALA D 297 -46.98 -8.35 13.53
CA ALA D 297 -46.25 -8.88 14.66
C ALA D 297 -46.90 -10.16 15.14
N PRO D 298 -46.09 -11.15 15.51
CA PRO D 298 -44.63 -11.17 15.42
C PRO D 298 -44.09 -11.43 14.02
N ALA D 299 -42.88 -10.95 13.74
CA ALA D 299 -42.32 -11.04 12.41
C ALA D 299 -40.81 -11.22 12.51
N ILE D 300 -40.28 -12.00 11.57
CA ILE D 300 -38.84 -12.11 11.35
C ILE D 300 -38.51 -11.32 10.10
N ILE D 301 -37.66 -10.31 10.24
CA ILE D 301 -36.98 -9.72 9.11
C ILE D 301 -35.70 -10.53 8.90
N PHE D 302 -35.49 -10.99 7.67
CA PHE D 302 -34.28 -11.76 7.37
C PHE D 302 -33.41 -11.09 6.32
N ILE D 303 -32.35 -10.44 6.76
CA ILE D 303 -31.42 -9.80 5.87
C ILE D 303 -30.41 -10.86 5.46
N ASP D 304 -30.34 -11.19 4.17
CA ASP D 304 -29.31 -12.10 3.69
C ASP D 304 -28.25 -11.32 2.91
N GLU D 305 -27.02 -11.81 2.98
CA GLU D 305 -25.85 -11.04 2.59
C GLU D 305 -25.81 -9.72 3.35
N LEU D 306 -25.83 -9.84 4.67
CA LEU D 306 -25.61 -8.67 5.50
C LEU D 306 -24.29 -7.99 5.15
N ASP D 307 -23.31 -8.76 4.68
CA ASP D 307 -22.04 -8.18 4.27
C ASP D 307 -22.15 -7.42 2.96
N ALA D 308 -23.28 -7.50 2.28
CA ALA D 308 -23.53 -6.58 1.19
C ALA D 308 -23.97 -5.22 1.72
N ILE D 309 -24.91 -5.21 2.67
CA ILE D 309 -25.46 -3.97 3.18
C ILE D 309 -24.55 -3.36 4.24
N ALA D 310 -23.84 -4.16 5.02
CA ALA D 310 -23.01 -3.64 6.11
C ALA D 310 -21.68 -4.38 6.19
N PRO D 311 -20.92 -4.33 5.10
CA PRO D 311 -19.62 -5.00 5.03
C PRO D 311 -18.45 -4.10 5.40
N LYS D 312 -18.73 -2.85 5.75
CA LYS D 312 -17.67 -1.91 6.10
C LYS D 312 -16.89 -2.35 7.34
N ARG D 313 -15.57 -2.28 7.24
CA ARG D 313 -14.68 -2.63 8.35
C ARG D 313 -13.93 -1.38 8.82
N GLU D 314 -14.45 -0.21 8.43
CA GLU D 314 -13.84 1.07 8.73
C GLU D 314 -12.84 1.36 7.61
N LYS D 315 -12.86 0.46 6.62
CA LYS D 315 -12.02 0.53 5.43
C LYS D 315 -12.73 1.31 4.31
N THR D 316 -13.89 0.80 3.86
CA THR D 316 -14.95 1.59 3.24
C THR D 316 -14.56 2.49 2.05
N HIS D 317 -14.36 1.91 0.87
CA HIS D 317 -14.39 2.69 -0.36
C HIS D 317 -15.74 3.41 -0.46
N GLY D 318 -15.75 4.57 -1.11
CA GLY D 318 -16.98 5.16 -1.59
C GLY D 318 -17.60 6.21 -0.69
N GLU D 319 -18.89 6.43 -0.95
CA GLU D 319 -19.75 7.32 -0.18
C GLU D 319 -21.05 6.69 0.28
N VAL D 320 -21.89 6.30 -0.66
CA VAL D 320 -23.24 5.84 -0.33
C VAL D 320 -23.19 4.79 0.76
N GLU D 321 -22.22 3.87 0.69
CA GLU D 321 -22.26 2.74 1.61
C GLU D 321 -22.08 3.18 3.06
N ARG D 322 -21.39 4.30 3.31
CA ARG D 322 -21.34 4.84 4.65
C ARG D 322 -22.74 5.01 5.23
N ARG D 323 -23.68 5.45 4.40
CA ARG D 323 -24.98 5.89 4.87
C ARG D 323 -26.00 4.77 4.90
N ILE D 324 -25.75 3.71 4.15
CA ILE D 324 -26.63 2.54 4.17
C ILE D 324 -26.46 1.83 5.50
N VAL D 325 -25.19 1.69 5.90
CA VAL D 325 -24.80 1.03 7.14
C VAL D 325 -25.28 1.77 8.38
N SER D 326 -25.11 3.09 8.36
CA SER D 326 -25.54 3.91 9.48
C SER D 326 -27.04 3.85 9.67
N GLN D 327 -27.79 3.87 8.58
CA GLN D 327 -29.23 3.81 8.67
C GLN D 327 -29.65 2.49 9.29
N LEU D 328 -28.97 1.42 8.88
CA LEU D 328 -29.25 0.08 9.40
C LEU D 328 -28.95 0.00 10.89
N LEU D 329 -27.86 0.60 11.31
CA LEU D 329 -27.49 0.58 12.72
C LEU D 329 -28.56 1.28 13.55
N THR D 330 -29.04 2.41 13.04
CA THR D 330 -30.07 3.17 13.73
C THR D 330 -31.35 2.34 13.82
N LEU D 331 -31.65 1.65 12.72
CA LEU D 331 -32.81 0.80 12.63
C LEU D 331 -32.73 -0.38 13.60
N MET D 332 -31.55 -0.95 13.72
CA MET D 332 -31.37 -2.11 14.60
C MET D 332 -31.36 -1.71 16.06
N ASP D 333 -30.79 -0.56 16.39
CA ASP D 333 -30.95 0.01 17.72
C ASP D 333 -32.33 0.61 17.94
N GLY D 334 -32.91 1.22 16.91
CA GLY D 334 -34.17 1.90 17.02
C GLY D 334 -35.37 1.04 17.33
N LEU D 335 -35.21 -0.29 17.40
CA LEU D 335 -36.33 -1.14 17.77
C LEU D 335 -36.89 -0.70 19.10
N LYS D 336 -38.19 -0.35 19.10
CA LYS D 336 -38.81 0.53 20.09
C LYS D 336 -39.52 -0.21 21.21
N GLN D 337 -39.38 -1.53 21.30
CA GLN D 337 -39.92 -2.44 22.32
C GLN D 337 -41.45 -2.51 22.27
N ARG D 338 -42.12 -1.72 21.42
CA ARG D 338 -43.43 -2.11 20.92
C ARG D 338 -43.19 -3.03 19.75
N ALA D 339 -44.11 -3.98 19.59
CA ALA D 339 -44.01 -5.20 18.81
C ALA D 339 -42.75 -6.01 19.07
N HIS D 340 -42.53 -6.99 18.19
CA HIS D 340 -41.65 -8.11 18.52
C HIS D 340 -40.51 -8.30 17.55
N VAL D 341 -40.36 -7.44 16.55
CA VAL D 341 -39.65 -7.81 15.35
C VAL D 341 -38.29 -8.40 15.70
N ILE D 342 -38.07 -9.62 15.28
CA ILE D 342 -36.78 -10.27 15.36
C ILE D 342 -36.09 -10.05 14.04
N VAL D 343 -34.83 -9.68 14.06
CA VAL D 343 -34.09 -9.46 12.83
C VAL D 343 -33.04 -10.54 12.73
N MET D 344 -33.26 -11.54 11.88
CA MET D 344 -32.25 -12.54 11.57
C MET D 344 -31.46 -12.08 10.36
N ALA D 345 -30.15 -12.22 10.43
CA ALA D 345 -29.30 -11.80 9.33
C ALA D 345 -28.22 -12.84 9.09
N ALA D 346 -28.00 -13.18 7.83
CA ALA D 346 -27.06 -14.21 7.45
C ALA D 346 -25.86 -13.64 6.71
N THR D 347 -24.71 -14.24 6.94
CA THR D 347 -23.49 -13.82 6.26
C THR D 347 -22.52 -14.99 6.26
N ASN D 348 -21.50 -14.90 5.41
CA ASN D 348 -20.60 -16.02 5.18
C ASN D 348 -19.57 -16.16 6.29
N ARG D 349 -18.99 -15.04 6.75
CA ARG D 349 -18.05 -15.09 7.85
C ARG D 349 -18.37 -13.93 8.79
N PRO D 350 -18.29 -14.16 10.11
CA PRO D 350 -18.64 -13.08 11.05
C PRO D 350 -17.64 -11.94 11.07
N ASN D 351 -16.41 -12.15 10.62
CA ASN D 351 -15.49 -11.02 10.51
C ASN D 351 -15.89 -10.10 9.37
N SER D 352 -16.70 -10.57 8.44
CA SER D 352 -17.01 -9.76 7.27
C SER D 352 -17.83 -8.52 7.62
N ILE D 353 -18.78 -8.64 8.53
CA ILE D 353 -19.71 -7.53 8.78
C ILE D 353 -19.14 -6.53 9.76
N ASP D 354 -19.69 -5.32 9.68
CA ASP D 354 -19.23 -4.16 10.45
C ASP D 354 -19.25 -4.44 11.96
N PRO D 355 -18.24 -4.01 12.71
CA PRO D 355 -18.14 -4.42 14.12
C PRO D 355 -19.19 -3.77 14.99
N ALA D 356 -19.83 -2.69 14.53
CA ALA D 356 -20.84 -2.01 15.32
C ALA D 356 -22.16 -2.74 15.31
N LEU D 357 -22.33 -3.72 14.44
CA LEU D 357 -23.53 -4.53 14.36
C LEU D 357 -23.67 -5.52 15.50
N ARG D 358 -22.59 -5.81 16.23
CA ARG D 358 -22.68 -6.75 17.33
C ARG D 358 -22.90 -6.11 18.69
N ARG D 359 -23.01 -4.79 18.78
CA ARG D 359 -23.17 -4.26 20.12
C ARG D 359 -24.52 -4.67 20.70
N PHE D 360 -24.59 -4.57 22.02
CA PHE D 360 -25.74 -4.96 22.81
C PHE D 360 -26.99 -4.30 22.26
N GLY D 361 -27.97 -5.10 21.91
CA GLY D 361 -29.17 -4.60 21.28
C GLY D 361 -29.18 -4.62 19.77
N ARG D 362 -28.07 -4.98 19.11
CA ARG D 362 -28.11 -5.00 17.65
C ARG D 362 -28.23 -6.42 17.14
N PHE D 363 -27.12 -7.11 16.93
CA PHE D 363 -27.12 -8.56 16.75
C PHE D 363 -26.34 -9.10 17.94
N ASP D 364 -27.06 -9.54 18.94
CA ASP D 364 -26.40 -9.99 20.15
C ASP D 364 -26.00 -11.45 20.05
N ARG D 365 -26.90 -12.29 19.59
CA ARG D 365 -26.62 -13.70 19.43
C ARG D 365 -26.17 -13.99 18.01
N GLU D 366 -25.24 -14.93 17.88
CA GLU D 366 -24.80 -15.47 16.60
C GLU D 366 -24.92 -16.98 16.63
N VAL D 367 -25.08 -17.58 15.45
CA VAL D 367 -25.16 -19.03 15.30
C VAL D 367 -24.28 -19.42 14.12
N ASP D 368 -23.46 -20.44 14.28
CA ASP D 368 -22.66 -20.96 13.18
C ASP D 368 -23.38 -22.17 12.62
N ILE D 369 -23.87 -22.05 11.39
CA ILE D 369 -24.57 -23.16 10.76
C ILE D 369 -23.58 -24.22 10.32
N GLY D 370 -22.53 -23.80 9.62
CA GLY D 370 -21.43 -24.67 9.29
C GLY D 370 -21.76 -25.80 8.33
N ILE D 371 -20.71 -26.49 7.91
CA ILE D 371 -20.83 -27.61 6.97
C ILE D 371 -21.50 -28.78 7.67
N PRO D 372 -22.43 -29.48 7.03
CA PRO D 372 -22.96 -30.72 7.62
C PRO D 372 -21.89 -31.80 7.70
N ASP D 373 -22.22 -32.86 8.41
CA ASP D 373 -21.30 -33.97 8.61
C ASP D 373 -21.93 -35.23 8.05
N ALA D 374 -21.10 -36.27 7.96
CA ALA D 374 -21.42 -37.46 7.19
C ALA D 374 -22.81 -38.00 7.48
N THR D 375 -23.12 -38.25 8.74
CA THR D 375 -24.44 -38.72 9.10
C THR D 375 -25.45 -37.58 9.25
N GLY D 376 -25.00 -36.34 9.09
CA GLY D 376 -25.87 -35.22 8.82
C GLY D 376 -26.26 -35.15 7.36
N ARG D 377 -25.28 -35.37 6.48
CA ARG D 377 -25.55 -35.30 5.05
C ARG D 377 -26.55 -36.35 4.57
N LEU D 378 -26.71 -37.46 5.30
CA LEU D 378 -27.73 -38.43 4.96
C LEU D 378 -29.11 -37.78 4.96
N GLU D 379 -29.43 -37.02 6.00
CA GLU D 379 -30.79 -36.48 6.09
C GLU D 379 -31.08 -35.50 4.96
N ILE D 380 -30.10 -34.69 4.57
CA ILE D 380 -30.32 -33.79 3.45
C ILE D 380 -30.59 -34.61 2.19
N LEU D 381 -29.85 -35.70 2.01
CA LEU D 381 -30.08 -36.58 0.87
C LEU D 381 -31.41 -37.30 0.97
N GLN D 382 -31.95 -37.45 2.17
CA GLN D 382 -33.29 -37.98 2.31
C GLN D 382 -34.35 -36.93 2.01
N ILE D 383 -34.10 -35.68 2.35
CA ILE D 383 -35.18 -34.70 2.15
C ILE D 383 -35.25 -34.28 0.69
N HIS D 384 -34.13 -34.29 -0.03
CA HIS D 384 -34.19 -33.93 -1.44
C HIS D 384 -34.57 -35.10 -2.33
N THR D 385 -34.31 -36.34 -1.93
CA THR D 385 -34.95 -37.45 -2.62
C THR D 385 -35.88 -38.10 -1.61
N LYS D 386 -37.11 -37.60 -1.51
CA LYS D 386 -38.25 -38.38 -1.07
C LYS D 386 -39.37 -38.52 -2.09
N ASN D 387 -39.36 -37.75 -3.17
CA ASN D 387 -40.32 -37.89 -4.25
C ASN D 387 -39.77 -38.67 -5.43
N MET D 388 -38.49 -39.03 -5.39
CA MET D 388 -37.80 -39.41 -6.61
C MET D 388 -38.08 -40.84 -7.06
N LYS D 389 -38.67 -41.67 -6.21
CA LYS D 389 -38.84 -43.10 -6.46
C LYS D 389 -37.49 -43.76 -6.75
N LEU D 390 -36.73 -43.91 -5.68
CA LEU D 390 -35.39 -44.46 -5.79
C LEU D 390 -35.42 -45.95 -6.11
N ALA D 391 -34.26 -46.44 -6.56
CA ALA D 391 -33.98 -47.86 -6.61
C ALA D 391 -33.71 -48.41 -5.21
N ASP D 392 -33.78 -49.73 -5.08
CA ASP D 392 -33.53 -50.34 -3.78
C ASP D 392 -32.06 -50.26 -3.39
N ASP D 393 -31.15 -50.63 -4.30
CA ASP D 393 -29.74 -50.87 -3.95
C ASP D 393 -29.13 -49.73 -3.15
N VAL D 394 -29.15 -48.52 -3.70
CA VAL D 394 -28.53 -47.37 -3.05
C VAL D 394 -29.32 -46.98 -1.82
N ASP D 395 -28.64 -46.94 -0.67
CA ASP D 395 -29.25 -46.57 0.60
C ASP D 395 -28.97 -45.13 1.01
N LEU D 396 -28.18 -44.39 0.20
CA LEU D 396 -27.78 -43.01 0.36
C LEU D 396 -26.71 -42.86 1.44
N GLU D 397 -26.51 -43.85 2.30
CA GLU D 397 -25.50 -43.71 3.33
C GLU D 397 -24.10 -43.85 2.74
N GLN D 398 -23.96 -44.61 1.66
CA GLN D 398 -22.65 -44.76 1.03
C GLN D 398 -22.23 -43.46 0.37
N VAL D 399 -23.16 -42.83 -0.34
CA VAL D 399 -22.86 -41.56 -0.98
C VAL D 399 -22.61 -40.49 0.08
N ALA D 400 -23.31 -40.58 1.21
CA ALA D 400 -23.12 -39.64 2.30
C ALA D 400 -21.66 -39.54 2.73
N ASN D 401 -20.91 -40.63 2.59
CA ASN D 401 -19.51 -40.63 3.02
C ASN D 401 -18.63 -39.92 2.01
N GLU D 402 -18.85 -40.20 0.72
CA GLU D 402 -18.05 -39.65 -0.37
C GLU D 402 -18.19 -38.13 -0.45
N THR D 403 -19.11 -37.57 0.32
CA THR D 403 -19.65 -36.27 -0.01
C THR D 403 -18.99 -35.16 0.80
N HIS D 404 -17.93 -35.45 1.55
CA HIS D 404 -17.41 -34.46 2.48
C HIS D 404 -16.87 -33.26 1.73
N GLY D 405 -17.27 -32.08 2.20
CA GLY D 405 -17.08 -30.83 1.48
C GLY D 405 -18.33 -30.31 0.81
N HIS D 406 -19.31 -31.18 0.54
CA HIS D 406 -20.58 -30.70 0.03
C HIS D 406 -21.39 -30.05 1.14
N VAL D 407 -22.23 -29.11 0.74
CA VAL D 407 -23.14 -28.42 1.63
C VAL D 407 -24.54 -28.72 1.11
N GLY D 408 -25.55 -28.40 1.93
CA GLY D 408 -26.90 -28.75 1.57
C GLY D 408 -27.28 -28.36 0.15
N ALA D 409 -26.73 -27.25 -0.35
CA ALA D 409 -27.06 -26.83 -1.70
C ALA D 409 -26.38 -27.71 -2.75
N ASP D 410 -25.11 -28.04 -2.52
CA ASP D 410 -24.44 -29.06 -3.33
C ASP D 410 -25.23 -30.36 -3.38
N LEU D 411 -25.84 -30.73 -2.26
CA LEU D 411 -26.51 -32.03 -2.17
C LEU D 411 -27.88 -32.00 -2.83
N ALA D 412 -28.62 -30.90 -2.66
CA ALA D 412 -29.81 -30.71 -3.46
C ALA D 412 -29.47 -30.69 -4.95
N ALA D 413 -28.28 -30.21 -5.31
CA ALA D 413 -27.83 -30.26 -6.70
C ALA D 413 -27.35 -31.65 -7.10
N LEU D 414 -26.70 -32.37 -6.19
CA LEU D 414 -26.34 -33.75 -6.48
C LEU D 414 -27.57 -34.59 -6.82
N CYS D 415 -28.69 -34.32 -6.16
CA CYS D 415 -29.90 -35.10 -6.39
C CYS D 415 -30.61 -34.66 -7.67
N SER D 416 -30.78 -33.35 -7.85
CA SER D 416 -31.41 -32.86 -9.06
C SER D 416 -30.61 -33.27 -10.29
N GLU D 417 -29.28 -33.33 -10.16
CA GLU D 417 -28.45 -33.75 -11.28
C GLU D 417 -28.55 -35.26 -11.52
N ALA D 418 -28.75 -36.05 -10.48
CA ALA D 418 -29.00 -37.47 -10.67
C ALA D 418 -30.42 -37.74 -11.12
N ALA D 419 -31.35 -36.85 -10.83
CA ALA D 419 -32.71 -37.01 -11.32
C ALA D 419 -32.83 -36.60 -12.77
N LEU D 420 -32.01 -35.63 -13.22
CA LEU D 420 -32.02 -35.24 -14.63
C LEU D 420 -31.29 -36.22 -15.51
N GLN D 421 -30.41 -37.05 -14.95
CA GLN D 421 -29.84 -38.15 -15.74
C GLN D 421 -30.93 -39.09 -16.22
N ALA D 422 -31.69 -39.68 -15.29
CA ALA D 422 -32.63 -40.74 -15.66
C ALA D 422 -33.70 -40.24 -16.61
N ILE D 423 -34.14 -38.99 -16.46
CA ILE D 423 -35.03 -38.42 -17.47
C ILE D 423 -34.36 -38.43 -18.84
N ARG D 424 -33.11 -38.00 -18.91
CA ARG D 424 -32.40 -38.03 -20.19
C ARG D 424 -32.37 -39.43 -20.78
N LYS D 425 -32.19 -40.45 -19.95
CA LYS D 425 -31.97 -41.80 -20.45
C LYS D 425 -33.24 -42.49 -20.91
N LYS D 426 -34.02 -42.94 -19.93
CA LYS D 426 -35.31 -43.54 -20.23
C LYS D 426 -36.24 -42.43 -20.67
N MET D 427 -37.53 -42.73 -20.68
CA MET D 427 -38.47 -41.68 -21.06
C MET D 427 -38.17 -41.21 -22.47
N ASP D 428 -37.65 -39.97 -22.59
CA ASP D 428 -37.68 -39.17 -23.81
C ASP D 428 -37.22 -39.92 -25.05
N LEU D 429 -36.58 -41.08 -24.89
CA LEU D 429 -36.47 -42.00 -26.01
C LEU D 429 -37.79 -42.12 -26.74
N ILE D 430 -38.88 -42.13 -25.98
CA ILE D 430 -40.22 -42.20 -26.55
C ILE D 430 -40.55 -40.93 -27.32
N ASP D 431 -40.35 -39.75 -26.71
CA ASP D 431 -40.75 -38.42 -27.20
C ASP D 431 -42.25 -38.18 -27.00
N LEU D 432 -43.00 -39.14 -26.44
CA LEU D 432 -44.44 -38.95 -26.31
C LEU D 432 -44.76 -37.87 -25.28
N GLU D 433 -45.48 -36.83 -25.72
CA GLU D 433 -45.77 -35.71 -24.84
C GLU D 433 -47.02 -34.98 -25.32
N ASP D 434 -47.76 -34.44 -24.37
CA ASP D 434 -48.81 -33.46 -24.59
C ASP D 434 -48.58 -32.31 -23.62
N GLU D 435 -49.53 -31.38 -23.58
CA GLU D 435 -49.38 -30.18 -22.75
C GLU D 435 -48.89 -30.51 -21.34
N THR D 436 -49.31 -31.65 -20.81
CA THR D 436 -48.71 -32.17 -19.59
C THR D 436 -48.46 -33.66 -19.77
N ILE D 437 -47.20 -34.09 -19.58
CA ILE D 437 -46.92 -35.52 -19.60
C ILE D 437 -47.72 -36.19 -18.50
N ASP D 438 -48.19 -37.40 -18.80
CA ASP D 438 -48.94 -38.18 -17.84
C ASP D 438 -48.14 -38.39 -16.56
N ALA D 439 -48.87 -38.46 -15.45
CA ALA D 439 -48.25 -38.76 -14.17
C ALA D 439 -47.65 -40.16 -14.14
N GLU D 440 -48.34 -41.14 -14.73
CA GLU D 440 -47.87 -42.52 -14.68
C GLU D 440 -46.82 -42.83 -15.72
N VAL D 441 -46.80 -42.13 -16.87
CA VAL D 441 -45.75 -42.42 -17.83
C VAL D 441 -44.39 -42.10 -17.25
N MET D 442 -44.32 -41.19 -16.27
CA MET D 442 -43.05 -40.92 -15.60
C MET D 442 -42.83 -41.81 -14.39
N ASN D 443 -43.70 -42.80 -14.12
CA ASN D 443 -43.48 -43.57 -12.90
C ASN D 443 -42.32 -44.54 -13.06
N SER D 444 -42.16 -45.12 -14.25
CA SER D 444 -41.20 -46.19 -14.44
C SER D 444 -39.75 -45.72 -14.27
N LEU D 445 -39.50 -44.42 -14.15
CA LEU D 445 -38.14 -43.94 -13.95
C LEU D 445 -37.75 -44.07 -12.48
N ALA D 446 -36.60 -44.70 -12.24
CA ALA D 446 -36.15 -45.01 -10.88
C ALA D 446 -34.67 -44.71 -10.78
N VAL D 447 -34.31 -43.79 -9.88
CA VAL D 447 -32.95 -43.26 -9.84
C VAL D 447 -32.00 -44.34 -9.34
N THR D 448 -30.87 -44.48 -10.00
CA THR D 448 -29.98 -45.61 -9.77
C THR D 448 -28.58 -45.17 -9.36
N MET D 449 -27.83 -46.11 -8.81
CA MET D 449 -26.49 -45.82 -8.30
C MET D 449 -25.59 -45.25 -9.40
N ASP D 450 -25.68 -45.80 -10.61
CA ASP D 450 -24.95 -45.24 -11.74
C ASP D 450 -25.28 -43.77 -11.94
N ASP D 451 -26.54 -43.41 -11.72
CA ASP D 451 -26.96 -42.02 -11.85
C ASP D 451 -26.30 -41.16 -10.80
N PHE D 452 -26.33 -41.65 -9.56
CA PHE D 452 -25.73 -40.92 -8.45
C PHE D 452 -24.22 -40.79 -8.53
N ARG D 453 -23.55 -41.86 -8.93
CA ARG D 453 -22.10 -41.82 -9.06
C ARG D 453 -21.75 -40.83 -10.15
N TRP D 454 -22.52 -40.84 -11.23
CA TRP D 454 -22.26 -39.91 -12.30
C TRP D 454 -22.42 -38.52 -11.71
N ALA D 455 -23.45 -38.35 -10.89
CA ALA D 455 -23.71 -37.08 -10.24
C ALA D 455 -22.58 -36.67 -9.30
N LEU D 456 -22.04 -37.62 -8.55
CA LEU D 456 -20.95 -37.30 -7.63
C LEU D 456 -19.77 -36.80 -8.46
N SER D 457 -19.59 -37.40 -9.62
CA SER D 457 -18.52 -37.02 -10.52
C SER D 457 -18.64 -35.55 -10.97
N GLN D 458 -19.85 -35.03 -11.13
CA GLN D 458 -20.00 -33.65 -11.57
C GLN D 458 -20.37 -32.58 -10.53
N SER D 459 -20.29 -32.87 -9.23
CA SER D 459 -20.70 -31.92 -8.19
C SER D 459 -19.96 -30.57 -8.05
N ASN D 460 -18.63 -30.61 -8.14
CA ASN D 460 -17.79 -29.41 -8.04
C ASN D 460 -17.69 -28.76 -6.65
N PRO D 461 -17.93 -29.59 -5.56
CA PRO D 461 -17.82 -28.92 -4.25
C PRO D 461 -16.38 -28.43 -4.06
N SER D 462 -16.11 -27.31 -3.38
CA SER D 462 -17.04 -26.38 -2.71
C SER D 462 -17.13 -26.66 -1.20
N ALA D 463 -16.49 -25.81 -0.42
CA ALA D 463 -16.45 -25.93 1.04
C ALA D 463 -15.40 -26.94 1.46
N LEU D 464 -14.67 -27.47 0.48
CA LEU D 464 -13.61 -28.43 0.77
C LEU D 464 -12.53 -27.74 1.59
N ARG D 465 -12.25 -26.50 1.23
CA ARG D 465 -11.25 -25.69 1.90
C ARG D 465 -11.61 -25.42 3.36
N GLU D 466 -12.88 -25.18 3.64
CA GLU D 466 -13.28 -24.88 5.01
C GLU D 466 -12.90 -25.94 6.04
N THR D 467 -12.47 -25.46 7.20
CA THR D 467 -12.07 -26.33 8.30
C THR D 467 -13.23 -27.25 8.67
N VAL D 468 -12.90 -28.41 9.23
CA VAL D 468 -13.93 -29.38 9.60
C VAL D 468 -14.15 -29.44 11.11
N VAL D 469 -15.42 -29.33 11.49
CA VAL D 469 -15.81 -29.39 12.88
C VAL D 469 -16.93 -30.41 13.01
N GLU D 470 -16.62 -31.52 13.57
CA GLU D 470 -17.49 -32.68 13.50
C GLU D 470 -17.24 -33.57 14.70
N VAL D 471 -18.30 -34.22 15.17
CA VAL D 471 -18.17 -35.29 16.15
C VAL D 471 -17.53 -36.47 15.43
N PRO D 472 -16.34 -36.92 15.84
CA PRO D 472 -15.65 -37.94 15.05
C PRO D 472 -16.27 -39.31 15.22
N GLN D 473 -16.14 -40.13 14.18
CA GLN D 473 -16.84 -41.40 14.11
C GLN D 473 -16.04 -42.57 14.67
N VAL D 474 -14.79 -42.33 15.05
CA VAL D 474 -13.94 -43.37 15.63
C VAL D 474 -14.34 -43.58 17.09
N THR D 475 -14.42 -44.84 17.52
CA THR D 475 -14.81 -45.16 18.88
C THR D 475 -13.68 -45.79 19.69
N TRP D 476 -14.01 -46.26 20.89
CA TRP D 476 -13.04 -46.89 21.78
C TRP D 476 -12.58 -48.23 21.22
N GLU D 477 -13.45 -48.90 20.48
CA GLU D 477 -13.14 -50.19 19.89
C GLU D 477 -12.05 -50.05 18.84
N ASP D 478 -12.09 -48.93 18.12
CA ASP D 478 -11.11 -48.68 17.07
C ASP D 478 -9.72 -48.50 17.66
N ILE D 479 -9.61 -48.53 18.98
CA ILE D 479 -8.30 -48.35 19.60
C ILE D 479 -7.93 -49.63 20.30
N GLY D 480 -6.96 -50.34 19.75
CA GLY D 480 -6.39 -51.47 20.46
C GLY D 480 -5.46 -51.00 21.57
N GLY D 481 -5.63 -51.62 22.73
CA GLY D 481 -4.75 -51.31 23.83
C GLY D 481 -5.15 -50.03 24.52
N LEU D 482 -4.18 -49.46 25.25
CA LEU D 482 -4.31 -48.13 25.86
C LEU D 482 -5.54 -48.04 26.75
N GLU D 483 -5.68 -49.01 27.66
CA GLU D 483 -6.84 -49.03 28.54
C GLU D 483 -6.73 -48.00 29.64
N ASP D 484 -5.59 -47.97 30.33
CA ASP D 484 -5.41 -47.01 31.41
C ASP D 484 -5.51 -45.58 30.89
N VAL D 485 -4.73 -45.26 29.85
CA VAL D 485 -4.80 -43.93 29.26
C VAL D 485 -6.21 -43.58 28.87
N LYS D 486 -6.99 -44.55 28.43
CA LYS D 486 -8.39 -44.30 28.11
C LYS D 486 -9.17 -43.85 29.35
N ARG D 487 -8.93 -44.49 30.49
CA ARG D 487 -9.55 -44.05 31.73
C ARG D 487 -9.13 -42.63 32.07
N GLU D 488 -7.83 -42.36 31.99
CA GLU D 488 -7.29 -41.08 32.43
C GLU D 488 -7.86 -39.92 31.62
N LEU D 489 -8.14 -40.12 30.34
CA LEU D 489 -8.77 -39.07 29.57
C LEU D 489 -10.16 -38.78 30.11
N GLN D 490 -10.98 -39.82 30.27
CA GLN D 490 -12.30 -39.63 30.84
C GLN D 490 -12.24 -38.91 32.18
N GLU D 491 -11.21 -39.19 32.98
CA GLU D 491 -11.00 -38.44 34.22
C GLU D 491 -10.84 -36.96 33.93
N LEU D 492 -9.91 -36.62 33.05
CA LEU D 492 -9.60 -35.23 32.77
C LEU D 492 -10.75 -34.55 32.04
N VAL D 493 -11.36 -35.23 31.09
CA VAL D 493 -12.39 -34.59 30.27
C VAL D 493 -13.74 -34.55 30.97
N GLN D 494 -14.19 -35.68 31.51
CA GLN D 494 -15.57 -35.82 31.95
C GLN D 494 -15.83 -35.35 33.37
N TYR D 495 -14.96 -35.64 34.33
CA TYR D 495 -15.30 -35.34 35.72
C TYR D 495 -15.47 -33.87 36.01
N PRO D 496 -14.70 -32.93 35.47
CA PRO D 496 -14.93 -31.53 35.82
C PRO D 496 -16.28 -30.99 35.37
N VAL D 497 -16.83 -31.48 34.27
CA VAL D 497 -18.11 -30.96 33.79
C VAL D 497 -19.26 -31.68 34.47
N GLU D 498 -19.10 -32.98 34.72
CA GLU D 498 -20.14 -33.78 35.34
C GLU D 498 -20.21 -33.59 36.85
N HIS D 499 -19.09 -33.27 37.48
CA HIS D 499 -19.02 -33.10 38.93
C HIS D 499 -18.35 -31.79 39.29
N PRO D 500 -18.89 -30.66 38.83
CA PRO D 500 -18.27 -29.38 39.20
C PRO D 500 -18.44 -29.08 40.67
N ASP D 501 -19.51 -29.59 41.27
CA ASP D 501 -19.72 -29.49 42.70
C ASP D 501 -18.54 -30.06 43.49
N LYS D 502 -17.85 -31.06 42.94
CA LYS D 502 -16.72 -31.63 43.65
C LYS D 502 -15.46 -30.81 43.49
N PHE D 503 -15.21 -30.26 42.30
CA PHE D 503 -13.97 -29.51 42.09
C PHE D 503 -14.03 -28.18 42.80
N LEU D 504 -15.22 -27.61 42.92
CA LEU D 504 -15.42 -26.40 43.69
C LEU D 504 -15.10 -26.61 45.15
N LYS D 505 -15.36 -27.82 45.68
CA LYS D 505 -15.16 -28.11 47.09
C LYS D 505 -13.74 -27.80 47.53
N PHE D 506 -12.76 -28.33 46.81
CA PHE D 506 -11.36 -28.09 47.08
C PHE D 506 -10.83 -26.85 46.39
N GLY D 507 -11.71 -26.06 45.77
CA GLY D 507 -11.23 -24.86 45.09
C GLY D 507 -10.32 -25.13 43.93
N MET D 508 -10.23 -26.37 43.46
CA MET D 508 -9.26 -26.75 42.45
C MET D 508 -9.85 -26.55 41.07
N THR D 509 -9.09 -25.99 40.21
CA THR D 509 -9.51 -25.89 38.82
C THR D 509 -8.93 -27.04 38.02
N PRO D 510 -9.72 -27.74 37.22
CA PRO D 510 -9.17 -28.81 36.40
C PRO D 510 -8.22 -28.28 35.34
N SER D 511 -7.42 -29.19 34.80
CA SER D 511 -6.57 -28.82 33.69
C SER D 511 -7.41 -28.64 32.43
N LYS D 512 -7.08 -27.64 31.64
CA LYS D 512 -7.66 -27.53 30.31
C LYS D 512 -6.90 -28.37 29.29
N GLY D 513 -5.61 -28.56 29.46
CA GLY D 513 -4.86 -29.28 28.46
C GLY D 513 -4.34 -30.66 28.75
N VAL D 514 -3.96 -31.34 27.69
CA VAL D 514 -3.25 -32.61 27.74
C VAL D 514 -2.28 -32.63 26.58
N LEU D 515 -1.05 -33.05 26.84
CA LEU D 515 -0.07 -33.23 25.78
C LEU D 515 0.26 -34.72 25.69
N PHE D 516 -0.11 -35.33 24.58
CA PHE D 516 0.31 -36.67 24.22
C PHE D 516 1.71 -36.63 23.62
N TYR D 517 2.57 -37.52 24.06
CA TYR D 517 3.90 -37.61 23.48
C TYR D 517 4.28 -39.07 23.33
N GLY D 518 4.95 -39.39 22.24
CA GLY D 518 5.32 -40.76 21.96
C GLY D 518 5.82 -40.92 20.55
N PRO D 519 6.15 -42.14 20.17
CA PRO D 519 6.64 -42.39 18.82
C PRO D 519 5.53 -42.24 17.79
N PRO D 520 5.89 -42.11 16.52
CA PRO D 520 4.88 -41.88 15.48
C PRO D 520 4.01 -43.11 15.23
N GLY D 521 2.71 -42.89 15.17
CA GLY D 521 1.80 -43.93 14.78
C GLY D 521 1.20 -44.77 15.88
N CYS D 522 1.39 -44.38 17.14
CA CYS D 522 0.95 -45.16 18.27
C CYS D 522 -0.46 -44.84 18.71
N GLY D 523 -1.20 -44.08 17.91
CA GLY D 523 -2.61 -43.86 18.18
C GLY D 523 -2.95 -42.62 18.96
N LYS D 524 -2.14 -41.58 18.88
CA LYS D 524 -2.42 -40.32 19.56
C LYS D 524 -3.61 -39.58 18.97
N THR D 525 -3.78 -39.65 17.66
CA THR D 525 -4.87 -38.93 17.01
C THR D 525 -6.19 -39.63 17.20
N LEU D 526 -6.21 -40.95 17.08
CA LEU D 526 -7.41 -41.74 17.37
C LEU D 526 -7.83 -41.58 18.83
N LEU D 527 -6.87 -41.54 19.72
CA LEU D 527 -7.17 -41.41 21.14
C LEU D 527 -7.81 -40.07 21.43
N ALA D 528 -7.43 -39.03 20.69
CA ALA D 528 -8.07 -37.72 20.82
C ALA D 528 -9.47 -37.74 20.23
N LYS D 529 -9.65 -38.34 19.06
CA LYS D 529 -10.98 -38.38 18.46
C LYS D 529 -11.93 -39.25 19.27
N ALA D 530 -11.42 -40.35 19.84
CA ALA D 530 -12.32 -41.26 20.53
C ALA D 530 -12.91 -40.65 21.79
N ILE D 531 -12.18 -39.76 22.46
CA ILE D 531 -12.78 -39.15 23.65
C ILE D 531 -13.75 -38.04 23.27
N ALA D 532 -13.54 -37.38 22.14
CA ALA D 532 -14.51 -36.44 21.65
C ALA D 532 -15.76 -37.15 21.13
N ASN D 533 -15.57 -38.29 20.47
CA ASN D 533 -16.70 -39.10 20.05
C ASN D 533 -17.52 -39.59 21.23
N GLU D 534 -16.85 -39.99 22.30
CA GLU D 534 -17.60 -40.48 23.45
C GLU D 534 -18.44 -39.37 24.07
N CYS D 535 -17.85 -38.20 24.29
CA CYS D 535 -18.60 -37.04 24.76
C CYS D 535 -19.52 -36.48 23.70
N GLN D 536 -19.49 -37.01 22.48
CA GLN D 536 -20.22 -36.46 21.34
C GLN D 536 -19.95 -34.96 21.23
N ALA D 537 -18.72 -34.58 21.55
CA ALA D 537 -18.21 -33.24 21.35
C ALA D 537 -17.74 -33.05 19.92
N ASN D 538 -17.77 -31.80 19.48
CA ASN D 538 -17.16 -31.47 18.20
C ASN D 538 -15.65 -31.68 18.28
N PHE D 539 -15.05 -32.05 17.16
CA PHE D 539 -13.63 -32.28 17.10
C PHE D 539 -13.05 -31.37 16.03
N ILE D 540 -12.02 -30.62 16.39
CA ILE D 540 -11.35 -29.73 15.46
C ILE D 540 -9.89 -30.13 15.46
N SER D 541 -9.40 -30.58 14.32
CA SER D 541 -8.02 -31.03 14.19
C SER D 541 -7.22 -29.96 13.47
N ILE D 542 -6.23 -29.42 14.15
CA ILE D 542 -5.29 -28.50 13.54
C ILE D 542 -4.02 -29.31 13.27
N LYS D 543 -3.65 -29.42 12.01
CA LYS D 543 -2.58 -30.32 11.61
C LYS D 543 -1.31 -29.54 11.34
N GLY D 544 -0.16 -30.22 11.52
CA GLY D 544 1.13 -29.58 11.37
C GLY D 544 1.33 -28.75 10.13
N PRO D 545 0.85 -29.20 8.95
CA PRO D 545 0.90 -28.33 7.78
C PRO D 545 0.11 -27.05 7.95
N GLU D 546 -0.92 -27.06 8.79
CA GLU D 546 -1.66 -25.84 9.06
C GLU D 546 -0.93 -24.92 10.03
N LEU D 547 -0.21 -25.46 11.01
CA LEU D 547 0.63 -24.56 11.80
C LEU D 547 1.82 -24.08 10.99
N LEU D 548 2.33 -24.89 10.07
CA LEU D 548 3.40 -24.43 9.21
C LEU D 548 2.94 -23.36 8.22
N THR D 549 1.69 -23.40 7.77
CA THR D 549 1.27 -22.37 6.83
C THR D 549 1.17 -21.02 7.51
N MET D 550 0.72 -20.97 8.76
CA MET D 550 0.76 -19.71 9.49
C MET D 550 2.17 -19.24 9.74
N TRP D 551 3.12 -20.16 9.87
CA TRP D 551 4.48 -19.74 10.15
C TRP D 551 5.22 -19.29 8.90
N PHE D 552 5.07 -19.99 7.77
CA PHE D 552 5.73 -19.50 6.56
C PHE D 552 5.10 -18.21 6.08
N GLY D 553 3.79 -18.13 6.15
CA GLY D 553 3.09 -16.91 5.84
C GLY D 553 3.14 -15.89 6.94
N GLU D 554 3.85 -16.19 8.04
CA GLU D 554 4.07 -15.32 9.19
C GLU D 554 2.78 -14.59 9.52
N SER D 555 1.66 -15.29 9.37
CA SER D 555 0.36 -14.84 9.85
C SER D 555 -0.06 -15.81 10.94
N GLU D 556 0.21 -15.46 12.18
CA GLU D 556 -0.29 -16.21 13.31
C GLU D 556 -1.52 -15.57 13.91
N ALA D 557 -1.92 -14.41 13.38
CA ALA D 557 -3.21 -13.85 13.73
C ALA D 557 -4.37 -14.76 13.37
N ASN D 558 -4.15 -15.77 12.54
CA ASN D 558 -5.19 -16.77 12.32
C ASN D 558 -5.31 -17.79 13.43
N VAL D 559 -4.44 -17.76 14.44
CA VAL D 559 -4.67 -18.64 15.57
C VAL D 559 -5.94 -18.24 16.29
N ARG D 560 -6.25 -16.95 16.32
CA ARG D 560 -7.43 -16.48 17.05
C ARG D 560 -8.70 -17.07 16.50
N GLU D 561 -8.85 -17.11 15.18
CA GLU D 561 -10.09 -17.62 14.65
C GLU D 561 -10.21 -19.11 14.78
N ILE D 562 -9.09 -19.81 14.92
CA ILE D 562 -9.15 -21.24 15.12
C ILE D 562 -9.84 -21.42 16.48
N PHE D 563 -9.36 -20.64 17.46
CA PHE D 563 -9.93 -20.65 18.81
C PHE D 563 -11.36 -20.10 18.86
N ASP D 564 -11.63 -19.04 18.12
CA ASP D 564 -12.96 -18.46 18.10
C ASP D 564 -13.89 -19.52 17.54
N LYS D 565 -13.40 -20.23 16.53
CA LYS D 565 -14.17 -21.29 15.90
C LYS D 565 -14.43 -22.37 16.95
N ALA D 566 -13.43 -22.67 17.76
CA ALA D 566 -13.58 -23.67 18.80
C ALA D 566 -14.59 -23.25 19.85
N ARG D 567 -14.57 -21.97 20.22
CA ARG D 567 -15.50 -21.42 21.21
C ARG D 567 -16.94 -21.55 20.73
N GLN D 568 -17.16 -21.25 19.46
CA GLN D 568 -18.48 -21.35 18.84
C GLN D 568 -18.94 -22.80 18.73
N ALA D 569 -18.01 -23.73 18.59
CA ALA D 569 -18.33 -25.15 18.41
C ALA D 569 -18.48 -25.88 19.73
N ALA D 570 -18.36 -25.19 20.85
CA ALA D 570 -18.30 -25.80 22.14
C ALA D 570 -19.61 -26.53 22.47
N PRO D 571 -19.51 -27.60 23.25
CA PRO D 571 -18.30 -28.30 23.68
C PRO D 571 -17.49 -28.96 22.56
N CYS D 572 -16.20 -28.67 22.46
CA CYS D 572 -15.38 -29.38 21.50
C CYS D 572 -14.09 -29.82 22.15
N VAL D 573 -13.40 -30.73 21.47
CA VAL D 573 -12.01 -31.06 21.74
C VAL D 573 -11.20 -30.45 20.61
N LEU D 574 -10.33 -29.51 20.93
CA LEU D 574 -9.48 -28.86 19.95
C LEU D 574 -8.12 -29.55 19.97
N PHE D 575 -7.79 -30.23 18.89
CA PHE D 575 -6.61 -31.08 18.85
C PHE D 575 -5.55 -30.49 17.94
N PHE D 576 -4.34 -30.33 18.47
CA PHE D 576 -3.18 -29.92 17.68
C PHE D 576 -2.32 -31.14 17.38
N ASP D 577 -2.39 -31.60 16.14
CA ASP D 577 -1.41 -32.51 15.58
C ASP D 577 -0.04 -31.89 15.59
N GLU D 578 0.97 -32.73 15.75
CA GLU D 578 2.30 -32.44 15.25
C GLU D 578 2.79 -31.07 15.74
N LEU D 579 2.59 -30.83 17.03
CA LEU D 579 2.76 -29.50 17.59
C LEU D 579 4.22 -29.06 17.62
N ASP D 580 5.17 -29.94 17.30
CA ASP D 580 6.56 -29.57 17.11
C ASP D 580 6.93 -29.33 15.67
N SER D 581 5.96 -29.32 14.76
CA SER D 581 6.29 -29.23 13.35
C SER D 581 7.06 -27.97 13.01
N ILE D 582 6.86 -26.89 13.76
CA ILE D 582 7.58 -25.67 13.44
C ILE D 582 8.98 -25.71 14.00
N ALA D 583 9.17 -26.33 15.16
CA ALA D 583 10.52 -26.50 15.69
C ALA D 583 11.36 -27.36 14.75
N LYS D 584 10.74 -28.34 14.11
CA LYS D 584 11.48 -29.12 13.11
C LYS D 584 11.81 -28.29 11.89
N ALA D 585 10.88 -27.43 11.46
CA ALA D 585 11.10 -26.64 10.26
C ALA D 585 12.34 -25.76 10.40
N ARG D 586 12.71 -25.41 11.61
CA ARG D 586 13.89 -24.62 11.84
C ARG D 586 15.15 -25.44 12.08
N GLY D 587 15.02 -26.73 12.30
CA GLY D 587 16.02 -27.37 13.10
C GLY D 587 15.41 -28.56 13.83
N GLY D 588 15.82 -28.73 15.07
CA GLY D 588 15.45 -29.86 15.88
C GLY D 588 16.63 -30.74 16.21
N ASN D 589 17.76 -30.50 15.54
CA ASN D 589 19.02 -30.86 16.16
C ASN D 589 19.70 -29.58 16.64
N ILE D 590 20.33 -28.82 15.72
CA ILE D 590 20.98 -27.56 16.11
C ILE D 590 20.07 -26.36 15.94
N GLY D 591 18.95 -26.50 15.21
CA GLY D 591 17.95 -25.48 15.09
C GLY D 591 18.45 -24.16 14.50
N ASP D 592 17.61 -23.17 14.67
CA ASP D 592 18.08 -21.80 14.58
C ASP D 592 18.89 -21.46 15.82
N GLY D 593 19.67 -20.38 15.71
CA GLY D 593 20.22 -19.80 16.92
C GLY D 593 19.17 -19.46 17.95
N GLY D 594 17.93 -19.25 17.52
CA GLY D 594 16.88 -18.89 18.44
C GLY D 594 16.55 -19.98 19.43
N GLY D 595 15.89 -19.58 20.51
CA GLY D 595 15.36 -20.52 21.48
C GLY D 595 14.07 -21.14 21.00
N ALA D 596 13.41 -21.85 21.91
CA ALA D 596 12.30 -22.71 21.53
C ALA D 596 11.05 -21.94 21.11
N ALA D 597 10.97 -20.64 21.38
CA ALA D 597 9.77 -19.89 21.07
C ALA D 597 9.72 -19.55 19.59
N ASP D 598 8.50 -19.33 19.10
CA ASP D 598 8.29 -18.78 17.76
C ASP D 598 6.85 -18.29 17.65
N ARG D 599 6.58 -17.62 16.55
CA ARG D 599 5.36 -16.86 16.36
C ARG D 599 4.01 -17.54 16.49
N VAL D 600 3.92 -18.78 16.08
CA VAL D 600 2.62 -19.45 16.10
C VAL D 600 2.36 -20.07 17.45
N ILE D 601 3.35 -20.76 17.99
CA ILE D 601 3.18 -21.38 19.29
C ILE D 601 3.01 -20.30 20.35
N ASN D 602 3.51 -19.11 20.08
CA ASN D 602 3.29 -18.01 21.00
C ASN D 602 1.83 -17.59 21.03
N GLN D 603 1.17 -17.53 19.88
CA GLN D 603 -0.23 -17.15 19.88
C GLN D 603 -1.10 -18.21 20.52
N ILE D 604 -0.75 -19.48 20.34
CA ILE D 604 -1.47 -20.54 21.04
C ILE D 604 -1.37 -20.35 22.55
N LEU D 605 -0.20 -19.94 23.04
CA LEU D 605 -0.09 -19.60 24.45
C LEU D 605 -0.97 -18.42 24.80
N THR D 606 -0.88 -17.34 24.04
CA THR D 606 -1.73 -16.18 24.26
C THR D 606 -3.20 -16.55 24.29
N GLU D 607 -3.64 -17.40 23.37
CA GLU D 607 -5.07 -17.68 23.25
C GLU D 607 -5.54 -18.76 24.22
N MET D 608 -4.64 -19.54 24.80
CA MET D 608 -5.04 -20.44 25.87
C MET D 608 -5.26 -19.68 27.16
N ASP D 609 -4.37 -18.75 27.47
CA ASP D 609 -4.49 -17.98 28.70
C ASP D 609 -5.70 -17.06 28.68
N GLY D 610 -6.08 -16.64 27.47
CA GLY D 610 -7.20 -15.73 27.25
C GLY D 610 -8.56 -16.39 27.12
N MET D 611 -8.58 -17.71 27.23
CA MET D 611 -9.84 -18.45 27.13
C MET D 611 -10.72 -18.02 28.29
N SER D 612 -12.04 -17.99 28.07
CA SER D 612 -12.94 -17.58 29.14
C SER D 612 -13.21 -18.76 30.06
N THR D 613 -12.15 -19.19 30.73
CA THR D 613 -12.20 -20.31 31.66
C THR D 613 -12.38 -21.56 30.83
N LYS D 614 -12.73 -22.66 31.51
CA LYS D 614 -12.96 -23.90 30.80
C LYS D 614 -14.47 -23.88 30.53
N LYS D 615 -14.83 -23.73 29.27
CA LYS D 615 -16.23 -23.70 28.88
C LYS D 615 -16.53 -24.61 27.69
N ASN D 616 -16.51 -25.90 27.91
CA ASN D 616 -16.81 -26.84 26.83
C ASN D 616 -15.66 -27.03 25.84
N VAL D 617 -14.52 -26.40 26.09
CA VAL D 617 -13.38 -26.54 25.18
C VAL D 617 -12.18 -27.20 25.85
N PHE D 618 -11.79 -28.36 25.33
CA PHE D 618 -10.67 -29.11 25.86
C PHE D 618 -9.55 -29.18 24.82
N ILE D 619 -8.33 -28.83 25.23
CA ILE D 619 -7.19 -28.86 24.31
C ILE D 619 -6.31 -30.08 24.46
N ILE D 620 -5.95 -30.67 23.32
CA ILE D 620 -5.06 -31.83 23.31
C ILE D 620 -3.94 -31.54 22.32
N GLY D 621 -2.71 -31.47 22.80
CA GLY D 621 -1.57 -31.46 21.93
C GLY D 621 -0.98 -32.85 21.77
N ALA D 622 -0.35 -33.09 20.63
CA ALA D 622 0.33 -34.34 20.40
C ALA D 622 1.63 -34.04 19.67
N THR D 623 2.70 -34.70 20.09
CA THR D 623 4.00 -34.46 19.50
C THR D 623 4.77 -35.76 19.50
N ASN D 624 5.62 -35.92 18.49
CA ASN D 624 6.66 -36.93 18.51
C ASN D 624 7.89 -36.43 19.23
N ARG D 625 8.22 -35.16 19.07
CA ARG D 625 9.46 -34.68 19.68
C ARG D 625 9.13 -33.79 20.86
N PRO D 626 9.12 -34.32 22.09
CA PRO D 626 8.94 -33.44 23.25
C PRO D 626 10.18 -32.64 23.57
N ASP D 627 11.35 -33.08 23.11
CA ASP D 627 12.57 -32.31 23.26
C ASP D 627 12.39 -30.87 22.80
N ILE D 628 11.90 -30.69 21.58
CA ILE D 628 11.91 -29.41 20.92
C ILE D 628 10.66 -28.60 21.20
N ILE D 629 9.70 -29.15 21.92
CA ILE D 629 8.54 -28.39 22.38
C ILE D 629 9.00 -27.23 23.24
N ASP D 630 8.45 -26.05 22.99
CA ASP D 630 8.68 -24.91 23.84
C ASP D 630 8.22 -25.23 25.25
N PRO D 631 9.12 -25.21 26.24
CA PRO D 631 8.72 -25.62 27.59
C PRO D 631 7.66 -24.74 28.22
N ALA D 632 7.41 -23.55 27.67
CA ALA D 632 6.30 -22.72 28.13
C ALA D 632 4.93 -23.33 27.81
N ILE D 633 4.87 -24.29 26.88
CA ILE D 633 3.63 -25.01 26.59
C ILE D 633 3.18 -25.79 27.81
N LEU D 634 4.13 -26.30 28.58
CA LEU D 634 3.90 -27.31 29.60
C LEU D 634 3.60 -26.69 30.96
N ARG D 635 3.41 -25.38 31.04
CA ARG D 635 3.29 -24.68 32.29
C ARG D 635 1.89 -24.81 32.89
N PRO D 636 1.74 -24.51 34.18
CA PRO D 636 0.43 -24.62 34.82
C PRO D 636 -0.57 -23.64 34.25
N GLY D 637 -1.74 -24.16 33.89
CA GLY D 637 -2.81 -23.39 33.28
C GLY D 637 -2.84 -23.58 31.78
N ARG D 638 -1.85 -24.33 31.27
CA ARG D 638 -1.73 -24.65 29.85
C ARG D 638 -1.93 -26.16 29.71
N LEU D 639 -1.17 -26.80 28.83
CA LEU D 639 -1.28 -28.24 28.64
C LEU D 639 -0.44 -28.97 29.69
N ASP D 640 -0.91 -28.93 30.93
CA ASP D 640 -0.23 -29.55 32.08
C ASP D 640 -0.06 -31.08 32.13
N GLN D 641 -1.09 -31.82 31.72
CA GLN D 641 -1.05 -33.27 31.78
C GLN D 641 -0.27 -33.81 30.59
N LEU D 642 0.92 -34.33 30.86
CA LEU D 642 1.69 -35.07 29.87
C LEU D 642 1.34 -36.55 30.00
N ILE D 643 0.87 -37.14 28.92
CA ILE D 643 0.59 -38.57 28.86
C ILE D 643 1.49 -39.17 27.80
N TYR D 644 2.14 -40.27 28.12
CA TYR D 644 3.07 -40.94 27.22
C TYR D 644 2.35 -42.10 26.55
N ILE D 645 2.16 -41.99 25.25
CA ILE D 645 1.57 -43.07 24.46
C ILE D 645 2.71 -43.89 23.88
N PRO D 646 2.97 -45.08 24.41
CA PRO D 646 4.15 -45.85 24.02
C PRO D 646 3.85 -46.82 22.89
N LEU D 647 4.84 -47.57 22.44
CA LEU D 647 4.57 -48.62 21.46
C LEU D 647 3.69 -49.69 22.08
N PRO D 648 2.81 -50.30 21.30
CA PRO D 648 2.02 -51.42 21.82
C PRO D 648 2.88 -52.63 22.15
N ASP D 649 2.33 -53.49 23.02
CA ASP D 649 2.78 -54.85 23.20
C ASP D 649 1.81 -55.80 22.51
N GLU D 650 2.14 -57.08 22.53
CA GLU D 650 1.40 -58.04 21.72
C GLU D 650 -0.01 -58.26 22.23
N LYS D 651 -0.31 -57.92 23.47
CA LYS D 651 -1.72 -57.88 23.87
C LYS D 651 -2.42 -56.75 23.15
N SER D 652 -1.88 -55.55 23.25
CA SER D 652 -2.41 -54.42 22.50
C SER D 652 -2.17 -54.55 21.00
N ARG D 653 -1.24 -55.40 20.58
CA ARG D 653 -1.10 -55.67 19.14
C ARG D 653 -2.21 -56.57 18.63
N VAL D 654 -2.58 -57.59 19.40
CA VAL D 654 -3.74 -58.40 19.04
C VAL D 654 -4.98 -57.51 18.94
N ALA D 655 -5.09 -56.54 19.84
CA ALA D 655 -6.26 -55.69 19.85
C ALA D 655 -6.24 -54.72 18.68
N ILE D 656 -5.06 -54.19 18.34
CA ILE D 656 -4.92 -53.30 17.19
C ILE D 656 -5.24 -54.05 15.90
N LEU D 657 -4.66 -55.24 15.72
CA LEU D 657 -5.01 -56.08 14.58
C LEU D 657 -6.52 -56.34 14.51
N LYS D 658 -7.10 -56.80 15.62
CA LYS D 658 -8.54 -57.05 15.62
C LYS D 658 -9.32 -55.78 15.31
N ALA D 659 -8.86 -54.64 15.83
CA ALA D 659 -9.60 -53.41 15.66
C ALA D 659 -9.53 -52.92 14.23
N ASN D 660 -8.42 -53.14 13.55
CA ASN D 660 -8.35 -52.74 12.15
C ASN D 660 -9.19 -53.65 11.27
N LEU D 661 -9.18 -54.96 11.56
CA LEU D 661 -9.81 -55.95 10.68
C LEU D 661 -11.30 -56.13 10.91
N ARG D 662 -11.90 -55.35 11.80
CA ARG D 662 -13.33 -55.50 12.08
C ARG D 662 -14.20 -55.04 10.91
N LYS D 663 -13.63 -54.35 9.94
CA LYS D 663 -14.44 -53.89 8.81
C LYS D 663 -14.30 -54.87 7.65
N SER D 664 -13.18 -54.84 6.96
CA SER D 664 -12.94 -55.72 5.83
C SER D 664 -13.15 -57.17 6.24
N PRO D 665 -14.00 -57.93 5.55
CA PRO D 665 -14.28 -59.30 5.98
C PRO D 665 -13.06 -60.19 5.83
N VAL D 666 -12.96 -61.19 6.68
CA VAL D 666 -11.76 -61.98 6.87
C VAL D 666 -12.13 -63.45 6.92
N ALA D 667 -11.35 -64.28 6.20
CA ALA D 667 -11.57 -65.71 6.17
C ALA D 667 -10.83 -66.37 7.33
N LYS D 668 -11.53 -67.28 8.02
CA LYS D 668 -11.23 -67.62 9.40
C LYS D 668 -9.89 -68.31 9.60
N ASP D 669 -9.34 -68.90 8.54
CA ASP D 669 -8.10 -69.68 8.64
C ASP D 669 -6.88 -68.86 9.03
N VAL D 670 -6.83 -67.57 8.71
CA VAL D 670 -5.69 -66.73 9.06
C VAL D 670 -5.67 -66.51 10.56
N ASP D 671 -4.47 -66.52 11.15
CA ASP D 671 -4.28 -66.51 12.60
C ASP D 671 -3.72 -65.17 13.06
N LEU D 672 -4.49 -64.48 13.88
CA LEU D 672 -4.18 -63.10 14.25
C LEU D 672 -3.38 -62.99 15.54
N GLU D 673 -3.23 -64.08 16.29
CA GLU D 673 -2.45 -64.06 17.52
C GLU D 673 -0.96 -64.18 17.22
N PHE D 674 -0.60 -64.86 16.14
CA PHE D 674 0.80 -65.12 15.84
C PHE D 674 1.47 -63.92 15.19
N LEU D 675 0.79 -63.32 14.21
CA LEU D 675 1.30 -62.11 13.55
C LEU D 675 1.73 -61.08 14.56
N ALA D 676 1.03 -61.00 15.69
CA ALA D 676 1.38 -60.06 16.74
C ALA D 676 2.79 -60.28 17.24
N LYS D 677 2.99 -61.34 18.02
CA LYS D 677 4.25 -61.50 18.74
C LYS D 677 5.44 -61.57 17.80
N MET D 678 5.22 -61.91 16.53
CA MET D 678 6.32 -61.97 15.57
C MET D 678 6.81 -60.58 15.21
N THR D 679 5.94 -59.59 15.18
CA THR D 679 6.36 -58.23 14.90
C THR D 679 6.71 -57.59 16.24
N ASN D 680 8.00 -57.47 16.52
CA ASN D 680 8.44 -57.28 17.90
C ASN D 680 8.28 -55.83 18.34
N GLY D 681 8.73 -54.91 17.50
CA GLY D 681 8.80 -53.50 17.83
C GLY D 681 7.90 -52.55 17.08
N PHE D 682 6.86 -53.05 16.41
CA PHE D 682 6.08 -52.17 15.53
C PHE D 682 5.21 -51.18 16.31
N SER D 683 5.09 -49.98 15.74
CA SER D 683 4.06 -49.03 16.12
C SER D 683 2.70 -49.48 15.58
N GLY D 684 1.64 -48.88 16.13
CA GLY D 684 0.30 -49.17 15.64
C GLY D 684 0.11 -48.90 14.15
N ALA D 685 0.80 -47.91 13.62
CA ALA D 685 0.66 -47.60 12.20
C ALA D 685 1.38 -48.61 11.34
N ASP D 686 2.48 -49.18 11.83
CA ASP D 686 3.19 -50.21 11.09
C ASP D 686 2.35 -51.46 10.90
N LEU D 687 1.40 -51.71 11.80
CA LEU D 687 0.51 -52.86 11.66
C LEU D 687 -0.61 -52.56 10.69
N THR D 688 -0.96 -51.29 10.54
CA THR D 688 -1.89 -50.87 9.51
C THR D 688 -1.29 -51.05 8.13
N GLU D 689 0.02 -50.82 7.99
CA GLU D 689 0.69 -51.08 6.72
C GLU D 689 0.51 -52.52 6.28
N ILE D 690 0.73 -53.46 7.20
CA ILE D 690 0.60 -54.88 6.87
C ILE D 690 -0.84 -55.21 6.53
N CYS D 691 -1.78 -54.82 7.39
CA CYS D 691 -3.18 -55.11 7.11
C CYS D 691 -3.59 -54.52 5.77
N GLN D 692 -3.12 -53.31 5.47
CA GLN D 692 -3.35 -52.69 4.18
C GLN D 692 -2.51 -53.32 3.07
N ARG D 693 -1.35 -53.88 3.39
CA ARG D 693 -0.57 -54.55 2.35
C ARG D 693 -1.29 -55.81 1.90
N ALA D 694 -1.94 -56.52 2.83
CA ALA D 694 -2.62 -57.76 2.50
C ALA D 694 -4.00 -57.52 1.89
N CYS D 695 -4.76 -56.55 2.40
CA CYS D 695 -6.03 -56.23 1.76
C CYS D 695 -5.82 -55.76 0.33
N LYS D 696 -4.68 -55.12 0.05
CA LYS D 696 -4.37 -54.74 -1.32
C LYS D 696 -4.28 -55.98 -2.20
N LEU D 697 -3.51 -56.97 -1.77
CA LEU D 697 -3.35 -58.22 -2.51
C LEU D 697 -4.67 -58.95 -2.71
N ALA D 698 -5.58 -58.90 -1.75
CA ALA D 698 -6.87 -59.54 -1.94
C ALA D 698 -7.65 -58.89 -3.08
N ILE D 699 -7.67 -57.56 -3.11
CA ILE D 699 -8.24 -56.85 -4.25
C ILE D 699 -7.44 -57.19 -5.51
N ARG D 700 -6.12 -57.33 -5.37
CA ARG D 700 -5.28 -57.77 -6.47
C ARG D 700 -5.73 -59.12 -7.02
N GLU D 701 -6.09 -60.05 -6.14
CA GLU D 701 -6.64 -61.33 -6.57
C GLU D 701 -8.03 -61.17 -7.17
N SER D 702 -8.94 -60.56 -6.42
CA SER D 702 -10.34 -60.47 -6.83
C SER D 702 -10.49 -59.94 -8.25
N ILE D 703 -9.79 -58.85 -8.59
CA ILE D 703 -9.95 -58.26 -9.91
C ILE D 703 -9.25 -59.09 -10.97
N GLU D 704 -8.18 -59.79 -10.62
CA GLU D 704 -7.48 -60.62 -11.59
C GLU D 704 -8.11 -62.00 -11.74
N SER D 705 -8.97 -62.38 -10.81
CA SER D 705 -9.58 -63.70 -10.89
C SER D 705 -10.78 -63.71 -11.84
N GLU D 706 -11.56 -62.62 -11.88
CA GLU D 706 -12.64 -62.61 -12.85
C GLU D 706 -12.18 -62.22 -14.26
N ILE D 707 -11.10 -61.46 -14.36
CA ILE D 707 -10.41 -61.33 -15.63
C ILE D 707 -9.43 -62.48 -15.80
N VAL D 728 -14.85 -65.99 -4.29
CA VAL D 728 -13.39 -66.10 -4.17
C VAL D 728 -12.62 -64.79 -3.90
N PRO D 729 -13.26 -63.62 -3.96
CA PRO D 729 -12.63 -62.43 -3.39
C PRO D 729 -12.62 -62.41 -1.86
N GLU D 730 -11.65 -63.07 -1.23
CA GLU D 730 -11.53 -63.07 0.22
C GLU D 730 -10.06 -62.99 0.63
N ILE D 731 -9.84 -62.77 1.92
CA ILE D 731 -8.51 -62.54 2.46
C ILE D 731 -8.03 -63.79 3.18
N ARG D 732 -6.74 -64.10 3.03
CA ARG D 732 -6.22 -65.44 3.25
C ARG D 732 -5.05 -65.36 4.23
N ARG D 733 -4.65 -66.51 4.76
CA ARG D 733 -3.48 -66.54 5.62
C ARG D 733 -2.20 -66.26 4.86
N ASP D 734 -2.14 -66.61 3.58
CA ASP D 734 -0.91 -66.41 2.83
C ASP D 734 -0.72 -64.95 2.39
N HIS D 735 -1.79 -64.16 2.31
CA HIS D 735 -1.63 -62.75 2.01
C HIS D 735 -0.90 -62.04 3.15
N PHE D 736 -1.35 -62.23 4.38
CA PHE D 736 -0.60 -61.68 5.51
C PHE D 736 0.81 -62.26 5.58
N GLU D 737 1.09 -63.33 4.84
CA GLU D 737 2.46 -63.79 4.70
C GLU D 737 3.19 -62.99 3.63
N GLU D 738 2.51 -62.68 2.52
CA GLU D 738 3.13 -61.89 1.46
C GLU D 738 3.22 -60.43 1.86
N ALA D 739 2.18 -59.93 2.52
CA ALA D 739 2.25 -58.64 3.20
C ALA D 739 3.44 -58.58 4.14
N MET D 740 3.67 -59.66 4.90
CA MET D 740 4.74 -59.66 5.87
C MET D 740 6.11 -59.61 5.22
N ARG D 741 6.21 -60.01 3.96
CA ARG D 741 7.51 -59.94 3.28
C ARG D 741 8.00 -58.51 3.19
N PHE D 742 7.09 -57.55 3.17
CA PHE D 742 7.39 -56.13 3.09
C PHE D 742 7.38 -55.44 4.45
N ALA D 743 7.23 -56.19 5.54
CA ALA D 743 6.97 -55.58 6.84
C ALA D 743 8.18 -54.80 7.33
N ARG D 744 7.93 -53.55 7.68
CA ARG D 744 8.93 -52.55 7.96
C ARG D 744 8.63 -51.95 9.33
N ARG D 745 9.66 -51.58 10.07
CA ARG D 745 9.45 -51.01 11.40
C ARG D 745 9.93 -49.56 11.42
N SER D 746 8.99 -48.63 11.51
CA SER D 746 9.29 -47.22 11.36
C SER D 746 10.17 -46.72 12.50
N VAL D 747 9.80 -47.02 13.73
CA VAL D 747 10.38 -46.38 14.89
C VAL D 747 11.59 -47.20 15.35
N SER D 748 12.78 -46.63 15.16
CA SER D 748 14.01 -47.32 15.53
C SER D 748 14.09 -47.51 17.03
N ASP D 749 14.91 -48.47 17.45
CA ASP D 749 14.95 -48.81 18.86
C ASP D 749 15.80 -47.87 19.69
N ASN D 750 16.71 -47.10 19.08
CA ASN D 750 17.46 -46.15 19.90
C ASN D 750 16.56 -45.02 20.39
N ASP D 751 15.60 -44.61 19.57
CA ASP D 751 14.78 -43.47 19.96
C ASP D 751 13.71 -43.86 20.97
N ILE D 752 13.35 -45.13 21.02
CA ILE D 752 12.34 -45.55 21.98
C ILE D 752 12.90 -45.10 23.31
N ARG D 753 14.22 -45.21 23.46
CA ARG D 753 14.90 -44.77 24.66
C ARG D 753 14.71 -43.26 24.87
N LYS D 754 14.74 -42.47 23.79
CA LYS D 754 14.56 -41.02 23.89
C LYS D 754 13.19 -40.72 24.48
N TYR D 755 12.19 -41.43 24.00
CA TYR D 755 10.84 -41.32 24.55
C TYR D 755 10.81 -41.81 25.99
N GLU D 756 11.36 -43.00 26.22
CA GLU D 756 11.38 -43.54 27.57
C GLU D 756 12.24 -42.61 28.41
N MET D 757 13.33 -42.13 27.83
CA MET D 757 14.22 -41.23 28.56
C MET D 757 13.49 -39.95 28.94
N PHE D 758 12.75 -39.38 27.99
CA PHE D 758 12.00 -38.17 28.28
C PHE D 758 10.97 -38.56 29.32
N ALA D 759 10.36 -39.71 29.10
CA ALA D 759 9.35 -40.27 30.00
C ALA D 759 9.91 -40.69 31.36
N GLN D 760 11.08 -41.31 31.36
CA GLN D 760 11.68 -41.80 32.61
C GLN D 760 12.14 -40.65 33.49
N THR D 761 12.46 -39.51 32.88
CA THR D 761 12.69 -38.29 33.66
C THR D 761 11.40 -37.76 34.29
N LEU D 762 10.27 -37.85 33.58
CA LEU D 762 9.08 -37.12 34.01
C LEU D 762 8.45 -37.65 35.28
N GLN D 763 8.79 -38.85 35.72
CA GLN D 763 8.32 -39.40 36.99
C GLN D 763 6.80 -39.26 37.13
N ASN E 21 -21.89 27.19 63.18
CA ASN E 21 -22.63 28.39 63.56
C ASN E 21 -24.13 28.13 63.68
N ARG E 22 -24.44 27.18 64.55
CA ARG E 22 -25.80 26.78 64.80
C ARG E 22 -26.38 26.16 63.53
N PRO E 23 -25.52 25.60 62.67
CA PRO E 23 -26.11 25.03 61.44
C PRO E 23 -26.97 23.80 61.72
N ASN E 24 -28.00 23.60 60.91
CA ASN E 24 -28.89 22.46 61.07
C ASN E 24 -28.08 21.18 61.27
N ARG E 25 -27.35 20.76 60.23
CA ARG E 25 -26.54 19.55 60.32
C ARG E 25 -26.89 18.44 59.32
N LEU E 26 -27.70 18.76 58.31
CA LEU E 26 -28.10 17.76 57.31
C LEU E 26 -27.57 18.00 55.89
N ILE E 27 -27.00 16.95 55.31
CA ILE E 27 -26.45 16.96 53.95
C ILE E 27 -27.04 15.73 53.28
N VAL E 28 -27.16 15.69 51.94
CA VAL E 28 -27.79 14.50 51.37
C VAL E 28 -26.77 13.74 50.54
N ASP E 29 -26.85 12.42 50.57
CA ASP E 29 -25.77 11.60 50.07
C ASP E 29 -26.36 10.34 49.49
N GLU E 30 -25.59 9.69 48.61
CA GLU E 30 -26.00 8.37 48.18
C GLU E 30 -25.84 7.42 49.36
N ALA E 31 -26.65 6.36 49.37
CA ALA E 31 -26.64 5.37 50.44
C ALA E 31 -26.37 4.02 49.80
N ILE E 32 -25.23 3.41 50.13
CA ILE E 32 -24.90 2.17 49.45
C ILE E 32 -25.67 0.99 50.08
N ASN E 33 -25.77 0.95 51.41
CA ASN E 33 -26.53 -0.12 52.04
C ASN E 33 -27.98 -0.08 51.56
N GLU E 34 -28.58 -1.25 51.42
CA GLU E 34 -29.79 -1.42 50.62
C GLU E 34 -31.03 -1.47 51.52
N ASP E 35 -31.84 -0.43 51.44
CA ASP E 35 -32.94 -0.23 52.39
C ASP E 35 -34.06 0.60 51.79
N ASN E 36 -35.30 0.23 52.12
CA ASN E 36 -36.47 1.06 51.85
C ASN E 36 -36.69 1.88 53.11
N SER E 37 -36.45 3.19 53.02
CA SER E 37 -36.69 4.12 54.12
C SER E 37 -35.93 3.71 55.38
N VAL E 38 -34.61 3.73 55.26
CA VAL E 38 -33.71 3.68 56.41
C VAL E 38 -32.58 4.66 56.14
N VAL E 39 -32.07 5.25 57.22
CA VAL E 39 -31.10 6.33 57.16
C VAL E 39 -29.94 6.02 58.10
N SER E 40 -28.72 6.36 57.68
CA SER E 40 -27.57 6.39 58.55
C SER E 40 -27.30 7.82 59.01
N LEU E 41 -26.79 7.97 60.23
CA LEU E 41 -26.43 9.28 60.74
C LEU E 41 -25.26 9.17 61.71
N SER E 42 -24.38 10.16 61.67
CA SER E 42 -23.02 10.04 62.16
C SER E 42 -22.92 9.76 63.66
N GLN E 43 -22.08 8.80 64.02
CA GLN E 43 -21.73 8.57 65.42
C GLN E 43 -20.88 9.67 66.05
N PRO E 44 -19.90 10.28 65.34
CA PRO E 44 -19.03 11.26 66.03
C PRO E 44 -19.80 12.32 66.79
N LYS E 45 -21.01 12.64 66.33
CA LYS E 45 -22.04 13.24 67.19
C LYS E 45 -23.33 12.45 67.05
N MET E 46 -23.71 11.71 68.09
CA MET E 46 -25.09 11.30 68.30
C MET E 46 -25.82 12.15 69.33
N ASP E 47 -25.15 13.08 69.99
CA ASP E 47 -25.84 13.75 71.09
C ASP E 47 -26.53 15.04 70.63
N GLU E 48 -26.25 15.52 69.43
CA GLU E 48 -26.80 16.82 69.03
C GLU E 48 -28.28 16.68 68.67
N LEU E 49 -28.61 15.77 67.77
CA LEU E 49 -30.01 15.42 67.54
C LEU E 49 -30.51 14.42 68.57
N GLN E 50 -29.65 13.46 68.96
CA GLN E 50 -29.97 12.49 70.01
C GLN E 50 -31.22 11.67 69.69
N LEU E 51 -31.02 10.69 68.83
CA LEU E 51 -32.06 9.76 68.43
C LEU E 51 -31.48 8.40 68.74
N PHE E 52 -32.19 7.63 69.55
CA PHE E 52 -31.73 6.30 69.94
C PHE E 52 -31.64 5.39 68.72
N ARG E 53 -32.52 5.67 67.76
CA ARG E 53 -32.69 4.97 66.48
C ARG E 53 -34.02 4.24 66.45
N GLY E 54 -34.54 4.07 65.23
CA GLY E 54 -35.81 3.40 65.03
C GLY E 54 -36.91 4.37 65.39
N ASP E 55 -36.50 5.60 65.69
CA ASP E 55 -37.41 6.66 66.09
C ASP E 55 -37.80 7.52 64.89
N THR E 56 -39.11 7.66 64.70
CA THR E 56 -39.66 8.44 63.60
C THR E 56 -39.11 9.86 63.63
N VAL E 57 -38.69 10.36 62.46
CA VAL E 57 -37.99 11.63 62.39
C VAL E 57 -38.51 12.43 61.20
N LEU E 58 -38.37 13.75 61.29
CA LEU E 58 -38.78 14.62 60.21
C LEU E 58 -37.72 14.63 59.12
N LEU E 59 -38.15 14.93 57.89
CA LEU E 59 -37.23 15.31 56.83
C LEU E 59 -37.87 16.45 56.05
N LYS E 60 -37.13 17.54 55.86
CA LYS E 60 -37.71 18.70 55.20
C LYS E 60 -37.28 18.74 53.73
N GLY E 61 -38.26 18.77 52.85
CA GLY E 61 -38.04 18.73 51.41
C GLY E 61 -37.99 20.13 50.85
N LYS E 62 -38.57 20.30 49.67
CA LYS E 62 -38.73 21.61 49.08
C LYS E 62 -40.21 21.87 48.86
N LYS E 63 -40.54 23.13 48.59
CA LYS E 63 -41.81 23.47 47.97
C LYS E 63 -42.99 23.34 48.92
N ARG E 64 -42.74 23.03 50.20
CA ARG E 64 -43.62 22.31 51.13
C ARG E 64 -43.77 20.83 50.81
N ARG E 65 -42.73 20.05 51.12
CA ARG E 65 -42.81 18.60 51.29
C ARG E 65 -41.92 18.14 52.43
N GLU E 66 -42.29 17.01 53.02
CA GLU E 66 -41.56 16.43 54.14
C GLU E 66 -41.58 14.90 54.03
N ALA E 67 -40.70 14.24 54.78
CA ALA E 67 -40.66 12.78 54.78
C ALA E 67 -40.31 12.24 56.16
N VAL E 68 -40.58 10.96 56.34
CA VAL E 68 -40.35 10.25 57.60
C VAL E 68 -39.60 8.97 57.31
N CYS E 69 -38.50 8.75 58.04
CA CYS E 69 -37.66 7.57 57.84
C CYS E 69 -37.04 7.15 59.16
N ILE E 70 -36.45 5.96 59.14
CA ILE E 70 -35.88 5.29 60.31
C ILE E 70 -34.36 5.42 60.23
N VAL E 71 -33.71 5.50 61.38
CA VAL E 71 -32.28 5.84 61.44
C VAL E 71 -31.47 4.71 62.05
N LEU E 72 -30.32 4.43 61.43
CA LEU E 72 -29.36 3.44 61.90
C LEU E 72 -27.95 4.03 61.89
N SER E 73 -27.01 3.29 62.47
CA SER E 73 -25.66 3.76 62.72
C SER E 73 -24.65 3.06 61.82
N ASP E 74 -23.62 3.80 61.41
CA ASP E 74 -22.57 3.27 60.54
C ASP E 74 -21.21 3.76 61.04
N ASP E 75 -20.28 2.83 61.30
CA ASP E 75 -18.92 3.27 61.60
C ASP E 75 -18.33 4.02 60.40
N THR E 76 -18.68 3.61 59.19
CA THR E 76 -18.09 4.11 57.96
C THR E 76 -18.90 5.23 57.31
N CYS E 77 -19.98 5.68 57.94
CA CYS E 77 -20.58 6.94 57.54
C CYS E 77 -19.69 8.09 58.00
N SER E 78 -19.79 9.22 57.31
CA SER E 78 -19.03 10.40 57.68
C SER E 78 -19.73 11.18 58.80
N ASP E 79 -18.91 11.91 59.57
CA ASP E 79 -19.46 12.98 60.40
C ASP E 79 -20.13 14.05 59.54
N GLU E 80 -19.83 14.08 58.24
CA GLU E 80 -20.29 15.15 57.37
C GLU E 80 -21.73 14.94 56.88
N LYS E 81 -22.09 13.72 56.45
CA LYS E 81 -23.25 13.53 55.58
C LYS E 81 -24.04 12.27 55.92
N ILE E 82 -25.09 12.03 55.14
CA ILE E 82 -26.24 11.20 55.52
C ILE E 82 -26.62 10.26 54.39
N ARG E 83 -26.55 8.96 54.66
CA ARG E 83 -26.89 7.93 53.69
C ARG E 83 -28.42 7.80 53.59
N MET E 84 -28.98 8.11 52.42
CA MET E 84 -30.40 7.90 52.17
C MET E 84 -30.56 7.55 50.70
N ASN E 85 -31.71 6.97 50.35
CA ASN E 85 -31.86 6.29 49.07
C ASN E 85 -32.70 7.12 48.09
N ARG E 86 -33.00 6.52 46.96
CA ARG E 86 -33.61 7.18 45.82
C ARG E 86 -35.11 7.37 45.96
N VAL E 87 -35.81 6.51 46.73
CA VAL E 87 -37.23 6.77 46.93
C VAL E 87 -37.46 7.95 47.87
N VAL E 88 -36.65 8.07 48.92
CA VAL E 88 -36.81 9.23 49.80
C VAL E 88 -36.42 10.49 49.05
N ARG E 89 -35.33 10.42 48.30
CA ARG E 89 -34.81 11.58 47.60
C ARG E 89 -35.82 12.12 46.59
N ASN E 90 -36.46 11.24 45.82
CA ASN E 90 -37.41 11.70 44.82
C ASN E 90 -38.67 12.30 45.47
N ASN E 91 -39.15 11.71 46.56
CA ASN E 91 -40.28 12.29 47.28
C ASN E 91 -40.01 13.74 47.67
N LEU E 92 -38.93 13.95 48.41
CA LEU E 92 -38.54 15.30 48.84
C LEU E 92 -38.28 16.24 47.68
N ARG E 93 -37.96 15.69 46.51
CA ARG E 93 -37.36 16.45 45.42
C ARG E 93 -36.07 17.11 45.87
N VAL E 94 -35.40 16.47 46.82
CA VAL E 94 -33.98 16.70 47.06
C VAL E 94 -33.15 15.98 46.00
N ARG E 95 -31.88 16.37 45.88
CA ARG E 95 -30.92 15.73 45.01
C ARG E 95 -29.65 15.43 45.81
N LEU E 96 -28.72 14.68 45.20
CA LEU E 96 -27.45 14.46 45.87
C LEU E 96 -26.74 15.78 46.13
N GLY E 97 -25.92 15.78 47.19
CA GLY E 97 -25.14 16.94 47.55
C GLY E 97 -25.93 18.09 48.10
N ASP E 98 -27.25 18.02 48.04
CA ASP E 98 -28.18 19.01 48.53
C ASP E 98 -28.26 18.93 50.06
N VAL E 99 -28.90 19.93 50.65
CA VAL E 99 -29.07 19.98 52.10
C VAL E 99 -30.54 20.23 52.42
N ILE E 100 -31.10 19.42 53.32
CA ILE E 100 -32.50 19.56 53.72
C ILE E 100 -32.59 19.84 55.21
N SER E 101 -33.38 20.84 55.59
CA SER E 101 -33.50 21.15 57.01
C SER E 101 -34.08 19.92 57.68
N ILE E 102 -33.50 19.54 58.81
CA ILE E 102 -33.96 18.37 59.54
C ILE E 102 -34.14 18.68 61.01
N GLN E 103 -35.06 17.96 61.64
CA GLN E 103 -35.33 18.13 63.04
C GLN E 103 -35.75 16.77 63.59
N PRO E 104 -35.20 16.35 64.73
CA PRO E 104 -35.78 15.20 65.42
C PRO E 104 -37.01 15.64 66.20
N CYS E 105 -38.05 14.80 66.15
CA CYS E 105 -39.02 14.71 67.21
C CYS E 105 -39.30 13.21 67.25
N PRO E 106 -39.30 12.60 68.43
CA PRO E 106 -39.35 11.13 68.48
C PRO E 106 -40.71 10.54 68.11
N ASP E 107 -41.78 11.29 68.33
CA ASP E 107 -43.10 10.69 68.44
C ASP E 107 -43.59 10.14 67.09
N VAL E 108 -44.50 9.17 67.18
CA VAL E 108 -45.16 8.55 66.04
C VAL E 108 -46.52 8.03 66.53
N LYS E 109 -47.53 8.11 65.67
CA LYS E 109 -48.87 7.65 66.00
C LYS E 109 -49.34 6.65 64.96
N TYR E 110 -49.90 5.54 65.43
CA TYR E 110 -50.32 4.43 64.57
C TYR E 110 -51.48 4.84 63.68
N GLY E 111 -51.74 4.01 62.67
CA GLY E 111 -52.76 4.30 61.69
C GLY E 111 -53.43 3.04 61.17
N LYS E 112 -54.40 3.23 60.28
CA LYS E 112 -55.24 2.16 59.78
C LYS E 112 -55.06 1.90 58.29
N ARG E 113 -55.04 0.62 57.92
CA ARG E 113 -55.50 0.14 56.62
C ARG E 113 -55.04 0.92 55.41
N ILE E 114 -53.78 1.39 55.37
CA ILE E 114 -53.40 2.48 54.48
C ILE E 114 -53.85 2.18 53.05
N HIS E 115 -54.24 3.24 52.34
CA HIS E 115 -54.90 3.15 51.05
C HIS E 115 -53.96 3.55 49.91
N VAL E 116 -54.13 2.89 48.75
CA VAL E 116 -53.10 2.69 47.74
C VAL E 116 -53.70 2.67 46.33
N LEU E 117 -53.01 3.34 45.41
CA LEU E 117 -53.43 3.44 44.00
C LEU E 117 -52.22 3.33 43.06
N PRO E 118 -52.47 2.79 41.80
CA PRO E 118 -51.28 2.73 40.93
C PRO E 118 -50.83 4.13 40.51
N ILE E 119 -49.54 4.30 40.28
CA ILE E 119 -49.01 5.61 39.89
C ILE E 119 -48.30 5.65 38.53
N ASP E 120 -48.70 6.61 37.70
CA ASP E 120 -48.09 6.80 36.37
C ASP E 120 -48.51 5.73 35.36
N ASP E 121 -47.77 5.65 34.25
CA ASP E 121 -48.08 4.67 33.20
C ASP E 121 -47.97 3.24 33.72
N THR E 122 -46.97 2.98 34.55
CA THR E 122 -46.76 1.63 35.07
C THR E 122 -47.97 1.01 35.77
N VAL E 123 -48.27 -0.22 35.37
CA VAL E 123 -49.38 -1.00 35.88
C VAL E 123 -49.57 -2.25 35.02
N GLU E 124 -50.55 -3.06 35.37
CA GLU E 124 -50.87 -4.30 34.63
C GLU E 124 -49.93 -5.41 35.06
N GLY E 125 -49.01 -5.08 35.95
CA GLY E 125 -48.05 -6.02 36.47
C GLY E 125 -48.70 -7.12 37.30
N ILE E 126 -49.71 -6.72 38.05
CA ILE E 126 -50.43 -7.63 38.93
C ILE E 126 -51.83 -7.99 38.43
N THR E 127 -52.13 -9.28 38.39
CA THR E 127 -53.43 -9.74 37.96
C THR E 127 -54.14 -10.30 39.18
N GLY E 128 -55.34 -9.81 39.47
CA GLY E 128 -56.07 -10.29 40.62
C GLY E 128 -55.54 -9.69 41.92
N ASN E 129 -55.23 -10.56 42.88
CA ASN E 129 -54.70 -10.09 44.15
C ASN E 129 -53.42 -9.34 43.82
N LEU E 130 -53.25 -8.15 44.38
CA LEU E 130 -52.04 -7.39 44.11
C LEU E 130 -51.30 -7.03 45.38
N PHE E 131 -51.88 -7.36 46.53
CA PHE E 131 -51.21 -7.18 47.81
C PHE E 131 -50.70 -8.49 48.35
N GLU E 132 -51.07 -9.59 47.69
CA GLU E 132 -50.40 -10.85 47.95
C GLU E 132 -49.07 -10.87 47.22
N VAL E 133 -49.09 -10.48 45.95
CA VAL E 133 -47.87 -10.45 45.15
C VAL E 133 -46.94 -9.34 45.63
N TYR E 134 -47.45 -8.32 46.32
CA TYR E 134 -46.63 -7.16 46.62
C TYR E 134 -46.53 -6.86 48.11
N LEU E 135 -47.65 -6.56 48.78
CA LEU E 135 -47.54 -5.86 50.06
C LEU E 135 -47.00 -6.76 51.17
N LYS E 136 -47.61 -7.94 51.37
CA LYS E 136 -47.41 -8.70 52.61
C LYS E 136 -45.96 -8.77 53.07
N PRO E 137 -44.97 -9.14 52.24
CA PRO E 137 -43.59 -9.24 52.77
C PRO E 137 -43.01 -7.90 53.23
N TYR E 138 -43.37 -6.78 52.58
CA TYR E 138 -42.69 -5.53 52.91
C TYR E 138 -43.25 -4.81 54.13
N PHE E 139 -44.55 -4.85 54.37
CA PHE E 139 -45.08 -4.27 55.61
C PHE E 139 -44.96 -5.24 56.78
N LEU E 140 -44.29 -6.36 56.55
CA LEU E 140 -44.18 -7.43 57.53
C LEU E 140 -42.99 -7.17 58.47
N GLU E 141 -43.28 -6.94 59.75
CA GLU E 141 -42.30 -6.66 60.81
C GLU E 141 -41.50 -5.37 60.60
N ALA E 142 -41.70 -4.67 59.49
CA ALA E 142 -40.86 -3.52 59.18
C ALA E 142 -41.16 -2.33 60.08
N TYR E 143 -42.46 -2.04 60.31
CA TYR E 143 -42.88 -0.75 60.84
C TYR E 143 -42.40 0.39 59.93
N ARG E 144 -42.58 0.23 58.62
CA ARG E 144 -42.20 1.27 57.70
C ARG E 144 -43.19 2.42 57.78
N PRO E 145 -42.78 3.59 58.26
CA PRO E 145 -43.70 4.73 58.32
C PRO E 145 -43.99 5.19 56.90
N ILE E 146 -45.27 5.35 56.58
CA ILE E 146 -45.70 5.58 55.21
C ILE E 146 -46.60 6.81 55.16
N ARG E 147 -46.31 7.73 54.26
CA ARG E 147 -46.86 9.07 54.24
C ARG E 147 -48.01 9.17 53.25
N LYS E 148 -48.95 10.07 53.57
CA LYS E 148 -49.82 10.63 52.53
C LYS E 148 -48.97 11.29 51.45
N GLY E 149 -49.35 11.05 50.20
CA GLY E 149 -48.82 11.84 49.11
C GLY E 149 -47.40 11.54 48.68
N ASP E 150 -46.92 10.31 48.89
CA ASP E 150 -45.58 9.95 48.46
C ASP E 150 -45.63 8.67 47.63
N ILE E 151 -44.54 8.40 46.94
CA ILE E 151 -44.39 7.20 46.12
C ILE E 151 -43.26 6.37 46.72
N PHE E 152 -43.42 5.05 46.68
CA PHE E 152 -42.43 4.09 47.15
C PHE E 152 -42.42 2.91 46.19
N LEU E 153 -41.43 2.03 46.34
CA LEU E 153 -41.18 0.99 45.35
C LEU E 153 -41.14 -0.38 46.02
N VAL E 154 -41.91 -1.32 45.49
CA VAL E 154 -41.88 -2.72 45.91
C VAL E 154 -41.30 -3.53 44.77
N ARG E 155 -40.37 -4.43 45.09
CA ARG E 155 -39.74 -5.26 44.08
C ARG E 155 -40.20 -6.70 44.21
N GLY E 156 -40.42 -7.35 43.07
CA GLY E 156 -40.62 -8.78 43.04
C GLY E 156 -41.15 -9.27 41.71
N GLY E 157 -41.01 -10.58 41.48
CA GLY E 157 -41.57 -11.17 40.27
C GLY E 157 -41.14 -10.54 38.97
N MET E 158 -39.88 -10.14 38.89
CA MET E 158 -39.29 -9.67 37.64
C MET E 158 -39.93 -8.38 37.14
N ARG E 159 -40.43 -7.56 38.08
CA ARG E 159 -40.95 -6.26 37.72
C ARG E 159 -41.00 -5.40 38.97
N ALA E 160 -40.96 -4.10 38.76
CA ALA E 160 -41.07 -3.14 39.85
C ALA E 160 -42.15 -2.15 39.51
N VAL E 161 -42.89 -1.74 40.53
CA VAL E 161 -43.97 -0.78 40.36
C VAL E 161 -44.16 -0.08 41.70
N GLU E 162 -44.88 1.02 41.66
CA GLU E 162 -44.97 1.95 42.76
C GLU E 162 -46.44 2.24 43.06
N PHE E 163 -46.77 2.34 44.34
CA PHE E 163 -48.13 2.57 44.79
C PHE E 163 -48.20 3.89 45.54
N LYS E 164 -48.86 4.87 44.95
CA LYS E 164 -49.07 6.15 45.61
C LYS E 164 -49.98 5.97 46.81
N VAL E 165 -49.86 6.88 47.77
CA VAL E 165 -50.81 6.93 48.89
C VAL E 165 -51.57 8.25 48.77
N VAL E 166 -52.82 8.16 48.30
CA VAL E 166 -53.68 9.33 48.18
C VAL E 166 -54.42 9.61 49.47
N GLU E 167 -54.94 8.59 50.13
CA GLU E 167 -55.78 8.77 51.31
C GLU E 167 -55.21 7.92 52.45
N THR E 168 -54.85 8.58 53.54
CA THR E 168 -54.56 7.91 54.80
C THR E 168 -55.43 8.55 55.87
N ASP E 169 -56.07 7.71 56.70
CA ASP E 169 -57.00 8.23 57.70
C ASP E 169 -56.29 9.08 58.75
N PRO E 170 -55.28 8.58 59.48
CA PRO E 170 -54.55 9.46 60.39
C PRO E 170 -53.51 10.28 59.64
N SER E 171 -53.22 11.46 60.18
CA SER E 171 -52.24 12.35 59.58
C SER E 171 -51.54 13.18 60.64
N PRO E 172 -50.35 13.72 60.33
CA PRO E 172 -49.59 13.70 59.07
C PRO E 172 -48.92 12.38 58.63
N TYR E 173 -48.73 11.41 59.52
CA TYR E 173 -48.01 10.19 59.15
C TYR E 173 -48.43 9.04 60.05
N CYS E 174 -48.20 7.81 59.59
CA CYS E 174 -48.64 6.67 60.38
C CYS E 174 -47.67 5.50 60.28
N ILE E 175 -47.29 4.97 61.44
CA ILE E 175 -46.53 3.71 61.49
C ILE E 175 -47.49 2.55 61.28
N VAL E 176 -47.08 1.56 60.49
CA VAL E 176 -47.95 0.43 60.17
C VAL E 176 -47.63 -0.97 60.73
N ALA E 177 -48.68 -1.64 61.20
CA ALA E 177 -48.61 -2.99 61.77
C ALA E 177 -49.71 -3.86 61.14
N PRO E 178 -49.55 -5.19 61.17
CA PRO E 178 -50.56 -6.06 60.55
C PRO E 178 -51.68 -6.44 61.53
N ASP E 179 -52.27 -5.43 62.15
CA ASP E 179 -53.54 -5.65 62.83
C ASP E 179 -54.72 -5.08 62.02
N THR E 180 -54.47 -4.50 60.84
CA THR E 180 -55.46 -3.73 60.10
C THR E 180 -55.95 -4.46 58.86
N VAL E 181 -57.16 -4.10 58.46
CA VAL E 181 -57.89 -4.59 57.29
C VAL E 181 -57.16 -4.17 56.01
N ILE E 182 -57.53 -4.77 54.89
CA ILE E 182 -56.81 -4.59 53.63
C ILE E 182 -57.83 -4.15 52.57
N HIS E 183 -57.72 -2.90 52.12
CA HIS E 183 -58.57 -2.35 51.07
C HIS E 183 -57.81 -2.35 49.76
N CYS E 184 -58.52 -2.55 48.66
CA CYS E 184 -57.91 -2.74 47.34
C CYS E 184 -58.58 -1.85 46.32
N GLU E 185 -57.81 -1.30 45.40
CA GLU E 185 -58.35 -0.64 44.22
C GLU E 185 -57.70 -1.15 42.94
N GLY E 186 -56.44 -0.77 42.71
CA GLY E 186 -55.68 -1.28 41.59
C GLY E 186 -55.91 -0.63 40.24
N GLU E 187 -56.49 0.58 40.19
CA GLU E 187 -56.75 1.23 38.91
C GLU E 187 -55.78 2.38 38.68
N PRO E 188 -55.10 2.40 37.54
CA PRO E 188 -54.04 3.38 37.31
C PRO E 188 -54.57 4.81 37.25
N ILE E 189 -53.63 5.73 37.41
CA ILE E 189 -53.86 7.15 37.14
C ILE E 189 -52.53 7.80 36.78
N LYS E 190 -52.60 8.80 35.90
CA LYS E 190 -51.41 9.50 35.44
C LYS E 190 -50.73 10.23 36.59
N ARG E 191 -49.43 9.99 36.74
CA ARG E 191 -48.61 10.75 37.67
C ARG E 191 -48.17 12.06 37.01
N GLU E 192 -48.00 13.10 37.85
CA GLU E 192 -47.55 14.40 37.38
C GLU E 192 -46.22 14.32 36.63
N ASP E 193 -46.15 15.02 35.49
CA ASP E 193 -44.96 14.99 34.64
C ASP E 193 -43.79 15.69 35.28
N GLU E 194 -44.05 16.74 36.07
CA GLU E 194 -42.97 17.43 36.77
C GLU E 194 -42.15 16.46 37.62
N GLU E 195 -42.74 15.34 38.03
CA GLU E 195 -42.06 14.35 38.84
C GLU E 195 -40.95 13.64 38.06
N GLU E 196 -39.93 13.18 38.79
CA GLU E 196 -38.83 12.42 38.19
C GLU E 196 -39.04 10.94 38.45
N SER E 197 -39.32 10.19 37.38
CA SER E 197 -39.62 8.76 37.47
C SER E 197 -38.47 8.00 38.14
N LEU E 198 -38.84 6.95 38.86
CA LEU E 198 -37.88 6.10 39.57
C LEU E 198 -37.29 5.00 38.69
N ASN E 199 -37.80 4.82 37.47
CA ASN E 199 -37.15 3.92 36.51
C ASN E 199 -36.03 4.60 35.74
N GLU E 200 -36.11 5.92 35.55
CA GLU E 200 -35.01 6.66 34.95
C GLU E 200 -33.74 6.43 35.74
N VAL E 201 -32.66 6.10 35.05
CA VAL E 201 -31.51 5.50 35.70
C VAL E 201 -30.74 6.54 36.50
N GLY E 202 -30.15 6.09 37.60
CA GLY E 202 -29.46 6.93 38.55
C GLY E 202 -28.34 6.11 39.16
N TYR E 203 -27.65 6.71 40.12
CA TYR E 203 -26.39 6.14 40.62
C TYR E 203 -26.52 4.67 40.99
N ASP E 204 -27.62 4.29 41.64
CA ASP E 204 -27.75 2.90 42.08
C ASP E 204 -27.93 1.95 40.91
N ASP E 205 -28.55 2.41 39.82
CA ASP E 205 -28.70 1.54 38.67
C ASP E 205 -27.38 1.35 37.93
N ILE E 206 -26.36 2.08 38.34
CA ILE E 206 -25.01 1.81 37.84
C ILE E 206 -24.26 0.95 38.84
N GLY E 207 -23.83 -0.21 38.38
CA GLY E 207 -23.10 -1.10 39.23
C GLY E 207 -21.63 -1.01 38.94
N GLY E 208 -20.90 -1.94 39.56
CA GLY E 208 -19.48 -2.16 39.39
C GLY E 208 -18.57 -1.65 40.50
N CYS E 209 -19.00 -0.65 41.25
CA CYS E 209 -18.19 -0.17 42.36
C CYS E 209 -16.79 0.13 41.85
N ARG E 210 -16.70 0.70 40.66
CA ARG E 210 -15.41 1.04 40.08
C ARG E 210 -14.75 2.12 40.92
N LYS E 211 -15.58 3.07 41.31
CA LYS E 211 -15.17 4.24 42.07
C LYS E 211 -14.67 5.31 41.11
N GLN E 212 -14.51 4.94 39.84
CA GLN E 212 -14.09 5.86 38.81
C GLN E 212 -15.21 6.87 38.61
N LEU E 213 -16.44 6.36 38.68
CA LEU E 213 -17.62 7.22 38.55
C LEU E 213 -17.57 8.37 39.54
N ALA E 214 -17.02 8.12 40.72
CA ALA E 214 -16.81 9.19 41.69
C ALA E 214 -15.96 10.31 41.09
N GLN E 215 -15.10 9.97 40.14
CA GLN E 215 -14.28 10.97 39.48
C GLN E 215 -15.10 11.90 38.58
N ILE E 216 -16.11 11.36 37.89
CA ILE E 216 -17.00 12.19 37.08
C ILE E 216 -17.87 13.07 37.96
N LYS E 217 -18.16 12.62 39.17
CA LYS E 217 -18.88 13.43 40.15
C LYS E 217 -18.13 14.73 40.44
N GLU E 218 -16.84 14.63 40.74
CA GLU E 218 -16.05 15.81 41.08
C GLU E 218 -15.97 16.80 39.95
N MET E 219 -16.13 16.34 38.70
CA MET E 219 -16.05 17.24 37.56
C MET E 219 -17.36 17.97 37.31
N VAL E 220 -18.49 17.29 37.45
CA VAL E 220 -19.77 17.86 37.06
C VAL E 220 -20.55 18.41 38.24
N GLU E 221 -20.00 18.36 39.45
CA GLU E 221 -20.66 18.93 40.62
C GLU E 221 -20.98 20.40 40.42
N LEU E 222 -19.96 21.23 40.47
CA LEU E 222 -20.17 22.67 40.42
C LEU E 222 -20.75 23.16 39.11
N PRO E 223 -20.27 22.73 37.94
CA PRO E 223 -20.75 23.36 36.71
C PRO E 223 -22.24 23.20 36.50
N LEU E 224 -22.77 21.99 36.63
CA LEU E 224 -24.17 21.77 36.33
C LEU E 224 -25.08 21.61 37.55
N ARG E 225 -24.56 21.58 38.77
CA ARG E 225 -25.46 21.70 39.91
C ARG E 225 -25.51 23.12 40.47
N HIS E 226 -24.59 23.99 40.05
CA HIS E 226 -24.48 25.35 40.59
C HIS E 226 -24.16 26.33 39.46
N PRO E 227 -25.09 26.50 38.52
CA PRO E 227 -24.78 27.32 37.34
C PRO E 227 -24.40 28.76 37.65
N ALA E 228 -25.15 29.45 38.50
CA ALA E 228 -24.96 30.89 38.67
C ALA E 228 -23.60 31.24 39.24
N LEU E 229 -22.93 30.31 39.91
CA LEU E 229 -21.66 30.61 40.55
C LEU E 229 -20.56 30.88 39.53
N PHE E 230 -20.62 30.28 38.34
CA PHE E 230 -19.52 30.47 37.41
C PHE E 230 -19.57 31.79 36.66
N LYS E 231 -20.70 32.47 36.65
CA LYS E 231 -20.70 33.84 36.16
C LYS E 231 -20.15 34.79 37.22
N ALA E 232 -20.10 34.37 38.48
CA ALA E 232 -19.58 35.24 39.53
C ALA E 232 -18.05 35.22 39.57
N ILE E 233 -17.46 34.06 39.31
CA ILE E 233 -16.04 33.86 39.53
C ILE E 233 -15.39 33.40 38.23
N GLY E 234 -14.25 34.00 37.90
CA GLY E 234 -13.44 33.47 36.83
C GLY E 234 -12.83 32.14 37.25
N VAL E 235 -13.16 31.07 36.52
CA VAL E 235 -12.52 29.77 36.51
C VAL E 235 -12.90 29.14 35.18
N LYS E 236 -12.23 28.05 34.79
CA LYS E 236 -12.66 27.35 33.60
C LYS E 236 -13.21 25.99 33.96
N PRO E 237 -14.52 25.77 33.91
CA PRO E 237 -15.06 24.42 34.00
C PRO E 237 -14.76 23.66 32.73
N PRO E 238 -14.60 22.35 32.81
CA PRO E 238 -14.33 21.54 31.60
C PRO E 238 -15.53 21.52 30.68
N ARG E 239 -15.27 21.77 29.39
CA ARG E 239 -16.36 21.69 28.42
C ARG E 239 -16.67 20.26 28.01
N GLY E 240 -15.65 19.51 27.55
CA GLY E 240 -15.84 18.14 27.13
C GLY E 240 -15.35 17.12 28.14
N ILE E 241 -15.90 15.91 28.05
CA ILE E 241 -15.43 14.75 28.81
C ILE E 241 -15.53 13.53 27.92
N LEU E 242 -14.45 12.79 27.78
CA LEU E 242 -14.49 11.52 27.08
C LEU E 242 -14.63 10.37 28.05
N LEU E 243 -15.66 9.58 27.87
CA LEU E 243 -15.71 8.25 28.46
C LEU E 243 -15.21 7.29 27.39
N TYR E 244 -14.34 6.37 27.78
CA TYR E 244 -13.99 5.36 26.80
C TYR E 244 -13.82 4.03 27.51
N GLY E 245 -14.09 2.97 26.77
CA GLY E 245 -14.10 1.63 27.25
C GLY E 245 -14.74 0.82 26.17
N PRO E 246 -14.58 -0.49 26.20
CA PRO E 246 -15.17 -1.33 25.17
C PRO E 246 -16.69 -1.28 25.26
N PRO E 247 -17.40 -1.63 24.19
CA PRO E 247 -18.86 -1.52 24.19
C PRO E 247 -19.51 -2.31 25.30
N GLY E 248 -20.62 -1.81 25.80
CA GLY E 248 -21.35 -2.49 26.82
C GLY E 248 -20.84 -2.30 28.22
N THR E 249 -19.84 -1.46 28.42
CA THR E 249 -19.26 -1.24 29.72
C THR E 249 -19.96 -0.15 30.51
N GLY E 250 -21.09 0.34 30.01
CA GLY E 250 -21.89 1.27 30.77
C GLY E 250 -21.65 2.73 30.49
N LYS E 251 -21.10 3.07 29.33
CA LYS E 251 -20.80 4.47 29.05
C LYS E 251 -22.06 5.31 28.91
N THR E 252 -23.14 4.73 28.41
CA THR E 252 -24.38 5.49 28.28
C THR E 252 -25.13 5.55 29.60
N LEU E 253 -24.97 4.54 30.47
CA LEU E 253 -25.46 4.69 31.85
C LEU E 253 -24.90 5.94 32.50
N ILE E 254 -23.57 6.09 32.51
CA ILE E 254 -22.92 7.16 33.25
C ILE E 254 -23.50 8.51 32.88
N ALA E 255 -23.66 8.75 31.58
CA ALA E 255 -24.22 10.03 31.16
C ALA E 255 -25.68 10.15 31.58
N ARG E 256 -26.50 9.14 31.28
CA ARG E 256 -27.90 9.15 31.70
C ARG E 256 -28.03 9.36 33.20
N ALA E 257 -27.16 8.72 33.99
CA ALA E 257 -27.33 8.73 35.43
C ALA E 257 -26.59 9.87 36.11
N VAL E 258 -25.75 10.61 35.40
CA VAL E 258 -25.27 11.88 35.89
C VAL E 258 -26.29 12.96 35.62
N ALA E 259 -26.86 12.96 34.41
CA ALA E 259 -27.90 13.91 34.04
C ALA E 259 -29.17 13.69 34.84
N ASN E 260 -29.48 12.45 35.22
CA ASN E 260 -30.69 12.25 35.98
C ASN E 260 -30.51 12.68 37.43
N GLU E 261 -29.36 12.38 38.02
CA GLU E 261 -29.20 12.64 39.43
C GLU E 261 -28.87 14.11 39.71
N THR E 262 -28.42 14.85 38.72
CA THR E 262 -28.15 16.27 38.89
C THR E 262 -29.25 17.17 38.33
N GLY E 263 -30.27 16.60 37.71
CA GLY E 263 -31.34 17.43 37.19
C GLY E 263 -31.05 18.10 35.88
N ALA E 264 -29.86 17.93 35.32
CA ALA E 264 -29.56 18.53 34.04
C ALA E 264 -30.31 17.83 32.93
N PHE E 265 -30.56 18.55 31.86
CA PHE E 265 -31.26 18.00 30.71
C PHE E 265 -30.31 17.18 29.86
N PHE E 266 -30.63 15.90 29.68
CA PHE E 266 -29.82 15.00 28.88
C PHE E 266 -30.21 15.05 27.40
N PHE E 267 -29.25 15.32 26.55
CA PHE E 267 -29.46 15.37 25.11
C PHE E 267 -28.77 14.13 24.56
N LEU E 268 -29.04 13.78 23.31
CA LEU E 268 -28.42 12.57 22.76
C LEU E 268 -28.10 12.65 21.28
N ILE E 269 -26.82 12.81 20.97
CA ILE E 269 -26.38 12.87 19.59
C ILE E 269 -25.99 11.45 19.19
N ASN E 270 -26.97 10.70 18.69
CA ASN E 270 -26.73 9.34 18.26
C ASN E 270 -25.64 9.29 17.21
N GLY E 271 -24.49 8.73 17.58
CA GLY E 271 -23.36 8.64 16.68
C GLY E 271 -23.71 8.31 15.24
N PRO E 272 -24.59 7.26 15.04
CA PRO E 272 -24.88 6.97 13.63
C PRO E 272 -26.18 7.60 13.15
N GLU E 273 -26.91 8.25 14.05
CA GLU E 273 -28.17 8.88 13.66
C GLU E 273 -27.88 10.11 12.81
N ILE E 274 -26.83 10.86 13.16
CA ILE E 274 -26.48 12.03 12.38
C ILE E 274 -25.81 11.61 11.08
N MET E 275 -25.32 10.38 11.07
CA MET E 275 -24.65 9.82 9.90
C MET E 275 -25.68 9.31 8.89
N SER E 276 -26.78 8.78 9.39
CA SER E 276 -27.84 8.25 8.55
C SER E 276 -28.52 9.33 7.72
N LYS E 277 -28.41 10.58 8.16
CA LYS E 277 -29.02 11.68 7.44
C LYS E 277 -28.16 12.04 6.22
N LEU E 278 -28.78 12.74 5.28
CA LEU E 278 -28.09 13.01 4.02
C LEU E 278 -27.01 14.08 4.19
N ALA E 279 -26.15 14.14 3.19
CA ALA E 279 -25.17 15.22 3.09
C ALA E 279 -25.83 16.58 3.20
N GLY E 280 -25.24 17.46 4.00
CA GLY E 280 -25.59 18.85 4.12
C GLY E 280 -26.69 19.14 5.13
N GLU E 281 -27.59 18.18 5.35
CA GLU E 281 -28.52 18.20 6.46
C GLU E 281 -28.02 17.32 7.61
N SER E 282 -26.87 16.68 7.44
CA SER E 282 -26.23 16.00 8.57
C SER E 282 -25.63 17.01 9.54
N GLU E 283 -24.99 18.06 9.03
CA GLU E 283 -24.50 19.14 9.89
C GLU E 283 -25.66 19.89 10.52
N SER E 284 -26.73 20.14 9.75
CA SER E 284 -27.86 20.87 10.28
C SER E 284 -28.42 20.19 11.52
N ASN E 285 -28.35 18.88 11.54
CA ASN E 285 -28.93 18.10 12.62
C ASN E 285 -28.04 18.08 13.86
N LEU E 286 -26.72 18.13 13.66
CA LEU E 286 -25.78 18.17 14.78
C LEU E 286 -25.68 19.57 15.36
N ARG E 287 -25.69 20.59 14.50
CA ARG E 287 -25.55 21.97 14.96
C ARG E 287 -26.77 22.42 15.74
N LYS E 288 -27.97 22.08 15.28
CA LYS E 288 -29.16 22.39 16.08
C LYS E 288 -29.16 21.65 17.40
N ALA E 289 -28.43 20.53 17.48
CA ALA E 289 -28.31 19.79 18.73
C ALA E 289 -27.66 20.63 19.82
N PHE E 290 -26.60 21.37 19.50
CA PHE E 290 -25.99 22.18 20.52
C PHE E 290 -26.77 23.47 20.74
N GLU E 291 -27.54 23.92 19.74
CA GLU E 291 -28.31 25.15 19.89
C GLU E 291 -29.51 24.94 20.79
N GLU E 292 -30.23 23.82 20.61
CA GLU E 292 -31.29 23.48 21.54
C GLU E 292 -30.77 23.38 22.96
N ALA E 293 -29.81 22.48 23.17
CA ALA E 293 -29.23 22.27 24.49
C ALA E 293 -28.63 23.53 25.09
N GLU E 294 -28.30 24.54 24.29
CA GLU E 294 -28.03 25.85 24.88
C GLU E 294 -29.18 26.32 25.74
N LYS E 295 -30.40 26.32 25.17
CA LYS E 295 -31.54 26.92 25.84
C LYS E 295 -31.89 26.21 27.13
N ASN E 296 -31.64 24.91 27.20
CA ASN E 296 -31.78 24.17 28.45
C ASN E 296 -30.44 24.20 29.17
N ALA E 297 -30.40 24.79 30.34
CA ALA E 297 -29.17 24.78 31.11
C ALA E 297 -29.48 24.55 32.58
N PRO E 298 -28.64 23.74 33.23
CA PRO E 298 -27.52 22.99 32.68
C PRO E 298 -27.92 21.72 31.92
N ALA E 299 -27.08 21.31 30.98
CA ALA E 299 -27.41 20.19 30.13
C ALA E 299 -26.14 19.41 29.80
N ILE E 300 -26.29 18.10 29.68
CA ILE E 300 -25.27 17.22 29.14
C ILE E 300 -25.70 16.83 27.73
N ILE E 301 -24.88 17.18 26.75
CA ILE E 301 -24.98 16.54 25.44
C ILE E 301 -24.10 15.29 25.48
N PHE E 302 -24.66 14.16 25.10
CA PHE E 302 -23.90 12.93 25.10
C PHE E 302 -23.79 12.31 23.71
N ILE E 303 -22.64 12.51 23.08
CA ILE E 303 -22.38 11.94 21.77
C ILE E 303 -21.85 10.53 22.00
N ASP E 304 -22.56 9.52 21.52
CA ASP E 304 -22.05 8.16 21.58
C ASP E 304 -21.64 7.69 20.20
N GLU E 305 -20.62 6.84 20.17
CA GLU E 305 -19.86 6.54 18.97
C GLU E 305 -19.33 7.84 18.36
N LEU E 306 -18.57 8.58 19.17
CA LEU E 306 -17.85 9.72 18.66
C LEU E 306 -16.97 9.33 17.48
N ASP E 307 -16.48 8.09 17.46
CA ASP E 307 -15.67 7.63 16.35
C ASP E 307 -16.50 7.38 15.10
N ALA E 308 -17.81 7.45 15.19
CA ALA E 308 -18.62 7.51 13.99
C ALA E 308 -18.60 8.91 13.39
N ILE E 309 -18.80 9.93 14.23
CA ILE E 309 -18.90 11.30 13.76
C ILE E 309 -17.52 11.91 13.55
N ALA E 310 -16.51 11.51 14.34
CA ALA E 310 -15.18 12.11 14.25
C ALA E 310 -14.09 11.07 14.38
N PRO E 311 -14.11 10.09 13.47
CA PRO E 311 -13.13 9.00 13.49
C PRO E 311 -11.93 9.26 12.59
N LYS E 312 -11.89 10.41 11.93
CA LYS E 312 -10.79 10.73 11.03
C LYS E 312 -9.45 10.83 11.76
N ARG E 313 -8.44 10.18 11.19
CA ARG E 313 -7.09 10.20 11.73
C ARG E 313 -6.15 10.94 10.77
N GLU E 314 -6.74 11.71 9.87
CA GLU E 314 -6.02 12.44 8.83
C GLU E 314 -5.87 11.48 7.65
N LYS E 315 -6.50 10.32 7.81
CA LYS E 315 -6.51 9.26 6.81
C LYS E 315 -7.71 9.42 5.86
N THR E 316 -8.93 9.37 6.40
CA THR E 316 -10.13 10.01 5.84
C THR E 316 -10.46 9.68 4.38
N HIS E 317 -11.02 8.51 4.10
CA HIS E 317 -11.74 8.29 2.85
C HIS E 317 -12.85 9.33 2.74
N GLY E 318 -13.19 9.70 1.51
CA GLY E 318 -14.45 10.37 1.22
C GLY E 318 -14.37 11.88 1.13
N GLU E 319 -15.56 12.48 1.28
CA GLU E 319 -15.76 13.93 1.33
C GLU E 319 -16.56 14.40 2.52
N VAL E 320 -17.82 13.97 2.61
CA VAL E 320 -18.73 14.51 3.61
C VAL E 320 -18.10 14.46 4.99
N GLU E 321 -17.39 13.37 5.30
CA GLU E 321 -16.93 13.20 6.67
C GLU E 321 -15.92 14.27 7.06
N ARG E 322 -15.17 14.81 6.10
CA ARG E 322 -14.31 15.96 6.41
C ARG E 322 -15.10 17.07 7.09
N ARG E 323 -16.33 17.29 6.63
CA ARG E 323 -17.08 18.47 7.01
C ARG E 323 -17.94 18.24 8.25
N ILE E 324 -18.23 16.99 8.56
CA ILE E 324 -18.97 16.66 9.76
C ILE E 324 -18.08 16.92 10.97
N VAL E 325 -16.83 16.47 10.84
CA VAL E 325 -15.82 16.61 11.89
C VAL E 325 -15.45 18.06 12.17
N SER E 326 -15.26 18.82 11.09
CA SER E 326 -14.91 20.22 11.23
C SER E 326 -16.02 21.00 11.91
N GLN E 327 -17.27 20.71 11.56
CA GLN E 327 -18.39 21.41 12.17
C GLN E 327 -18.41 21.13 13.66
N LEU E 328 -18.16 19.87 14.01
CA LEU E 328 -18.13 19.45 15.40
C LEU E 328 -17.02 20.13 16.18
N LEU E 329 -15.85 20.27 15.56
CA LEU E 329 -14.73 20.92 16.21
C LEU E 329 -15.09 22.37 16.50
N THR E 330 -15.72 23.03 15.54
CA THR E 330 -16.12 24.42 15.71
C THR E 330 -17.13 24.53 16.84
N LEU E 331 -18.05 23.57 16.87
CA LEU E 331 -19.09 23.51 17.88
C LEU E 331 -18.50 23.30 19.27
N MET E 332 -17.49 22.44 19.36
CA MET E 332 -16.88 22.13 20.66
C MET E 332 -16.01 23.27 21.14
N ASP E 333 -15.30 23.94 20.24
CA ASP E 333 -14.63 25.17 20.59
C ASP E 333 -15.58 26.35 20.75
N GLY E 334 -16.63 26.39 19.93
CA GLY E 334 -17.55 27.49 19.91
C GLY E 334 -18.39 27.69 21.16
N LEU E 335 -18.28 26.81 22.15
CA LEU E 335 -18.99 26.98 23.40
C LEU E 335 -18.65 28.35 23.99
N LYS E 336 -19.68 29.18 24.18
CA LYS E 336 -19.57 30.64 24.26
C LYS E 336 -19.51 31.16 25.70
N GLN E 337 -19.41 30.29 26.69
CA GLN E 337 -19.28 30.57 28.14
C GLN E 337 -20.55 31.21 28.70
N ARG E 338 -21.55 31.53 27.88
CA ARG E 338 -22.92 31.59 28.36
C ARG E 338 -23.47 30.18 28.34
N ALA E 339 -24.35 29.90 29.30
CA ALA E 339 -24.77 28.60 29.78
C ALA E 339 -23.63 27.63 30.08
N HIS E 340 -24.01 26.38 30.28
CA HIS E 340 -23.16 25.43 30.99
C HIS E 340 -22.81 24.19 30.21
N VAL E 341 -23.25 24.09 28.96
CA VAL E 341 -23.38 22.78 28.34
C VAL E 341 -22.10 21.97 28.49
N ILE E 342 -22.23 20.83 29.11
CA ILE E 342 -21.17 19.84 29.20
C ILE E 342 -21.38 18.87 28.06
N VAL E 343 -20.33 18.53 27.35
CA VAL E 343 -20.46 17.59 26.25
C VAL E 343 -19.69 16.33 26.65
N MET E 344 -20.43 15.29 27.01
CA MET E 344 -19.83 13.99 27.25
C MET E 344 -19.88 13.17 25.97
N ALA E 345 -18.79 12.51 25.64
CA ALA E 345 -18.72 11.73 24.42
C ALA E 345 -18.05 10.40 24.70
N ALA E 346 -18.62 9.32 24.19
CA ALA E 346 -18.12 7.99 24.45
C ALA E 346 -17.57 7.36 23.19
N THR E 347 -16.52 6.56 23.35
CA THR E 347 -15.92 5.85 22.24
C THR E 347 -15.19 4.63 22.79
N ASN E 348 -14.87 3.70 21.89
CA ASN E 348 -14.31 2.42 22.31
C ASN E 348 -12.83 2.51 22.63
N ARG E 349 -12.05 3.23 21.84
CA ARG E 349 -10.64 3.42 22.14
C ARG E 349 -10.30 4.88 21.88
N PRO E 350 -9.47 5.49 22.74
CA PRO E 350 -9.16 6.91 22.56
C PRO E 350 -8.29 7.20 21.35
N ASN E 351 -7.57 6.21 20.83
CA ASN E 351 -6.85 6.44 19.59
C ASN E 351 -7.78 6.56 18.40
N SER E 352 -9.02 6.07 18.55
CA SER E 352 -9.92 6.04 17.40
C SER E 352 -10.31 7.43 16.94
N ILE E 353 -10.55 8.35 17.86
CA ILE E 353 -11.12 9.65 17.48
C ILE E 353 -10.03 10.62 17.05
N ASP E 354 -10.46 11.62 16.28
CA ASP E 354 -9.59 12.61 15.66
C ASP E 354 -8.75 13.34 16.70
N PRO E 355 -7.46 13.59 16.43
CA PRO E 355 -6.58 14.14 17.46
C PRO E 355 -6.88 15.56 17.81
N ALA E 356 -7.62 16.29 16.97
CA ALA E 356 -7.94 17.67 17.24
C ALA E 356 -9.05 17.83 18.26
N LEU E 357 -9.74 16.73 18.59
CA LEU E 357 -10.79 16.73 19.58
C LEU E 357 -10.28 16.84 21.01
N ARG E 358 -9.00 16.59 21.24
CA ARG E 358 -8.45 16.68 22.59
C ARG E 358 -7.81 18.01 22.93
N ARG E 359 -7.80 18.97 22.01
CA ARG E 359 -7.12 20.20 22.38
C ARG E 359 -7.88 20.91 23.49
N PHE E 360 -7.15 21.81 24.16
CA PHE E 360 -7.64 22.56 25.30
C PHE E 360 -8.95 23.26 24.93
N GLY E 361 -9.98 22.99 25.70
CA GLY E 361 -11.30 23.49 25.41
C GLY E 361 -12.19 22.58 24.59
N ARG E 362 -11.70 21.43 24.12
CA ARG E 362 -12.59 20.56 23.36
C ARG E 362 -13.05 19.39 24.22
N PHE E 363 -12.30 18.29 24.23
CA PHE E 363 -12.46 17.25 25.23
C PHE E 363 -11.16 17.24 26.01
N ASP E 364 -11.18 17.90 27.16
CA ASP E 364 -9.95 18.03 27.92
C ASP E 364 -9.74 16.83 28.82
N ARG E 365 -10.78 16.43 29.53
CA ARG E 365 -10.71 15.29 30.42
C ARG E 365 -11.19 14.04 29.70
N GLU E 366 -10.56 12.92 30.02
CA GLU E 366 -10.98 11.59 29.58
C GLU E 366 -11.12 10.68 30.79
N VAL E 367 -11.97 9.67 30.66
CA VAL E 367 -12.19 8.67 31.71
C VAL E 367 -12.18 7.30 31.05
N ASP E 368 -11.47 6.36 31.63
CA ASP E 368 -11.49 4.98 31.14
C ASP E 368 -12.46 4.19 32.01
N ILE E 369 -13.57 3.77 31.42
CA ILE E 369 -14.55 3.00 32.17
C ILE E 369 -14.06 1.59 32.39
N GLY E 370 -13.61 0.94 31.32
CA GLY E 370 -12.94 -0.33 31.40
C GLY E 370 -13.82 -1.48 31.86
N ILE E 371 -13.26 -2.68 31.79
CA ILE E 371 -13.95 -3.91 32.18
C ILE E 371 -14.13 -3.93 33.69
N PRO E 372 -15.29 -4.33 34.20
CA PRO E 372 -15.43 -4.54 35.65
C PRO E 372 -14.56 -5.68 36.13
N ASP E 373 -14.45 -5.79 37.44
CA ASP E 373 -13.64 -6.82 38.07
C ASP E 373 -14.54 -7.68 38.95
N ALA E 374 -13.96 -8.80 39.39
CA ALA E 374 -14.72 -9.89 39.99
C ALA E 374 -15.70 -9.40 41.05
N THR E 375 -15.22 -8.66 42.04
CA THR E 375 -16.10 -8.12 43.06
C THR E 375 -16.77 -6.83 42.63
N GLY E 376 -16.45 -6.33 41.44
CA GLY E 376 -17.27 -5.36 40.76
C GLY E 376 -18.43 -6.00 40.04
N ARG E 377 -18.18 -7.14 39.38
CA ARG E 377 -19.23 -7.83 38.64
C ARG E 377 -20.36 -8.33 39.53
N LEU E 378 -20.11 -8.52 40.84
CA LEU E 378 -21.18 -8.88 41.75
C LEU E 378 -22.27 -7.82 41.74
N GLU E 379 -21.88 -6.54 41.85
CA GLU E 379 -22.90 -5.50 41.97
C GLU E 379 -23.76 -5.41 40.72
N ILE E 380 -23.17 -5.58 39.54
CA ILE E 380 -23.96 -5.57 38.32
C ILE E 380 -24.95 -6.73 38.34
N LEU E 381 -24.51 -7.89 38.81
CA LEU E 381 -25.40 -9.03 38.95
C LEU E 381 -26.44 -8.81 40.02
N GLN E 382 -26.18 -7.93 40.98
CA GLN E 382 -27.21 -7.57 41.94
C GLN E 382 -28.19 -6.56 41.36
N ILE E 383 -27.74 -5.66 40.49
CA ILE E 383 -28.68 -4.65 40.03
C ILE E 383 -29.58 -5.21 38.94
N HIS E 384 -29.10 -6.18 38.16
CA HIS E 384 -29.96 -6.77 37.14
C HIS E 384 -30.84 -7.88 37.67
N THR E 385 -30.45 -8.56 38.74
CA THR E 385 -31.41 -9.40 39.44
C THR E 385 -31.61 -8.78 40.82
N LYS E 386 -32.53 -7.82 40.92
CA LYS E 386 -33.21 -7.51 42.16
C LYS E 386 -34.73 -7.69 42.11
N ASN E 387 -35.32 -7.84 40.94
CA ASN E 387 -36.74 -8.13 40.79
C ASN E 387 -37.02 -9.60 40.55
N MET E 388 -35.98 -10.42 40.39
CA MET E 388 -36.15 -11.71 39.77
C MET E 388 -36.70 -12.78 40.70
N LYS E 389 -36.71 -12.53 42.02
CA LYS E 389 -37.07 -13.53 43.03
C LYS E 389 -36.17 -14.77 42.89
N LEU E 390 -34.94 -14.58 43.31
CA LEU E 390 -33.94 -15.62 43.21
C LEU E 390 -34.21 -16.78 44.17
N ALA E 391 -33.56 -17.91 43.89
CA ALA E 391 -33.42 -18.99 44.85
C ALA E 391 -32.42 -18.62 45.92
N ASP E 392 -32.44 -19.37 47.03
CA ASP E 392 -31.51 -19.10 48.12
C ASP E 392 -30.08 -19.52 47.75
N ASP E 393 -29.91 -20.72 47.20
CA ASP E 393 -28.57 -21.33 47.09
C ASP E 393 -27.56 -20.40 46.43
N VAL E 394 -27.84 -19.93 45.21
CA VAL E 394 -26.91 -19.10 44.47
C VAL E 394 -26.81 -17.73 45.13
N ASP E 395 -25.59 -17.34 45.48
CA ASP E 395 -25.32 -16.04 46.11
C ASP E 395 -24.79 -15.01 45.13
N LEU E 396 -24.60 -15.39 43.87
CA LEU E 396 -24.11 -14.57 42.76
C LEU E 396 -22.61 -14.33 42.85
N GLU E 397 -21.98 -14.55 44.00
CA GLU E 397 -20.56 -14.32 44.09
C GLU E 397 -19.78 -15.42 43.38
N GLN E 398 -20.32 -16.64 43.33
CA GLN E 398 -19.65 -17.72 42.63
C GLN E 398 -19.64 -17.47 41.14
N VAL E 399 -20.78 -17.05 40.59
CA VAL E 399 -20.85 -16.75 39.17
C VAL E 399 -19.99 -15.54 38.85
N ALA E 400 -19.90 -14.60 39.78
CA ALA E 400 -19.06 -13.42 39.59
C ALA E 400 -17.63 -13.79 39.23
N ASN E 401 -17.15 -14.94 39.72
CA ASN E 401 -15.77 -15.33 39.47
C ASN E 401 -15.61 -15.90 38.05
N GLU E 402 -16.55 -16.75 37.65
CA GLU E 402 -16.53 -17.42 36.35
C GLU E 402 -16.63 -16.42 35.20
N THR E 403 -16.89 -15.16 35.53
CA THR E 403 -17.47 -14.26 34.54
C THR E 403 -16.41 -13.36 33.90
N HIS E 404 -15.12 -13.61 34.16
CA HIS E 404 -14.12 -12.66 33.73
C HIS E 404 -14.06 -12.57 32.21
N GLY E 405 -14.07 -11.35 31.70
CA GLY E 405 -14.28 -11.05 30.31
C GLY E 405 -15.67 -10.52 30.00
N HIS E 406 -16.64 -10.79 30.85
CA HIS E 406 -17.95 -10.19 30.66
C HIS E 406 -17.93 -8.73 31.05
N VAL E 407 -18.80 -7.96 30.42
CA VAL E 407 -18.99 -6.55 30.71
C VAL E 407 -20.43 -6.39 31.14
N GLY E 408 -20.75 -5.23 31.69
CA GLY E 408 -22.08 -5.03 32.25
C GLY E 408 -23.20 -5.45 31.31
N ALA E 409 -23.00 -5.29 30.01
CA ALA E 409 -24.04 -5.67 29.07
C ALA E 409 -24.14 -7.18 28.93
N ASP E 410 -23.00 -7.87 28.85
CA ASP E 410 -22.97 -9.32 28.95
C ASP E 410 -23.70 -9.83 30.19
N LEU E 411 -23.56 -9.12 31.30
CA LEU E 411 -24.09 -9.58 32.57
C LEU E 411 -25.59 -9.31 32.67
N ALA E 412 -26.04 -8.16 32.20
CA ALA E 412 -27.47 -7.95 32.04
C ALA E 412 -28.07 -8.99 31.09
N ALA E 413 -27.29 -9.46 30.12
CA ALA E 413 -27.75 -10.53 29.24
C ALA E 413 -27.65 -11.90 29.90
N LEU E 414 -26.62 -12.12 30.72
CA LEU E 414 -26.56 -13.36 31.47
C LEU E 414 -27.79 -13.53 32.36
N CYS E 415 -28.30 -12.44 32.92
CA CYS E 415 -29.46 -12.51 33.81
C CYS E 415 -30.75 -12.66 33.03
N SER E 416 -30.94 -11.84 32.00
CA SER E 416 -32.14 -11.95 31.20
C SER E 416 -32.23 -13.32 30.56
N GLU E 417 -31.09 -13.91 30.20
CA GLU E 417 -31.09 -15.26 29.62
C GLU E 417 -31.38 -16.33 30.66
N ALA E 418 -30.96 -16.11 31.91
CA ALA E 418 -31.34 -17.03 32.97
C ALA E 418 -32.76 -16.81 33.44
N ALA E 419 -33.30 -15.62 33.25
CA ALA E 419 -34.70 -15.38 33.57
C ALA E 419 -35.63 -15.94 32.51
N LEU E 420 -35.20 -15.96 31.25
CA LEU E 420 -36.01 -16.53 30.19
C LEU E 420 -35.97 -18.05 30.19
N GLN E 421 -34.97 -18.67 30.82
CA GLN E 421 -35.01 -20.11 31.03
C GLN E 421 -36.23 -20.51 31.86
N ALA E 422 -36.32 -19.98 33.09
CA ALA E 422 -37.34 -20.43 34.02
C ALA E 422 -38.74 -20.17 33.51
N ILE E 423 -38.96 -19.07 32.79
CA ILE E 423 -40.25 -18.89 32.13
C ILE E 423 -40.51 -20.03 31.16
N ARG E 424 -39.51 -20.38 30.34
CA ARG E 424 -39.69 -21.50 29.41
C ARG E 424 -40.08 -22.78 30.15
N LYS E 425 -39.50 -23.02 31.32
CA LYS E 425 -39.67 -24.31 31.99
C LYS E 425 -41.00 -24.43 32.72
N LYS E 426 -41.08 -23.77 33.87
CA LYS E 426 -42.31 -23.74 34.62
C LYS E 426 -43.28 -22.85 33.87
N MET E 427 -44.35 -22.44 34.55
CA MET E 427 -45.27 -21.54 33.88
C MET E 427 -45.84 -22.22 32.64
N ASP E 428 -45.43 -21.74 31.46
CA ASP E 428 -46.14 -21.93 30.19
C ASP E 428 -46.53 -23.38 29.92
N LEU E 429 -45.97 -24.33 30.67
CA LEU E 429 -46.58 -25.66 30.71
C LEU E 429 -48.08 -25.54 30.88
N ILE E 430 -48.52 -24.58 31.69
CA ILE E 430 -49.93 -24.34 31.91
C ILE E 430 -50.60 -23.83 30.64
N ASP E 431 -50.02 -22.80 30.00
CA ASP E 431 -50.57 -22.03 28.86
C ASP E 431 -51.66 -21.06 29.33
N LEU E 432 -51.98 -20.99 30.61
CA LEU E 432 -53.06 -20.11 31.05
C LEU E 432 -52.67 -18.64 30.91
N GLU E 433 -53.46 -17.90 30.14
CA GLU E 433 -53.14 -16.51 29.87
C GLU E 433 -54.39 -15.74 29.48
N ASP E 434 -54.40 -14.47 29.85
CA ASP E 434 -55.35 -13.48 29.36
C ASP E 434 -54.54 -12.26 28.92
N GLU E 435 -55.25 -11.18 28.58
CA GLU E 435 -54.58 -9.98 28.07
C GLU E 435 -53.38 -9.57 28.91
N THR E 436 -53.46 -9.79 30.22
CA THR E 436 -52.28 -9.69 31.06
C THR E 436 -52.24 -10.88 32.01
N ILE E 437 -51.13 -11.63 32.00
CA ILE E 437 -50.98 -12.70 32.97
C ILE E 437 -51.02 -12.10 34.37
N ASP E 438 -51.62 -12.85 35.29
CA ASP E 438 -51.71 -12.42 36.68
C ASP E 438 -50.31 -12.17 37.24
N ALA E 439 -50.25 -11.21 38.16
CA ALA E 439 -49.01 -10.91 38.86
C ALA E 439 -48.57 -12.08 39.74
N GLU E 440 -49.52 -12.75 40.40
CA GLU E 440 -49.17 -13.84 41.31
C GLU E 440 -48.93 -15.16 40.60
N VAL E 441 -49.56 -15.40 39.44
CA VAL E 441 -49.29 -16.67 38.77
C VAL E 441 -47.84 -16.75 38.37
N MET E 442 -47.17 -15.61 38.18
CA MET E 442 -45.74 -15.63 37.89
C MET E 442 -44.89 -15.57 39.15
N ASN E 443 -45.47 -15.64 40.34
CA ASN E 443 -44.61 -15.51 41.52
C ASN E 443 -43.82 -16.78 41.77
N SER E 444 -44.41 -17.94 41.51
CA SER E 444 -43.78 -19.21 41.86
C SER E 444 -42.50 -19.49 41.10
N LEU E 445 -42.16 -18.68 40.09
CA LEU E 445 -40.93 -18.89 39.35
C LEU E 445 -39.76 -18.28 40.10
N ALA E 446 -38.72 -19.09 40.31
CA ALA E 446 -37.57 -18.68 41.12
C ALA E 446 -36.29 -19.11 40.43
N VAL E 447 -35.44 -18.15 40.09
CA VAL E 447 -34.29 -18.43 39.23
C VAL E 447 -33.28 -19.27 39.99
N THR E 448 -32.75 -20.30 39.33
CA THR E 448 -31.96 -21.31 40.00
C THR E 448 -30.57 -21.43 39.40
N MET E 449 -29.66 -22.06 40.15
CA MET E 449 -28.28 -22.20 39.72
C MET E 449 -28.18 -22.91 38.38
N ASP E 450 -28.98 -23.96 38.17
CA ASP E 450 -29.03 -24.61 36.87
C ASP E 450 -29.35 -23.63 35.75
N ASP E 451 -30.22 -22.66 36.04
CA ASP E 451 -30.59 -21.65 35.06
C ASP E 451 -29.39 -20.77 34.75
N PHE E 452 -28.70 -20.33 35.80
CA PHE E 452 -27.53 -19.47 35.63
C PHE E 452 -26.36 -20.14 34.96
N ARG E 453 -26.11 -21.40 35.33
CA ARG E 453 -25.00 -22.13 34.71
C ARG E 453 -25.31 -22.31 33.24
N TRP E 454 -26.58 -22.59 32.93
CA TRP E 454 -26.94 -22.76 31.54
C TRP E 454 -26.67 -21.43 30.87
N ALA E 455 -27.02 -20.34 31.55
CA ALA E 455 -26.79 -19.01 31.03
C ALA E 455 -25.31 -18.71 30.83
N LEU E 456 -24.47 -19.13 31.78
CA LEU E 456 -23.04 -18.90 31.64
C LEU E 456 -22.55 -19.61 30.40
N SER E 457 -23.11 -20.77 30.16
CA SER E 457 -22.76 -21.58 29.00
C SER E 457 -23.05 -20.85 27.67
N GLN E 458 -24.09 -20.04 27.63
CA GLN E 458 -24.42 -19.33 26.38
C GLN E 458 -24.06 -17.83 26.26
N SER E 459 -23.26 -17.29 27.17
CA SER E 459 -22.92 -15.86 27.15
C SER E 459 -22.19 -15.25 25.94
N ASN E 460 -21.17 -15.95 25.45
CA ASN E 460 -20.39 -15.50 24.30
C ASN E 460 -19.46 -14.29 24.53
N PRO E 461 -19.04 -14.07 25.84
CA PRO E 461 -18.16 -12.90 25.99
C PRO E 461 -16.86 -13.15 25.22
N SER E 462 -16.20 -12.14 24.63
CA SER E 462 -16.51 -10.70 24.63
C SER E 462 -15.71 -9.94 25.70
N ALA E 463 -14.69 -9.21 25.24
CA ALA E 463 -13.82 -8.44 26.12
C ALA E 463 -12.77 -9.34 26.74
N LEU E 464 -12.77 -10.61 26.35
CA LEU E 464 -11.79 -11.56 26.86
C LEU E 464 -10.41 -11.12 26.41
N ARG E 465 -10.34 -10.67 25.16
CA ARG E 465 -9.09 -10.21 24.56
C ARG E 465 -8.51 -8.98 25.27
N GLU E 466 -9.37 -8.07 25.70
CA GLU E 466 -8.88 -6.86 26.35
C GLU E 466 -8.02 -7.11 27.59
N THR E 467 -6.96 -6.31 27.70
CA THR E 467 -6.03 -6.39 28.82
C THR E 467 -6.78 -6.23 30.13
N VAL E 468 -6.25 -6.80 31.21
CA VAL E 468 -6.91 -6.73 32.49
C VAL E 468 -6.20 -5.76 33.44
N VAL E 469 -6.99 -4.86 34.02
CA VAL E 469 -6.50 -3.87 34.96
C VAL E 469 -7.36 -3.93 36.20
N GLU E 470 -6.84 -4.46 37.24
CA GLU E 470 -7.64 -4.84 38.40
C GLU E 470 -6.76 -4.82 39.64
N VAL E 471 -7.38 -4.46 40.76
CA VAL E 471 -6.74 -4.63 42.07
C VAL E 471 -6.70 -6.13 42.35
N PRO E 472 -5.52 -6.73 42.48
CA PRO E 472 -5.46 -8.19 42.59
C PRO E 472 -5.92 -8.69 43.94
N GLN E 473 -6.47 -9.89 43.95
CA GLN E 473 -7.13 -10.43 45.13
C GLN E 473 -6.21 -11.23 46.05
N VAL E 474 -4.96 -11.44 45.63
CA VAL E 474 -3.98 -12.16 46.43
C VAL E 474 -3.45 -11.24 47.52
N THR E 475 -3.33 -11.76 48.74
CA THR E 475 -2.85 -10.97 49.87
C THR E 475 -1.49 -11.42 50.38
N TRP E 476 -1.07 -10.84 51.51
CA TRP E 476 0.21 -11.18 52.14
C TRP E 476 0.19 -12.60 52.68
N GLU E 477 -0.97 -13.06 53.10
CA GLU E 477 -1.12 -14.40 53.66
C GLU E 477 -0.86 -15.45 52.59
N ASP E 478 -1.26 -15.15 51.36
CA ASP E 478 -1.07 -16.06 50.26
C ASP E 478 0.40 -16.26 49.94
N ILE E 479 1.27 -15.52 50.64
CA ILE E 479 2.69 -15.66 50.37
C ILE E 479 3.35 -16.24 51.61
N GLY E 480 3.79 -17.49 51.50
CA GLY E 480 4.61 -18.07 52.53
C GLY E 480 6.03 -17.52 52.47
N GLY E 481 6.55 -17.16 53.62
CA GLY E 481 7.92 -16.71 53.67
C GLY E 481 8.06 -15.28 53.22
N LEU E 482 9.29 -14.93 52.84
CA LEU E 482 9.60 -13.64 52.21
C LEU E 482 9.14 -12.47 53.05
N GLU E 483 9.52 -12.48 54.34
CA GLU E 483 9.09 -11.43 55.25
C GLU E 483 9.87 -10.15 55.02
N ASP E 484 11.20 -10.25 54.97
CA ASP E 484 12.03 -9.07 54.75
C ASP E 484 11.70 -8.40 53.43
N VAL E 485 11.73 -9.18 52.34
CA VAL E 485 11.39 -8.65 51.03
C VAL E 485 10.03 -7.99 51.05
N LYS E 486 9.10 -8.52 51.84
CA LYS E 486 7.80 -7.89 51.97
C LYS E 486 7.91 -6.49 52.57
N ARG E 487 8.74 -6.33 53.59
CA ARG E 487 8.99 -5.01 54.14
C ARG E 487 9.60 -4.08 53.11
N GLU E 488 10.61 -4.58 52.40
CA GLU E 488 11.36 -3.73 51.47
C GLU E 488 10.48 -3.21 50.34
N LEU E 489 9.49 -3.97 49.91
CA LEU E 489 8.56 -3.44 48.91
C LEU E 489 7.78 -2.28 49.47
N GLN E 490 7.16 -2.48 50.64
CA GLN E 490 6.43 -1.39 51.29
C GLN E 490 7.31 -0.15 51.43
N GLU E 491 8.59 -0.33 51.72
CA GLU E 491 9.53 0.79 51.75
C GLU E 491 9.54 1.50 50.41
N LEU E 492 9.80 0.75 49.34
CA LEU E 492 9.94 1.34 48.02
C LEU E 492 8.62 1.89 47.51
N VAL E 493 7.52 1.17 47.74
CA VAL E 493 6.25 1.57 47.16
C VAL E 493 5.57 2.65 48.00
N GLN E 494 5.47 2.45 49.31
CA GLN E 494 4.61 3.27 50.14
C GLN E 494 5.25 4.56 50.65
N TYR E 495 6.51 4.53 51.08
CA TYR E 495 7.06 5.72 51.73
C TYR E 495 7.15 6.94 50.83
N PRO E 496 7.50 6.85 49.55
CA PRO E 496 7.58 8.08 48.76
C PRO E 496 6.25 8.79 48.58
N VAL E 497 5.14 8.07 48.54
CA VAL E 497 3.85 8.73 48.34
C VAL E 497 3.29 9.21 49.67
N GLU E 498 3.50 8.44 50.74
CA GLU E 498 2.99 8.78 52.06
C GLU E 498 3.84 9.84 52.75
N HIS E 499 5.12 9.90 52.46
CA HIS E 499 6.04 10.85 53.09
C HIS E 499 6.85 11.60 52.05
N PRO E 500 6.19 12.31 51.13
CA PRO E 500 6.96 13.06 50.15
C PRO E 500 7.70 14.22 50.77
N ASP E 501 7.16 14.75 51.86
CA ASP E 501 7.85 15.78 52.64
C ASP E 501 9.23 15.33 53.09
N LYS E 502 9.42 14.03 53.31
CA LYS E 502 10.74 13.56 53.73
C LYS E 502 11.70 13.39 52.57
N PHE E 503 11.21 12.91 51.42
CA PHE E 503 12.11 12.69 50.29
C PHE E 503 12.55 14.01 49.69
N LEU E 504 11.68 15.01 49.74
CA LEU E 504 12.02 16.35 49.31
C LEU E 504 13.14 16.94 50.15
N LYS E 505 13.18 16.60 51.44
CA LYS E 505 14.16 17.18 52.37
C LYS E 505 15.58 16.95 51.87
N PHE E 506 15.92 15.72 51.53
CA PHE E 506 17.23 15.38 51.01
C PHE E 506 17.30 15.53 49.49
N GLY E 507 16.27 16.07 48.87
CA GLY E 507 16.30 16.21 47.42
C GLY E 507 16.35 14.91 46.66
N MET E 508 16.09 13.79 47.33
CA MET E 508 16.27 12.48 46.72
C MET E 508 14.98 12.06 46.02
N THR E 509 15.13 11.54 44.85
CA THR E 509 13.97 10.99 44.18
C THR E 509 13.93 9.48 44.41
N PRO E 510 12.78 8.93 44.79
CA PRO E 510 12.70 7.48 44.96
C PRO E 510 12.86 6.74 43.65
N SER E 511 13.16 5.45 43.75
CA SER E 511 13.21 4.63 42.57
C SER E 511 11.80 4.38 42.05
N LYS E 512 11.65 4.40 40.74
CA LYS E 512 10.40 3.94 40.14
C LYS E 512 10.37 2.43 39.96
N GLY E 513 11.51 1.80 39.74
CA GLY E 513 11.51 0.39 39.47
C GLY E 513 12.04 -0.58 40.49
N VAL E 514 11.69 -1.83 40.31
CA VAL E 514 12.23 -2.97 41.04
C VAL E 514 12.34 -4.12 40.08
N LEU E 515 13.47 -4.81 40.11
CA LEU E 515 13.64 -6.03 39.33
C LEU E 515 13.79 -7.20 40.29
N PHE E 516 12.81 -8.08 40.28
CA PHE E 516 12.87 -9.37 40.96
C PHE E 516 13.65 -10.35 40.11
N TYR E 517 14.57 -11.08 40.72
CA TYR E 517 15.30 -12.11 40.00
C TYR E 517 15.46 -13.31 40.89
N GLY E 518 15.35 -14.50 40.31
CA GLY E 518 15.42 -15.72 41.06
C GLY E 518 14.99 -16.91 40.25
N PRO E 519 14.98 -18.09 40.85
CA PRO E 519 14.58 -19.29 40.13
C PRO E 519 13.08 -19.28 39.85
N PRO E 520 12.63 -20.14 38.93
CA PRO E 520 11.21 -20.14 38.55
C PRO E 520 10.31 -20.67 39.66
N GLY E 521 9.23 -19.95 39.93
CA GLY E 521 8.22 -20.44 40.82
C GLY E 521 8.35 -20.03 42.27
N CYS E 522 9.25 -19.13 42.59
CA CYS E 522 9.54 -18.74 43.96
C CYS E 522 8.66 -17.61 44.46
N GLY E 523 7.63 -17.24 43.71
CA GLY E 523 6.66 -16.28 44.18
C GLY E 523 6.88 -14.84 43.78
N LYS E 524 7.55 -14.60 42.65
CA LYS E 524 7.78 -13.24 42.17
C LYS E 524 6.50 -12.56 41.71
N THR E 525 5.58 -13.31 41.11
CA THR E 525 4.36 -12.72 40.59
C THR E 525 3.37 -12.44 41.70
N LEU E 526 3.23 -13.36 42.65
CA LEU E 526 2.40 -13.13 43.82
C LEU E 526 2.92 -11.96 44.64
N LEU E 527 4.22 -11.85 44.76
CA LEU E 527 4.82 -10.78 45.53
C LEU E 527 4.52 -9.43 44.90
N ALA E 528 4.44 -9.37 43.57
CA ALA E 528 4.05 -8.15 42.88
C ALA E 528 2.58 -7.86 43.07
N LYS E 529 1.72 -8.87 42.95
CA LYS E 529 0.29 -8.63 43.13
C LYS E 529 -0.03 -8.26 44.57
N ALA E 530 0.66 -8.86 45.53
CA ALA E 530 0.30 -8.62 46.92
C ALA E 530 0.60 -7.18 47.34
N ILE E 531 1.61 -6.55 46.77
CA ILE E 531 1.85 -5.17 47.17
C ILE E 531 0.89 -4.22 46.47
N ALA E 532 0.43 -4.57 45.28
CA ALA E 532 -0.60 -3.79 44.63
C ALA E 532 -1.95 -3.98 45.34
N ASN E 533 -2.23 -5.20 45.78
CA ASN E 533 -3.43 -5.46 46.56
C ASN E 533 -3.42 -4.68 47.87
N GLU E 534 -2.27 -4.60 48.52
CA GLU E 534 -2.22 -3.88 49.78
C GLU E 534 -2.49 -2.40 49.58
N CYS E 535 -1.83 -1.78 48.59
CA CYS E 535 -2.11 -0.40 48.23
C CYS E 535 -3.45 -0.24 47.55
N GLN E 536 -4.17 -1.33 47.29
CA GLN E 536 -5.40 -1.31 46.50
C GLN E 536 -5.19 -0.54 45.21
N ALA E 537 -3.99 -0.68 44.66
CA ALA E 537 -3.64 -0.16 43.35
C ALA E 537 -4.08 -1.11 42.25
N ASN E 538 -4.31 -0.57 41.07
CA ASN E 538 -4.55 -1.40 39.91
C ASN E 538 -3.31 -2.20 39.58
N PHE E 539 -3.50 -3.38 39.05
CA PHE E 539 -2.39 -4.24 38.68
C PHE E 539 -2.50 -4.57 37.21
N ILE E 540 -1.43 -4.35 36.47
CA ILE E 540 -1.39 -4.65 35.05
C ILE E 540 -0.23 -5.60 34.83
N SER E 541 -0.53 -6.80 34.38
CA SER E 541 0.49 -7.81 34.16
C SER E 541 0.76 -7.93 32.67
N ILE E 542 1.99 -7.65 32.28
CA ILE E 542 2.43 -7.86 30.92
C ILE E 542 3.26 -9.14 30.93
N LYS E 543 2.82 -10.14 30.20
CA LYS E 543 3.41 -11.46 30.29
C LYS E 543 4.31 -11.72 29.11
N GLY E 544 5.32 -12.58 29.31
CA GLY E 544 6.30 -12.87 28.28
C GLY E 544 5.77 -13.18 26.91
N PRO E 545 4.68 -13.94 26.78
CA PRO E 545 4.07 -14.11 25.46
C PRO E 545 3.57 -12.81 24.87
N GLU E 546 3.23 -11.82 25.69
CA GLU E 546 2.85 -10.52 25.17
C GLU E 546 4.05 -9.70 24.74
N LEU E 547 5.18 -9.79 25.43
CA LEU E 547 6.36 -9.14 24.87
C LEU E 547 6.88 -9.85 23.65
N LEU E 548 6.71 -11.18 23.58
CA LEU E 548 7.10 -11.90 22.38
C LEU E 548 6.19 -11.58 21.20
N THR E 549 4.91 -11.29 21.43
CA THR E 549 4.06 -10.99 20.29
C THR E 549 4.44 -9.66 19.66
N MET E 550 4.81 -8.67 20.47
CA MET E 550 5.32 -7.43 19.89
C MET E 550 6.64 -7.65 19.16
N TRP E 551 7.44 -8.61 19.60
CA TRP E 551 8.72 -8.81 18.96
C TRP E 551 8.61 -9.61 17.67
N PHE E 552 7.79 -10.67 17.63
CA PHE E 552 7.63 -11.39 16.37
C PHE E 552 6.91 -10.55 15.35
N GLY E 553 5.88 -9.84 15.79
CA GLY E 553 5.19 -8.91 14.95
C GLY E 553 5.92 -7.61 14.75
N GLU E 554 7.13 -7.49 15.32
CA GLU E 554 8.01 -6.33 15.22
C GLU E 554 7.19 -5.06 15.29
N SER E 555 6.17 -5.07 16.14
CA SER E 555 5.42 -3.88 16.53
C SER E 555 5.69 -3.65 18.00
N GLU E 556 6.65 -2.81 18.31
CA GLU E 556 6.86 -2.38 19.68
C GLU E 556 6.25 -1.03 19.94
N ALA E 557 5.66 -0.41 18.93
CA ALA E 557 4.85 0.78 19.14
C ALA E 557 3.66 0.51 20.05
N ASN E 558 3.32 -0.75 20.29
CA ASN E 558 2.31 -1.04 21.29
C ASN E 558 2.82 -0.98 22.72
N VAL E 559 4.11 -0.76 22.94
CA VAL E 559 4.55 -0.55 24.31
C VAL E 559 3.97 0.75 24.84
N ARG E 560 3.78 1.75 23.97
CA ARG E 560 3.29 3.04 24.45
C ARG E 560 1.90 2.93 25.04
N GLU E 561 1.02 2.19 24.40
CA GLU E 561 -0.33 2.13 24.94
C GLU E 561 -0.42 1.27 26.20
N ILE E 562 0.55 0.39 26.41
CA ILE E 562 0.56 -0.39 27.62
C ILE E 562 0.79 0.63 28.73
N PHE E 563 1.78 1.50 28.52
CA PHE E 563 2.12 2.57 29.45
C PHE E 563 1.02 3.63 29.58
N ASP E 564 0.41 4.01 28.46
CA ASP E 564 -0.65 4.99 28.48
C ASP E 564 -1.78 4.41 29.30
N LYS E 565 -2.01 3.11 29.12
CA LYS E 565 -3.04 2.41 29.86
C LYS E 565 -2.69 2.45 31.35
N ALA E 566 -1.42 2.28 31.67
CA ALA E 566 -0.96 2.32 33.05
C ALA E 566 -1.16 3.71 33.65
N ARG E 567 -0.88 4.75 32.87
CA ARG E 567 -1.01 6.13 33.31
C ARG E 567 -2.46 6.44 33.66
N GLN E 568 -3.37 5.97 32.82
CA GLN E 568 -4.81 6.15 33.04
C GLN E 568 -5.31 5.36 34.23
N ALA E 569 -4.68 4.23 34.55
CA ALA E 569 -5.10 3.37 35.63
C ALA E 569 -4.48 3.76 36.96
N ALA E 570 -3.70 4.81 36.99
CA ALA E 570 -2.92 5.18 38.15
C ALA E 570 -3.81 5.51 39.34
N PRO E 571 -3.33 5.24 40.56
CA PRO E 571 -2.13 4.47 40.89
C PRO E 571 -2.15 2.99 40.49
N CYS E 572 -1.15 2.51 39.77
CA CYS E 572 -1.09 1.09 39.49
C CYS E 572 0.31 0.59 39.73
N VAL E 573 0.44 -0.73 39.80
CA VAL E 573 1.69 -1.43 39.70
C VAL E 573 1.72 -2.10 38.34
N LEU E 574 2.65 -1.71 37.50
CA LEU E 574 2.79 -2.27 36.16
C LEU E 574 3.87 -3.35 36.22
N PHE E 575 3.47 -4.60 36.04
CA PHE E 575 4.37 -5.72 36.24
C PHE E 575 4.72 -6.38 34.92
N PHE E 576 6.01 -6.53 34.65
CA PHE E 576 6.50 -7.28 33.50
C PHE E 576 6.97 -8.65 33.96
N ASP E 577 6.17 -9.67 33.65
CA ASP E 577 6.59 -11.04 33.71
C ASP E 577 7.74 -11.28 32.75
N GLU E 578 8.62 -12.21 33.11
CA GLU E 578 9.40 -12.95 32.15
C GLU E 578 10.13 -11.99 31.20
N LEU E 579 10.75 -10.98 31.80
CA LEU E 579 11.28 -9.86 31.04
C LEU E 579 12.49 -10.24 30.20
N ASP E 580 13.02 -11.45 30.35
CA ASP E 580 14.07 -11.97 29.48
C ASP E 580 13.53 -12.86 28.38
N SER E 581 12.21 -12.94 28.22
CA SER E 581 11.65 -13.89 27.27
C SER E 581 12.13 -13.63 25.85
N ILE E 582 12.44 -12.39 25.51
CA ILE E 582 12.90 -12.14 24.15
C ILE E 582 14.36 -12.48 24.00
N ALA E 583 15.18 -12.27 25.03
CA ALA E 583 16.55 -12.70 24.97
C ALA E 583 16.65 -14.21 24.81
N LYS E 584 15.73 -14.95 25.43
CA LYS E 584 15.70 -16.39 25.22
C LYS E 584 15.29 -16.74 23.81
N ALA E 585 14.33 -16.00 23.24
CA ALA E 585 13.84 -16.32 21.92
C ALA E 585 14.95 -16.25 20.88
N ARG E 586 15.99 -15.46 21.14
CA ARG E 586 17.11 -15.38 20.24
C ARG E 586 18.23 -16.35 20.56
N GLY E 587 18.20 -17.01 21.70
CA GLY E 587 19.45 -17.40 22.27
C GLY E 587 19.33 -17.45 23.79
N GLY E 588 20.38 -17.00 24.44
CA GLY E 588 20.51 -17.09 25.88
C GLY E 588 21.61 -18.01 26.30
N ASN E 589 22.15 -18.79 25.37
CA ASN E 589 23.53 -19.24 25.52
C ASN E 589 24.40 -18.44 24.57
N ILE E 590 24.42 -18.79 23.28
CA ILE E 590 25.22 -18.05 22.30
C ILE E 590 24.43 -16.94 21.61
N GLY E 591 23.11 -16.95 21.72
CA GLY E 591 22.26 -15.90 21.23
C GLY E 591 22.37 -15.63 19.74
N ASP E 592 21.83 -14.48 19.37
CA ASP E 592 22.23 -13.88 18.11
C ASP E 592 23.63 -13.30 18.23
N GLY E 593 24.23 -13.03 17.09
CA GLY E 593 25.42 -12.19 17.11
C GLY E 593 25.18 -10.85 17.78
N GLY E 594 23.93 -10.39 17.82
CA GLY E 594 23.64 -9.10 18.42
C GLY E 594 23.92 -9.07 19.92
N GLY E 595 24.04 -7.85 20.42
CA GLY E 595 24.13 -7.62 21.85
C GLY E 595 22.77 -7.71 22.52
N ALA E 596 22.74 -7.31 23.79
CA ALA E 596 21.59 -7.57 24.63
C ALA E 596 20.37 -6.75 24.26
N ALA E 597 20.52 -5.71 23.45
CA ALA E 597 19.40 -4.84 23.12
C ALA E 597 18.50 -5.47 22.08
N ASP E 598 17.24 -5.06 22.08
CA ASP E 598 16.31 -5.41 21.01
C ASP E 598 15.11 -4.48 21.08
N ARG E 599 14.27 -4.57 20.07
CA ARG E 599 13.20 -3.63 19.83
C ARG E 599 12.16 -3.36 20.89
N VAL E 600 11.79 -4.37 21.65
CA VAL E 600 10.72 -4.18 22.62
C VAL E 600 11.28 -3.64 23.92
N ILE E 601 12.36 -4.24 24.40
CA ILE E 601 12.96 -3.77 25.63
C ILE E 601 13.49 -2.37 25.45
N ASN E 602 13.80 -1.99 24.22
CA ASN E 602 14.20 -0.61 23.95
C ASN E 602 13.06 0.36 24.17
N GLN E 603 11.85 0.02 23.73
CA GLN E 603 10.74 0.93 23.95
C GLN E 603 10.36 1.02 25.41
N ILE E 604 10.49 -0.06 26.16
CA ILE E 604 10.27 0.01 27.59
C ILE E 604 11.23 0.98 28.23
N LEU E 605 12.49 1.00 27.78
CA LEU E 605 13.43 2.01 28.24
C LEU E 605 12.98 3.41 27.85
N THR E 606 12.63 3.59 26.57
CA THR E 606 12.15 4.89 26.11
C THR E 606 10.94 5.35 26.93
N GLU E 607 10.01 4.45 27.23
CA GLU E 607 8.78 4.87 27.89
C GLU E 607 8.92 4.97 29.40
N MET E 608 9.96 4.39 29.99
CA MET E 608 10.22 4.64 31.41
C MET E 608 10.84 6.01 31.60
N ASP E 609 11.78 6.39 30.75
CA ASP E 609 12.43 7.68 30.88
C ASP E 609 11.48 8.83 30.58
N GLY E 610 10.48 8.56 29.76
CA GLY E 610 9.49 9.53 29.34
C GLY E 610 8.30 9.68 30.25
N MET E 611 8.27 8.90 31.32
CA MET E 611 7.17 8.94 32.27
C MET E 611 7.15 10.34 32.89
N SER E 612 5.97 10.85 33.22
CA SER E 612 5.87 12.18 33.81
C SER E 612 6.15 12.08 35.29
N THR E 613 7.38 11.72 35.62
CA THR E 613 7.84 11.57 36.99
C THR E 613 7.15 10.34 37.57
N LYS E 614 7.22 10.20 38.88
CA LYS E 614 6.55 9.09 39.53
C LYS E 614 5.19 9.64 39.90
N LYS E 615 4.16 9.14 39.23
CA LYS E 615 2.80 9.60 39.48
C LYS E 615 1.82 8.45 39.63
N ASN E 616 1.91 7.72 40.73
CA ASN E 616 1.00 6.62 40.97
C ASN E 616 1.33 5.35 40.16
N VAL E 617 2.43 5.37 39.42
CA VAL E 617 2.81 4.20 38.62
C VAL E 617 4.14 3.61 39.07
N PHE E 618 4.10 2.37 39.54
CA PHE E 618 5.29 1.67 39.99
C PHE E 618 5.59 0.47 39.08
N ILE E 619 6.82 0.36 38.61
CA ILE E 619 7.19 -0.73 37.72
C ILE E 619 7.94 -1.86 38.42
N ILE E 620 7.54 -3.09 38.13
CA ILE E 620 8.20 -4.26 38.68
C ILE E 620 8.54 -5.19 37.52
N GLY E 621 9.82 -5.42 37.30
CA GLY E 621 10.24 -6.49 36.42
C GLY E 621 10.56 -7.76 37.18
N ALA E 622 10.38 -8.88 36.52
CA ALA E 622 10.75 -10.17 37.10
C ALA E 622 11.38 -11.01 36.01
N THR E 623 12.46 -11.69 36.36
CA THR E 623 13.17 -12.50 35.40
C THR E 623 13.75 -13.71 36.12
N ASN E 624 13.83 -14.82 35.39
CA ASN E 624 14.64 -15.96 35.80
C ASN E 624 16.08 -15.78 35.38
N ARG E 625 16.32 -15.20 34.21
CA ARG E 625 17.69 -15.10 33.74
C ARG E 625 18.16 -13.67 33.82
N PRO E 626 18.85 -13.27 34.89
CA PRO E 626 19.42 -11.92 34.92
C PRO E 626 20.64 -11.79 34.04
N ASP E 627 21.31 -12.90 33.71
CA ASP E 627 22.42 -12.89 32.78
C ASP E 627 22.06 -12.14 31.50
N ILE E 628 20.95 -12.53 30.87
CA ILE E 628 20.63 -12.09 29.52
C ILE E 628 19.81 -10.82 29.50
N ILE E 629 19.44 -10.30 30.67
CA ILE E 629 18.81 -8.98 30.74
C ILE E 629 19.73 -7.93 30.16
N ASP E 630 19.19 -7.06 29.33
CA ASP E 630 19.93 -5.92 28.84
C ASP E 630 20.37 -5.06 30.01
N PRO E 631 21.67 -4.89 30.22
CA PRO E 631 22.13 -4.15 31.41
C PRO E 631 21.68 -2.70 31.45
N ALA E 632 21.21 -2.15 30.34
CA ALA E 632 20.62 -0.81 30.37
C ALA E 632 19.30 -0.76 31.13
N ILE E 633 18.66 -1.90 31.37
CA ILE E 633 17.46 -1.96 32.20
C ILE E 633 17.77 -1.52 33.62
N LEU E 634 18.97 -1.85 34.09
CA LEU E 634 19.34 -1.77 35.49
C LEU E 634 19.92 -0.40 35.87
N ARG E 635 19.87 0.57 34.98
CA ARG E 635 20.54 1.85 35.17
C ARG E 635 19.76 2.77 36.09
N PRO E 636 20.41 3.80 36.62
CA PRO E 636 19.71 4.72 37.52
C PRO E 636 18.60 5.50 36.81
N GLY E 637 17.43 5.50 37.43
CA GLY E 637 16.25 6.13 36.89
C GLY E 637 15.33 5.10 36.22
N ARG E 638 15.80 3.87 36.17
CA ARG E 638 15.05 2.74 35.60
C ARG E 638 14.75 1.78 36.74
N LEU E 639 14.81 0.48 36.48
CA LEU E 639 14.54 -0.52 37.52
C LEU E 639 15.81 -0.76 38.34
N ASP E 640 16.17 0.24 39.16
CA ASP E 640 17.36 0.21 40.00
C ASP E 640 17.45 -0.83 41.14
N GLN E 641 16.36 -1.07 41.84
CA GLN E 641 16.35 -2.00 42.96
C GLN E 641 16.27 -3.42 42.45
N LEU E 642 17.37 -4.16 42.57
CA LEU E 642 17.36 -5.60 42.33
C LEU E 642 17.11 -6.31 43.64
N ILE E 643 16.07 -7.12 43.67
CA ILE E 643 15.74 -7.95 44.82
C ILE E 643 15.83 -9.40 44.38
N TYR E 644 16.49 -10.22 45.17
CA TYR E 644 16.67 -11.63 44.87
C TYR E 644 15.66 -12.45 45.64
N ILE E 645 14.74 -13.07 44.91
CA ILE E 645 13.76 -13.97 45.50
C ILE E 645 14.31 -15.38 45.42
N PRO E 646 14.78 -15.96 46.51
CA PRO E 646 15.47 -17.25 46.46
C PRO E 646 14.52 -18.40 46.70
N LEU E 647 15.02 -19.64 46.68
CA LEU E 647 14.18 -20.77 47.03
C LEU E 647 13.79 -20.68 48.50
N PRO E 648 12.60 -21.13 48.85
CA PRO E 648 12.22 -21.16 50.26
C PRO E 648 13.04 -22.16 51.07
N ASP E 649 13.08 -21.93 52.38
CA ASP E 649 13.49 -22.92 53.36
C ASP E 649 12.26 -23.49 54.05
N GLU E 650 12.48 -24.47 54.92
CA GLU E 650 11.36 -25.23 55.47
C GLU E 650 10.51 -24.40 56.41
N LYS E 651 11.02 -23.29 56.94
CA LYS E 651 10.12 -22.36 57.62
C LYS E 651 9.17 -21.73 56.62
N SER E 652 9.71 -21.15 55.57
CA SER E 652 8.90 -20.62 54.49
C SER E 652 8.21 -21.72 53.69
N ARG E 653 8.67 -22.96 53.78
CA ARG E 653 7.93 -24.06 53.15
C ARG E 653 6.69 -24.43 53.95
N VAL E 654 6.81 -24.44 55.27
CA VAL E 654 5.62 -24.64 56.10
C VAL E 654 4.60 -23.55 55.82
N ALA E 655 5.08 -22.33 55.61
CA ALA E 655 4.17 -21.22 55.38
C ALA E 655 3.54 -21.31 54.00
N ILE E 656 4.32 -21.71 52.99
CA ILE E 656 3.80 -21.90 51.64
C ILE E 656 2.75 -23.00 51.62
N LEU E 657 3.07 -24.15 52.22
CA LEU E 657 2.07 -25.22 52.36
C LEU E 657 0.82 -24.72 53.06
N LYS E 658 0.96 -24.09 54.22
CA LYS E 658 -0.22 -23.57 54.91
C LYS E 658 -0.97 -22.57 54.06
N ALA E 659 -0.24 -21.73 53.32
CA ALA E 659 -0.89 -20.69 52.55
C ALA E 659 -1.65 -21.26 51.37
N ASN E 660 -1.16 -22.33 50.77
CA ASN E 660 -1.91 -22.94 49.68
C ASN E 660 -3.14 -23.67 50.20
N LEU E 661 -3.02 -24.35 51.34
CA LEU E 661 -4.08 -25.22 51.84
C LEU E 661 -5.17 -24.49 52.63
N ARG E 662 -5.10 -23.17 52.75
CA ARG E 662 -6.10 -22.43 53.51
C ARG E 662 -7.46 -22.42 52.83
N LYS E 663 -7.55 -22.84 51.58
CA LYS E 663 -8.84 -22.84 50.90
C LYS E 663 -9.46 -24.23 50.97
N SER E 664 -8.95 -25.15 50.16
CA SER E 664 -9.46 -26.51 50.14
C SER E 664 -9.44 -27.11 51.54
N PRO E 665 -10.58 -27.61 52.04
CA PRO E 665 -10.60 -28.10 53.42
C PRO E 665 -9.75 -29.35 53.58
N VAL E 666 -9.22 -29.53 54.78
CA VAL E 666 -8.17 -30.49 55.05
C VAL E 666 -8.51 -31.24 56.32
N ALA E 667 -8.33 -32.57 56.29
CA ALA E 667 -8.58 -33.42 57.45
C ALA E 667 -7.33 -33.50 58.31
N LYS E 668 -7.53 -33.34 59.62
CA LYS E 668 -6.50 -32.87 60.53
C LYS E 668 -5.33 -33.84 60.69
N ASP E 669 -5.52 -35.11 60.36
CA ASP E 669 -4.51 -36.14 60.57
C ASP E 669 -3.25 -35.94 59.73
N VAL E 670 -3.35 -35.33 58.55
CA VAL E 670 -2.18 -35.11 57.71
C VAL E 670 -1.27 -34.07 58.35
N ASP E 671 0.05 -34.29 58.24
CA ASP E 671 1.05 -33.51 58.96
C ASP E 671 1.82 -32.63 57.99
N LEU E 672 1.73 -31.32 58.19
CA LEU E 672 2.24 -30.36 57.23
C LEU E 672 3.65 -29.89 57.56
N GLU E 673 4.17 -30.21 58.75
CA GLU E 673 5.52 -29.84 59.12
C GLU E 673 6.56 -30.79 58.53
N PHE E 674 6.18 -32.04 58.33
CA PHE E 674 7.11 -33.06 57.87
C PHE E 674 7.33 -32.98 56.36
N LEU E 675 6.23 -32.86 55.60
CA LEU E 675 6.32 -32.72 54.16
C LEU E 675 7.30 -31.64 53.76
N ALA E 676 7.39 -30.58 54.58
CA ALA E 676 8.33 -29.51 54.30
C ALA E 676 9.76 -30.02 54.24
N LYS E 677 10.33 -30.32 55.40
CA LYS E 677 11.76 -30.59 55.47
C LYS E 677 12.18 -31.76 54.60
N MET E 678 11.23 -32.63 54.24
CA MET E 678 11.56 -33.76 53.38
C MET E 678 11.81 -33.32 51.95
N THR E 679 11.13 -32.28 51.48
CA THR E 679 11.36 -31.76 50.14
C THR E 679 12.46 -30.71 50.27
N ASN E 680 13.67 -31.08 49.87
CA ASN E 680 14.84 -30.33 50.31
C ASN E 680 15.03 -29.06 49.51
N GLY E 681 14.94 -29.17 48.20
CA GLY E 681 15.26 -28.09 47.29
C GLY E 681 14.14 -27.51 46.47
N PHE E 682 12.88 -27.74 46.84
CA PHE E 682 11.77 -27.33 45.99
C PHE E 682 11.57 -25.82 45.95
N SER E 683 11.18 -25.32 44.79
CA SER E 683 10.61 -24.00 44.63
C SER E 683 9.19 -23.97 45.16
N GLY E 684 8.67 -22.76 45.38
CA GLY E 684 7.29 -22.60 45.80
C GLY E 684 6.28 -23.24 44.86
N ALA E 685 6.56 -23.24 43.56
CA ALA E 685 5.63 -23.82 42.61
C ALA E 685 5.66 -25.34 42.65
N ASP E 686 6.82 -25.92 42.97
CA ASP E 686 6.91 -27.37 43.09
C ASP E 686 6.07 -27.90 44.25
N LEU E 687 5.81 -27.08 45.27
CA LEU E 687 4.96 -27.48 46.38
C LEU E 687 3.50 -27.35 46.01
N THR E 688 3.19 -26.44 45.09
CA THR E 688 1.85 -26.36 44.54
C THR E 688 1.51 -27.59 43.71
N GLU E 689 2.49 -28.13 43.01
CA GLU E 689 2.29 -29.38 42.26
C GLU E 689 1.82 -30.49 43.19
N ILE E 690 2.50 -30.65 44.32
CA ILE E 690 2.14 -31.70 45.27
C ILE E 690 0.76 -31.44 45.85
N CYS E 691 0.53 -30.24 46.35
CA CYS E 691 -0.79 -29.93 46.91
C CYS E 691 -1.88 -30.16 45.88
N GLN E 692 -1.63 -29.78 44.64
CA GLN E 692 -2.54 -30.05 43.53
C GLN E 692 -2.55 -31.51 43.12
N ARG E 693 -1.44 -32.22 43.31
CA ARG E 693 -1.45 -33.65 42.98
C ARG E 693 -2.35 -34.41 43.95
N ALA E 694 -2.36 -34.00 45.22
CA ALA E 694 -3.16 -34.67 46.24
C ALA E 694 -4.62 -34.24 46.20
N CYS E 695 -4.90 -32.94 46.01
CA CYS E 695 -6.28 -32.52 45.87
C CYS E 695 -6.93 -33.18 44.65
N LYS E 696 -6.15 -33.46 43.61
CA LYS E 696 -6.69 -34.19 42.48
C LYS E 696 -7.18 -35.56 42.90
N LEU E 697 -6.35 -36.31 43.61
CA LEU E 697 -6.71 -37.63 44.11
C LEU E 697 -7.93 -37.61 45.03
N ALA E 698 -8.09 -36.57 45.83
CA ALA E 698 -9.27 -36.50 46.68
C ALA E 698 -10.53 -36.39 45.82
N ILE E 699 -10.53 -35.53 44.81
CA ILE E 699 -11.61 -35.49 43.85
C ILE E 699 -11.73 -36.84 43.14
N ARG E 700 -10.58 -37.47 42.87
CA ARG E 700 -10.58 -38.81 42.29
C ARG E 700 -11.32 -39.80 43.19
N GLU E 701 -11.13 -39.71 44.50
CA GLU E 701 -11.88 -40.53 45.44
C GLU E 701 -13.35 -40.14 45.48
N SER E 702 -13.62 -38.86 45.75
CA SER E 702 -14.99 -38.39 45.94
C SER E 702 -15.93 -38.84 44.83
N ILE E 703 -15.52 -38.66 43.56
CA ILE E 703 -16.40 -38.99 42.45
C ILE E 703 -16.48 -40.49 42.26
N GLU E 704 -15.44 -41.25 42.60
CA GLU E 704 -15.48 -42.69 42.45
C GLU E 704 -16.14 -43.38 43.64
N SER E 705 -16.30 -42.66 44.76
CA SER E 705 -16.91 -43.28 45.93
C SER E 705 -18.42 -43.29 45.83
N GLU E 706 -19.04 -42.25 45.26
CA GLU E 706 -20.48 -42.31 45.11
C GLU E 706 -20.90 -43.12 43.89
N ILE E 707 -20.08 -43.20 42.87
CA ILE E 707 -20.25 -44.20 41.84
C ILE E 707 -19.61 -45.51 42.27
N VAL E 728 -17.38 -38.34 53.12
CA VAL E 728 -16.14 -39.02 52.76
C VAL E 728 -15.31 -38.37 51.63
N PRO E 729 -15.81 -37.34 50.94
CA PRO E 729 -14.91 -36.53 50.12
C PRO E 729 -14.00 -35.60 50.93
N GLU E 730 -12.88 -36.11 51.43
CA GLU E 730 -11.92 -35.30 52.18
C GLU E 730 -10.50 -35.68 51.83
N ILE E 731 -9.55 -34.87 52.28
CA ILE E 731 -8.14 -35.03 51.92
C ILE E 731 -7.39 -35.64 53.10
N ARG E 732 -6.45 -36.53 52.79
CA ARG E 732 -5.95 -37.50 53.74
C ARG E 732 -4.44 -37.42 53.81
N ARG E 733 -3.86 -38.04 54.83
CA ARG E 733 -2.40 -38.09 54.91
C ARG E 733 -1.80 -38.96 53.82
N ASP E 734 -2.52 -39.99 53.37
CA ASP E 734 -1.96 -40.89 52.37
C ASP E 734 -1.99 -40.29 50.96
N HIS E 735 -2.89 -39.33 50.70
CA HIS E 735 -2.86 -38.67 49.40
C HIS E 735 -1.57 -37.88 49.21
N PHE E 736 -1.22 -37.04 50.20
CA PHE E 736 0.07 -36.36 50.13
C PHE E 736 1.22 -37.36 50.11
N GLU E 737 0.97 -38.62 50.43
CA GLU E 737 1.99 -39.64 50.21
C GLU E 737 1.98 -40.13 48.76
N GLU E 738 0.79 -40.26 48.17
CA GLU E 738 0.71 -40.69 46.76
C GLU E 738 1.07 -39.54 45.84
N ALA E 739 0.63 -38.33 46.19
CA ALA E 739 1.15 -37.12 45.55
C ALA E 739 2.66 -37.07 45.60
N MET E 740 3.25 -37.43 46.75
CA MET E 740 4.69 -37.34 46.89
C MET E 740 5.42 -38.35 46.02
N ARG E 741 4.74 -39.41 45.60
CA ARG E 741 5.39 -40.38 44.73
C ARG E 741 5.80 -39.75 43.41
N PHE E 742 5.09 -38.70 43.00
CA PHE E 742 5.35 -37.97 41.76
C PHE E 742 6.17 -36.70 41.98
N ALA E 743 6.66 -36.46 43.19
CA ALA E 743 7.24 -35.17 43.53
C ALA E 743 8.53 -34.93 42.78
N ARG E 744 8.59 -33.80 42.11
CA ARG E 744 9.61 -33.46 41.14
C ARG E 744 10.19 -32.11 41.54
N ARG E 745 11.48 -31.90 41.30
CA ARG E 745 12.11 -30.65 41.66
C ARG E 745 12.58 -29.92 40.40
N SER E 746 11.91 -28.82 40.08
CA SER E 746 12.13 -28.14 38.80
C SER E 746 13.53 -27.55 38.73
N VAL E 747 13.94 -26.83 39.76
CA VAL E 747 15.12 -25.99 39.70
C VAL E 747 16.33 -26.82 40.15
N SER E 748 17.21 -27.11 39.19
CA SER E 748 18.39 -27.91 39.48
C SER E 748 19.33 -27.17 40.42
N ASP E 749 20.19 -27.93 41.09
CA ASP E 749 21.04 -27.33 42.09
C ASP E 749 22.26 -26.62 41.52
N ASN E 750 22.66 -26.92 40.29
CA ASN E 750 23.79 -26.17 39.74
C ASN E 750 23.40 -24.72 39.48
N ASP E 751 22.16 -24.48 39.06
CA ASP E 751 21.78 -23.13 38.69
C ASP E 751 21.49 -22.27 39.92
N ILE E 752 21.16 -22.90 41.04
CA ILE E 752 20.90 -22.13 42.24
C ILE E 752 22.15 -21.29 42.42
N ARG E 753 23.30 -21.89 42.11
CA ARG E 753 24.58 -21.21 42.19
C ARG E 753 24.61 -20.02 41.22
N LYS E 754 24.04 -20.17 40.03
CA LYS E 754 24.02 -19.09 39.03
C LYS E 754 23.27 -17.89 39.62
N TYR E 755 22.14 -18.17 40.26
CA TYR E 755 21.38 -17.14 40.95
C TYR E 755 22.18 -16.58 42.12
N GLU E 756 22.70 -17.46 42.95
CA GLU E 756 23.49 -17.01 44.08
C GLU E 756 24.73 -16.31 43.53
N MET E 757 25.29 -16.85 42.47
CA MET E 757 26.46 -16.26 41.86
C MET E 757 26.16 -14.86 41.35
N PHE E 758 25.03 -14.70 40.67
CA PHE E 758 24.64 -13.40 40.17
C PHE E 758 24.40 -12.54 41.40
N ALA E 759 23.72 -13.14 42.37
CA ALA E 759 23.42 -12.48 43.64
C ALA E 759 24.65 -12.20 44.50
N GLN E 760 25.57 -13.16 44.56
CA GLN E 760 26.77 -13.02 45.39
C GLN E 760 27.70 -11.95 44.84
N THR E 761 27.66 -11.72 43.52
CA THR E 761 28.36 -10.57 42.94
C THR E 761 27.70 -9.25 43.34
N LEU E 762 26.37 -9.21 43.41
CA LEU E 762 25.69 -7.92 43.52
C LEU E 762 25.90 -7.20 44.83
N GLN E 763 26.39 -7.88 45.87
CA GLN E 763 26.73 -7.25 47.14
C GLN E 763 25.59 -6.35 47.65
N ASN F 21 20.57 65.78 21.43
CA ASN F 21 20.25 67.12 20.99
C ASN F 21 19.10 67.74 21.78
N ARG F 22 19.31 67.79 23.09
CA ARG F 22 18.34 68.32 24.01
C ARG F 22 17.11 67.44 24.00
N PRO F 23 17.27 66.16 23.65
CA PRO F 23 16.05 65.31 23.64
C PRO F 23 15.46 65.11 25.03
N ASN F 24 14.14 64.97 25.10
CA ASN F 24 13.47 64.74 26.37
C ASN F 24 14.18 63.65 27.16
N ARG F 25 14.14 62.42 26.66
CA ARG F 25 14.80 61.30 27.33
C ARG F 25 13.87 60.15 27.77
N LEU F 26 12.65 60.14 27.26
CA LEU F 26 11.69 59.08 27.61
C LEU F 26 11.30 58.13 26.48
N ILE F 27 11.38 56.83 26.76
CA ILE F 27 11.02 55.77 25.81
C ILE F 27 10.10 54.84 26.60
N VAL F 28 9.22 54.08 25.94
CA VAL F 28 8.32 53.25 26.75
C VAL F 28 8.62 51.78 26.51
N ASP F 29 8.51 50.99 27.58
CA ASP F 29 9.07 49.66 27.54
C ASP F 29 8.19 48.76 28.39
N GLU F 30 8.25 47.46 28.14
CA GLU F 30 7.62 46.53 29.05
C GLU F 30 8.40 46.55 30.36
N ALA F 31 7.71 46.26 31.45
CA ALA F 31 8.30 46.24 32.80
C ALA F 31 8.09 44.86 33.37
N ILE F 32 9.18 44.13 33.61
CA ILE F 32 8.99 42.76 34.08
C ILE F 32 8.69 42.75 35.58
N ASN F 33 9.38 43.56 36.37
CA ASN F 33 9.09 43.60 37.79
C ASN F 33 7.64 44.02 38.01
N GLU F 34 7.02 43.45 39.04
CA GLU F 34 5.56 43.44 39.16
C GLU F 34 5.09 44.52 40.13
N ASP F 35 4.44 45.54 39.58
CA ASP F 35 4.11 46.75 40.34
C ASP F 35 2.89 47.46 39.78
N ASN F 36 2.05 47.99 40.68
CA ASN F 36 1.00 48.92 40.32
C ASN F 36 1.59 50.31 40.45
N SER F 37 1.79 50.99 39.32
CA SER F 37 2.28 52.37 39.30
C SER F 37 3.62 52.50 40.03
N VAL F 38 4.62 51.81 39.48
CA VAL F 38 6.01 52.06 39.82
C VAL F 38 6.81 51.99 38.54
N VAL F 39 7.89 52.78 38.49
CA VAL F 39 8.68 52.99 37.29
C VAL F 39 10.15 52.81 37.63
N SER F 40 10.90 52.21 36.71
CA SER F 40 12.36 52.21 36.75
C SER F 40 12.91 53.28 35.81
N LEU F 41 14.04 53.87 36.18
CA LEU F 41 14.69 54.86 35.34
C LEU F 41 16.20 54.81 35.54
N SER F 42 16.92 55.01 34.45
CA SER F 42 18.31 54.59 34.32
C SER F 42 19.26 55.27 35.32
N GLN F 43 20.11 54.47 35.96
CA GLN F 43 21.20 54.99 36.78
C GLN F 43 22.31 55.67 35.97
N PRO F 44 22.71 55.20 34.78
CA PRO F 44 23.86 55.82 34.09
C PRO F 44 23.72 57.33 33.98
N LYS F 45 22.49 57.84 33.92
CA LYS F 45 22.19 59.22 34.28
C LYS F 45 21.03 59.24 35.26
N MET F 46 21.31 59.55 36.52
CA MET F 46 20.30 60.07 37.44
C MET F 46 20.35 61.58 37.62
N ASP F 47 21.32 62.26 37.04
CA ASP F 47 21.43 63.68 37.36
C ASP F 47 20.67 64.57 36.37
N GLU F 48 20.21 64.02 35.25
CA GLU F 48 19.58 64.88 34.25
C GLU F 48 18.17 65.27 34.68
N LEU F 49 17.33 64.29 35.00
CA LEU F 49 16.05 64.60 35.64
C LEU F 49 16.21 64.80 37.14
N GLN F 50 17.09 64.01 37.77
CA GLN F 50 17.41 64.16 39.20
C GLN F 50 16.18 64.02 40.10
N LEU F 51 15.79 62.77 40.30
CA LEU F 51 14.68 62.43 41.15
C LEU F 51 15.27 61.46 42.15
N PHE F 52 15.14 61.78 43.43
CA PHE F 52 15.67 60.94 44.49
C PHE F 52 15.00 59.57 44.49
N ARG F 53 13.73 59.59 44.07
CA ARG F 53 12.80 58.45 43.95
C ARG F 53 11.69 58.59 44.97
N GLY F 54 10.54 57.99 44.62
CA GLY F 54 9.37 58.03 45.47
C GLY F 54 8.72 59.39 45.31
N ASP F 55 9.29 60.18 44.39
CA ASP F 55 8.83 61.53 44.14
C ASP F 55 7.85 61.55 42.98
N THR F 56 6.69 62.14 43.22
CA THR F 56 5.63 62.25 42.21
C THR F 56 6.17 62.92 40.96
N VAL F 57 5.84 62.35 39.80
CA VAL F 57 6.41 62.80 38.54
C VAL F 57 5.33 62.85 37.48
N LEU F 58 5.54 63.69 36.47
CA LEU F 58 4.62 63.80 35.36
C LEU F 58 4.84 62.65 34.38
N LEU F 59 3.79 62.32 33.64
CA LEU F 59 3.92 61.50 32.44
C LEU F 59 3.00 62.07 31.38
N LYS F 60 3.53 62.30 30.19
CA LYS F 60 2.72 62.93 29.15
C LYS F 60 2.22 61.89 28.17
N GLY F 61 0.91 61.83 28.02
CA GLY F 61 0.24 60.85 27.19
C GLY F 61 0.01 61.38 25.80
N LYS F 62 -1.14 61.06 25.24
CA LYS F 62 -1.56 61.62 23.98
C LYS F 62 -2.87 62.36 24.18
N LYS F 63 -3.25 63.18 23.19
CA LYS F 63 -4.63 63.62 23.04
C LYS F 63 -5.03 64.66 24.08
N ARG F 64 -4.08 65.11 24.93
CA ARG F 64 -4.28 65.62 26.28
C ARG F 64 -4.65 64.53 27.30
N ARG F 65 -3.66 63.72 27.68
CA ARG F 65 -3.70 62.92 28.91
C ARG F 65 -2.32 62.89 29.57
N GLU F 66 -2.33 62.69 30.89
CA GLU F 66 -1.11 62.64 31.68
C GLU F 66 -1.26 61.59 32.77
N ALA F 67 -0.13 61.20 33.38
CA ALA F 67 -0.17 60.24 34.48
C ALA F 67 0.91 60.56 35.51
N VAL F 68 0.73 59.95 36.68
CA VAL F 68 1.63 60.14 37.82
C VAL F 68 2.02 58.79 38.37
N CYS F 69 3.32 58.56 38.55
CA CYS F 69 3.84 57.29 39.04
C CYS F 69 5.09 57.51 39.86
N ILE F 70 5.50 56.46 40.55
CA ILE F 70 6.61 56.45 41.49
C ILE F 70 7.80 55.78 40.81
N VAL F 71 9.02 56.21 41.14
CA VAL F 71 10.21 55.81 40.40
C VAL F 71 11.19 55.04 41.31
N LEU F 72 11.74 53.96 40.79
CA LEU F 72 12.75 53.15 41.46
C LEU F 72 13.91 52.86 40.50
N SER F 73 14.97 52.28 41.05
CA SER F 73 16.23 52.11 40.35
C SER F 73 16.49 50.64 40.03
N ASP F 74 17.12 50.38 38.89
CA ASP F 74 17.43 49.03 38.45
C ASP F 74 18.84 49.01 37.86
N ASP F 75 19.71 48.13 38.38
CA ASP F 75 20.99 47.95 37.72
C ASP F 75 20.81 47.44 36.29
N THR F 76 19.79 46.61 36.08
CA THR F 76 19.56 45.92 34.81
C THR F 76 18.58 46.63 33.90
N CYS F 77 18.10 47.81 34.28
CA CYS F 77 17.44 48.67 33.31
C CYS F 77 18.48 49.27 32.37
N SER F 78 18.03 49.63 31.17
CA SER F 78 18.93 50.27 30.20
C SER F 78 19.05 51.77 30.47
N ASP F 79 20.19 52.32 30.05
CA ASP F 79 20.28 53.77 29.88
C ASP F 79 19.28 54.26 28.83
N GLU F 80 18.77 53.36 27.99
CA GLU F 80 17.93 53.75 26.87
C GLU F 80 16.48 53.99 27.27
N LYS F 81 15.87 53.11 28.10
CA LYS F 81 14.41 53.01 28.18
C LYS F 81 13.93 52.78 29.60
N ILE F 82 12.60 52.64 29.73
CA ILE F 82 11.86 52.88 30.98
C ILE F 82 10.85 51.77 31.21
N ARG F 83 11.01 51.05 32.32
CA ARG F 83 10.12 49.97 32.69
C ARG F 83 8.83 50.55 33.28
N MET F 84 7.70 50.31 32.62
CA MET F 84 6.38 50.69 33.14
C MET F 84 5.38 49.65 32.66
N ASN F 85 4.21 49.60 33.32
CA ASN F 85 3.31 48.48 33.18
C ASN F 85 2.10 48.82 32.32
N ARG F 86 1.17 47.88 32.27
CA ARG F 86 0.04 47.92 31.36
C ARG F 86 -1.09 48.84 31.83
N VAL F 87 -1.24 49.08 33.14
CA VAL F 87 -2.27 50.03 33.56
C VAL F 87 -1.84 51.47 33.27
N VAL F 88 -0.56 51.79 33.45
CA VAL F 88 -0.13 53.14 33.11
C VAL F 88 -0.21 53.33 31.60
N ARG F 89 0.24 52.32 30.85
CA ARG F 89 0.30 52.41 29.41
C ARG F 89 -1.08 52.63 28.80
N ASN F 90 -2.09 51.89 29.29
CA ASN F 90 -3.43 52.04 28.73
C ASN F 90 -4.04 53.40 29.07
N ASN F 91 -3.81 53.90 30.28
CA ASN F 91 -4.28 55.25 30.65
C ASN F 91 -3.77 56.28 29.65
N LEU F 92 -2.45 56.37 29.50
CA LEU F 92 -1.83 57.31 28.58
C LEU F 92 -2.26 57.10 27.15
N ARG F 93 -2.71 55.89 26.81
CA ARG F 93 -2.83 55.45 25.42
C ARG F 93 -1.49 55.54 24.70
N VAL F 94 -0.42 55.38 25.47
CA VAL F 94 0.88 55.01 24.94
C VAL F 94 0.89 53.51 24.60
N ARG F 95 1.87 53.11 23.80
CA ARG F 95 2.11 51.71 23.47
C ARG F 95 3.59 51.41 23.69
N LEU F 96 3.95 50.12 23.59
CA LEU F 96 5.36 49.77 23.68
C LEU F 96 6.16 50.44 22.57
N GLY F 97 7.43 50.70 22.84
CA GLY F 97 8.32 51.30 21.88
C GLY F 97 8.05 52.74 21.59
N ASP F 98 6.95 53.28 22.07
CA ASP F 98 6.54 54.66 21.92
C ASP F 98 7.37 55.56 22.84
N VAL F 99 7.24 56.86 22.63
CA VAL F 99 7.94 57.84 23.44
C VAL F 99 6.96 58.89 23.95
N ILE F 100 7.01 59.17 25.25
CA ILE F 100 6.12 60.16 25.85
C ILE F 100 6.92 61.27 26.49
N SER F 101 6.55 62.52 26.21
CA SER F 101 7.30 63.63 26.79
C SER F 101 7.17 63.51 28.29
N ILE F 102 8.29 63.67 28.99
CA ILE F 102 8.29 63.56 30.44
C ILE F 102 9.02 64.73 31.07
N GLN F 103 8.62 65.07 32.29
CA GLN F 103 9.22 66.15 33.01
C GLN F 103 9.16 65.80 34.49
N PRO F 104 10.25 65.95 35.23
CA PRO F 104 10.13 65.90 36.69
C PRO F 104 9.62 67.22 37.23
N CYS F 105 8.71 67.14 38.19
CA CYS F 105 8.54 68.17 39.19
C CYS F 105 8.27 67.36 40.44
N PRO F 106 8.94 67.67 41.56
CA PRO F 106 8.86 66.77 42.73
C PRO F 106 7.53 66.81 43.45
N ASP F 107 6.83 67.92 43.38
CA ASP F 107 5.79 68.22 44.35
C ASP F 107 4.58 67.30 44.21
N VAL F 108 3.85 67.14 45.33
CA VAL F 108 2.63 66.37 45.42
C VAL F 108 1.80 66.96 46.55
N LYS F 109 0.48 66.97 46.38
CA LYS F 109 -0.44 67.51 47.39
C LYS F 109 -1.48 66.45 47.75
N TYR F 110 -1.70 66.28 49.05
CA TYR F 110 -2.59 65.25 49.57
C TYR F 110 -4.04 65.53 49.18
N GLY F 111 -4.87 64.50 49.37
CA GLY F 111 -6.26 64.59 48.97
C GLY F 111 -7.15 63.76 49.88
N LYS F 112 -8.46 63.81 49.59
CA LYS F 112 -9.47 63.21 50.44
C LYS F 112 -10.21 62.07 49.75
N ARG F 113 -10.47 61.01 50.53
CA ARG F 113 -11.62 60.13 50.35
C ARG F 113 -11.94 59.70 48.93
N ILE F 114 -10.92 59.39 48.11
CA ILE F 114 -11.09 59.37 46.66
C ILE F 114 -12.30 58.54 46.26
N HIS F 115 -12.98 58.99 45.21
CA HIS F 115 -14.28 58.46 44.81
C HIS F 115 -14.18 57.59 43.55
N VAL F 116 -15.03 56.56 43.49
CA VAL F 116 -14.79 55.33 42.72
C VAL F 116 -16.10 54.75 42.18
N LEU F 117 -16.06 54.31 40.92
CA LEU F 117 -17.21 53.73 40.24
C LEU F 117 -16.80 52.52 39.38
N PRO F 118 -17.76 51.55 39.20
CA PRO F 118 -17.32 50.42 38.35
C PRO F 118 -17.14 50.85 36.90
N ILE F 119 -16.22 50.23 36.17
CA ILE F 119 -15.97 50.60 34.78
C ILE F 119 -16.20 49.47 33.77
N ASP F 120 -16.95 49.78 32.72
CA ASP F 120 -17.24 48.82 31.65
C ASP F 120 -18.23 47.72 32.05
N ASP F 121 -18.27 46.65 31.26
CA ASP F 121 -19.17 45.53 31.53
C ASP F 121 -18.84 44.86 32.86
N THR F 122 -17.56 44.72 33.16
CA THR F 122 -17.15 44.07 34.40
C THR F 122 -17.74 44.66 35.67
N VAL F 123 -18.27 43.76 36.49
CA VAL F 123 -18.90 44.08 37.77
C VAL F 123 -19.61 42.85 38.31
N GLU F 124 -20.25 43.00 39.47
CA GLU F 124 -20.99 41.91 40.12
C GLU F 124 -20.02 40.99 40.86
N GLY F 125 -18.75 41.31 40.77
CA GLY F 125 -17.70 40.55 41.44
C GLY F 125 -17.80 40.65 42.94
N ILE F 126 -18.16 41.84 43.41
CA ILE F 126 -18.26 42.12 44.84
C ILE F 126 -19.70 42.24 45.32
N THR F 127 -20.01 41.52 46.40
CA THR F 127 -21.34 41.58 46.97
C THR F 127 -21.22 42.27 48.32
N GLY F 128 -22.00 43.33 48.52
CA GLY F 128 -21.93 44.06 49.78
C GLY F 128 -20.72 44.96 49.84
N ASN F 129 -19.94 44.84 50.91
CA ASN F 129 -18.76 45.66 51.05
C ASN F 129 -17.88 45.34 49.86
N LEU F 130 -17.35 46.37 49.19
CA LEU F 130 -16.51 46.13 48.05
C LEU F 130 -15.14 46.77 48.21
N PHE F 131 -14.95 47.53 49.28
CA PHE F 131 -13.66 48.10 49.61
C PHE F 131 -12.98 47.33 50.72
N GLU F 132 -13.71 46.41 51.32
CA GLU F 132 -13.09 45.42 52.19
C GLU F 132 -12.44 44.35 51.33
N VAL F 133 -13.18 43.84 50.35
CA VAL F 133 -12.66 42.82 49.46
C VAL F 133 -11.58 43.38 48.54
N TYR F 134 -11.54 44.68 48.34
CA TYR F 134 -10.65 45.25 47.33
C TYR F 134 -9.68 46.29 47.86
N LEU F 135 -10.17 47.40 48.40
CA LEU F 135 -9.31 48.57 48.53
C LEU F 135 -8.25 48.40 49.62
N LYS F 136 -8.67 48.04 50.84
CA LYS F 136 -7.83 48.19 52.02
C LYS F 136 -6.39 47.74 51.81
N PRO F 137 -6.10 46.55 51.30
CA PRO F 137 -4.67 46.15 51.17
C PRO F 137 -3.87 47.01 50.20
N TYR F 138 -4.49 47.53 49.12
CA TYR F 138 -3.69 48.22 48.11
C TYR F 138 -3.41 49.68 48.42
N PHE F 139 -4.32 50.42 49.04
CA PHE F 139 -3.98 51.77 49.46
C PHE F 139 -3.25 51.79 50.80
N LEU F 140 -2.89 50.61 51.29
CA LEU F 140 -2.27 50.45 52.59
C LEU F 140 -0.75 50.63 52.49
N GLU F 141 -0.22 51.68 53.12
CA GLU F 141 1.20 52.03 53.12
C GLU F 141 1.79 52.36 51.75
N ALA F 142 1.00 52.25 50.68
CA ALA F 142 1.54 52.42 49.34
C ALA F 142 1.88 53.88 49.02
N TYR F 143 0.99 54.80 49.39
CA TYR F 143 1.00 56.15 48.84
C TYR F 143 0.92 56.12 47.31
N ARG F 144 0.00 55.32 46.80
CA ARG F 144 -0.19 55.25 45.37
C ARG F 144 -0.90 56.52 44.89
N PRO F 145 -0.23 57.37 44.11
CA PRO F 145 -0.90 58.57 43.59
C PRO F 145 -1.95 58.17 42.58
N ILE F 146 -3.16 58.68 42.74
CA ILE F 146 -4.30 58.21 41.96
C ILE F 146 -5.00 59.39 41.33
N ARG F 147 -5.25 59.31 40.03
CA ARG F 147 -5.65 60.43 39.19
C ARG F 147 -7.16 60.44 38.99
N LYS F 148 -7.69 61.65 38.81
CA LYS F 148 -8.97 61.80 38.13
C LYS F 148 -8.91 61.18 36.74
N GLY F 149 -9.95 60.46 36.37
CA GLY F 149 -10.12 60.07 34.99
C GLY F 149 -9.24 58.95 34.48
N ASP F 150 -8.78 58.05 35.36
CA ASP F 150 -7.97 56.92 34.93
C ASP F 150 -8.56 55.63 35.48
N ILE F 151 -8.09 54.52 34.91
CA ILE F 151 -8.50 53.19 35.33
C ILE F 151 -7.27 52.48 35.89
N PHE F 152 -7.48 51.67 36.93
CA PHE F 152 -6.44 50.87 37.56
C PHE F 152 -7.06 49.52 37.94
N LEU F 153 -6.22 48.58 38.34
CA LEU F 153 -6.63 47.19 38.50
C LEU F 153 -6.26 46.69 39.89
N VAL F 154 -7.24 46.12 40.58
CA VAL F 154 -7.02 45.46 41.87
C VAL F 154 -7.26 43.97 41.67
N ARG F 155 -6.36 43.15 42.19
CA ARG F 155 -6.49 41.70 42.06
C ARG F 155 -6.85 41.08 43.39
N GLY F 156 -7.72 40.06 43.33
CA GLY F 156 -7.96 39.22 44.48
C GLY F 156 -9.19 38.35 44.32
N GLY F 157 -9.28 37.30 45.12
CA GLY F 157 -10.47 36.46 45.13
C GLY F 157 -10.85 35.90 43.78
N MET F 158 -9.86 35.49 42.98
CA MET F 158 -10.09 34.77 41.75
C MET F 158 -10.84 35.62 40.72
N ARG F 159 -10.67 36.93 40.78
CA ARG F 159 -11.23 37.81 39.78
C ARG F 159 -10.51 39.14 39.83
N ALA F 160 -10.55 39.85 38.71
CA ALA F 160 -9.95 41.17 38.61
C ALA F 160 -10.98 42.12 38.06
N VAL F 161 -10.97 43.34 38.57
CA VAL F 161 -11.89 44.37 38.12
C VAL F 161 -11.23 45.70 38.38
N GLU F 162 -11.79 46.74 37.78
CA GLU F 162 -11.17 48.05 37.71
C GLU F 162 -12.17 49.10 38.16
N PHE F 163 -11.68 50.09 38.90
CA PHE F 163 -12.51 51.15 39.45
C PHE F 163 -12.07 52.48 38.89
N LYS F 164 -12.91 53.09 38.05
CA LYS F 164 -12.63 54.40 37.50
C LYS F 164 -12.67 55.44 38.62
N VAL F 165 -11.98 56.55 38.41
CA VAL F 165 -12.08 57.70 39.31
C VAL F 165 -12.70 58.83 38.52
N VAL F 166 -14.00 59.07 38.77
CA VAL F 166 -14.72 60.16 38.12
C VAL F 166 -14.54 61.47 38.86
N GLU F 167 -14.62 61.44 40.20
CA GLU F 167 -14.58 62.67 40.99
C GLU F 167 -13.51 62.54 42.06
N THR F 168 -12.54 63.44 42.02
CA THR F 168 -11.60 63.64 43.11
C THR F 168 -11.64 65.10 43.51
N ASP F 169 -11.70 65.36 44.83
CA ASP F 169 -11.85 66.73 45.31
C ASP F 169 -10.63 67.57 44.99
N PRO F 170 -9.41 67.21 45.40
CA PRO F 170 -8.24 67.99 44.96
C PRO F 170 -7.80 67.57 43.57
N SER F 171 -7.21 68.52 42.87
CA SER F 171 -6.73 68.28 41.51
C SER F 171 -5.51 69.13 41.20
N PRO F 172 -4.69 68.73 40.21
CA PRO F 172 -4.82 67.60 39.27
C PRO F 172 -4.59 66.17 39.80
N TYR F 173 -3.97 65.98 40.96
CA TYR F 173 -3.65 64.64 41.42
C TYR F 173 -3.52 64.63 42.94
N CYS F 174 -3.66 63.44 43.55
CA CYS F 174 -3.59 63.39 45.00
C CYS F 174 -2.92 62.12 45.49
N ILE F 175 -1.95 62.29 46.39
CA ILE F 175 -1.37 61.15 47.10
C ILE F 175 -2.32 60.73 48.22
N VAL F 176 -2.48 59.41 48.39
CA VAL F 176 -3.44 58.90 49.39
C VAL F 176 -2.90 58.19 50.64
N ALA F 177 -3.50 58.52 51.78
CA ALA F 177 -3.17 57.95 53.09
C ALA F 177 -4.47 57.53 53.79
N PRO F 178 -4.39 56.62 54.76
CA PRO F 178 -5.60 56.15 55.45
C PRO F 178 -5.95 57.02 56.66
N ASP F 179 -6.02 58.32 56.45
CA ASP F 179 -6.66 59.18 57.42
C ASP F 179 -8.06 59.63 56.98
N THR F 180 -8.52 59.18 55.81
CA THR F 180 -9.72 59.69 55.16
C THR F 180 -10.87 58.70 55.22
N VAL F 181 -12.08 59.28 55.16
CA VAL F 181 -13.37 58.60 55.15
C VAL F 181 -13.52 57.76 53.89
N ILE F 182 -14.50 56.87 53.85
CA ILE F 182 -14.65 55.90 52.78
C ILE F 182 -16.07 56.02 52.23
N HIS F 183 -16.19 56.51 50.99
CA HIS F 183 -17.47 56.64 50.31
C HIS F 183 -17.63 55.50 49.32
N CYS F 184 -18.87 55.04 49.14
CA CYS F 184 -19.15 53.84 48.35
C CYS F 184 -20.26 54.12 47.35
N GLU F 185 -20.14 53.55 46.15
CA GLU F 185 -21.25 53.54 45.20
C GLU F 185 -21.48 52.13 44.67
N GLY F 186 -20.60 51.65 43.81
CA GLY F 186 -20.66 50.29 43.31
C GLY F 186 -21.62 50.01 42.16
N GLU F 187 -22.05 51.03 41.42
CA GLU F 187 -23.00 50.81 40.33
C GLU F 187 -22.29 50.96 38.99
N PRO F 188 -22.41 49.96 38.11
CA PRO F 188 -21.64 49.97 36.86
C PRO F 188 -22.04 51.10 35.94
N ILE F 189 -21.16 51.36 34.97
CA ILE F 189 -21.42 52.23 33.84
C ILE F 189 -20.54 51.81 32.67
N LYS F 190 -21.07 51.95 31.46
CA LYS F 190 -20.35 51.58 30.25
C LYS F 190 -19.08 52.42 30.08
N ARG F 191 -17.97 51.74 29.89
CA ARG F 191 -16.73 52.41 29.51
C ARG F 191 -16.70 52.66 28.01
N GLU F 192 -16.02 53.74 27.62
CA GLU F 192 -15.87 54.11 26.21
C GLU F 192 -15.25 52.97 25.40
N ASP F 193 -15.82 52.70 24.22
CA ASP F 193 -15.36 51.61 23.37
C ASP F 193 -14.00 51.91 22.77
N GLU F 194 -13.70 53.18 22.48
CA GLU F 194 -12.40 53.53 21.96
C GLU F 194 -11.27 53.03 22.86
N GLU F 195 -11.57 52.83 24.15
CA GLU F 195 -10.58 52.35 25.11
C GLU F 195 -10.17 50.91 24.83
N GLU F 196 -8.94 50.57 25.21
CA GLU F 196 -8.43 49.20 25.08
C GLU F 196 -8.52 48.49 26.42
N SER F 197 -9.40 47.50 26.51
CA SER F 197 -9.65 46.77 27.74
C SER F 197 -8.37 46.13 28.28
N LEU F 198 -8.28 46.06 29.61
CA LEU F 198 -7.14 45.48 30.30
C LEU F 198 -7.22 43.97 30.44
N ASN F 199 -8.36 43.35 30.10
CA ASN F 199 -8.44 41.89 30.04
C ASN F 199 -7.95 41.35 28.70
N GLU F 200 -8.06 42.13 27.62
CA GLU F 200 -7.51 41.72 26.35
C GLU F 200 -6.02 41.45 26.50
N VAL F 201 -5.56 40.32 25.99
CA VAL F 201 -4.28 39.78 26.40
C VAL F 201 -3.14 40.57 25.76
N GLY F 202 -2.04 40.67 26.50
CA GLY F 202 -0.89 41.45 26.13
C GLY F 202 0.33 40.76 26.69
N TYR F 203 1.49 41.40 26.52
CA TYR F 203 2.77 40.74 26.77
C TYR F 203 2.82 40.07 28.13
N ASP F 204 2.30 40.73 29.17
CA ASP F 204 2.40 40.16 30.51
C ASP F 204 1.52 38.92 30.66
N ASP F 205 0.41 38.86 29.93
CA ASP F 205 -0.45 37.68 30.03
C ASP F 205 0.18 36.49 29.31
N ILE F 206 1.28 36.72 28.60
CA ILE F 206 2.08 35.62 28.07
C ILE F 206 3.23 35.31 28.99
N GLY F 207 3.26 34.09 29.48
CA GLY F 207 4.30 33.67 30.36
C GLY F 207 5.32 32.86 29.61
N GLY F 208 6.24 32.29 30.40
CA GLY F 208 7.28 31.37 29.97
C GLY F 208 8.69 31.95 29.86
N CYS F 209 8.82 33.25 29.66
CA CYS F 209 10.15 33.83 29.61
C CYS F 209 11.00 33.06 28.62
N ARG F 210 10.39 32.69 27.51
CA ARG F 210 11.11 31.94 26.47
C ARG F 210 12.18 32.83 25.87
N LYS F 211 11.79 34.07 25.65
CA LYS F 211 12.62 35.10 25.03
C LYS F 211 12.50 34.98 23.52
N GLN F 212 11.87 33.90 23.06
CA GLN F 212 11.65 33.69 21.64
C GLN F 212 10.66 34.75 21.17
N LEU F 213 9.69 35.04 22.02
CA LEU F 213 8.70 36.06 21.72
C LEU F 213 9.37 37.38 21.36
N ALA F 214 10.49 37.67 22.01
CA ALA F 214 11.28 38.85 21.64
C ALA F 214 11.66 38.82 20.17
N GLN F 215 11.79 37.62 19.60
CA GLN F 215 12.10 37.49 18.19
C GLN F 215 10.95 37.93 17.29
N ILE F 216 9.71 37.65 17.68
CA ILE F 216 8.55 38.11 16.93
C ILE F 216 8.40 39.62 17.04
N LYS F 217 8.86 40.19 18.14
CA LYS F 217 8.89 41.65 18.30
C LYS F 217 9.72 42.31 17.22
N GLU F 218 10.94 41.82 17.00
CA GLU F 218 11.82 42.41 16.01
C GLU F 218 11.26 42.34 14.61
N MET F 219 10.38 41.37 14.34
CA MET F 219 9.82 41.23 13.01
C MET F 219 8.65 42.17 12.77
N VAL F 220 7.78 42.34 13.77
CA VAL F 220 6.54 43.08 13.58
C VAL F 220 6.63 44.51 14.08
N GLU F 221 7.79 44.95 14.57
CA GLU F 221 7.96 46.32 15.01
C GLU F 221 7.65 47.30 13.90
N LEU F 222 8.54 47.39 12.92
CA LEU F 222 8.41 48.41 11.88
C LEU F 222 7.19 48.20 11.00
N PRO F 223 6.88 46.99 10.53
CA PRO F 223 5.79 46.90 9.56
C PRO F 223 4.45 47.36 10.08
N LEU F 224 4.05 46.92 11.27
CA LEU F 224 2.73 47.25 11.77
C LEU F 224 2.71 48.30 12.87
N ARG F 225 3.84 48.77 13.37
CA ARG F 225 3.79 49.95 14.22
C ARG F 225 4.13 51.23 13.46
N HIS F 226 4.67 51.11 12.25
CA HIS F 226 5.14 52.26 11.47
C HIS F 226 4.77 52.07 10.00
N PRO F 227 3.49 52.05 9.68
CA PRO F 227 3.07 51.73 8.30
C PRO F 227 3.63 52.67 7.25
N ALA F 228 3.55 53.98 7.45
CA ALA F 228 3.87 54.93 6.38
C ALA F 228 5.31 54.85 5.94
N LEU F 229 6.21 54.34 6.78
CA LEU F 229 7.61 54.31 6.44
C LEU F 229 7.93 53.35 5.30
N PHE F 230 7.15 52.30 5.12
CA PHE F 230 7.51 51.33 4.09
C PHE F 230 7.08 51.76 2.69
N LYS F 231 6.19 52.73 2.57
CA LYS F 231 5.96 53.33 1.26
C LYS F 231 7.07 54.32 0.91
N ALA F 232 7.83 54.78 1.91
CA ALA F 232 8.91 55.72 1.63
C ALA F 232 10.17 55.01 1.13
N ILE F 233 10.44 53.83 1.66
CA ILE F 233 11.71 53.16 1.43
C ILE F 233 11.45 51.78 0.85
N GLY F 234 12.20 51.44 -0.19
CA GLY F 234 12.22 50.07 -0.67
C GLY F 234 12.89 49.18 0.36
N VAL F 235 12.15 48.21 0.88
CA VAL F 235 12.61 47.05 1.65
C VAL F 235 11.49 46.02 1.55
N LYS F 236 11.76 44.78 1.92
CA LYS F 236 10.68 43.81 1.95
C LYS F 236 10.38 43.40 3.39
N PRO F 237 9.29 43.85 3.98
CA PRO F 237 8.85 43.27 5.25
C PRO F 237 8.31 41.88 5.04
N PRO F 238 8.43 41.00 6.03
CA PRO F 238 7.90 39.64 5.88
C PRO F 238 6.38 39.62 5.82
N ARG F 239 5.85 38.89 4.84
CA ARG F 239 4.40 38.78 4.75
C ARG F 239 3.85 37.74 5.73
N GLY F 240 4.37 36.51 5.69
CA GLY F 240 3.92 35.46 6.57
C GLY F 240 4.85 35.18 7.73
N ILE F 241 4.32 34.59 8.79
CA ILE F 241 5.08 34.08 9.92
C ILE F 241 4.42 32.81 10.39
N LEU F 242 5.18 31.73 10.50
CA LEU F 242 4.68 30.50 11.09
C LEU F 242 5.09 30.41 12.56
N LEU F 243 4.12 30.28 13.43
CA LEU F 243 4.36 29.79 14.76
C LEU F 243 4.10 28.30 14.75
N TYR F 244 4.98 27.52 15.34
CA TYR F 244 4.65 26.12 15.46
C TYR F 244 5.16 25.59 16.79
N GLY F 245 4.45 24.60 17.29
CA GLY F 245 4.67 24.03 18.58
C GLY F 245 3.48 23.15 18.83
N PRO F 246 3.58 22.23 19.79
CA PRO F 246 2.45 21.36 20.07
C PRO F 246 1.28 22.16 20.62
N PRO F 247 0.06 21.62 20.57
CA PRO F 247 -1.11 22.39 20.99
C PRO F 247 -1.02 22.83 22.43
N GLY F 248 -1.61 23.99 22.72
CA GLY F 248 -1.63 24.51 24.06
C GLY F 248 -0.38 25.23 24.48
N THR F 249 0.58 25.42 23.59
CA THR F 249 1.82 26.07 23.93
C THR F 249 1.76 27.58 23.78
N GLY F 250 0.58 28.13 23.53
CA GLY F 250 0.42 29.57 23.52
C GLY F 250 0.51 30.23 22.18
N LYS F 251 0.29 29.49 21.09
CA LYS F 251 0.43 30.10 19.77
C LYS F 251 -0.63 31.13 19.50
N THR F 252 -1.83 30.97 20.05
CA THR F 252 -2.87 31.97 19.85
C THR F 252 -2.70 33.16 20.78
N LEU F 253 -2.10 32.95 21.96
CA LEU F 253 -1.69 34.10 22.77
C LEU F 253 -0.80 35.05 21.98
N ILE F 254 0.29 34.51 21.40
CA ILE F 254 1.30 35.35 20.75
C ILE F 254 0.66 36.27 19.73
N ALA F 255 -0.21 35.73 18.90
CA ALA F 255 -0.86 36.56 17.90
C ALA F 255 -1.79 37.58 18.55
N ARG F 256 -2.66 37.13 19.45
CA ARG F 256 -3.54 38.05 20.16
C ARG F 256 -2.76 39.14 20.86
N ALA F 257 -1.63 38.79 21.47
CA ALA F 257 -0.91 39.75 22.31
C ALA F 257 0.13 40.55 21.55
N VAL F 258 0.42 40.20 20.30
CA VAL F 258 1.16 41.10 19.43
C VAL F 258 0.21 42.11 18.83
N ALA F 259 -0.95 41.65 18.38
CA ALA F 259 -1.97 42.53 17.82
C ALA F 259 -2.53 43.47 18.87
N ASN F 260 -2.61 43.04 20.12
CA ASN F 260 -3.16 43.94 21.12
C ASN F 260 -2.15 44.99 21.52
N GLU F 261 -0.88 44.61 21.66
CA GLU F 261 0.09 45.56 22.17
C GLU F 261 0.58 46.52 21.10
N THR F 262 0.40 46.19 19.82
CA THR F 262 0.77 47.09 18.75
C THR F 262 -0.39 47.86 18.15
N GLY F 263 -1.61 47.59 18.59
CA GLY F 263 -2.74 48.32 18.07
C GLY F 263 -3.26 47.82 16.74
N ALA F 264 -2.63 46.83 16.15
CA ALA F 264 -3.10 46.30 14.89
C ALA F 264 -4.40 45.53 15.10
N PHE F 265 -5.20 45.48 14.04
CA PHE F 265 -6.46 44.76 14.09
C PHE F 265 -6.23 43.28 13.91
N PHE F 266 -6.64 42.49 14.89
CA PHE F 266 -6.50 41.05 14.86
C PHE F 266 -7.68 40.38 14.16
N PHE F 267 -7.39 39.59 13.14
CA PHE F 267 -8.41 38.86 12.40
C PHE F 267 -8.23 37.41 12.80
N LEU F 268 -9.20 36.55 12.49
CA LEU F 268 -9.07 35.15 12.88
C LEU F 268 -9.67 34.16 11.90
N ILE F 269 -8.81 33.48 11.16
CA ILE F 269 -9.27 32.48 10.21
C ILE F 269 -9.25 31.14 10.93
N ASN F 270 -10.36 30.82 11.57
CA ASN F 270 -10.48 29.57 12.30
C ASN F 270 -10.21 28.38 11.37
N GLY F 271 -9.10 27.70 11.59
CA GLY F 271 -8.71 26.57 10.78
C GLY F 271 -9.85 25.66 10.37
N PRO F 272 -10.73 25.27 11.38
CA PRO F 272 -11.81 24.38 10.92
C PRO F 272 -13.11 25.11 10.63
N GLU F 273 -13.16 26.41 10.90
CA GLU F 273 -14.37 27.18 10.65
C GLU F 273 -14.58 27.33 9.14
N ILE F 274 -13.50 27.54 8.40
CA ILE F 274 -13.61 27.67 6.96
C ILE F 274 -13.86 26.29 6.34
N MET F 275 -13.52 25.26 7.10
CA MET F 275 -13.70 23.88 6.65
C MET F 275 -15.14 23.43 6.84
N SER F 276 -15.76 23.91 7.91
CA SER F 276 -17.13 23.56 8.24
C SER F 276 -18.12 24.08 7.21
N LYS F 277 -17.72 25.10 6.45
CA LYS F 277 -18.58 25.66 5.44
C LYS F 277 -18.59 24.77 4.21
N LEU F 278 -19.61 24.94 3.37
CA LEU F 278 -19.79 24.04 2.24
C LEU F 278 -18.77 24.33 1.14
N ALA F 279 -18.65 23.36 0.23
CA ALA F 279 -17.88 23.54 -0.98
C ALA F 279 -18.29 24.80 -1.74
N GLY F 280 -17.29 25.57 -2.16
CA GLY F 280 -17.45 26.71 -3.04
C GLY F 280 -17.74 28.02 -2.32
N GLU F 281 -18.37 27.95 -1.16
CA GLU F 281 -18.47 29.07 -0.23
C GLU F 281 -17.43 28.96 0.88
N SER F 282 -16.63 27.90 0.87
CA SER F 282 -15.48 27.83 1.77
C SER F 282 -14.37 28.78 1.33
N GLU F 283 -14.12 28.85 0.01
CA GLU F 283 -13.18 29.84 -0.50
C GLU F 283 -13.70 31.25 -0.33
N SER F 284 -15.00 31.45 -0.55
CA SER F 284 -15.58 32.78 -0.41
C SER F 284 -15.34 33.35 0.96
N ASN F 285 -15.32 32.47 1.96
CA ASN F 285 -15.19 32.89 3.34
C ASN F 285 -13.75 33.19 3.71
N LEU F 286 -12.79 32.48 3.11
CA LEU F 286 -11.37 32.74 3.35
C LEU F 286 -10.89 33.95 2.56
N ARG F 287 -11.36 34.11 1.32
CA ARG F 287 -10.93 35.20 0.47
C ARG F 287 -11.42 36.55 0.98
N LYS F 288 -12.69 36.62 1.42
CA LYS F 288 -13.16 37.85 2.04
C LYS F 288 -12.42 38.16 3.32
N ALA F 289 -11.82 37.14 3.96
CA ALA F 289 -11.03 37.36 5.16
C ALA F 289 -9.82 38.25 4.89
N PHE F 290 -9.13 38.03 3.77
CA PHE F 290 -8.00 38.89 3.49
C PHE F 290 -8.44 40.22 2.91
N GLU F 291 -9.64 40.27 2.29
CA GLU F 291 -10.12 41.52 1.71
C GLU F 291 -10.57 42.48 2.78
N GLU F 292 -11.30 42.00 3.79
CA GLU F 292 -11.64 42.83 4.93
C GLU F 292 -10.38 43.37 5.60
N ALA F 293 -9.52 42.46 6.06
CA ALA F 293 -8.29 42.85 6.74
C ALA F 293 -7.39 43.75 5.89
N GLU F 294 -7.55 43.76 4.57
CA GLU F 294 -6.92 44.83 3.79
C GLU F 294 -7.34 46.19 4.30
N LYS F 295 -8.65 46.42 4.44
CA LYS F 295 -9.16 47.75 4.75
C LYS F 295 -8.71 48.23 6.11
N ASN F 296 -8.53 47.32 7.05
CA ASN F 296 -7.94 47.64 8.34
C ASN F 296 -6.43 47.47 8.24
N ALA F 297 -5.69 48.54 8.42
CA ALA F 297 -4.24 48.42 8.40
C ALA F 297 -3.63 49.29 9.48
N PRO F 298 -2.62 48.77 10.16
CA PRO F 298 -2.06 47.42 10.03
C PRO F 298 -2.88 46.34 10.73
N ALA F 299 -2.77 45.11 10.23
CA ALA F 299 -3.60 44.03 10.74
C ALA F 299 -2.80 42.72 10.70
N ILE F 300 -3.05 41.87 11.69
CA ILE F 300 -2.58 40.50 11.70
C ILE F 300 -3.76 39.60 11.38
N ILE F 301 -3.67 38.86 10.30
CA ILE F 301 -4.54 37.71 10.10
C ILE F 301 -3.86 36.52 10.77
N PHE F 302 -4.59 35.82 11.62
CA PHE F 302 -4.03 34.65 12.28
C PHE F 302 -4.78 33.38 11.96
N ILE F 303 -4.21 32.58 11.06
CA ILE F 303 -4.80 31.30 10.68
C ILE F 303 -4.30 30.29 11.70
N ASP F 304 -5.19 29.68 12.46
CA ASP F 304 -4.81 28.59 13.35
C ASP F 304 -5.29 27.26 12.80
N GLU F 305 -4.52 26.22 13.07
CA GLU F 305 -4.64 24.94 12.36
C GLU F 305 -4.50 25.17 10.87
N LEU F 306 -3.38 25.78 10.49
CA LEU F 306 -3.06 25.87 9.08
C LEU F 306 -3.05 24.50 8.42
N ASP F 307 -2.72 23.46 9.18
CA ASP F 307 -2.74 22.10 8.64
C ASP F 307 -4.15 21.59 8.44
N ALA F 308 -5.16 22.31 8.91
CA ALA F 308 -6.51 22.00 8.49
C ALA F 308 -6.79 22.55 7.09
N ILE F 309 -6.41 23.80 6.85
CA ILE F 309 -6.71 24.45 5.58
C ILE F 309 -5.68 24.07 4.52
N ALA F 310 -4.43 23.82 4.89
CA ALA F 310 -3.38 23.53 3.91
C ALA F 310 -2.47 22.41 4.40
N PRO F 311 -3.06 21.25 4.65
CA PRO F 311 -2.30 20.09 5.14
C PRO F 311 -1.85 19.15 4.03
N LYS F 312 -2.16 19.48 2.78
CA LYS F 312 -1.78 18.64 1.67
C LYS F 312 -0.27 18.50 1.51
N ARG F 313 0.19 17.27 1.34
CA ARG F 313 1.61 16.97 1.14
C ARG F 313 1.83 16.43 -0.28
N GLU F 314 0.84 16.67 -1.14
CA GLU F 314 0.86 16.17 -2.52
C GLU F 314 0.25 14.78 -2.49
N LYS F 315 -0.22 14.42 -1.30
CA LYS F 315 -0.87 13.13 -1.03
C LYS F 315 -2.38 13.23 -1.24
N THR F 316 -3.05 14.10 -0.48
CA THR F 316 -4.32 14.74 -0.85
C THR F 316 -5.47 13.82 -1.28
N HIS F 317 -6.13 13.15 -0.34
CA HIS F 317 -7.45 12.59 -0.60
C HIS F 317 -8.38 13.72 -1.05
N GLY F 318 -9.35 13.39 -1.89
CA GLY F 318 -10.51 14.23 -2.10
C GLY F 318 -10.44 15.12 -3.33
N GLU F 319 -11.28 16.16 -3.28
CA GLU F 319 -11.35 17.21 -4.29
C GLU F 319 -11.28 18.62 -3.72
N VAL F 320 -12.27 18.99 -2.90
CA VAL F 320 -12.39 20.37 -2.43
C VAL F 320 -11.08 20.86 -1.88
N GLU F 321 -10.37 20.01 -1.13
CA GLU F 321 -9.20 20.50 -0.41
C GLU F 321 -8.10 20.96 -1.37
N ARG F 322 -8.04 20.38 -2.59
CA ARG F 322 -7.12 20.90 -3.59
C ARG F 322 -7.31 22.40 -3.78
N ARG F 323 -8.55 22.85 -3.77
CA ARG F 323 -8.88 24.19 -4.19
C ARG F 323 -8.87 25.20 -3.05
N ILE F 324 -8.98 24.70 -1.81
CA ILE F 324 -8.88 25.57 -0.65
C ILE F 324 -7.44 26.03 -0.50
N VAL F 325 -6.53 25.08 -0.67
CA VAL F 325 -5.09 25.32 -0.57
C VAL F 325 -4.56 26.25 -1.64
N SER F 326 -5.01 26.01 -2.87
CA SER F 326 -4.59 26.84 -3.99
C SER F 326 -5.05 28.28 -3.83
N GLN F 327 -6.27 28.46 -3.35
CA GLN F 327 -6.79 29.80 -3.15
C GLN F 327 -5.94 30.53 -2.11
N LEU F 328 -5.59 29.80 -1.06
CA LEU F 328 -4.77 30.34 0.02
C LEU F 328 -3.39 30.75 -0.48
N LEU F 329 -2.81 29.90 -1.34
CA LEU F 329 -1.49 30.19 -1.88
C LEU F 329 -1.53 31.48 -2.70
N THR F 330 -2.58 31.63 -3.50
CA THR F 330 -2.75 32.81 -4.33
C THR F 330 -2.90 34.03 -3.44
N LEU F 331 -3.67 33.86 -2.37
CA LEU F 331 -3.91 34.92 -1.40
C LEU F 331 -2.63 35.34 -0.69
N MET F 332 -1.80 34.37 -0.35
CA MET F 332 -0.56 34.66 0.38
C MET F 332 0.48 35.27 -0.53
N ASP F 333 0.55 34.83 -1.78
CA ASP F 333 1.35 35.53 -2.77
C ASP F 333 0.73 36.83 -3.24
N GLY F 334 -0.58 36.86 -3.35
CA GLY F 334 -1.30 38.01 -3.87
C GLY F 334 -1.23 39.26 -3.04
N LEU F 335 -0.60 39.23 -1.87
CA LEU F 335 -0.44 40.44 -1.07
C LEU F 335 0.24 41.51 -1.91
N LYS F 336 -0.45 42.65 -2.07
CA LYS F 336 -0.24 43.58 -3.17
C LYS F 336 0.66 44.75 -2.81
N GLN F 337 1.30 44.74 -1.65
CA GLN F 337 2.26 45.73 -1.13
C GLN F 337 1.59 47.08 -0.85
N ARG F 338 0.31 47.27 -1.18
CA ARG F 338 -0.51 48.24 -0.49
C ARG F 338 -1.02 47.57 0.77
N ALA F 339 -1.17 48.38 1.81
CA ALA F 339 -1.30 48.01 3.21
C ALA F 339 -0.24 47.04 3.71
N HIS F 340 -0.49 46.52 4.91
CA HIS F 340 0.58 45.94 5.72
C HIS F 340 0.34 44.50 6.11
N VAL F 341 -0.74 43.89 5.66
CA VAL F 341 -1.29 42.73 6.36
C VAL F 341 -0.19 41.71 6.61
N ILE F 342 0.02 41.39 7.87
CA ILE F 342 0.89 40.30 8.28
C ILE F 342 0.01 39.10 8.48
N VAL F 343 0.43 37.95 7.97
CA VAL F 343 -0.36 36.74 8.14
C VAL F 343 0.43 35.81 9.05
N MET F 344 0.01 35.70 10.30
CA MET F 344 0.58 34.71 11.21
C MET F 344 -0.26 33.45 11.15
N ALA F 345 0.41 32.30 11.09
CA ALA F 345 -0.29 31.03 10.99
C ALA F 345 0.37 30.03 11.92
N ALA F 346 -0.44 29.30 12.66
CA ALA F 346 0.06 28.35 13.65
C ALA F 346 -0.27 26.92 13.24
N THR F 347 0.64 26.01 13.56
CA THR F 347 0.44 24.60 13.29
C THR F 347 1.30 23.79 14.25
N ASN F 348 0.99 22.51 14.36
CA ASN F 348 1.63 21.67 15.36
C ASN F 348 3.03 21.23 14.95
N ARG F 349 3.22 20.85 13.69
CA ARG F 349 4.54 20.50 13.21
C ARG F 349 4.73 21.13 11.84
N PRO F 350 5.93 21.64 11.56
CA PRO F 350 6.14 22.30 10.26
C PRO F 350 6.15 21.35 9.08
N ASN F 351 6.38 20.06 9.29
CA ASN F 351 6.25 19.14 8.19
C ASN F 351 4.80 18.94 7.79
N SER F 352 3.86 19.28 8.67
CA SER F 352 2.46 19.00 8.39
C SER F 352 1.93 19.81 7.21
N ILE F 353 2.31 21.08 7.10
CA ILE F 353 1.70 21.95 6.11
C ILE F 353 2.36 21.81 4.74
N ASP F 354 1.60 22.20 3.73
CA ASP F 354 1.98 22.07 2.32
C ASP F 354 3.31 22.76 2.04
N PRO F 355 4.20 22.15 1.24
CA PRO F 355 5.55 22.72 1.08
C PRO F 355 5.56 24.00 0.30
N ALA F 356 4.51 24.30 -0.46
CA ALA F 356 4.46 25.51 -1.26
C ALA F 356 4.17 26.75 -0.42
N LEU F 357 3.76 26.56 0.83
CA LEU F 357 3.50 27.65 1.75
C LEU F 357 4.75 28.33 2.26
N ARG F 358 5.92 27.70 2.13
CA ARG F 358 7.15 28.32 2.59
C ARG F 358 7.92 29.08 1.54
N ARG F 359 7.45 29.15 0.30
CA ARG F 359 8.26 29.84 -0.66
C ARG F 359 8.33 31.33 -0.34
N PHE F 360 9.35 31.97 -0.90
CA PHE F 360 9.65 33.37 -0.70
C PHE F 360 8.42 34.20 -0.96
N GLY F 361 8.02 34.98 0.03
CA GLY F 361 6.80 35.76 -0.05
C GLY F 361 5.56 35.09 0.53
N ARG F 362 5.64 33.83 0.97
CA ARG F 362 4.44 33.24 1.53
C ARG F 362 4.51 33.20 3.04
N PHE F 363 5.07 32.15 3.62
CA PHE F 363 5.48 32.16 5.02
C PHE F 363 6.99 32.00 4.99
N ASP F 364 7.68 33.13 5.12
CA ASP F 364 9.12 33.09 5.00
C ASP F 364 9.77 32.77 6.33
N ARG F 365 9.33 33.42 7.38
CA ARG F 365 9.86 33.16 8.72
C ARG F 365 9.00 32.17 9.44
N GLU F 366 9.64 31.33 10.24
CA GLU F 366 8.99 30.41 11.16
C GLU F 366 9.54 30.61 12.56
N VAL F 367 8.74 30.27 13.56
CA VAL F 367 9.13 30.36 14.97
C VAL F 367 8.69 29.08 15.66
N ASP F 368 9.57 28.47 16.44
CA ASP F 368 9.20 27.29 17.22
C ASP F 368 8.90 27.76 18.63
N ILE F 369 7.63 27.66 19.03
CA ILE F 369 7.25 28.08 20.37
C ILE F 369 7.71 27.05 21.39
N GLY F 370 7.42 25.78 21.15
CA GLY F 370 7.96 24.70 21.92
C GLY F 370 7.46 24.64 23.35
N ILE F 371 7.82 23.56 24.03
CA ILE F 371 7.43 23.32 25.42
C ILE F 371 8.18 24.29 26.32
N PRO F 372 7.52 24.88 27.31
CA PRO F 372 8.25 25.69 28.31
C PRO F 372 9.19 24.82 29.14
N ASP F 373 10.04 25.50 29.90
CA ASP F 373 11.01 24.82 30.73
C ASP F 373 10.78 25.21 32.18
N ALA F 374 11.46 24.49 33.07
CA ALA F 374 11.14 24.50 34.49
C ALA F 374 10.98 25.91 35.04
N THR F 375 11.99 26.75 34.85
CA THR F 375 11.90 28.12 35.32
C THR F 375 11.16 29.02 34.33
N GLY F 376 10.75 28.48 33.19
CA GLY F 376 9.73 29.08 32.37
C GLY F 376 8.34 28.78 32.88
N ARG F 377 8.11 27.54 33.29
CA ARG F 377 6.79 27.15 33.78
C ARG F 377 6.39 27.89 35.06
N LEU F 378 7.34 28.42 35.82
CA LEU F 378 6.99 29.23 36.97
C LEU F 378 6.16 30.43 36.55
N GLU F 379 6.59 31.14 35.50
CA GLU F 379 5.88 32.37 35.13
C GLU F 379 4.45 32.08 34.68
N ILE F 380 4.24 30.98 33.95
CA ILE F 380 2.87 30.63 33.57
C ILE F 380 2.05 30.37 34.82
N LEU F 381 2.63 29.68 35.79
CA LEU F 381 1.94 29.45 37.05
C LEU F 381 1.73 30.72 37.84
N GLN F 382 2.54 31.74 37.60
CA GLN F 382 2.29 33.04 38.21
C GLN F 382 1.20 33.80 37.48
N ILE F 383 1.09 33.66 36.15
CA ILE F 383 0.10 34.47 35.47
C ILE F 383 -1.29 33.87 35.63
N HIS F 384 -1.40 32.55 35.76
CA HIS F 384 -2.72 31.97 35.96
C HIS F 384 -3.16 31.99 37.41
N THR F 385 -2.25 31.99 38.37
CA THR F 385 -2.65 32.34 39.73
C THR F 385 -1.98 33.65 40.08
N LYS F 386 -2.61 34.76 39.72
CA LYS F 386 -2.43 36.03 40.42
C LYS F 386 -3.69 36.60 41.06
N ASN F 387 -4.87 36.08 40.74
CA ASN F 387 -6.11 36.47 41.39
C ASN F 387 -6.54 35.50 42.48
N MET F 388 -5.83 34.39 42.64
CA MET F 388 -6.39 33.25 43.35
C MET F 388 -6.33 33.38 44.86
N LYS F 389 -5.57 34.34 45.39
CA LYS F 389 -5.30 34.46 46.83
C LYS F 389 -4.71 33.16 47.38
N LEU F 390 -3.45 32.96 47.03
CA LEU F 390 -2.76 31.74 47.41
C LEU F 390 -2.46 31.71 48.91
N ALA F 391 -2.15 30.51 49.38
CA ALA F 391 -1.53 30.31 50.68
C ALA F 391 -0.06 30.73 50.63
N ASP F 392 0.53 30.91 51.82
CA ASP F 392 1.94 31.29 51.87
C ASP F 392 2.85 30.14 51.48
N ASP F 393 2.62 28.94 52.03
CA ASP F 393 3.61 27.86 51.96
C ASP F 393 4.09 27.59 50.53
N VAL F 394 3.16 27.29 49.62
CA VAL F 394 3.52 26.95 48.25
C VAL F 394 4.04 28.18 47.53
N ASP F 395 5.26 28.08 46.99
CA ASP F 395 5.90 29.15 46.26
C ASP F 395 5.80 28.99 44.75
N LEU F 396 5.19 27.90 44.28
CA LEU F 396 4.97 27.53 42.89
C LEU F 396 6.24 27.04 42.22
N GLU F 397 7.42 27.29 42.80
CA GLU F 397 8.63 26.82 42.17
C GLU F 397 8.80 25.32 42.34
N GLN F 398 8.27 24.76 43.42
CA GLN F 398 8.37 23.32 43.63
C GLN F 398 7.51 22.58 42.63
N VAL F 399 6.28 23.06 42.41
CA VAL F 399 5.40 22.45 41.44
C VAL F 399 5.97 22.62 40.05
N ALA F 400 6.62 23.75 39.80
CA ALA F 400 7.24 24.01 38.50
C ALA F 400 8.18 22.88 38.08
N ASN F 401 8.80 22.21 39.04
CA ASN F 401 9.75 21.14 38.72
C ASN F 401 9.02 19.86 38.33
N GLU F 402 7.99 19.52 39.09
CA GLU F 402 7.21 18.28 38.88
C GLU F 402 6.51 18.30 37.53
N THR F 403 6.53 19.43 36.84
CA THR F 403 5.53 19.69 35.82
C THR F 403 6.05 19.38 34.42
N HIS F 404 7.23 18.79 34.30
CA HIS F 404 7.83 18.66 32.98
C HIS F 404 6.99 17.78 32.07
N GLY F 405 6.74 18.28 30.86
CA GLY F 405 5.77 17.73 29.95
C GLY F 405 4.49 18.54 29.87
N HIS F 406 4.18 19.34 30.89
CA HIS F 406 3.04 20.23 30.79
C HIS F 406 3.35 21.40 29.88
N VAL F 407 2.31 21.93 29.27
CA VAL F 407 2.38 23.09 28.41
C VAL F 407 1.48 24.14 29.04
N GLY F 408 1.59 25.37 28.57
CA GLY F 408 0.86 26.46 29.19
C GLY F 408 -0.62 26.15 29.39
N ALA F 409 -1.21 25.38 28.50
CA ALA F 409 -2.63 25.06 28.65
C ALA F 409 -2.86 24.04 29.76
N ASP F 410 -2.00 23.02 29.83
CA ASP F 410 -1.99 22.11 30.98
C ASP F 410 -1.87 22.88 32.29
N LEU F 411 -1.07 23.94 32.31
CA LEU F 411 -0.79 24.66 33.53
C LEU F 411 -1.92 25.59 33.92
N ALA F 412 -2.51 26.26 32.94
CA ALA F 412 -3.75 26.96 33.21
C ALA F 412 -4.83 26.01 33.69
N ALA F 413 -4.81 24.76 33.24
CA ALA F 413 -5.73 23.76 33.75
C ALA F 413 -5.32 23.23 35.11
N LEU F 414 -4.02 23.08 35.36
CA LEU F 414 -3.58 22.71 36.69
C LEU F 414 -4.06 23.71 37.74
N CYS F 415 -4.10 25.00 37.39
CA CYS F 415 -4.51 26.02 38.34
C CYS F 415 -6.02 26.07 38.49
N SER F 416 -6.74 26.07 37.36
CA SER F 416 -8.20 26.07 37.44
C SER F 416 -8.70 24.84 38.17
N GLU F 417 -8.01 23.71 38.02
CA GLU F 417 -8.41 22.50 38.72
C GLU F 417 -8.08 22.56 40.21
N ALA F 418 -7.01 23.25 40.58
CA ALA F 418 -6.72 23.47 41.99
C ALA F 418 -7.59 24.56 42.59
N ALA F 419 -8.09 25.47 41.76
CA ALA F 419 -9.02 26.49 42.25
C ALA F 419 -10.41 25.92 42.43
N LEU F 420 -10.80 24.94 41.61
CA LEU F 420 -12.11 24.32 41.76
C LEU F 420 -12.15 23.32 42.90
N GLN F 421 -11.00 22.84 43.35
CA GLN F 421 -10.97 22.04 44.57
C GLN F 421 -11.48 22.85 45.76
N ALA F 422 -10.81 23.98 46.06
CA ALA F 422 -11.10 24.72 47.28
C ALA F 422 -12.53 25.24 47.30
N ILE F 423 -13.08 25.63 46.15
CA ILE F 423 -14.50 25.95 46.10
C ILE F 423 -15.33 24.75 46.53
N ARG F 424 -15.02 23.56 46.00
CA ARG F 424 -15.76 22.37 46.41
C ARG F 424 -15.69 22.17 47.93
N LYS F 425 -14.55 22.43 48.54
CA LYS F 425 -14.35 22.09 49.95
C LYS F 425 -15.00 23.07 50.90
N LYS F 426 -14.36 24.22 51.05
CA LYS F 426 -14.92 25.27 51.87
C LYS F 426 -16.10 25.85 51.13
N MET F 427 -16.55 27.03 51.57
CA MET F 427 -17.66 27.65 50.85
C MET F 427 -18.87 26.72 50.89
N ASP F 428 -19.22 26.14 49.73
CA ASP F 428 -20.54 25.60 49.45
C ASP F 428 -21.07 24.67 50.53
N LEU F 429 -20.22 24.24 51.47
CA LEU F 429 -20.74 23.70 52.73
C LEU F 429 -21.86 24.57 53.26
N ILE F 430 -21.69 25.89 53.12
CA ILE F 430 -22.70 26.84 53.55
C ILE F 430 -23.97 26.74 52.71
N ASP F 431 -23.83 26.74 51.37
CA ASP F 431 -24.90 26.81 50.37
C ASP F 431 -25.47 28.23 50.26
N LEU F 432 -24.97 29.21 51.02
CA LEU F 432 -25.55 30.55 50.97
C LEU F 432 -25.25 31.22 49.64
N GLU F 433 -26.32 31.61 48.94
CA GLU F 433 -26.15 32.20 47.62
C GLU F 433 -27.36 33.06 47.27
N ASP F 434 -27.09 34.11 46.51
CA ASP F 434 -28.10 34.90 45.82
C ASP F 434 -27.65 35.05 44.38
N GLU F 435 -28.37 35.87 43.62
CA GLU F 435 -28.09 36.03 42.19
C GLU F 435 -26.60 36.23 41.91
N THR F 436 -25.90 36.91 42.81
CA THR F 436 -24.45 36.93 42.78
C THR F 436 -23.92 36.71 44.19
N ILE F 437 -23.06 35.70 44.35
CA ILE F 437 -22.42 35.52 45.65
C ILE F 437 -21.60 36.75 45.97
N ASP F 438 -21.57 37.12 47.24
CA ASP F 438 -20.81 38.25 47.71
C ASP F 438 -19.34 38.11 47.33
N ALA F 439 -18.72 39.25 47.07
CA ALA F 439 -17.29 39.27 46.80
C ALA F 439 -16.47 38.84 48.00
N GLU F 440 -16.88 39.24 49.21
CA GLU F 440 -16.10 38.93 50.41
C GLU F 440 -16.39 37.53 50.94
N VAL F 441 -17.59 36.99 50.72
CA VAL F 441 -17.82 35.64 51.23
C VAL F 441 -16.89 34.65 50.55
N MET F 442 -16.41 34.96 49.34
CA MET F 442 -15.42 34.10 48.70
C MET F 442 -13.98 34.49 49.04
N ASN F 443 -13.76 35.44 49.94
CA ASN F 443 -12.38 35.82 50.19
C ASN F 443 -11.64 34.78 51.01
N SER F 444 -12.32 34.14 51.95
CA SER F 444 -11.66 33.25 52.89
C SER F 444 -11.09 32.00 52.23
N LEU F 445 -11.37 31.76 50.95
CA LEU F 445 -10.82 30.60 50.26
C LEU F 445 -9.40 30.89 49.80
N ALA F 446 -8.48 30.01 50.16
CA ALA F 446 -7.05 30.21 49.89
C ALA F 446 -6.44 28.92 49.38
N VAL F 447 -5.91 28.95 48.16
CA VAL F 447 -5.50 27.71 47.50
C VAL F 447 -4.27 27.15 48.19
N THR F 448 -4.28 25.84 48.43
CA THR F 448 -3.29 25.22 49.29
C THR F 448 -2.52 24.11 48.55
N MET F 449 -1.38 23.73 49.14
CA MET F 449 -0.51 22.74 48.52
C MET F 449 -1.25 21.42 48.28
N ASP F 450 -2.07 21.00 49.25
CA ASP F 450 -2.90 19.81 49.06
C ASP F 450 -3.77 19.93 47.82
N ASP F 451 -4.26 21.14 47.56
CA ASP F 451 -5.09 21.38 46.38
C ASP F 451 -4.27 21.21 45.10
N PHE F 452 -3.08 21.79 45.11
CA PHE F 452 -2.19 21.71 43.94
C PHE F 452 -1.67 20.31 43.68
N ARG F 453 -1.30 19.60 44.74
CA ARG F 453 -0.81 18.24 44.57
C ARG F 453 -1.93 17.38 44.02
N TRP F 454 -3.14 17.61 44.52
CA TRP F 454 -4.27 16.85 44.02
C TRP F 454 -4.37 17.18 42.54
N ALA F 455 -4.20 18.45 42.21
CA ALA F 455 -4.27 18.89 40.83
C ALA F 455 -3.18 18.27 39.97
N LEU F 456 -1.97 18.16 40.51
CA LEU F 456 -0.88 17.57 39.75
C LEU F 456 -1.24 16.13 39.44
N SER F 457 -1.89 15.49 40.40
CA SER F 457 -2.32 14.11 40.24
C SER F 457 -3.30 13.93 39.09
N GLN F 458 -4.14 14.92 38.81
CA GLN F 458 -5.10 14.78 37.70
C GLN F 458 -4.82 15.52 36.37
N SER F 459 -3.61 16.03 36.18
CA SER F 459 -3.29 16.79 34.95
C SER F 459 -3.38 16.11 33.57
N ASN F 460 -2.86 14.89 33.47
CA ASN F 460 -2.89 14.12 32.23
C ASN F 460 -1.96 14.60 31.12
N PRO F 461 -0.84 15.34 31.51
CA PRO F 461 0.02 15.77 30.39
C PRO F 461 0.60 14.54 29.70
N SER F 462 0.84 14.53 28.37
CA SER F 462 0.64 15.61 27.39
C SER F 462 1.94 16.35 27.10
N ALA F 463 2.53 16.07 25.94
CA ALA F 463 3.79 16.69 25.53
C ALA F 463 4.97 15.99 26.18
N LEU F 464 4.68 14.93 26.93
CA LEU F 464 5.73 14.16 27.59
C LEU F 464 6.60 13.52 26.52
N ARG F 465 5.95 13.04 25.47
CA ARG F 465 6.62 12.39 24.36
C ARG F 465 7.55 13.33 23.60
N GLU F 466 7.16 14.59 23.44
CA GLU F 466 7.99 15.53 22.70
C GLU F 466 9.40 15.70 23.26
N THR F 467 10.36 15.80 22.34
CA THR F 467 11.77 15.97 22.68
C THR F 467 11.93 17.22 23.53
N VAL F 468 12.97 17.24 24.37
CA VAL F 468 13.20 18.38 25.25
C VAL F 468 14.37 19.24 24.77
N VAL F 469 14.10 20.53 24.68
CA VAL F 469 15.10 21.51 24.27
C VAL F 469 15.12 22.62 25.30
N GLU F 470 16.13 22.65 26.09
CA GLU F 470 16.16 23.48 27.27
C GLU F 470 17.59 23.83 27.62
N VAL F 471 17.76 25.02 28.19
CA VAL F 471 19.04 25.38 28.80
C VAL F 471 19.17 24.57 30.08
N PRO F 472 20.18 23.70 30.19
CA PRO F 472 20.22 22.80 31.34
C PRO F 472 20.63 23.51 32.61
N GLN F 473 20.14 22.99 33.73
CA GLN F 473 20.27 23.66 35.01
C GLN F 473 21.52 23.26 35.79
N VAL F 474 22.27 22.28 35.29
CA VAL F 474 23.50 21.83 35.93
C VAL F 474 24.61 22.83 35.63
N THR F 475 25.41 23.18 36.65
CA THR F 475 26.49 24.13 36.48
C THR F 475 27.88 23.52 36.64
N TRP F 476 28.90 24.36 36.65
CA TRP F 476 30.28 23.92 36.80
C TRP F 476 30.53 23.34 38.18
N GLU F 477 29.81 23.83 39.18
CA GLU F 477 29.95 23.37 40.54
C GLU F 477 29.50 21.92 40.67
N ASP F 478 28.47 21.58 39.92
CA ASP F 478 27.93 20.23 39.95
C ASP F 478 28.93 19.23 39.40
N ILE F 479 30.07 19.71 38.92
CA ILE F 479 31.06 18.80 38.37
C ILE F 479 32.29 18.84 39.26
N GLY F 480 32.53 17.77 39.99
CA GLY F 480 33.78 17.63 40.69
C GLY F 480 34.91 17.27 39.74
N GLY F 481 36.02 17.96 39.91
CA GLY F 481 37.18 17.63 39.11
C GLY F 481 37.08 18.22 37.72
N LEU F 482 37.88 17.64 36.82
CA LEU F 482 37.81 17.95 35.38
C LEU F 482 37.99 19.44 35.12
N GLU F 483 39.04 20.02 35.70
CA GLU F 483 39.28 21.45 35.54
C GLU F 483 39.84 21.77 34.16
N ASP F 484 40.87 21.05 33.74
CA ASP F 484 41.46 21.30 32.44
C ASP F 484 40.45 21.09 31.32
N VAL F 485 39.81 19.91 31.31
CA VAL F 485 38.78 19.64 30.32
C VAL F 485 37.73 20.72 30.31
N LYS F 486 37.42 21.29 31.46
CA LYS F 486 36.46 22.38 31.52
C LYS F 486 36.97 23.60 30.75
N ARG F 487 38.25 23.92 30.87
CA ARG F 487 38.83 24.99 30.09
C ARG F 487 38.76 24.68 28.60
N GLU F 488 39.14 23.47 28.23
CA GLU F 488 39.23 23.11 26.83
C GLU F 488 37.88 23.19 26.12
N LEU F 489 36.78 22.88 26.82
CA LEU F 489 35.48 23.06 26.21
C LEU F 489 35.23 24.53 25.90
N GLN F 490 35.41 25.39 26.90
CA GLN F 490 35.24 26.82 26.69
C GLN F 490 36.08 27.31 25.51
N GLU F 491 37.29 26.76 25.35
CA GLU F 491 38.11 27.06 24.18
C GLU F 491 37.37 26.71 22.91
N LEU F 492 36.92 25.46 22.80
CA LEU F 492 36.28 24.99 21.58
C LEU F 492 34.93 25.66 21.36
N VAL F 493 34.16 25.84 22.42
CA VAL F 493 32.80 26.36 22.26
C VAL F 493 32.79 27.88 22.12
N GLN F 494 33.48 28.58 23.02
CA GLN F 494 33.30 30.02 23.15
C GLN F 494 34.18 30.85 22.23
N TYR F 495 35.44 30.50 22.04
CA TYR F 495 36.32 31.39 21.30
C TYR F 495 35.92 31.60 19.85
N PRO F 496 35.45 30.61 19.10
CA PRO F 496 35.10 30.90 17.70
C PRO F 496 33.95 31.88 17.53
N VAL F 497 33.00 31.91 18.46
CA VAL F 497 31.87 32.83 18.31
C VAL F 497 32.22 34.20 18.86
N GLU F 498 32.97 34.24 19.95
CA GLU F 498 33.36 35.49 20.58
C GLU F 498 34.49 36.20 19.86
N HIS F 499 35.36 35.46 19.19
CA HIS F 499 36.51 36.02 18.50
C HIS F 499 36.59 35.50 17.07
N PRO F 500 35.55 35.71 16.27
CA PRO F 500 35.63 35.26 14.88
C PRO F 500 36.64 36.03 14.08
N ASP F 501 36.88 37.29 14.46
CA ASP F 501 37.92 38.09 13.86
C ASP F 501 39.29 37.41 13.95
N LYS F 502 39.52 36.61 15.00
CA LYS F 502 40.80 35.94 15.12
C LYS F 502 40.89 34.69 14.27
N PHE F 503 39.81 33.92 14.18
CA PHE F 503 39.87 32.67 13.42
C PHE F 503 39.93 32.96 11.93
N LEU F 504 39.30 34.04 11.52
CA LEU F 504 39.38 34.50 10.13
C LEU F 504 40.80 34.86 9.76
N LYS F 505 41.58 35.40 10.70
CA LYS F 505 42.94 35.86 10.42
C LYS F 505 43.78 34.76 9.81
N PHE F 506 43.81 33.59 10.44
CA PHE F 506 44.54 32.44 9.95
C PHE F 506 43.72 31.59 8.99
N GLY F 507 42.53 32.05 8.60
CA GLY F 507 41.72 31.27 7.69
C GLY F 507 41.25 29.94 8.26
N MET F 508 41.39 29.74 9.57
CA MET F 508 41.12 28.45 10.17
C MET F 508 39.65 28.35 10.56
N THR F 509 39.06 27.26 10.27
CA THR F 509 37.70 27.03 10.74
C THR F 509 37.74 26.22 12.02
N PRO F 510 37.02 26.62 13.05
CA PRO F 510 36.99 25.83 14.28
C PRO F 510 36.32 24.48 14.06
N SER F 511 36.56 23.58 15.01
CA SER F 511 35.87 22.30 14.96
C SER F 511 34.41 22.50 15.37
N LYS F 512 33.52 21.80 14.71
CA LYS F 512 32.14 21.73 15.15
C LYS F 512 31.95 20.65 16.22
N GLY F 513 32.71 19.58 16.17
CA GLY F 513 32.48 18.51 17.11
C GLY F 513 33.47 18.24 18.22
N VAL F 514 33.02 17.48 19.19
CA VAL F 514 33.85 16.94 20.26
C VAL F 514 33.32 15.55 20.57
N LEU F 515 34.22 14.59 20.71
CA LEU F 515 33.85 13.27 21.16
C LEU F 515 34.48 13.01 22.52
N PHE F 516 33.64 12.89 23.54
CA PHE F 516 34.04 12.44 24.86
C PHE F 516 34.13 10.92 24.87
N TYR F 517 35.19 10.39 25.43
CA TYR F 517 35.32 8.94 25.56
C TYR F 517 35.92 8.63 26.92
N GLY F 518 35.44 7.56 27.54
CA GLY F 518 35.89 7.18 28.84
C GLY F 518 35.00 6.13 29.46
N PRO F 519 35.30 5.73 30.68
CA PRO F 519 34.50 4.72 31.35
C PRO F 519 33.12 5.25 31.73
N PRO F 520 32.18 4.36 32.04
CA PRO F 520 30.81 4.80 32.33
C PRO F 520 30.71 5.54 33.65
N GLY F 521 30.03 6.68 33.64
CA GLY F 521 29.72 7.37 34.85
C GLY F 521 30.69 8.44 35.28
N CYS F 522 31.65 8.80 34.45
CA CYS F 522 32.70 9.74 34.81
C CYS F 522 32.33 11.18 34.52
N GLY F 523 31.07 11.46 34.20
CA GLY F 523 30.61 12.82 34.07
C GLY F 523 30.61 13.39 32.68
N LYS F 524 30.50 12.57 31.64
CA LYS F 524 30.47 13.06 30.27
C LYS F 524 29.19 13.81 29.95
N THR F 525 28.06 13.40 30.52
CA THR F 525 26.79 14.05 30.22
C THR F 525 26.66 15.36 30.96
N LEU F 526 27.06 15.40 32.23
CA LEU F 526 27.09 16.65 32.98
C LEU F 526 28.04 17.65 32.36
N LEU F 527 29.17 17.17 31.87
CA LEU F 527 30.15 18.05 31.27
C LEU F 527 29.60 18.69 30.00
N ALA F 528 28.76 17.96 29.27
CA ALA F 528 28.09 18.52 28.10
C ALA F 528 27.03 19.52 28.50
N LYS F 529 26.22 19.20 29.51
CA LYS F 529 25.18 20.13 29.92
C LYS F 529 25.77 21.38 30.55
N ALA F 530 26.87 21.25 31.29
CA ALA F 530 27.40 22.41 31.98
C ALA F 530 27.95 23.45 31.02
N ILE F 531 28.48 23.04 29.86
CA ILE F 531 28.95 24.06 28.94
C ILE F 531 27.80 24.71 28.18
N ALA F 532 26.72 23.98 27.96
CA ALA F 532 25.54 24.59 27.39
C ALA F 532 24.86 25.52 28.39
N ASN F 533 24.84 25.13 29.66
CA ASN F 533 24.32 26.00 30.70
C ASN F 533 25.13 27.28 30.81
N GLU F 534 26.45 27.18 30.71
CA GLU F 534 27.26 28.38 30.82
C GLU F 534 26.98 29.34 29.68
N CYS F 535 26.96 28.84 28.44
CA CYS F 535 26.58 29.65 27.29
C CYS F 535 25.11 29.98 27.27
N GLN F 536 24.33 29.45 28.21
CA GLN F 536 22.87 29.57 28.20
C GLN F 536 22.32 29.20 26.84
N ALA F 537 22.96 28.21 26.23
CA ALA F 537 22.50 27.60 25.00
C ALA F 537 21.45 26.53 25.29
N ASN F 538 20.60 26.29 24.31
CA ASN F 538 19.68 25.16 24.39
C ASN F 538 20.47 23.86 24.38
N PHE F 539 19.95 22.85 25.06
CA PHE F 539 20.60 21.56 25.12
C PHE F 539 19.61 20.53 24.61
N ILE F 540 20.06 19.72 23.66
CA ILE F 540 19.24 18.65 23.10
C ILE F 540 20.01 17.36 23.29
N SER F 541 19.46 16.45 24.06
CA SER F 541 20.11 15.18 24.35
C SER F 541 19.45 14.10 23.54
N ILE F 542 20.23 13.47 22.67
CA ILE F 542 19.77 12.30 21.93
C ILE F 542 20.39 11.09 22.63
N LYS F 543 19.57 10.22 23.15
CA LYS F 543 20.04 9.13 24.00
C LYS F 543 20.06 7.83 23.23
N GLY F 544 20.96 6.92 23.64
CA GLY F 544 21.13 5.66 22.96
C GLY F 544 19.88 4.89 22.63
N PRO F 545 18.89 4.83 23.52
CA PRO F 545 17.62 4.21 23.14
C PRO F 545 16.92 4.93 22.01
N GLU F 546 17.19 6.22 21.83
CA GLU F 546 16.62 6.94 20.69
C GLU F 546 17.38 6.65 19.41
N LEU F 547 18.69 6.47 19.45
CA LEU F 547 19.35 6.01 18.24
C LEU F 547 19.01 4.56 17.94
N LEU F 548 18.78 3.74 18.96
CA LEU F 548 18.36 2.37 18.72
C LEU F 548 16.94 2.30 18.16
N THR F 549 16.05 3.22 18.52
CA THR F 549 14.71 3.14 17.97
C THR F 549 14.71 3.45 16.47
N MET F 550 15.53 4.40 16.03
CA MET F 550 15.66 4.61 14.59
C MET F 550 16.29 3.41 13.90
N TRP F 551 17.14 2.68 14.58
CA TRP F 551 17.79 1.56 13.93
C TRP F 551 16.91 0.33 13.88
N PHE F 552 16.18 -0.01 14.95
CA PHE F 552 15.28 -1.15 14.87
C PHE F 552 14.13 -0.88 13.94
N GLY F 553 13.60 0.33 13.99
CA GLY F 553 12.59 0.76 13.07
C GLY F 553 13.11 1.13 11.71
N GLU F 554 14.43 0.99 11.51
CA GLU F 554 15.13 1.25 10.26
C GLU F 554 14.57 2.50 9.63
N SER F 555 14.24 3.49 10.45
CA SER F 555 13.92 4.84 10.02
C SER F 555 15.00 5.75 10.56
N GLU F 556 16.00 6.03 9.75
CA GLU F 556 17.00 7.02 10.09
C GLU F 556 16.72 8.35 9.42
N ALA F 557 15.67 8.42 8.61
CA ALA F 557 15.19 9.69 8.11
C ALA F 557 14.75 10.62 9.23
N ASN F 558 14.56 10.12 10.43
CA ASN F 558 14.32 11.01 11.56
C ASN F 558 15.57 11.67 12.10
N VAL F 559 16.76 11.33 11.61
CA VAL F 559 17.93 12.08 12.03
C VAL F 559 17.82 13.51 11.54
N ARG F 560 17.21 13.73 10.38
CA ARG F 560 17.14 15.08 9.83
C ARG F 560 16.36 16.02 10.73
N GLU F 561 15.24 15.57 11.26
CA GLU F 561 14.47 16.48 12.07
C GLU F 561 15.09 16.72 13.43
N ILE F 562 15.96 15.83 13.87
CA ILE F 562 16.65 16.05 15.14
C ILE F 562 17.53 17.27 14.88
N PHE F 563 18.24 17.23 13.75
CA PHE F 563 19.10 18.32 13.32
C PHE F 563 18.34 19.61 12.98
N ASP F 564 17.21 19.46 12.29
CA ASP F 564 16.40 20.61 11.93
C ASP F 564 15.96 21.25 13.23
N LYS F 565 15.60 20.41 14.19
CA LYS F 565 15.17 20.89 15.49
C LYS F 565 16.33 21.65 16.14
N ALA F 566 17.53 21.12 16.00
CA ALA F 566 18.71 21.77 16.55
C ALA F 566 18.98 23.12 15.90
N ARG F 567 18.80 23.19 14.58
CA ARG F 567 19.00 24.41 13.82
C ARG F 567 18.06 25.50 14.29
N GLN F 568 16.80 25.13 14.51
CA GLN F 568 15.77 26.05 15.00
C GLN F 568 16.03 26.49 16.43
N ALA F 569 16.68 25.65 17.23
CA ALA F 569 16.94 25.94 18.63
C ALA F 569 18.23 26.70 18.84
N ALA F 570 18.93 27.03 17.77
CA ALA F 570 20.25 27.59 17.85
C ALA F 570 20.25 28.95 18.56
N PRO F 571 21.34 29.27 19.27
CA PRO F 571 22.48 28.41 19.60
C PRO F 571 22.16 27.24 20.51
N CYS F 572 22.52 26.02 20.14
CA CYS F 572 22.34 24.90 21.05
C CYS F 572 23.60 24.05 21.05
N VAL F 573 23.68 23.19 22.05
CA VAL F 573 24.61 22.07 22.08
C VAL F 573 23.79 20.81 21.85
N LEU F 574 24.07 20.12 20.76
CA LEU F 574 23.38 18.90 20.41
C LEU F 574 24.24 17.72 20.88
N PHE F 575 23.76 17.00 21.87
CA PHE F 575 24.56 15.97 22.52
C PHE F 575 24.03 14.58 22.18
N PHE F 576 24.91 13.71 21.70
CA PHE F 576 24.60 12.31 21.47
C PHE F 576 25.19 11.48 22.60
N ASP F 577 24.32 11.02 23.49
CA ASP F 577 24.63 9.95 24.41
C ASP F 577 24.98 8.69 23.67
N GLU F 578 25.87 7.90 24.26
CA GLU F 578 25.91 6.46 24.02
C GLU F 578 25.99 6.17 22.53
N LEU F 579 26.88 6.90 21.86
CA LEU F 579 26.90 6.92 20.40
C LEU F 579 27.37 5.60 19.80
N ASP F 580 27.85 4.65 20.61
CA ASP F 580 28.16 3.30 20.17
C ASP F 580 27.03 2.32 20.43
N SER F 581 25.87 2.80 20.88
CA SER F 581 24.81 1.88 21.29
C SER F 581 24.38 0.96 20.15
N ILE F 582 24.50 1.41 18.91
CA ILE F 582 24.07 0.55 17.81
C ILE F 582 25.16 -0.46 17.47
N ALA F 583 26.43 -0.08 17.58
CA ALA F 583 27.50 -1.05 17.39
C ALA F 583 27.40 -2.16 18.42
N LYS F 584 27.00 -1.83 19.64
CA LYS F 584 26.79 -2.88 20.64
C LYS F 584 25.60 -3.77 20.28
N ALA F 585 24.54 -3.17 19.75
CA ALA F 585 23.34 -3.94 19.44
C ALA F 585 23.64 -5.04 18.44
N ARG F 586 24.66 -4.86 17.61
CA ARG F 586 25.04 -5.87 16.66
C ARG F 586 26.09 -6.84 17.18
N GLY F 587 26.71 -6.56 18.31
CA GLY F 587 28.04 -7.06 18.48
C GLY F 587 28.84 -6.13 19.39
N GLY F 588 30.09 -5.94 19.02
CA GLY F 588 31.03 -5.19 19.82
C GLY F 588 32.14 -6.06 20.35
N ASN F 589 31.99 -7.37 20.26
CA ASN F 589 33.16 -8.22 20.19
C ASN F 589 33.35 -8.70 18.76
N ILE F 590 32.58 -9.70 18.32
CA ILE F 590 32.69 -10.18 16.94
C ILE F 590 31.70 -9.51 16.00
N GLY F 591 30.69 -8.82 16.54
CA GLY F 591 29.76 -8.04 15.77
C GLY F 591 29.00 -8.81 14.72
N ASP F 592 28.39 -8.04 13.83
CA ASP F 592 27.99 -8.58 12.55
C ASP F 592 29.23 -8.78 11.68
N GLY F 593 29.06 -9.59 10.63
CA GLY F 593 30.06 -9.58 9.58
C GLY F 593 30.32 -8.21 9.01
N GLY F 594 29.36 -7.30 9.14
CA GLY F 594 29.53 -5.98 8.59
C GLY F 594 30.63 -5.18 9.27
N GLY F 595 31.08 -4.14 8.58
CA GLY F 595 32.00 -3.19 9.15
C GLY F 595 31.30 -2.20 10.06
N ALA F 596 32.04 -1.17 10.46
CA ALA F 596 31.58 -0.30 11.52
C ALA F 596 30.41 0.60 11.12
N ALA F 597 30.11 0.71 9.84
CA ALA F 597 29.05 1.61 9.40
C ALA F 597 27.68 0.99 9.64
N ASP F 598 26.68 1.86 9.77
CA ASP F 598 25.28 1.43 9.77
C ASP F 598 24.40 2.63 9.54
N ARG F 599 23.12 2.36 9.36
CA ARG F 599 22.15 3.33 8.87
C ARG F 599 21.94 4.63 9.61
N VAL F 600 22.04 4.61 10.93
CA VAL F 600 21.77 5.81 11.69
C VAL F 600 22.99 6.68 11.80
N ILE F 601 24.14 6.07 12.12
CA ILE F 601 25.36 6.83 12.23
C ILE F 601 25.74 7.38 10.87
N ASN F 602 25.28 6.75 9.80
CA ASN F 602 25.52 7.28 8.47
C ASN F 602 24.76 8.58 8.25
N GLN F 603 23.51 8.66 8.70
CA GLN F 603 22.77 9.90 8.53
C GLN F 603 23.33 11.02 9.38
N ILE F 604 23.83 10.71 10.57
CA ILE F 604 24.50 11.71 11.38
C ILE F 604 25.70 12.27 10.63
N LEU F 605 26.45 11.43 9.93
CA LEU F 605 27.53 11.92 9.08
C LEU F 605 26.98 12.80 7.97
N THR F 606 25.97 12.31 7.26
CA THR F 606 25.36 13.11 6.19
C THR F 606 24.89 14.46 6.72
N GLU F 607 24.27 14.50 7.90
CA GLU F 607 23.68 15.75 8.36
C GLU F 607 24.68 16.66 9.06
N MET F 608 25.85 16.15 9.45
CA MET F 608 26.90 17.03 9.94
C MET F 608 27.57 17.75 8.79
N ASP F 609 27.84 17.03 7.71
CA ASP F 609 28.51 17.63 6.56
C ASP F 609 27.62 18.65 5.87
N GLY F 610 26.31 18.46 5.97
CA GLY F 610 25.31 19.30 5.35
C GLY F 610 24.88 20.50 6.17
N MET F 611 25.46 20.65 7.35
CA MET F 611 25.13 21.77 8.22
C MET F 611 25.54 23.05 7.50
N SER F 612 24.80 24.13 7.71
CA SER F 612 25.12 25.39 7.06
C SER F 612 26.21 26.10 7.84
N THR F 613 27.38 25.47 7.86
CA THR F 613 28.54 25.98 8.55
C THR F 613 28.28 25.86 10.04
N LYS F 614 29.10 26.52 10.84
CA LYS F 614 28.90 26.50 12.27
C LYS F 614 28.03 27.72 12.54
N LYS F 615 26.78 27.48 12.91
CA LYS F 615 25.86 28.56 13.19
C LYS F 615 25.10 28.37 14.50
N ASN F 616 25.79 28.52 15.61
CA ASN F 616 25.14 28.37 16.91
C ASN F 616 24.88 26.92 17.31
N VAL F 617 25.33 25.97 16.50
CA VAL F 617 25.12 24.55 16.83
C VAL F 617 26.44 23.81 17.04
N PHE F 618 26.62 23.31 18.26
CA PHE F 618 27.82 22.56 18.62
C PHE F 618 27.47 21.12 18.94
N ILE F 619 28.19 20.18 18.32
CA ILE F 619 27.93 18.76 18.53
C ILE F 619 28.89 18.10 19.51
N ILE F 620 28.34 17.31 20.42
CA ILE F 620 29.16 16.56 21.38
C ILE F 620 28.70 15.12 21.35
N GLY F 621 29.60 14.23 20.95
CA GLY F 621 29.37 12.82 21.13
C GLY F 621 30.03 12.30 22.39
N ALA F 622 29.45 11.26 22.96
CA ALA F 622 30.02 10.60 24.12
C ALA F 622 29.87 9.10 23.94
N THR F 623 30.91 8.37 24.28
CA THR F 623 30.89 6.92 24.12
C THR F 623 31.72 6.31 25.22
N ASN F 624 31.31 5.12 25.63
CA ASN F 624 32.16 4.25 26.44
C ASN F 624 33.08 3.43 25.56
N ARG F 625 32.61 3.00 24.40
CA ARG F 625 33.45 2.13 23.59
C ARG F 625 33.94 2.89 22.37
N PRO F 626 35.13 3.46 22.41
CA PRO F 626 35.68 4.09 21.20
C PRO F 626 36.16 3.06 20.18
N ASP F 627 36.45 1.84 20.62
CA ASP F 627 36.80 0.76 19.71
C ASP F 627 35.80 0.65 18.57
N ILE F 628 34.51 0.53 18.93
CA ILE F 628 33.49 0.17 17.96
C ILE F 628 32.87 1.36 17.28
N ILE F 629 33.27 2.57 17.63
CA ILE F 629 32.85 3.76 16.90
C ILE F 629 33.31 3.66 15.46
N ASP F 630 32.42 3.99 14.54
CA ASP F 630 32.78 4.09 13.14
C ASP F 630 33.86 5.14 12.97
N PRO F 631 35.05 4.77 12.49
CA PRO F 631 36.15 5.74 12.42
C PRO F 631 35.87 6.91 11.50
N ALA F 632 34.86 6.83 10.63
CA ALA F 632 34.46 7.99 9.84
C ALA F 632 33.84 9.10 10.68
N ILE F 633 33.42 8.80 11.91
CA ILE F 633 32.93 9.83 12.84
C ILE F 633 34.04 10.82 13.16
N LEU F 634 35.26 10.33 13.24
CA LEU F 634 36.39 11.04 13.81
C LEU F 634 37.14 11.87 12.78
N ARG F 635 36.63 11.99 11.56
CA ARG F 635 37.34 12.62 10.47
C ARG F 635 37.28 14.14 10.54
N PRO F 636 38.16 14.82 9.81
CA PRO F 636 38.16 16.29 9.84
C PRO F 636 36.89 16.88 9.26
N GLY F 637 36.30 17.80 10.02
CA GLY F 637 35.05 18.45 9.66
C GLY F 637 33.88 17.82 10.40
N ARG F 638 34.17 16.75 11.15
CA ARG F 638 33.19 16.05 11.95
C ARG F 638 33.56 16.25 13.42
N LEU F 639 33.40 15.22 14.24
CA LEU F 639 33.76 15.32 15.66
C LEU F 639 35.26 15.07 15.84
N ASP F 640 36.06 16.02 15.40
CA ASP F 640 37.52 15.95 15.47
C ASP F 640 38.23 15.91 16.84
N GLN F 641 37.73 16.70 17.79
CA GLN F 641 38.36 16.77 19.11
C GLN F 641 37.92 15.58 19.94
N LEU F 642 38.85 14.66 20.18
CA LEU F 642 38.65 13.59 21.14
C LEU F 642 39.17 14.04 22.49
N ILE F 643 38.31 14.02 23.49
CA ILE F 643 38.69 14.33 24.87
C ILE F 643 38.44 13.08 25.70
N TYR F 644 39.40 12.72 26.52
CA TYR F 644 39.31 11.52 27.36
C TYR F 644 38.90 11.93 28.76
N ILE F 645 37.71 11.53 29.16
CA ILE F 645 37.22 11.77 30.52
C ILE F 645 37.55 10.55 31.35
N PRO F 646 38.55 10.61 32.21
CA PRO F 646 39.03 9.42 32.93
C PRO F 646 38.35 9.26 34.28
N LEU F 647 38.68 8.20 35.02
CA LEU F 647 38.16 8.08 36.37
C LEU F 647 38.72 9.21 37.24
N PRO F 648 37.94 9.69 38.20
CA PRO F 648 38.46 10.69 39.13
C PRO F 648 39.56 10.14 40.03
N ASP F 649 40.36 11.06 40.56
CA ASP F 649 41.22 10.80 41.70
C ASP F 649 40.61 11.43 42.93
N GLU F 650 41.26 11.22 44.08
CA GLU F 650 40.64 11.57 45.34
C GLU F 650 40.55 13.08 45.53
N LYS F 651 41.31 13.89 44.81
CA LYS F 651 41.03 15.31 44.78
C LYS F 651 39.70 15.56 44.10
N SER F 652 39.55 15.05 42.88
CA SER F 652 38.28 15.13 42.18
C SER F 652 37.20 14.26 42.83
N ARG F 653 37.57 13.30 43.66
CA ARG F 653 36.56 12.56 44.42
C ARG F 653 36.01 13.38 45.57
N VAL F 654 36.88 14.11 46.27
CA VAL F 654 36.40 15.03 47.28
C VAL F 654 35.46 16.05 46.65
N ALA F 655 35.77 16.49 45.44
CA ALA F 655 34.95 17.50 44.80
C ALA F 655 33.63 16.91 44.33
N ILE F 656 33.66 15.68 43.82
CA ILE F 656 32.43 15.00 43.41
C ILE F 656 31.52 14.75 44.61
N LEU F 657 32.08 14.23 45.71
CA LEU F 657 31.32 14.09 46.94
C LEU F 657 30.72 15.42 47.39
N LYS F 658 31.55 16.46 47.49
CA LYS F 658 31.03 17.76 47.88
C LYS F 658 29.96 18.25 46.92
N ALA F 659 30.15 18.01 45.63
CA ALA F 659 29.23 18.52 44.64
C ALA F 659 27.89 17.81 44.72
N ASN F 660 27.89 16.53 45.03
CA ASN F 660 26.62 15.83 45.16
C ASN F 660 25.89 16.24 46.43
N LEU F 661 26.63 16.43 47.53
CA LEU F 661 26.03 16.68 48.85
C LEU F 661 25.65 18.12 49.10
N ARG F 662 25.83 19.01 48.13
CA ARG F 662 25.50 20.42 48.33
C ARG F 662 24.00 20.66 48.45
N LYS F 663 23.18 19.68 48.11
CA LYS F 663 21.73 19.89 48.20
C LYS F 663 21.21 19.31 49.51
N SER F 664 21.11 18.00 49.59
CA SER F 664 20.62 17.35 50.79
C SER F 664 21.43 17.79 52.01
N PRO F 665 20.79 18.29 53.06
CA PRO F 665 21.56 18.82 54.20
C PRO F 665 22.29 17.70 54.93
N VAL F 666 23.42 18.05 55.53
CA VAL F 666 24.37 17.10 56.04
C VAL F 666 24.82 17.53 57.42
N ALA F 667 24.89 16.57 58.36
CA ALA F 667 25.32 16.83 59.71
C ALA F 667 26.84 16.72 59.80
N LYS F 668 27.45 17.70 60.48
CA LYS F 668 28.85 18.06 60.24
C LYS F 668 29.84 16.98 60.65
N ASP F 669 29.43 16.05 61.52
CA ASP F 669 30.34 15.03 62.04
C ASP F 669 30.87 14.06 61.00
N VAL F 670 30.13 13.81 59.92
CA VAL F 670 30.59 12.89 58.88
C VAL F 670 31.74 13.52 58.12
N ASP F 671 32.73 12.69 57.75
CA ASP F 671 34.00 13.17 57.20
C ASP F 671 34.09 12.78 55.73
N LEU F 672 34.18 13.80 54.88
CA LEU F 672 34.08 13.60 53.44
C LEU F 672 35.44 13.44 52.77
N GLU F 673 36.54 13.70 53.48
CA GLU F 673 37.87 13.53 52.91
C GLU F 673 38.31 12.08 52.94
N PHE F 674 37.84 11.32 53.94
CA PHE F 674 38.28 9.94 54.12
C PHE F 674 37.58 8.99 53.16
N LEU F 675 36.25 9.13 53.05
CA LEU F 675 35.46 8.31 52.12
C LEU F 675 36.08 8.31 50.74
N ALA F 676 36.68 9.44 50.34
CA ALA F 676 37.32 9.53 49.05
C ALA F 676 38.41 8.49 48.89
N LYS F 677 39.55 8.72 49.55
CA LYS F 677 40.74 7.91 49.29
C LYS F 677 40.51 6.44 49.55
N MET F 678 39.50 6.11 50.36
CA MET F 678 39.21 4.71 50.63
C MET F 678 38.58 4.02 49.43
N THR F 679 37.81 4.73 48.63
CA THR F 679 37.23 4.15 47.42
C THR F 679 38.24 4.39 46.31
N ASN F 680 38.97 3.34 45.93
CA ASN F 680 40.21 3.54 45.20
C ASN F 680 39.95 3.80 43.73
N GLY F 681 39.10 2.98 43.13
CA GLY F 681 38.86 2.98 41.70
C GLY F 681 37.51 3.41 41.21
N PHE F 682 36.70 4.07 42.04
CA PHE F 682 35.32 4.34 41.65
C PHE F 682 35.20 5.40 40.55
N SER F 683 34.22 5.19 39.67
CA SER F 683 33.73 6.23 38.79
C SER F 683 32.89 7.24 39.55
N GLY F 684 32.65 8.39 38.93
CA GLY F 684 31.79 9.40 39.54
C GLY F 684 30.39 8.90 39.86
N ALA F 685 29.86 7.99 39.06
CA ALA F 685 28.52 7.48 39.32
C ALA F 685 28.50 6.50 40.48
N ASP F 686 29.60 5.77 40.69
CA ASP F 686 29.70 4.87 41.82
C ASP F 686 29.66 5.62 43.15
N LEU F 687 30.09 6.87 43.17
CA LEU F 687 30.03 7.68 44.39
C LEU F 687 28.64 8.23 44.60
N THR F 688 27.89 8.41 43.52
CA THR F 688 26.49 8.77 43.62
C THR F 688 25.68 7.63 44.23
N GLU F 689 26.04 6.39 43.92
CA GLU F 689 25.38 5.24 44.53
C GLU F 689 25.49 5.30 46.05
N ILE F 690 26.70 5.55 46.55
CA ILE F 690 26.92 5.60 47.99
C ILE F 690 26.16 6.77 48.60
N CYS F 691 26.31 7.96 48.03
CA CYS F 691 25.60 9.11 48.57
C CYS F 691 24.10 8.86 48.58
N GLN F 692 23.58 8.25 47.51
CA GLN F 692 22.18 7.85 47.45
C GLN F 692 21.88 6.65 48.33
N ARG F 693 22.86 5.78 48.59
CA ARG F 693 22.58 4.67 49.49
C ARG F 693 22.39 5.17 50.92
N ALA F 694 23.15 6.20 51.31
CA ALA F 694 23.08 6.75 52.65
C ALA F 694 21.88 7.70 52.82
N CYS F 695 21.61 8.55 51.83
CA CYS F 695 20.43 9.39 51.92
C CYS F 695 19.16 8.55 51.98
N LYS F 696 19.18 7.36 51.36
CA LYS F 696 18.03 6.46 51.49
C LYS F 696 17.82 6.07 52.94
N LEU F 697 18.89 5.62 53.60
CA LEU F 697 18.83 5.23 55.00
C LEU F 697 18.38 6.36 55.92
N ALA F 698 18.76 7.60 55.62
CA ALA F 698 18.30 8.71 56.45
C ALA F 698 16.79 8.86 56.35
N ILE F 699 16.25 8.80 55.14
CA ILE F 699 14.80 8.77 54.98
C ILE F 699 14.24 7.52 55.65
N ARG F 700 14.97 6.41 55.57
CA ARG F 700 14.59 5.20 56.28
C ARG F 700 14.46 5.44 57.78
N GLU F 701 15.40 6.20 58.36
CA GLU F 701 15.29 6.58 59.76
C GLU F 701 14.14 7.55 60.00
N SER F 702 14.14 8.66 59.28
CA SER F 702 13.18 9.73 59.51
C SER F 702 11.74 9.21 59.57
N ILE F 703 11.35 8.38 58.61
CA ILE F 703 9.97 7.90 58.56
C ILE F 703 9.71 6.85 59.63
N GLU F 704 10.73 6.09 60.02
CA GLU F 704 10.54 5.08 61.06
C GLU F 704 10.69 5.66 62.45
N SER F 705 11.23 6.87 62.58
CA SER F 705 11.40 7.46 63.90
C SER F 705 10.12 8.11 64.40
N GLU F 706 9.34 8.72 63.51
CA GLU F 706 8.08 9.28 63.98
C GLU F 706 6.98 8.22 64.08
N ILE F 707 7.06 7.17 63.29
CA ILE F 707 6.25 5.98 63.56
C ILE F 707 6.97 5.09 64.56
N VAL F 728 15.45 15.20 64.22
CA VAL F 728 16.21 13.95 64.10
C VAL F 728 16.26 13.30 62.70
N PRO F 729 15.50 13.79 61.72
CA PRO F 729 15.78 13.41 60.33
C PRO F 729 17.02 14.06 59.75
N GLU F 730 18.21 13.50 60.01
CA GLU F 730 19.45 14.04 59.47
C GLU F 730 20.38 12.90 59.06
N ILE F 731 21.45 13.25 58.35
CA ILE F 731 22.36 12.27 57.78
C ILE F 731 23.63 12.23 58.62
N ARG F 732 24.18 11.04 58.80
CA ARG F 732 25.10 10.73 59.88
C ARG F 732 26.36 10.12 59.32
N ARG F 733 27.41 10.05 60.14
CA ARG F 733 28.63 9.39 59.71
C ARG F 733 28.44 7.88 59.57
N ASP F 734 27.54 7.29 60.35
CA ASP F 734 27.38 5.84 60.29
C ASP F 734 26.55 5.40 59.09
N HIS F 735 25.71 6.28 58.52
CA HIS F 735 24.99 5.93 57.30
C HIS F 735 25.97 5.72 56.15
N PHE F 736 26.86 6.68 55.92
CA PHE F 736 27.90 6.47 54.92
C PHE F 736 28.78 5.28 55.25
N GLU F 737 28.70 4.77 56.48
CA GLU F 737 29.35 3.50 56.78
C GLU F 737 28.47 2.33 56.35
N GLU F 738 27.16 2.43 56.56
CA GLU F 738 26.24 1.36 56.15
C GLU F 738 26.05 1.38 54.64
N ALA F 739 25.96 2.58 54.06
CA ALA F 739 26.05 2.73 52.62
C ALA F 739 27.30 2.07 52.08
N MET F 740 28.43 2.27 52.76
CA MET F 740 29.69 1.73 52.27
C MET F 740 29.72 0.21 52.30
N ARG F 741 28.88 -0.42 53.12
CA ARG F 741 28.86 -1.87 53.15
C ARG F 741 28.44 -2.44 51.80
N PHE F 742 27.66 -1.68 51.03
CA PHE F 742 27.19 -2.07 49.71
C PHE F 742 28.03 -1.51 48.58
N ALA F 743 29.15 -0.85 48.88
CA ALA F 743 29.87 -0.09 47.88
C ALA F 743 30.49 -0.99 46.83
N ARG F 744 30.19 -0.68 45.58
CA ARG F 744 30.47 -1.52 44.43
C ARG F 744 31.23 -0.68 43.42
N ARG F 745 32.13 -1.29 42.67
CA ARG F 745 32.91 -0.56 41.70
C ARG F 745 32.58 -1.08 40.29
N SER F 746 31.89 -0.23 39.52
CA SER F 746 31.36 -0.65 38.22
C SER F 746 32.47 -0.98 37.24
N VAL F 747 33.44 -0.09 37.11
CA VAL F 747 34.40 -0.14 36.02
C VAL F 747 35.59 -0.98 36.47
N SER F 748 35.74 -2.14 35.86
CA SER F 748 36.83 -3.05 36.21
C SER F 748 38.17 -2.45 35.82
N ASP F 749 39.22 -2.95 36.46
CA ASP F 749 40.53 -2.36 36.25
C ASP F 749 41.20 -2.81 34.97
N ASN F 750 40.79 -3.93 34.37
CA ASN F 750 41.42 -4.31 33.11
C ASN F 750 41.01 -3.35 32.00
N ASP F 751 39.77 -2.86 32.03
CA ASP F 751 39.31 -2.02 30.93
C ASP F 751 39.83 -0.60 31.06
N ILE F 752 40.20 -0.18 32.26
CA ILE F 752 40.72 1.17 32.42
C ILE F 752 41.88 1.22 31.44
N ARG F 753 42.60 0.11 31.32
CA ARG F 753 43.71 0.00 30.39
C ARG F 753 43.22 0.18 28.94
N LYS F 754 42.04 -0.37 28.62
CA LYS F 754 41.49 -0.25 27.26
C LYS F 754 41.29 1.22 26.94
N TYR F 755 40.74 1.96 27.88
CA TYR F 755 40.57 3.39 27.75
C TYR F 755 41.93 4.08 27.68
N GLU F 756 42.81 3.77 28.62
CA GLU F 756 44.13 4.37 28.61
C GLU F 756 44.83 3.92 27.35
N MET F 757 44.63 2.66 26.97
CA MET F 757 45.26 2.12 25.78
C MET F 757 44.78 2.86 24.54
N PHE F 758 43.47 3.09 24.46
CA PHE F 758 42.92 3.82 23.32
C PHE F 758 43.48 5.22 23.42
N ALA F 759 43.48 5.74 24.65
CA ALA F 759 44.00 7.06 24.95
C ALA F 759 45.52 7.19 24.77
N GLN F 760 46.26 6.17 25.19
CA GLN F 760 47.72 6.20 25.12
C GLN F 760 48.19 6.12 23.68
N THR F 761 47.40 5.50 22.80
CA THR F 761 47.66 5.57 21.38
C THR F 761 47.43 6.97 20.82
N LEU F 762 46.40 7.66 21.29
CA LEU F 762 45.97 8.88 20.61
C LEU F 762 46.94 10.04 20.70
N GLN F 763 47.92 9.99 21.60
CA GLN F 763 48.97 11.00 21.70
C GLN F 763 48.38 12.43 21.71
#